data_8E94
#
_entry.id   8E94
#
_cell.length_a   1.00
_cell.length_b   1.00
_cell.length_c   1.00
_cell.angle_alpha   90.00
_cell.angle_beta   90.00
_cell.angle_gamma   90.00
#
_symmetry.space_group_name_H-M   'P 1'
#
loop_
_entity.id
_entity.type
_entity.pdbx_description
1 polymer 'Glutamate receptor ionotropic, NMDA 1'
2 polymer 'Glutamate receptor ionotropic, NMDA 2C'
3 branched 2-acetamido-2-deoxy-beta-D-glucopyranose-(1-4)-2-acetamido-2-deoxy-beta-D-glucopyranose
4 branched 2-acetamido-2-deoxy-beta-D-glucopyranose-(1-4)-beta-D-mannopyranose-(1-4)-2-acetamido-2-deoxy-beta-D-glucopyranose-(1-4)-2-acetamido-2-deoxy-beta-D-glucopyranose
5 branched beta-D-mannopyranose-(1-4)-2-acetamido-2-deoxy-beta-D-glucopyranose-(1-4)-2-acetamido-2-deoxy-beta-D-glucopyranose
6 non-polymer 2-acetamido-2-deoxy-beta-D-glucopyranose
7 non-polymer 'methyl 4-[(2~{R})-3-ethanoyl-1-[2-(2-methyl-1~{H}-indol-3-yl)ethyl]-4-oxidanyl-5-oxidanylidene-2~{H}-pyrrol-2-yl]benzoate'
#
loop_
_entity_poly.entity_id
_entity_poly.type
_entity_poly.pdbx_seq_one_letter_code
_entity_poly.pdbx_strand_id
1 'polypeptide(L)'
;MSTMHLLTFALLFSCSFARAASDPKIVNIGAVLSTRKHEQMFREAVNQANKRHGSWKIQLNATSVTHKPNAIQMALSVCE
DLISSQVYAILVSHPPTPNDHFTPTPVSYTAGFYRIPVLGLTTRMSIYSDKSIHLSFLRTVPPYSHQSSVWFEMMRVYSW
NHIILLVSDDHEGRAAQKRLETLLEERESKAEKVLQFDPGTKNVTALLMEAKELEARVIILSASEDDAATVYRAAAMLNM
TGSGYVWLVGEREISGNALRYAPDGILGLQLINGKNESAHISDAVGVVAQAVHELLEKENITDPPRGCVGNTNIWKTGPL
FKRVLMSSKYADGVTGRVEFNEDGDRKFANYSIMNLQNRKLVQVGIYNGTHVIPNDRKIIWPGGETEKPRGYQMSTRLKI
VTIHQEPFVYVKPTLSDGTCKEEFTVNGDPVKKVICTGPNDTSPGSPRHTVPQCCYGFCIDLLIKLARTMNFTYEVHLVA
DGKFGTQERVNNSNKKEWNGMMGELLSGQADMIVAPLTINNERAQYIEFSKPFKYQGLTILVKKEIPRSTLDSFMQPFQS
TLWLLVGLSVHVVAVMLYLLDRFSPFGRFKVNSEEEEEDALTLSSAMWFSWGVLLNSGIGEGAPRSFSARILGMVWAGFA
MIIVASYTANLAAFLVLDRPEERITGINDPRLRNPSDKFIYATVKQSSVDIYFRRQVELSTMYRHMEKHNYESAAEAIQA
VRDNKLHAFIWDSAVLEFEASQKCDLVTTGELFFRSGFGIGMRKDSPWKQNVSLSILKSHENGFMEDLDKTWVRYQECDS
RSNAPATLTFENMAGVFMLVAGGIVAGIFLIFIEIAYKRHKDANGAQ
;
A,C
2 'polypeptide(L)'
;MGTMRLFLLAVLFLFSFARATGWSHPQFEKGGGSGGGSGGSAWSHPQFEKGALVPRGEQGMTVAVVFSSSGPPQAQFRAR
LTPQSFLDLPLEIQPLTVGVNTTNPSSLLTQICGLLGAAHVHGIVFEDNVDTEAVAQILDFISSQTHVPILSISGGSAVV
LTPKEPGSAFLQLGVSLEQQLQVLFKVLEEYDWSAFAVITSLHPGHALFLEGVRAVADASHVSWRLLDVVTLELGPGGPR
ARTQRLLRQLDAPVFVAYCSREEAEVLFAEAAQAGLVGPGHVWLVPNLALGSTDAPPATFPVGLISVVTESWRLSLRQKV
RDGVAILALGAHSYWRQHGTLPAPAGDCRVHPGPVSPAREAFYRHLLNVTWEGRDFSFSPGGYLVQPTMVVIALNRHRLW
EMVGRWEHGVLYMKYPVWPRYSASLQPVVDSRHLTVATLEERPFVIVESPDPGTGGCVPNTVPCRRQSNHTFSSGDVAPY
TKLCCKGFCIDILKKLARVVKFSYDLYLVTNGKHGKRVRGVWNGMIGEVYYKRADMAIGSLTINEERSEIVDFSVPFVET
GISVMVARSNGTVSPSAFLEPYSPAVWVMMFVMCLTVVAITVFMFEYFSPVSYNQNLTRGKKSGGPAFTIGKSVWLLWAL
VFNNSVPIENPRGTTSKIMVLVWAFFAVIFLASYTANLAAFMIQEQYIDTVSGLSDKKFQRPQDQYPPFRFGTVPNGSTE
RNIRSNYRDMHTHMVKFNQRSVEDALTSLKMGKLDAFIYDAAVLNYMAGKDEGCKLVTIGSGKVFATTGYGIAMQKDSHW
KRAIDLALLQFLGDGETQKLETVWLSGICQNEKNEVMSSKLDIDNMAGVFYMLLVAMGLALLVFAWEHLVYWKLRHSVPN
;
B,D
#
# COMPACT_ATOMS: atom_id res chain seq x y z
N LYS A 25 34.50 5.23 38.69
CA LYS A 25 35.22 4.19 37.96
C LYS A 25 36.36 4.79 37.15
N ILE A 26 37.37 3.98 36.86
CA ILE A 26 38.53 4.43 36.10
C ILE A 26 38.25 4.14 34.63
N VAL A 27 37.92 5.18 33.87
CA VAL A 27 37.69 5.08 32.44
C VAL A 27 38.93 5.59 31.72
N ASN A 28 39.47 4.78 30.82
CA ASN A 28 40.73 5.08 30.16
C ASN A 28 40.53 5.22 28.66
N ILE A 29 41.17 6.24 28.09
CA ILE A 29 41.19 6.46 26.64
C ILE A 29 42.63 6.69 26.22
N GLY A 30 42.88 6.54 24.93
CA GLY A 30 44.22 6.70 24.41
C GLY A 30 44.31 7.71 23.28
N ALA A 31 45.50 7.87 22.71
CA ALA A 31 45.73 8.80 21.61
C ALA A 31 47.12 8.53 21.03
N VAL A 32 47.30 8.95 19.79
CA VAL A 32 48.60 8.90 19.12
C VAL A 32 48.80 10.22 18.39
N LEU A 33 49.95 10.84 18.62
CA LEU A 33 50.29 12.11 17.99
C LEU A 33 51.75 12.06 17.58
N SER A 34 52.30 13.22 17.18
CA SER A 34 53.70 13.30 16.81
C SER A 34 54.39 14.56 17.32
N THR A 35 53.71 15.43 18.06
CA THR A 35 54.28 16.71 18.42
C THR A 35 55.26 16.60 19.58
N ARG A 36 54.86 15.88 20.64
CA ARG A 36 55.53 15.85 21.95
C ARG A 36 55.31 17.17 22.67
N LYS A 37 54.67 18.13 21.99
CA LYS A 37 54.27 19.39 22.59
C LYS A 37 52.76 19.50 22.70
N HIS A 38 52.03 19.19 21.62
CA HIS A 38 50.58 19.17 21.68
C HIS A 38 50.04 17.99 22.48
N GLU A 39 50.89 17.02 22.81
CA GLU A 39 50.48 15.97 23.74
C GLU A 39 50.19 16.56 25.12
N GLN A 40 50.96 17.57 25.51
CA GLN A 40 50.63 18.32 26.72
C GLN A 40 49.27 18.98 26.60
N MET A 41 48.95 19.49 25.41
CA MET A 41 47.62 20.03 25.18
C MET A 41 46.55 18.95 25.27
N PHE A 42 46.86 17.74 24.82
CA PHE A 42 45.91 16.64 24.93
C PHE A 42 45.63 16.28 26.38
N ARG A 43 46.69 16.18 27.19
CA ARG A 43 46.47 15.87 28.61
C ARG A 43 45.78 17.02 29.33
N GLU A 44 46.08 18.26 28.96
CA GLU A 44 45.35 19.39 29.51
C GLU A 44 43.88 19.33 29.15
N ALA A 45 43.58 18.97 27.89
CA ALA A 45 42.18 18.87 27.46
C ALA A 45 41.45 17.77 28.21
N VAL A 46 42.09 16.62 28.39
CA VAL A 46 41.41 15.53 29.08
C VAL A 46 41.20 15.87 30.55
N ASN A 47 42.17 16.55 31.18
CA ASN A 47 41.97 16.98 32.57
C ASN A 47 40.86 18.02 32.66
N GLN A 48 40.81 18.97 31.73
CA GLN A 48 39.77 19.99 31.76
C GLN A 48 38.39 19.39 31.50
N ALA A 49 38.31 18.37 30.65
CA ALA A 49 37.05 17.64 30.46
C ALA A 49 36.70 16.78 31.67
N ASN A 50 37.70 16.31 32.41
CA ASN A 50 37.45 15.66 33.68
C ASN A 50 36.96 16.63 34.74
N LYS A 51 37.29 17.92 34.61
CA LYS A 51 36.72 18.91 35.49
C LYS A 51 35.22 19.04 35.30
N ARG A 52 34.72 18.73 34.09
CA ARG A 52 33.28 18.77 33.85
C ARG A 52 32.55 17.68 34.62
N HIS A 53 33.16 16.51 34.76
CA HIS A 53 32.59 15.42 35.55
C HIS A 53 33.72 14.69 36.25
N GLY A 54 33.79 14.81 37.57
CA GLY A 54 34.90 14.24 38.31
C GLY A 54 34.54 13.64 39.66
N SER A 55 33.27 13.29 39.84
CA SER A 55 32.79 12.74 41.12
C SER A 55 33.19 11.29 41.34
N TRP A 56 34.13 10.80 40.52
CA TRP A 56 34.62 9.42 40.53
C TRP A 56 33.58 8.47 39.95
N LYS A 57 32.37 8.97 39.67
CA LYS A 57 31.39 8.16 38.96
C LYS A 57 32.03 7.57 37.72
N ILE A 58 32.74 8.40 36.96
CA ILE A 58 33.77 7.95 36.02
C ILE A 58 34.98 8.85 36.21
N GLN A 59 36.16 8.28 35.98
CA GLN A 59 37.42 9.02 36.10
C GLN A 59 38.27 8.75 34.87
N LEU A 60 38.96 9.78 34.39
CA LEU A 60 39.65 9.72 33.11
C LEU A 60 41.16 9.74 33.27
N ASN A 61 41.83 8.97 32.43
CA ASN A 61 43.28 8.91 32.30
C ASN A 61 43.66 9.35 30.89
N ALA A 62 44.94 9.23 30.55
CA ALA A 62 45.40 9.62 29.22
C ALA A 62 46.76 8.98 28.95
N THR A 63 46.90 8.40 27.76
CA THR A 63 48.15 7.81 27.30
C THR A 63 48.46 8.34 25.91
N SER A 64 49.72 8.19 25.49
CA SER A 64 50.13 8.70 24.19
C SER A 64 51.37 7.93 23.71
N VAL A 65 51.56 7.97 22.39
CA VAL A 65 52.72 7.41 21.71
C VAL A 65 53.13 8.41 20.63
N THR A 66 54.24 8.16 19.96
CA THR A 66 54.71 8.97 18.85
C THR A 66 54.82 8.11 17.59
N HIS A 67 54.96 8.77 16.45
CA HIS A 67 55.09 8.08 15.17
C HIS A 67 56.53 7.64 14.94
N LYS A 68 56.72 6.78 13.95
CA LYS A 68 58.03 6.21 13.65
C LYS A 68 58.18 6.10 12.14
N PRO A 69 59.41 6.09 11.63
CA PRO A 69 59.59 5.99 10.17
C PRO A 69 59.20 4.64 9.59
N ASN A 70 59.04 3.60 10.41
CA ASN A 70 58.72 2.26 9.93
C ASN A 70 57.29 1.90 10.32
N ALA A 71 56.59 1.21 9.41
CA ALA A 71 55.17 0.97 9.57
C ALA A 71 54.88 -0.26 10.43
N ILE A 72 55.63 -1.35 10.22
CA ILE A 72 55.39 -2.58 10.98
C ILE A 72 55.63 -2.34 12.46
N GLN A 73 56.74 -1.67 12.78
CA GLN A 73 57.02 -1.34 14.18
C GLN A 73 55.99 -0.35 14.71
N MET A 74 55.44 0.51 13.85
CA MET A 74 54.36 1.39 14.27
C MET A 74 53.12 0.60 14.68
N ALA A 75 52.77 -0.42 13.91
CA ALA A 75 51.62 -1.27 14.27
C ALA A 75 51.88 -2.01 15.56
N LEU A 76 53.11 -2.54 15.73
CA LEU A 76 53.44 -3.25 16.97
C LEU A 76 53.40 -2.30 18.17
N SER A 77 53.83 -1.06 17.98
CA SER A 77 53.79 -0.08 19.06
C SER A 77 52.36 0.28 19.41
N VAL A 78 51.47 0.39 18.42
CA VAL A 78 50.07 0.63 18.74
C VAL A 78 49.48 -0.57 19.47
N CYS A 79 49.90 -1.78 19.09
CA CYS A 79 49.53 -2.99 19.83
C CYS A 79 49.92 -2.90 21.29
N GLU A 80 51.17 -2.52 21.57
CA GLU A 80 51.61 -2.46 22.97
C GLU A 80 50.95 -1.30 23.71
N ASP A 81 50.66 -0.21 23.01
CA ASP A 81 49.88 0.88 23.61
C ASP A 81 48.51 0.37 24.03
N LEU A 82 47.87 -0.42 23.15
CA LEU A 82 46.55 -0.97 23.45
C LEU A 82 46.58 -1.89 24.66
N ILE A 83 47.62 -2.73 24.75
CA ILE A 83 47.69 -3.64 25.90
C ILE A 83 48.00 -2.88 27.17
N SER A 84 48.71 -1.74 27.06
CA SER A 84 49.15 -1.00 28.23
C SER A 84 48.00 -0.72 29.21
N SER A 85 46.84 -0.36 28.67
CA SER A 85 45.67 -0.06 29.48
C SER A 85 44.46 -0.81 28.94
N GLN A 86 43.31 -0.54 29.56
CA GLN A 86 42.02 -1.03 29.06
C GLN A 86 41.40 0.09 28.26
N VAL A 87 41.92 0.28 27.04
CA VAL A 87 41.67 1.49 26.27
C VAL A 87 40.28 1.46 25.66
N TYR A 88 39.66 2.63 25.56
CA TYR A 88 38.31 2.78 25.04
C TYR A 88 38.23 3.46 23.69
N ALA A 89 39.31 4.08 23.22
CA ALA A 89 39.30 4.82 21.95
C ALA A 89 40.75 5.11 21.56
N ILE A 90 40.93 5.61 20.35
CA ILE A 90 42.25 5.98 19.84
C ILE A 90 42.12 7.28 19.05
N LEU A 91 43.07 8.20 19.26
CA LEU A 91 43.12 9.46 18.54
C LEU A 91 44.43 9.53 17.79
N VAL A 92 44.37 9.71 16.47
CA VAL A 92 45.56 9.66 15.62
C VAL A 92 45.65 10.94 14.79
N SER A 93 46.88 11.43 14.65
CA SER A 93 47.12 12.71 13.97
C SER A 93 48.26 12.56 12.99
N HIS A 94 48.38 13.57 12.11
CA HIS A 94 49.28 13.55 10.96
C HIS A 94 50.65 14.12 11.36
N PRO A 95 51.71 13.32 11.22
CA PRO A 95 53.04 13.75 11.65
C PRO A 95 53.66 14.70 10.65
N PRO A 96 54.90 15.16 10.86
CA PRO A 96 55.57 15.96 9.82
C PRO A 96 55.98 15.18 8.59
N THR A 97 55.60 13.91 8.47
CA THR A 97 55.91 13.14 7.28
C THR A 97 55.08 13.62 6.09
N PRO A 98 55.61 13.52 4.87
CA PRO A 98 54.86 13.95 3.68
C PRO A 98 54.01 12.87 3.03
N ASN A 99 53.96 11.65 3.60
CA ASN A 99 53.15 10.56 3.04
C ASN A 99 51.83 10.52 3.81
N ASP A 100 50.90 11.37 3.40
CA ASP A 100 49.65 11.57 4.13
C ASP A 100 48.62 10.48 3.87
N HIS A 101 48.88 9.52 2.98
CA HIS A 101 47.88 8.52 2.67
C HIS A 101 47.86 7.39 3.70
N PHE A 102 48.98 6.67 3.82
CA PHE A 102 49.02 5.44 4.61
C PHE A 102 49.28 5.66 6.09
N THR A 103 49.56 6.91 6.50
CA THR A 103 49.94 7.17 7.89
C THR A 103 48.94 6.63 8.91
N PRO A 104 47.63 6.85 8.78
CA PRO A 104 46.70 6.28 9.77
C PRO A 104 46.23 4.87 9.46
N THR A 105 46.87 4.14 8.54
CA THR A 105 46.41 2.78 8.28
C THR A 105 46.90 1.77 9.33
N PRO A 106 48.19 1.76 9.73
CA PRO A 106 48.63 0.72 10.68
C PRO A 106 47.92 0.77 12.02
N VAL A 107 47.45 1.94 12.44
CA VAL A 107 46.68 2.02 13.69
C VAL A 107 45.25 1.59 13.45
N SER A 108 44.69 1.89 12.28
CA SER A 108 43.29 1.58 12.01
C SER A 108 43.07 0.08 11.81
N TYR A 109 43.94 -0.57 11.03
CA TYR A 109 43.78 -2.01 10.80
C TYR A 109 43.92 -2.80 12.08
N THR A 110 45.02 -2.57 12.82
CA THR A 110 45.29 -3.35 14.03
C THR A 110 44.14 -3.24 15.02
N ALA A 111 43.84 -2.02 15.46
CA ALA A 111 42.69 -1.82 16.33
C ALA A 111 41.40 -2.27 15.68
N GLY A 112 41.32 -2.17 14.35
CA GLY A 112 40.13 -2.63 13.65
C GLY A 112 39.87 -4.11 13.85
N PHE A 113 40.89 -4.87 14.22
CA PHE A 113 40.69 -6.29 14.53
C PHE A 113 39.80 -6.44 15.75
N TYR A 114 39.99 -5.60 16.77
CA TYR A 114 39.25 -5.70 18.02
C TYR A 114 38.07 -4.75 18.10
N ARG A 115 37.75 -4.05 17.01
CA ARG A 115 36.62 -3.12 16.95
C ARG A 115 36.76 -2.00 17.98
N ILE A 116 37.98 -1.55 18.22
CA ILE A 116 38.22 -0.41 19.11
C ILE A 116 37.97 0.86 18.31
N PRO A 117 36.99 1.68 18.71
CA PRO A 117 36.71 2.90 17.95
C PRO A 117 37.91 3.83 17.93
N VAL A 118 38.11 4.50 16.79
CA VAL A 118 39.20 5.46 16.63
C VAL A 118 38.61 6.73 16.02
N LEU A 119 39.37 7.82 16.13
CA LEU A 119 39.00 9.09 15.55
C LEU A 119 40.18 9.66 14.76
N GLY A 120 39.85 10.40 13.72
CA GLY A 120 40.88 11.05 12.92
C GLY A 120 40.86 12.56 13.11
N LEU A 121 41.86 13.09 13.80
CA LEU A 121 41.92 14.53 14.02
C LEU A 121 42.10 15.29 12.71
N THR A 122 42.94 14.78 11.81
CA THR A 122 43.12 15.42 10.50
C THR A 122 43.59 14.39 9.49
N THR A 123 42.69 14.02 8.57
CA THR A 123 43.01 13.17 7.43
C THR A 123 41.88 13.32 6.42
N ARG A 124 42.24 13.36 5.13
CA ARG A 124 41.29 13.73 4.10
C ARG A 124 41.10 12.69 3.01
N MET A 125 41.90 11.62 2.99
CA MET A 125 41.75 10.60 1.96
C MET A 125 40.37 9.95 2.06
N SER A 126 39.79 9.64 0.90
CA SER A 126 38.43 9.14 0.81
C SER A 126 38.36 7.62 0.72
N ILE A 127 39.33 6.92 1.33
CA ILE A 127 39.31 5.47 1.39
C ILE A 127 38.86 5.05 2.77
N TYR A 128 39.09 5.91 3.76
CA TYR A 128 38.72 5.61 5.14
C TYR A 128 37.23 5.71 5.39
N SER A 129 36.43 6.07 4.40
CA SER A 129 34.98 6.06 4.53
C SER A 129 34.35 4.75 4.08
N ASP A 130 35.13 3.85 3.46
CA ASP A 130 34.62 2.56 3.04
C ASP A 130 34.48 1.65 4.25
N LYS A 131 33.30 1.64 4.88
CA LYS A 131 33.10 0.99 6.16
C LYS A 131 33.18 -0.52 6.08
N SER A 132 33.27 -1.02 4.86
CA SER A 132 33.41 -2.49 4.79
C SER A 132 34.87 -2.82 4.85
N ILE A 133 35.76 -1.84 4.65
CA ILE A 133 37.21 -2.17 4.70
C ILE A 133 37.87 -1.70 6.00
N HIS A 134 37.64 -0.47 6.47
CA HIS A 134 38.11 -0.07 7.83
C HIS A 134 36.92 -0.21 8.76
N LEU A 135 36.86 -1.25 9.56
CA LEU A 135 35.63 -1.65 10.24
C LEU A 135 35.14 -0.58 11.20
N SER A 136 36.05 -0.01 12.00
CA SER A 136 35.71 1.00 13.00
C SER A 136 36.60 2.20 12.78
N PHE A 137 36.00 3.33 12.39
CA PHE A 137 36.77 4.53 12.04
C PHE A 137 35.81 5.70 11.97
N LEU A 138 36.23 6.84 12.54
CA LEU A 138 35.41 8.05 12.53
C LEU A 138 36.24 9.22 12.01
N ARG A 139 35.66 10.42 11.99
CA ARG A 139 36.40 11.58 11.51
C ARG A 139 35.79 12.83 12.11
N THR A 140 36.59 13.90 12.12
CA THR A 140 36.15 15.21 12.59
C THR A 140 36.38 16.30 11.55
N VAL A 141 36.73 15.93 10.32
CA VAL A 141 37.00 16.87 9.24
C VAL A 141 36.45 16.26 7.96
N PRO A 142 35.70 17.00 7.13
CA PRO A 142 35.07 16.38 5.97
C PRO A 142 36.12 15.93 4.97
N PRO A 143 35.87 14.83 4.25
CA PRO A 143 36.86 14.35 3.28
C PRO A 143 36.94 15.24 2.04
N TYR A 144 37.86 14.91 1.14
CA TYR A 144 37.99 15.66 -0.11
C TYR A 144 36.79 15.47 -1.03
N SER A 145 35.96 14.45 -0.79
CA SER A 145 34.84 14.17 -1.69
C SER A 145 33.69 15.14 -1.48
N HIS A 146 33.55 15.70 -0.28
CA HIS A 146 32.39 16.52 0.04
C HIS A 146 32.36 17.86 -0.68
N GLN A 147 33.45 18.24 -1.36
CA GLN A 147 33.48 19.51 -2.08
C GLN A 147 32.47 19.55 -3.21
N SER A 148 32.06 18.39 -3.71
CA SER A 148 31.09 18.34 -4.81
C SER A 148 29.78 19.02 -4.44
N SER A 149 29.37 18.93 -3.18
CA SER A 149 28.18 19.63 -2.74
C SER A 149 28.34 21.14 -2.86
N VAL A 150 29.51 21.67 -2.47
CA VAL A 150 29.77 23.10 -2.60
C VAL A 150 29.77 23.51 -4.07
N TRP A 151 30.39 22.70 -4.94
CA TRP A 151 30.38 23.01 -6.35
C TRP A 151 28.96 23.01 -6.92
N PHE A 152 28.14 22.05 -6.50
CA PHE A 152 26.75 22.00 -6.94
C PHE A 152 25.98 23.23 -6.48
N GLU A 153 26.20 23.66 -5.25
CA GLU A 153 25.53 24.86 -4.75
C GLU A 153 25.96 26.10 -5.54
N MET A 154 27.26 26.21 -5.83
CA MET A 154 27.74 27.34 -6.62
C MET A 154 27.15 27.33 -8.02
N MET A 155 27.05 26.14 -8.63
CA MET A 155 26.42 26.03 -9.93
C MET A 155 24.96 26.46 -9.89
N ARG A 156 24.25 26.05 -8.83
CA ARG A 156 22.85 26.46 -8.68
C ARG A 156 22.74 27.96 -8.52
N VAL A 157 23.71 28.58 -7.84
CA VAL A 157 23.66 30.03 -7.64
C VAL A 157 23.91 30.77 -8.94
N TYR A 158 25.04 30.48 -9.60
CA TYR A 158 25.45 31.26 -10.77
C TYR A 158 24.77 30.79 -12.06
N SER A 159 24.04 29.68 -12.04
CA SER A 159 23.30 29.17 -13.19
C SER A 159 24.24 28.88 -14.37
N TRP A 160 25.15 27.95 -14.13
CA TRP A 160 25.97 27.35 -15.19
C TRP A 160 25.53 25.89 -15.31
N ASN A 161 24.89 25.56 -16.42
CA ASN A 161 24.30 24.23 -16.59
C ASN A 161 25.18 23.27 -17.39
N HIS A 162 25.89 23.76 -18.40
CA HIS A 162 26.77 22.92 -19.21
C HIS A 162 28.14 22.89 -18.54
N ILE A 163 28.52 21.73 -17.99
CA ILE A 163 29.76 21.61 -17.23
C ILE A 163 30.59 20.48 -17.80
N ILE A 164 31.91 20.63 -17.67
CA ILE A 164 32.90 19.64 -18.07
C ILE A 164 33.67 19.23 -16.83
N LEU A 165 33.84 17.93 -16.64
CA LEU A 165 34.46 17.38 -15.42
C LEU A 165 35.74 16.66 -15.81
N LEU A 166 36.89 17.18 -15.34
CA LEU A 166 38.19 16.60 -15.62
C LEU A 166 38.73 16.04 -14.31
N VAL A 167 38.98 14.73 -14.29
CA VAL A 167 39.29 14.00 -13.06
C VAL A 167 40.41 13.00 -13.35
N SER A 168 40.90 12.36 -12.30
CA SER A 168 41.99 11.39 -12.37
C SER A 168 41.45 9.97 -12.20
N ASP A 169 42.37 9.00 -12.15
CA ASP A 169 42.00 7.59 -12.04
C ASP A 169 42.11 7.05 -10.63
N ASP A 170 42.86 7.70 -9.75
CA ASP A 170 42.96 7.25 -8.37
C ASP A 170 41.60 7.31 -7.69
N HIS A 171 41.41 6.45 -6.68
CA HIS A 171 40.11 6.23 -6.06
C HIS A 171 39.42 7.52 -5.63
N GLU A 172 40.20 8.52 -5.20
CA GLU A 172 39.61 9.77 -4.74
C GLU A 172 38.86 10.47 -5.88
N GLY A 173 39.45 10.50 -7.08
CA GLY A 173 38.78 11.13 -8.20
C GLY A 173 37.49 10.42 -8.57
N ARG A 174 37.52 9.09 -8.58
CA ARG A 174 36.31 8.33 -8.90
C ARG A 174 35.23 8.57 -7.85
N ALA A 175 35.61 8.62 -6.57
CA ALA A 175 34.62 8.89 -5.53
C ALA A 175 33.99 10.27 -5.69
N ALA A 176 34.82 11.29 -5.95
CA ALA A 176 34.29 12.64 -6.13
C ALA A 176 33.36 12.71 -7.34
N GLN A 177 33.77 12.09 -8.44
CA GLN A 177 32.92 12.07 -9.63
C GLN A 177 31.61 11.34 -9.35
N LYS A 178 31.67 10.22 -8.61
CA LYS A 178 30.46 9.48 -8.30
C LYS A 178 29.49 10.31 -7.47
N ARG A 179 30.01 11.04 -6.48
CA ARG A 179 29.13 11.88 -5.68
C ARG A 179 28.50 12.99 -6.51
N LEU A 180 29.29 13.66 -7.35
CA LEU A 180 28.75 14.73 -8.17
C LEU A 180 27.71 14.21 -9.15
N GLU A 181 27.98 13.05 -9.75
CA GLU A 181 27.02 12.44 -10.67
C GLU A 181 25.76 12.02 -9.93
N THR A 182 25.89 11.58 -8.68
CA THR A 182 24.71 11.25 -7.89
C THR A 182 23.83 12.47 -7.72
N LEU A 183 24.42 13.61 -7.38
CA LEU A 183 23.63 14.84 -7.28
C LEU A 183 22.97 15.22 -8.61
N LEU A 184 23.76 15.25 -9.67
CA LEU A 184 23.24 15.69 -10.96
C LEU A 184 22.13 14.78 -11.48
N GLU A 185 22.31 13.46 -11.33
CA GLU A 185 21.26 12.53 -11.71
C GLU A 185 20.06 12.60 -10.77
N GLU A 186 20.28 13.02 -9.52
CA GLU A 186 19.16 13.28 -8.65
C GLU A 186 18.31 14.41 -9.18
N ARG A 187 18.93 15.41 -9.81
CA ARG A 187 18.15 16.39 -10.55
C ARG A 187 17.93 16.01 -12.01
N GLU A 188 18.41 14.85 -12.44
CA GLU A 188 18.19 14.33 -13.79
C GLU A 188 18.66 15.32 -14.86
N SER A 189 19.93 15.69 -14.78
CA SER A 189 20.53 16.65 -15.71
C SER A 189 21.75 16.10 -16.43
N LYS A 190 22.55 15.26 -15.74
CA LYS A 190 23.74 14.63 -16.30
C LYS A 190 24.84 15.65 -16.60
N ALA A 191 25.97 15.18 -17.09
CA ALA A 191 27.13 16.03 -17.37
C ALA A 191 27.37 16.10 -18.88
N GLU A 192 27.87 17.25 -19.33
CA GLU A 192 28.12 17.44 -20.76
C GLU A 192 29.18 16.47 -21.27
N LYS A 193 30.26 16.30 -20.51
CA LYS A 193 31.35 15.41 -20.91
C LYS A 193 32.23 15.13 -19.71
N VAL A 194 32.53 13.85 -19.49
CA VAL A 194 33.45 13.42 -18.44
C VAL A 194 34.63 12.72 -19.10
N LEU A 195 35.84 13.12 -18.71
CA LEU A 195 37.05 12.60 -19.31
C LEU A 195 38.14 12.58 -18.25
N GLN A 196 38.87 11.46 -18.17
CA GLN A 196 39.82 11.23 -17.10
C GLN A 196 41.18 10.82 -17.68
N PHE A 197 42.24 11.27 -17.02
CA PHE A 197 43.60 10.90 -17.36
C PHE A 197 44.22 10.11 -16.22
N ASP A 198 44.98 9.07 -16.56
CA ASP A 198 45.61 8.24 -15.54
C ASP A 198 46.65 9.04 -14.77
N PRO A 199 46.83 8.75 -13.48
CA PRO A 199 47.70 9.59 -12.65
C PRO A 199 49.17 9.41 -13.01
N GLY A 200 49.98 10.38 -12.59
CA GLY A 200 51.39 10.39 -12.89
C GLY A 200 51.66 10.39 -14.38
N THR A 201 51.27 11.48 -15.06
CA THR A 201 51.34 11.54 -16.51
C THR A 201 51.83 12.93 -16.91
N LYS A 202 52.33 13.03 -18.14
CA LYS A 202 52.81 14.28 -18.69
C LYS A 202 52.58 14.30 -20.18
N ASN A 203 52.59 15.51 -20.76
CA ASN A 203 52.40 15.72 -22.19
C ASN A 203 51.09 15.09 -22.67
N VAL A 204 50.00 15.65 -22.15
CA VAL A 204 48.67 15.07 -22.32
C VAL A 204 47.74 16.01 -23.06
N THR A 205 48.29 16.79 -23.99
CA THR A 205 47.51 17.76 -24.76
C THR A 205 46.27 17.14 -25.41
N ALA A 206 46.26 15.82 -25.60
CA ALA A 206 45.16 15.16 -26.31
C ALA A 206 43.83 15.36 -25.59
N LEU A 207 43.84 15.22 -24.25
CA LEU A 207 42.58 15.29 -23.51
C LEU A 207 42.01 16.70 -23.46
N LEU A 208 42.86 17.70 -23.24
CA LEU A 208 42.40 19.09 -23.31
C LEU A 208 41.91 19.43 -24.71
N MET A 209 42.58 18.90 -25.74
CA MET A 209 42.11 19.10 -27.11
C MET A 209 40.73 18.49 -27.30
N GLU A 210 40.52 17.29 -26.75
CA GLU A 210 39.21 16.64 -26.86
C GLU A 210 38.13 17.43 -26.13
N ALA A 211 38.47 18.05 -25.00
CA ALA A 211 37.51 18.85 -24.25
C ALA A 211 37.33 20.25 -24.82
N LYS A 212 38.23 20.71 -25.70
CA LYS A 212 38.14 22.06 -26.25
C LYS A 212 37.05 22.21 -27.29
N GLU A 213 36.64 21.12 -27.95
CA GLU A 213 35.80 21.19 -29.14
C GLU A 213 34.31 21.09 -28.82
N LEU A 214 33.87 21.58 -27.67
CA LEU A 214 32.46 21.55 -27.30
C LEU A 214 32.00 22.95 -26.90
N GLU A 215 30.68 23.13 -26.86
CA GLU A 215 30.11 24.42 -26.51
C GLU A 215 30.21 24.74 -25.03
N ALA A 216 30.21 23.72 -24.17
CA ALA A 216 30.31 23.95 -22.73
C ALA A 216 31.70 24.45 -22.36
N ARG A 217 31.77 25.62 -21.72
CA ARG A 217 33.04 26.14 -21.24
C ARG A 217 32.91 26.53 -19.77
N VAL A 218 32.94 25.51 -18.91
CA VAL A 218 33.31 25.56 -17.49
C VAL A 218 33.88 24.18 -17.21
N ILE A 219 35.08 24.11 -16.62
CA ILE A 219 35.73 22.81 -16.42
C ILE A 219 36.17 22.69 -14.98
N ILE A 220 35.99 21.50 -14.43
CA ILE A 220 36.07 21.30 -12.98
C ILE A 220 37.21 20.31 -12.75
N LEU A 221 38.19 20.71 -11.94
CA LEU A 221 39.45 19.99 -11.83
C LEU A 221 39.61 19.41 -10.43
N SER A 222 40.21 18.22 -10.37
CA SER A 222 40.56 17.59 -9.10
C SER A 222 41.67 16.60 -9.36
N ALA A 223 42.88 16.90 -8.87
CA ALA A 223 44.03 16.04 -9.04
C ALA A 223 45.11 16.46 -8.06
N SER A 224 46.21 15.72 -8.05
CA SER A 224 47.33 16.05 -7.17
C SER A 224 47.98 17.36 -7.62
N GLU A 225 48.87 17.87 -6.76
CA GLU A 225 49.49 19.16 -7.02
C GLU A 225 50.34 19.13 -8.30
N ASP A 226 51.15 18.09 -8.47
CA ASP A 226 52.00 18.01 -9.66
C ASP A 226 51.17 17.86 -10.93
N ASP A 227 50.12 17.03 -10.88
CA ASP A 227 49.23 16.90 -12.02
C ASP A 227 48.49 18.21 -12.29
N ALA A 228 48.13 18.94 -11.23
CA ALA A 228 47.50 20.24 -11.41
C ALA A 228 48.45 21.19 -12.14
N ALA A 229 49.74 21.19 -11.76
CA ALA A 229 50.71 22.04 -12.43
C ALA A 229 50.87 21.65 -13.89
N THR A 230 50.92 20.34 -14.17
CA THR A 230 51.06 19.89 -15.55
C THR A 230 49.85 20.28 -16.40
N VAL A 231 48.64 20.12 -15.84
CA VAL A 231 47.43 20.54 -16.53
C VAL A 231 47.46 22.05 -16.78
N TYR A 232 47.93 22.81 -15.80
CA TYR A 232 48.02 24.26 -15.96
C TYR A 232 48.97 24.62 -17.10
N ARG A 233 50.12 23.94 -17.16
CA ARG A 233 51.06 24.20 -18.26
C ARG A 233 50.43 23.90 -19.61
N ALA A 234 49.80 22.74 -19.74
CA ALA A 234 49.20 22.35 -21.03
C ALA A 234 48.09 23.33 -21.42
N ALA A 235 47.21 23.67 -20.48
CA ALA A 235 46.09 24.54 -20.78
C ALA A 235 46.57 25.95 -21.15
N ALA A 236 47.56 26.47 -20.42
CA ALA A 236 48.13 27.76 -20.78
C ALA A 236 48.77 27.72 -22.15
N MET A 237 49.38 26.59 -22.52
CA MET A 237 49.89 26.44 -23.88
C MET A 237 48.77 26.41 -24.91
N LEU A 238 47.58 25.94 -24.52
CA LEU A 238 46.48 25.77 -25.47
C LEU A 238 45.53 26.95 -25.54
N ASN A 239 45.85 28.09 -24.92
CA ASN A 239 45.10 29.35 -24.95
C ASN A 239 43.79 29.19 -24.15
N MET A 240 43.50 28.00 -23.63
CA MET A 240 42.21 27.72 -23.01
C MET A 240 42.09 28.29 -21.60
N THR A 241 42.97 29.21 -21.19
CA THR A 241 42.92 29.81 -19.87
C THR A 241 42.59 31.29 -19.90
N GLY A 242 42.14 31.82 -21.04
CA GLY A 242 41.89 33.23 -21.17
C GLY A 242 40.47 33.64 -20.85
N SER A 243 39.92 34.57 -21.64
CA SER A 243 38.56 35.05 -21.43
C SER A 243 37.54 34.04 -21.97
N GLY A 244 36.28 34.22 -21.53
CA GLY A 244 35.22 33.32 -21.91
C GLY A 244 35.14 32.05 -21.12
N TYR A 245 36.15 31.75 -20.31
CA TYR A 245 36.20 30.54 -19.50
C TYR A 245 36.13 30.90 -18.02
N VAL A 246 35.61 29.94 -17.26
CA VAL A 246 35.53 29.95 -15.76
C VAL A 246 35.84 28.53 -15.32
N TRP A 247 36.94 28.22 -14.63
CA TRP A 247 37.08 26.84 -14.08
C TRP A 247 37.44 26.95 -12.60
N LEU A 248 36.74 26.22 -11.72
CA LEU A 248 36.93 26.29 -10.26
C LEU A 248 37.50 24.95 -9.80
N VAL A 249 38.57 24.92 -9.02
CA VAL A 249 39.22 23.70 -8.54
C VAL A 249 38.91 23.51 -7.06
N GLY A 250 39.38 22.40 -6.49
CA GLY A 250 39.19 22.13 -5.08
C GLY A 250 40.20 22.85 -4.21
N GLU A 251 40.65 22.19 -3.14
CA GLU A 251 41.65 22.75 -2.25
C GLU A 251 43.03 22.12 -2.42
N ARG A 252 43.10 20.88 -2.87
CA ARG A 252 44.37 20.20 -3.09
C ARG A 252 45.12 20.74 -4.31
N GLU A 253 44.48 21.58 -5.12
CA GLU A 253 45.05 22.01 -6.39
C GLU A 253 45.48 23.48 -6.41
N ILE A 254 45.52 24.15 -5.26
CA ILE A 254 46.03 25.52 -5.20
C ILE A 254 47.10 25.62 -4.13
N SER A 255 47.78 24.51 -3.85
CA SER A 255 48.81 24.47 -2.83
C SER A 255 50.12 23.93 -3.42
N GLY A 256 51.23 24.39 -2.84
CA GLY A 256 52.52 23.91 -3.26
C GLY A 256 52.92 24.45 -4.62
N ASN A 257 53.70 23.65 -5.35
CA ASN A 257 54.22 24.06 -6.64
C ASN A 257 53.11 24.32 -7.66
N ALA A 258 51.93 23.73 -7.46
CA ALA A 258 50.82 23.99 -8.37
C ALA A 258 50.37 25.44 -8.29
N LEU A 259 50.38 26.02 -7.08
CA LEU A 259 49.97 27.41 -6.91
C LEU A 259 50.92 28.38 -7.60
N ARG A 260 52.14 27.94 -7.88
CA ARG A 260 53.16 28.84 -8.43
C ARG A 260 52.69 29.46 -9.75
N TYR A 261 52.44 28.63 -10.75
CA TYR A 261 51.97 29.11 -12.05
C TYR A 261 50.54 28.63 -12.27
N ALA A 262 49.61 29.58 -12.42
CA ALA A 262 48.20 29.30 -12.63
C ALA A 262 47.56 30.54 -13.24
N PRO A 263 46.55 30.37 -14.08
CA PRO A 263 45.84 31.54 -14.62
C PRO A 263 45.12 32.30 -13.52
N ASP A 264 45.02 33.62 -13.71
CA ASP A 264 44.39 34.49 -12.73
C ASP A 264 42.89 34.26 -12.72
N GLY A 265 42.29 34.34 -11.54
CA GLY A 265 40.86 34.21 -11.38
C GLY A 265 40.32 32.82 -11.13
N ILE A 266 41.16 31.87 -10.73
CA ILE A 266 40.71 30.51 -10.47
C ILE A 266 39.95 30.50 -9.14
N LEU A 267 38.69 30.10 -9.17
CA LEU A 267 37.93 29.92 -7.95
C LEU A 267 38.47 28.73 -7.18
N GLY A 268 38.33 28.77 -5.86
CA GLY A 268 38.74 27.68 -5.02
C GLY A 268 37.94 27.67 -3.75
N LEU A 269 38.43 26.91 -2.77
CA LEU A 269 37.78 26.86 -1.46
C LEU A 269 38.74 26.23 -0.46
N GLN A 270 38.66 26.70 0.77
CA GLN A 270 39.50 26.23 1.86
C GLN A 270 38.65 25.87 3.06
N LEU A 271 39.24 25.09 3.96
CA LEU A 271 38.54 24.65 5.16
C LEU A 271 38.29 25.82 6.11
N ILE A 272 37.47 25.57 7.13
CA ILE A 272 37.16 26.61 8.10
C ILE A 272 38.40 26.98 8.90
N ASN A 273 38.93 26.01 9.67
CA ASN A 273 40.15 26.21 10.43
C ASN A 273 41.00 24.96 10.46
N GLY A 274 40.93 24.15 9.40
CA GLY A 274 41.65 22.89 9.36
C GLY A 274 43.15 23.08 9.47
N LYS A 275 43.83 21.96 9.70
CA LYS A 275 45.27 21.86 9.89
C LYS A 275 45.73 22.55 11.18
N ASN A 276 44.79 23.00 12.02
CA ASN A 276 45.17 23.46 13.35
C ASN A 276 45.75 22.33 14.19
N GLU A 277 45.10 21.16 14.14
CA GLU A 277 45.53 19.91 14.78
C GLU A 277 45.35 20.01 16.29
N SER A 278 45.12 21.21 16.80
CA SER A 278 44.87 21.42 18.22
C SER A 278 43.48 21.96 18.51
N ALA A 279 42.78 22.47 17.51
CA ALA A 279 41.38 22.86 17.70
C ALA A 279 40.47 21.63 17.73
N HIS A 280 40.79 20.62 16.93
CA HIS A 280 39.94 19.42 16.88
C HIS A 280 40.15 18.50 18.08
N ILE A 281 41.27 18.64 18.78
CA ILE A 281 41.56 17.72 19.89
C ILE A 281 40.58 17.97 21.04
N SER A 282 40.24 19.23 21.30
CA SER A 282 39.27 19.54 22.35
C SER A 282 37.91 18.95 22.03
N ASP A 283 37.46 19.09 20.78
CA ASP A 283 36.19 18.53 20.38
C ASP A 283 36.21 17.00 20.47
N ALA A 284 37.32 16.39 20.06
CA ALA A 284 37.43 14.94 20.12
C ALA A 284 37.30 14.43 21.56
N VAL A 285 38.04 15.05 22.49
CA VAL A 285 37.96 14.62 23.87
C VAL A 285 36.58 14.89 24.45
N GLY A 286 35.96 16.02 24.08
CA GLY A 286 34.63 16.32 24.60
C GLY A 286 33.59 15.31 24.15
N VAL A 287 33.59 14.98 22.85
CA VAL A 287 32.62 14.02 22.35
C VAL A 287 32.90 12.62 22.90
N VAL A 288 34.18 12.27 23.08
CA VAL A 288 34.51 10.97 23.66
C VAL A 288 33.96 10.88 25.09
N ALA A 289 34.14 11.93 25.88
CA ALA A 289 33.62 11.93 27.24
C ALA A 289 32.09 11.88 27.24
N GLN A 290 31.45 12.65 26.37
CA GLN A 290 29.99 12.65 26.29
C GLN A 290 29.46 11.28 25.92
N ALA A 291 30.18 10.56 25.05
CA ALA A 291 29.74 9.21 24.68
C ALA A 291 29.97 8.21 25.79
N VAL A 292 31.14 8.27 26.45
CA VAL A 292 31.45 7.27 27.46
C VAL A 292 30.54 7.43 28.68
N HIS A 293 30.12 8.67 28.97
CA HIS A 293 29.17 8.86 30.07
C HIS A 293 27.84 8.17 29.78
N GLU A 294 27.36 8.25 28.54
CA GLU A 294 26.09 7.61 28.20
C GLU A 294 26.23 6.11 28.09
N LEU A 295 27.43 5.62 27.71
CA LEU A 295 27.63 4.19 27.53
C LEU A 295 27.58 3.45 28.87
N LEU A 296 28.16 4.03 29.92
CA LEU A 296 28.43 3.30 31.15
C LEU A 296 27.19 2.97 31.96
N GLU A 297 26.04 3.55 31.60
CA GLU A 297 24.77 3.31 32.34
C GLU A 297 24.02 2.12 31.75
N LYS A 298 24.59 1.45 30.73
CA LYS A 298 24.03 0.25 30.03
C LYS A 298 24.32 -1.04 30.80
N GLU A 299 23.49 -2.06 30.58
CA GLU A 299 23.58 -3.35 31.31
C GLU A 299 24.85 -4.10 30.92
N ASN A 300 25.21 -4.04 29.64
CA ASN A 300 26.35 -4.81 29.09
C ASN A 300 27.67 -4.08 29.31
N ILE A 301 28.25 -4.21 30.49
CA ILE A 301 29.59 -3.61 30.77
C ILE A 301 30.61 -4.66 30.35
N THR A 302 30.82 -4.83 29.06
CA THR A 302 31.72 -5.92 28.65
C THR A 302 33.14 -5.73 29.16
N ASP A 303 33.65 -4.48 29.19
CA ASP A 303 35.03 -4.08 29.61
C ASP A 303 36.00 -4.35 28.44
N PRO A 304 36.63 -3.32 27.85
CA PRO A 304 37.42 -3.47 26.63
C PRO A 304 38.51 -4.54 26.64
N PRO A 305 38.89 -5.09 25.48
CA PRO A 305 39.92 -6.13 25.40
C PRO A 305 41.20 -5.72 26.11
N ARG A 306 41.82 -6.68 26.79
CA ARG A 306 43.09 -6.49 27.49
C ARG A 306 44.07 -7.54 26.99
N GLY A 307 45.00 -7.12 26.13
CA GLY A 307 46.04 -8.03 25.61
C GLY A 307 46.10 -8.04 24.10
N CYS A 308 47.31 -8.00 23.54
CA CYS A 308 47.52 -8.01 22.06
C CYS A 308 47.91 -9.40 21.58
N VAL A 309 47.93 -10.38 22.49
CA VAL A 309 48.31 -11.78 22.10
C VAL A 309 47.32 -12.76 22.73
N GLY A 310 47.16 -13.94 22.11
CA GLY A 310 46.27 -14.95 22.66
C GLY A 310 44.79 -14.63 22.54
N ASN A 311 44.43 -13.36 22.67
CA ASN A 311 43.02 -12.95 22.62
C ASN A 311 42.59 -12.88 21.16
N THR A 312 42.14 -14.02 20.64
CA THR A 312 41.53 -14.07 19.32
C THR A 312 40.02 -13.89 19.41
N ASN A 313 39.62 -12.79 20.04
CA ASN A 313 38.22 -12.47 20.22
C ASN A 313 37.98 -11.01 19.85
N ILE A 314 36.75 -10.53 19.99
CA ILE A 314 36.42 -9.14 19.74
C ILE A 314 35.82 -8.56 21.00
N TRP A 315 35.66 -7.24 21.01
CA TRP A 315 34.99 -6.56 22.11
C TRP A 315 33.49 -6.78 21.98
N LYS A 316 32.86 -7.21 23.07
CA LYS A 316 31.46 -7.62 23.03
C LYS A 316 30.50 -6.44 22.86
N THR A 317 30.96 -5.19 22.98
CA THR A 317 30.07 -4.05 22.85
C THR A 317 30.70 -2.94 22.01
N GLY A 318 31.65 -3.29 21.14
CA GLY A 318 32.27 -2.33 20.26
C GLY A 318 31.30 -1.67 19.30
N PRO A 319 30.48 -2.46 18.60
CA PRO A 319 29.45 -1.85 17.73
C PRO A 319 28.48 -0.95 18.48
N LEU A 320 28.08 -1.33 19.69
CA LEU A 320 27.17 -0.47 20.45
C LEU A 320 27.84 0.83 20.84
N PHE A 321 29.11 0.77 21.24
CA PHE A 321 29.85 1.99 21.57
C PHE A 321 29.99 2.88 20.34
N LYS A 322 30.30 2.30 19.18
CA LYS A 322 30.38 3.09 17.96
C LYS A 322 29.04 3.72 17.61
N ARG A 323 27.95 2.99 17.78
CA ARG A 323 26.63 3.52 17.47
C ARG A 323 26.26 4.68 18.38
N VAL A 324 26.52 4.56 19.68
CA VAL A 324 26.19 5.65 20.59
C VAL A 324 27.11 6.84 20.36
N LEU A 325 28.38 6.58 20.04
CA LEU A 325 29.32 7.67 19.75
C LEU A 325 28.91 8.43 18.50
N MET A 326 28.41 7.73 17.49
CA MET A 326 27.99 8.38 16.24
C MET A 326 26.84 9.35 16.49
N SER A 327 25.84 8.93 17.28
CA SER A 327 24.63 9.70 17.49
C SER A 327 24.69 10.58 18.74
N SER A 328 25.88 10.98 19.16
CA SER A 328 26.06 11.87 20.30
C SER A 328 26.51 13.23 19.78
N LYS A 329 25.74 14.26 20.09
CA LYS A 329 26.01 15.61 19.59
C LYS A 329 26.73 16.43 20.66
N TYR A 330 27.17 17.62 20.24
CA TYR A 330 27.94 18.52 21.10
C TYR A 330 27.26 19.89 21.11
N ALA A 331 27.52 20.65 22.17
CA ALA A 331 26.82 21.91 22.40
C ALA A 331 27.55 23.11 21.80
N ASP A 332 28.78 23.37 22.23
CA ASP A 332 29.54 24.54 21.78
C ASP A 332 30.99 24.09 21.57
N GLY A 333 31.31 23.74 20.33
CA GLY A 333 32.67 23.36 19.96
C GLY A 333 33.42 24.56 19.40
N VAL A 334 34.75 24.53 19.57
CA VAL A 334 35.60 25.59 19.04
C VAL A 334 35.44 25.68 17.53
N THR A 335 35.15 24.55 16.88
CA THR A 335 34.93 24.50 15.44
C THR A 335 33.45 24.44 15.09
N GLY A 336 32.56 24.69 16.05
CA GLY A 336 31.14 24.68 15.81
C GLY A 336 30.48 23.41 16.32
N ARG A 337 29.15 23.38 16.16
CA ARG A 337 28.38 22.20 16.56
C ARG A 337 28.85 20.98 15.78
N VAL A 338 29.00 19.87 16.48
CA VAL A 338 29.57 18.65 15.93
C VAL A 338 28.49 17.58 15.85
N GLU A 339 28.23 17.10 14.63
CA GLU A 339 27.39 15.93 14.40
C GLU A 339 28.12 15.05 13.40
N PHE A 340 27.64 13.83 13.24
CA PHE A 340 28.29 12.86 12.37
C PHE A 340 27.35 12.36 11.29
N ASN A 341 27.91 12.05 10.13
CA ASN A 341 27.15 11.53 9.01
C ASN A 341 26.89 10.04 9.22
N GLU A 342 26.41 9.36 8.17
CA GLU A 342 26.19 7.92 8.25
C GLU A 342 27.49 7.13 8.35
N ASP A 343 28.64 7.76 8.09
CA ASP A 343 29.92 7.09 8.16
C ASP A 343 30.96 7.83 9.00
N GLY A 344 30.60 8.94 9.62
CA GLY A 344 31.54 9.70 10.42
C GLY A 344 32.09 10.95 9.78
N ASP A 345 31.48 11.44 8.71
CA ASP A 345 31.90 12.70 8.12
C ASP A 345 31.59 13.86 9.05
N ARG A 346 32.28 14.98 8.83
CA ARG A 346 32.23 16.09 9.77
C ARG A 346 30.85 16.73 9.88
N LYS A 347 30.00 16.59 8.85
CA LYS A 347 28.61 17.01 8.97
C LYS A 347 28.45 18.51 9.26
N PHE A 348 28.54 19.34 8.21
CA PHE A 348 28.38 20.79 8.25
C PHE A 348 29.59 21.55 8.75
N ALA A 349 30.78 21.19 8.28
CA ALA A 349 31.92 22.08 8.44
C ALA A 349 31.77 23.31 7.54
N ASN A 350 32.39 24.41 7.96
CA ASN A 350 32.38 25.64 7.19
C ASN A 350 33.29 25.52 5.97
N TYR A 351 33.17 26.49 5.06
CA TYR A 351 34.00 26.53 3.86
C TYR A 351 34.19 27.98 3.44
N SER A 352 35.39 28.30 2.95
CA SER A 352 35.74 29.66 2.56
C SER A 352 36.03 29.70 1.06
N ILE A 353 35.30 30.55 0.34
CA ILE A 353 35.52 30.72 -1.09
C ILE A 353 36.77 31.55 -1.32
N MET A 354 37.47 31.29 -2.42
CA MET A 354 38.75 31.91 -2.68
C MET A 354 38.78 32.48 -4.11
N ASN A 355 39.93 33.05 -4.46
CA ASN A 355 40.14 33.68 -5.77
C ASN A 355 41.63 33.89 -5.96
N LEU A 356 41.99 34.35 -7.16
CA LEU A 356 43.37 34.66 -7.51
C LEU A 356 43.40 36.10 -8.06
N GLN A 357 43.54 37.07 -7.16
CA GLN A 357 43.58 38.48 -7.54
C GLN A 357 45.04 38.89 -7.75
N ASN A 358 45.53 38.62 -8.96
CA ASN A 358 46.88 39.03 -9.39
C ASN A 358 47.95 38.47 -8.44
N ARG A 359 48.06 37.14 -8.46
CA ARG A 359 49.10 36.38 -7.78
C ARG A 359 48.96 36.40 -6.26
N LYS A 360 47.80 36.77 -5.73
CA LYS A 360 47.58 36.70 -4.29
C LYS A 360 46.14 36.27 -4.03
N LEU A 361 46.00 35.24 -3.19
CA LEU A 361 44.70 34.68 -2.86
C LEU A 361 43.93 35.62 -1.94
N VAL A 362 42.62 35.43 -1.87
CA VAL A 362 41.76 36.31 -1.09
C VAL A 362 40.48 35.58 -0.73
N GLN A 363 39.87 36.03 0.36
CA GLN A 363 38.58 35.48 0.78
C GLN A 363 37.50 36.28 0.06
N VAL A 364 36.52 35.60 -0.50
CA VAL A 364 35.44 36.28 -1.20
C VAL A 364 34.07 35.98 -0.60
N GLY A 365 33.88 34.83 0.04
CA GLY A 365 32.60 34.53 0.65
C GLY A 365 32.72 33.30 1.53
N ILE A 366 31.74 33.16 2.42
CA ILE A 366 31.66 32.04 3.36
C ILE A 366 30.41 31.25 3.04
N TYR A 367 30.57 29.95 2.81
CA TYR A 367 29.46 29.02 2.57
C TYR A 367 29.53 27.90 3.61
N ASN A 368 28.38 27.61 4.21
CA ASN A 368 28.28 26.60 5.29
C ASN A 368 27.81 25.27 4.67
N GLY A 369 28.14 25.00 3.41
CA GLY A 369 27.72 23.74 2.83
C GLY A 369 26.25 23.64 2.48
N THR A 370 25.39 24.46 3.09
CA THR A 370 23.98 24.54 2.70
C THR A 370 23.69 25.71 1.79
N HIS A 371 24.32 26.86 2.04
CA HIS A 371 24.12 28.05 1.23
C HIS A 371 25.41 28.87 1.26
N VAL A 372 25.58 29.72 0.25
CA VAL A 372 26.76 30.56 0.11
C VAL A 372 26.34 32.01 0.32
N ILE A 373 27.02 32.70 1.22
CA ILE A 373 26.74 34.08 1.56
C ILE A 373 27.94 34.93 1.17
N PRO A 374 27.87 35.68 0.07
CA PRO A 374 28.99 36.54 -0.31
C PRO A 374 29.13 37.74 0.61
N ASN A 375 30.15 37.71 1.46
CA ASN A 375 30.36 38.74 2.47
C ASN A 375 31.70 39.45 2.29
N ASP A 376 32.10 39.68 1.05
CA ASP A 376 33.40 40.31 0.78
C ASP A 376 33.30 41.10 -0.52
N ARG A 377 34.45 41.44 -1.07
CA ARG A 377 34.55 42.31 -2.24
C ARG A 377 34.07 41.59 -3.50
N LYS A 378 34.18 42.29 -4.63
CA LYS A 378 33.77 41.74 -5.91
C LYS A 378 34.81 40.75 -6.42
N ILE A 379 34.36 39.80 -7.24
CA ILE A 379 35.19 38.74 -7.76
C ILE A 379 35.53 39.02 -9.22
N ILE A 380 36.82 38.96 -9.55
CA ILE A 380 37.29 39.12 -10.92
C ILE A 380 37.39 37.75 -11.56
N TRP A 381 37.23 37.71 -12.87
CA TRP A 381 37.25 36.48 -13.66
C TRP A 381 38.49 36.46 -14.55
N PRO A 382 38.83 35.30 -15.15
CA PRO A 382 40.10 35.20 -15.88
C PRO A 382 40.28 36.23 -16.98
N GLY A 383 39.23 36.63 -17.67
CA GLY A 383 39.36 37.57 -18.77
C GLY A 383 39.51 39.00 -18.33
N GLY A 384 39.44 39.25 -17.03
CA GLY A 384 39.50 40.59 -16.49
C GLY A 384 38.19 41.34 -16.49
N GLU A 385 37.14 40.77 -17.09
CA GLU A 385 35.85 41.43 -17.12
C GLU A 385 35.19 41.36 -15.74
N THR A 386 34.18 42.22 -15.55
CA THR A 386 33.46 42.28 -14.28
C THR A 386 32.08 41.63 -14.33
N GLU A 387 31.46 41.56 -15.51
CA GLU A 387 30.16 40.93 -15.65
C GLU A 387 30.31 39.41 -15.59
N LYS A 388 29.28 38.76 -15.06
CA LYS A 388 29.34 37.31 -14.87
C LYS A 388 29.40 36.60 -16.21
N PRO A 389 30.38 35.73 -16.44
CA PRO A 389 30.38 34.92 -17.66
C PRO A 389 29.26 33.91 -17.66
N ARG A 390 28.80 33.58 -18.87
CA ARG A 390 27.83 32.51 -19.08
C ARG A 390 28.52 31.41 -19.87
N GLY A 391 28.13 30.16 -19.61
CA GLY A 391 28.69 29.06 -20.36
C GLY A 391 28.15 29.01 -21.78
N TYR A 392 28.30 27.86 -22.43
CA TYR A 392 27.74 27.59 -23.75
C TYR A 392 28.01 28.74 -24.74
N GLN A 393 29.28 28.90 -25.07
CA GLN A 393 29.62 29.87 -26.10
C GLN A 393 28.95 29.43 -27.40
N MET A 394 27.88 30.14 -27.77
CA MET A 394 27.00 29.65 -28.83
C MET A 394 27.71 29.70 -30.17
N SER A 395 27.73 28.56 -30.86
CA SER A 395 28.35 28.48 -32.18
C SER A 395 27.48 29.20 -33.21
N THR A 396 27.98 29.33 -34.44
CA THR A 396 27.21 29.91 -35.52
C THR A 396 27.16 29.06 -36.77
N ARG A 397 27.98 28.01 -36.86
CA ARG A 397 27.95 27.08 -38.00
C ARG A 397 27.33 25.77 -37.52
N LEU A 398 26.08 25.55 -37.91
CA LEU A 398 25.33 24.37 -37.47
C LEU A 398 25.12 23.40 -38.61
N LYS A 399 25.38 22.12 -38.34
CA LYS A 399 25.00 21.05 -39.24
C LYS A 399 23.50 20.77 -39.12
N ILE A 400 22.94 20.15 -40.14
CA ILE A 400 21.53 19.83 -40.18
C ILE A 400 21.36 18.52 -40.91
N VAL A 401 20.47 17.67 -40.40
CA VAL A 401 20.22 16.36 -40.99
C VAL A 401 18.73 16.22 -41.25
N THR A 402 18.38 15.60 -42.38
CA THR A 402 16.99 15.45 -42.77
C THR A 402 16.86 14.17 -43.60
N ILE A 403 15.62 13.85 -43.99
CA ILE A 403 15.28 12.63 -44.72
C ILE A 403 14.44 13.00 -45.93
N HIS A 404 14.36 12.07 -46.87
CA HIS A 404 13.58 12.25 -48.09
C HIS A 404 12.12 11.90 -47.82
N GLN A 405 11.27 12.93 -47.76
CA GLN A 405 9.83 12.75 -47.61
C GLN A 405 9.14 13.65 -48.62
N GLU A 406 8.21 13.07 -49.39
CA GLU A 406 7.72 13.74 -50.59
C GLU A 406 7.07 15.10 -50.31
N PRO A 407 6.00 15.20 -49.52
CA PRO A 407 5.34 16.51 -49.38
C PRO A 407 6.20 17.57 -48.71
N PHE A 408 7.25 17.17 -48.00
CA PHE A 408 8.03 18.08 -47.17
C PHE A 408 9.41 18.37 -47.74
N VAL A 409 10.18 17.35 -48.10
CA VAL A 409 11.56 17.50 -48.55
C VAL A 409 11.70 16.80 -49.89
N TYR A 410 11.76 17.57 -50.97
CA TYR A 410 12.03 17.05 -52.30
C TYR A 410 13.53 17.07 -52.56
N VAL A 411 14.04 15.96 -53.08
CA VAL A 411 15.45 15.83 -53.47
C VAL A 411 15.51 15.72 -54.99
N LYS A 412 16.43 16.47 -55.59
CA LYS A 412 16.57 16.52 -57.04
C LYS A 412 18.04 16.61 -57.38
N PRO A 413 18.43 16.19 -58.58
CA PRO A 413 19.82 16.40 -59.03
C PRO A 413 20.05 17.80 -59.58
N THR A 414 21.29 18.26 -59.45
CA THR A 414 21.67 19.57 -59.94
C THR A 414 22.17 19.49 -61.37
N LEU A 415 22.30 20.67 -61.99
CA LEU A 415 22.72 20.76 -63.39
C LEU A 415 24.23 20.70 -63.48
N SER A 416 24.76 20.92 -64.69
CA SER A 416 26.20 20.98 -64.89
C SER A 416 26.79 22.35 -64.58
N ASP A 417 25.98 23.41 -64.66
CA ASP A 417 26.46 24.75 -64.36
C ASP A 417 26.78 24.93 -62.88
N GLY A 418 26.33 24.01 -62.03
CA GLY A 418 26.55 24.10 -60.59
C GLY A 418 25.33 24.48 -59.79
N THR A 419 24.20 24.75 -60.44
CA THR A 419 22.96 25.11 -59.76
C THR A 419 21.82 24.30 -60.35
N CYS A 420 20.97 23.75 -59.49
CA CYS A 420 19.77 23.06 -59.94
C CYS A 420 18.85 24.02 -60.66
N LYS A 421 18.17 23.53 -61.69
CA LYS A 421 17.40 24.39 -62.58
C LYS A 421 16.35 25.17 -61.82
N GLU A 422 16.21 26.45 -62.17
CA GLU A 422 15.25 27.31 -61.51
C GLU A 422 13.83 26.84 -61.83
N GLU A 423 12.89 27.16 -60.93
CA GLU A 423 11.51 26.74 -61.09
C GLU A 423 10.61 27.83 -60.52
N PHE A 424 10.04 28.65 -61.40
CA PHE A 424 9.08 29.65 -60.97
C PHE A 424 7.72 29.01 -60.71
N THR A 425 6.83 29.77 -60.10
CA THR A 425 5.51 29.28 -59.73
C THR A 425 4.46 30.33 -60.09
N VAL A 426 3.19 29.92 -60.02
CA VAL A 426 2.09 30.79 -60.41
C VAL A 426 1.97 32.03 -59.52
N ASN A 427 2.57 32.01 -58.33
CA ASN A 427 2.49 33.17 -57.45
C ASN A 427 3.24 34.37 -58.03
N GLY A 428 4.35 34.12 -58.70
CA GLY A 428 5.21 35.17 -59.20
C GLY A 428 6.55 35.27 -58.50
N ASP A 429 6.86 34.34 -57.61
CA ASP A 429 8.13 34.30 -56.88
C ASP A 429 8.70 32.89 -57.01
N PRO A 430 10.02 32.76 -56.98
CA PRO A 430 10.63 31.45 -57.22
C PRO A 430 10.58 30.56 -55.98
N VAL A 431 10.84 29.28 -56.21
CA VAL A 431 10.92 28.30 -55.14
C VAL A 431 12.33 28.31 -54.57
N LYS A 432 12.44 28.37 -53.25
CA LYS A 432 13.75 28.36 -52.62
C LYS A 432 14.37 26.98 -52.73
N LYS A 433 15.68 26.98 -52.90
CA LYS A 433 16.37 25.68 -52.93
C LYS A 433 17.70 25.82 -52.20
N VAL A 434 18.24 24.71 -51.77
CA VAL A 434 19.53 24.62 -51.11
C VAL A 434 20.24 23.37 -51.63
N ILE A 435 21.50 23.22 -51.23
CA ILE A 435 22.35 22.12 -51.68
C ILE A 435 22.51 21.15 -50.52
N CYS A 436 22.09 19.90 -50.74
CA CYS A 436 22.17 18.85 -49.73
C CYS A 436 23.04 17.71 -50.25
N THR A 437 23.99 17.28 -49.43
CA THR A 437 24.94 16.25 -49.79
C THR A 437 24.63 14.96 -49.02
N GLY A 438 25.52 13.97 -49.16
CA GLY A 438 25.57 12.86 -48.23
C GLY A 438 25.32 11.45 -48.74
N PRO A 439 24.30 11.22 -49.58
CA PRO A 439 24.00 9.84 -49.96
C PRO A 439 24.82 9.35 -51.14
N ASN A 440 24.65 8.07 -51.48
CA ASN A 440 25.29 7.50 -52.66
C ASN A 440 24.41 7.57 -53.90
N ASP A 441 23.18 8.06 -53.76
CA ASP A 441 22.20 8.17 -54.83
C ASP A 441 21.74 6.80 -55.30
N THR A 442 22.33 5.74 -54.74
CA THR A 442 21.98 4.36 -55.07
C THR A 442 22.17 3.54 -53.80
N SER A 443 21.10 3.38 -53.03
CA SER A 443 21.20 2.67 -51.75
C SER A 443 21.62 1.20 -51.90
N PRO A 444 21.00 0.38 -52.78
CA PRO A 444 21.27 -1.06 -52.73
C PRO A 444 22.71 -1.44 -52.99
N GLY A 445 23.26 -1.03 -54.13
CA GLY A 445 24.65 -1.33 -54.42
C GLY A 445 25.49 -0.09 -54.64
N SER A 446 26.37 0.20 -53.68
CA SER A 446 27.27 1.33 -53.76
C SER A 446 28.51 1.07 -52.90
N PRO A 447 29.68 0.87 -53.52
CA PRO A 447 30.89 0.63 -52.72
C PRO A 447 31.24 1.80 -51.82
N ARG A 448 31.43 2.97 -52.42
CA ARG A 448 31.66 4.21 -51.68
C ARG A 448 31.48 5.40 -52.60
N HIS A 449 30.53 6.27 -52.31
CA HIS A 449 30.27 7.44 -53.16
C HIS A 449 29.39 8.41 -52.41
N THR A 450 29.82 9.68 -52.34
CA THR A 450 28.99 10.76 -51.85
C THR A 450 28.81 11.79 -52.96
N VAL A 451 27.59 12.27 -53.14
CA VAL A 451 27.27 13.15 -54.25
C VAL A 451 26.53 14.39 -53.75
N PRO A 452 26.70 15.54 -54.39
CA PRO A 452 25.89 16.71 -54.05
C PRO A 452 24.61 16.78 -54.86
N GLN A 453 23.55 17.21 -54.19
CA GLN A 453 22.22 17.29 -54.79
C GLN A 453 21.59 18.62 -54.42
N CYS A 454 20.29 18.74 -54.69
CA CYS A 454 19.50 19.90 -54.30
C CYS A 454 18.28 19.42 -53.52
N CYS A 455 17.91 20.20 -52.51
CA CYS A 455 16.76 19.92 -51.67
C CYS A 455 15.87 21.15 -51.61
N TYR A 456 14.56 20.92 -51.53
CA TYR A 456 13.61 22.02 -51.43
C TYR A 456 12.31 21.52 -50.84
N GLY A 457 11.34 22.44 -50.72
CA GLY A 457 10.00 22.09 -50.28
C GLY A 457 9.61 22.81 -49.01
N PHE A 458 8.70 22.19 -48.26
CA PHE A 458 8.09 22.75 -47.05
C PHE A 458 9.10 23.02 -45.94
N CYS A 459 9.72 21.94 -45.44
CA CYS A 459 10.62 22.07 -44.31
C CYS A 459 11.84 22.92 -44.64
N ILE A 460 12.28 22.90 -45.91
CA ILE A 460 13.40 23.74 -46.30
C ILE A 460 13.03 25.22 -46.22
N ASP A 461 11.81 25.57 -46.65
CA ASP A 461 11.35 26.95 -46.51
C ASP A 461 11.21 27.34 -45.03
N LEU A 462 10.71 26.42 -44.20
CA LEU A 462 10.63 26.69 -42.78
C LEU A 462 12.02 26.94 -42.19
N LEU A 463 13.01 26.16 -42.62
CA LEU A 463 14.38 26.36 -42.18
C LEU A 463 14.91 27.71 -42.66
N ILE A 464 14.56 28.10 -43.89
CA ILE A 464 14.97 29.42 -44.40
C ILE A 464 14.47 30.51 -43.47
N LYS A 465 13.17 30.45 -43.14
CA LYS A 465 12.59 31.48 -42.27
C LYS A 465 13.22 31.45 -40.88
N LEU A 466 13.43 30.25 -40.33
CA LEU A 466 14.03 30.14 -39.00
C LEU A 466 15.44 30.73 -38.97
N ALA A 467 16.25 30.38 -39.97
CA ALA A 467 17.63 30.87 -40.01
C ALA A 467 17.67 32.38 -40.19
N ARG A 468 16.84 32.92 -41.08
CA ARG A 468 16.81 34.36 -41.24
C ARG A 468 16.22 35.07 -40.02
N THR A 469 15.45 34.36 -39.21
CA THR A 469 14.88 34.95 -38.01
C THR A 469 15.87 35.00 -36.86
N MET A 470 16.69 33.96 -36.71
CA MET A 470 17.62 33.92 -35.54
C MET A 470 19.12 33.96 -35.91
N ASN A 471 19.49 34.65 -36.98
CA ASN A 471 20.91 34.96 -37.31
C ASN A 471 21.87 33.74 -37.42
N PHE A 472 21.55 32.64 -38.12
CA PHE A 472 22.59 31.57 -38.15
C PHE A 472 22.88 31.04 -39.57
N THR A 473 23.88 30.16 -39.72
CA THR A 473 24.27 29.61 -41.02
C THR A 473 24.21 28.09 -40.97
N TYR A 474 23.68 27.49 -42.03
CA TYR A 474 23.38 26.07 -42.05
C TYR A 474 24.12 25.38 -43.20
N GLU A 475 24.41 24.09 -43.00
CA GLU A 475 25.03 23.23 -44.01
C GLU A 475 24.27 21.91 -43.99
N VAL A 476 23.23 21.81 -44.82
CA VAL A 476 22.35 20.65 -44.79
C VAL A 476 23.06 19.44 -45.40
N HIS A 477 22.59 18.25 -45.00
CA HIS A 477 23.07 16.99 -45.55
C HIS A 477 22.00 15.93 -45.26
N LEU A 478 22.22 14.74 -45.82
CA LEU A 478 21.28 13.63 -45.70
C LEU A 478 21.85 12.54 -44.81
N VAL A 479 20.97 11.65 -44.36
CA VAL A 479 21.33 10.57 -43.45
C VAL A 479 22.12 9.51 -44.22
N ALA A 480 22.71 8.57 -43.49
CA ALA A 480 23.53 7.52 -44.11
C ALA A 480 22.80 6.20 -44.27
N ASP A 481 21.55 6.09 -43.82
CA ASP A 481 20.85 4.81 -43.89
C ASP A 481 19.51 4.89 -44.59
N GLY A 482 18.76 5.97 -44.39
CA GLY A 482 17.46 6.15 -45.00
C GLY A 482 16.29 5.92 -44.07
N LYS A 483 16.50 5.24 -42.93
CA LYS A 483 15.45 5.03 -41.97
C LYS A 483 15.29 6.27 -41.09
N PHE A 484 14.08 6.43 -40.54
CA PHE A 484 13.81 7.56 -39.66
C PHE A 484 14.67 7.52 -38.42
N GLY A 485 14.76 6.36 -37.78
CA GLY A 485 15.49 6.23 -36.54
C GLY A 485 14.64 5.60 -35.44
N THR A 486 15.12 4.49 -34.89
CA THR A 486 14.37 3.77 -33.87
C THR A 486 15.34 3.03 -32.98
N GLN A 487 15.11 3.10 -31.67
CA GLN A 487 15.99 2.45 -30.71
C GLN A 487 15.91 0.93 -30.85
N GLU A 488 17.06 0.28 -30.74
CA GLU A 488 17.14 -1.16 -30.79
C GLU A 488 18.41 -1.60 -30.08
N ARG A 489 18.40 -2.84 -29.58
CA ARG A 489 19.54 -3.43 -28.89
C ARG A 489 20.01 -4.63 -29.69
N VAL A 490 21.18 -4.51 -30.31
CA VAL A 490 21.76 -5.60 -31.10
C VAL A 490 22.13 -6.75 -30.17
N ASN A 491 22.35 -7.93 -30.74
CA ASN A 491 22.66 -9.10 -29.95
C ASN A 491 24.07 -9.02 -29.38
N ASN A 492 24.31 -9.85 -28.36
CA ASN A 492 25.62 -9.95 -27.69
C ASN A 492 26.05 -8.63 -27.07
N SER A 493 25.09 -7.87 -26.56
CA SER A 493 25.39 -6.61 -25.90
C SER A 493 24.25 -6.26 -24.95
N ASN A 494 24.54 -5.35 -24.02
CA ASN A 494 23.55 -4.84 -23.08
C ASN A 494 23.18 -3.39 -23.34
N LYS A 495 23.94 -2.67 -24.16
CA LYS A 495 23.66 -1.29 -24.48
C LYS A 495 22.91 -1.20 -25.81
N LYS A 496 22.00 -0.23 -25.90
CA LYS A 496 21.20 -0.01 -27.10
C LYS A 496 21.50 1.39 -27.63
N GLU A 497 22.00 1.45 -28.85
CA GLU A 497 22.30 2.72 -29.51
C GLU A 497 21.27 2.99 -30.61
N TRP A 498 20.85 4.24 -30.71
CA TRP A 498 19.86 4.60 -31.72
C TRP A 498 20.46 4.47 -33.12
N ASN A 499 19.63 4.07 -34.06
CA ASN A 499 20.04 3.86 -35.44
C ASN A 499 19.49 4.97 -36.33
N GLY A 500 20.20 5.24 -37.43
CA GLY A 500 19.72 6.19 -38.41
C GLY A 500 19.79 7.63 -37.92
N MET A 501 18.88 8.45 -38.48
CA MET A 501 18.89 9.88 -38.21
C MET A 501 18.80 10.18 -36.73
N MET A 502 17.92 9.46 -36.01
CA MET A 502 17.80 9.69 -34.59
C MET A 502 19.12 9.46 -33.86
N GLY A 503 19.89 8.46 -34.28
CA GLY A 503 21.20 8.27 -33.71
C GLY A 503 22.15 9.41 -34.03
N GLU A 504 22.07 9.96 -35.25
CA GLU A 504 23.03 10.96 -35.70
C GLU A 504 23.08 12.16 -34.77
N LEU A 505 21.94 12.54 -34.18
CA LEU A 505 21.94 13.67 -33.26
C LEU A 505 22.64 13.33 -31.95
N LEU A 506 22.41 12.12 -31.43
CA LEU A 506 22.97 11.78 -30.12
C LEU A 506 24.48 11.62 -30.16
N SER A 507 25.00 10.95 -31.20
CA SER A 507 26.42 10.65 -31.25
C SER A 507 27.28 11.86 -31.59
N GLY A 508 26.68 12.94 -32.07
CA GLY A 508 27.41 14.14 -32.41
C GLY A 508 27.55 14.43 -33.88
N GLN A 509 26.84 13.70 -34.75
CA GLN A 509 26.95 13.96 -36.18
C GLN A 509 26.27 15.27 -36.58
N ALA A 510 25.09 15.55 -36.02
CA ALA A 510 24.31 16.72 -36.40
C ALA A 510 24.02 17.57 -35.17
N ASP A 511 23.39 18.74 -35.42
CA ASP A 511 23.02 19.67 -34.36
C ASP A 511 21.52 19.97 -34.33
N MET A 512 20.79 19.72 -35.40
CA MET A 512 19.36 20.02 -35.47
C MET A 512 18.73 19.09 -36.49
N ILE A 513 17.42 18.93 -36.40
CA ILE A 513 16.67 18.06 -37.31
C ILE A 513 15.46 18.82 -37.80
N VAL A 514 15.48 19.23 -39.06
CA VAL A 514 14.34 19.89 -39.70
C VAL A 514 13.75 18.86 -40.65
N ALA A 515 12.79 18.08 -40.15
CA ALA A 515 12.18 16.99 -40.89
C ALA A 515 10.89 16.57 -40.20
N PRO A 516 10.00 15.84 -40.88
CA PRO A 516 8.79 15.36 -40.21
C PRO A 516 9.09 14.29 -39.17
N LEU A 517 9.55 14.71 -38.01
CA LEU A 517 9.86 13.81 -36.90
C LEU A 517 8.72 13.84 -35.91
N THR A 518 8.10 12.69 -35.67
CA THR A 518 7.04 12.62 -34.68
C THR A 518 7.63 12.63 -33.27
N ILE A 519 6.78 12.94 -32.30
CA ILE A 519 7.20 13.11 -30.92
C ILE A 519 6.58 12.00 -30.09
N ASN A 520 7.38 11.00 -29.73
CA ASN A 520 6.96 9.92 -28.87
C ASN A 520 7.71 9.97 -27.55
N ASN A 521 7.25 9.18 -26.59
CA ASN A 521 7.84 9.17 -25.26
C ASN A 521 9.30 8.71 -25.30
N GLU A 522 9.56 7.64 -26.07
CA GLU A 522 10.92 7.09 -26.13
C GLU A 522 11.89 8.11 -26.69
N ARG A 523 11.50 8.83 -27.74
CA ARG A 523 12.33 9.90 -28.27
C ARG A 523 12.52 10.99 -27.22
N ALA A 524 11.44 11.39 -26.55
CA ALA A 524 11.52 12.45 -25.56
C ALA A 524 12.38 12.08 -24.35
N GLN A 525 12.67 10.79 -24.16
CA GLN A 525 13.54 10.40 -23.06
C GLN A 525 14.95 10.97 -23.21
N TYR A 526 15.51 10.93 -24.41
CA TYR A 526 16.91 11.30 -24.62
C TYR A 526 17.12 12.58 -25.42
N ILE A 527 16.15 13.01 -26.22
CA ILE A 527 16.27 14.29 -26.90
C ILE A 527 15.16 15.19 -26.40
N GLU A 528 15.11 16.42 -26.89
CA GLU A 528 14.09 17.38 -26.48
C GLU A 528 13.63 18.16 -27.70
N PHE A 529 12.32 18.35 -27.82
CA PHE A 529 11.72 18.95 -29.00
C PHE A 529 11.29 20.39 -28.73
N SER A 530 10.90 21.06 -29.81
CA SER A 530 10.25 22.36 -29.72
C SER A 530 8.74 22.15 -29.67
N LYS A 531 7.98 23.24 -29.74
CA LYS A 531 6.54 23.13 -29.82
C LYS A 531 6.15 22.60 -31.20
N PRO A 532 5.05 21.85 -31.28
CA PRO A 532 4.62 21.31 -32.58
C PRO A 532 4.19 22.41 -33.53
N PHE A 533 4.44 22.17 -34.82
CA PHE A 533 4.05 23.10 -35.87
C PHE A 533 3.08 22.49 -36.88
N LYS A 534 2.77 21.20 -36.76
CA LYS A 534 1.79 20.57 -37.63
C LYS A 534 1.25 19.33 -36.95
N TYR A 535 -0.06 19.27 -36.77
CA TYR A 535 -0.73 18.15 -36.12
C TYR A 535 -1.29 17.21 -37.18
N GLN A 536 -1.41 15.93 -36.82
CA GLN A 536 -1.76 14.88 -37.77
C GLN A 536 -2.13 13.63 -36.97
N GLY A 537 -2.26 12.52 -37.66
CA GLY A 537 -2.48 11.22 -37.02
C GLY A 537 -1.97 10.11 -37.93
N LEU A 538 -2.50 8.91 -37.72
CA LEU A 538 -2.18 7.76 -38.55
C LEU A 538 -3.43 7.32 -39.29
N THR A 539 -3.26 6.90 -40.54
CA THR A 539 -4.40 6.57 -41.39
C THR A 539 -3.98 5.52 -42.41
N ILE A 540 -4.92 5.18 -43.29
CA ILE A 540 -4.81 4.06 -44.22
C ILE A 540 -5.05 4.57 -45.63
N LEU A 541 -4.24 4.09 -46.57
CA LEU A 541 -4.37 4.36 -47.99
C LEU A 541 -4.74 3.06 -48.71
N VAL A 542 -5.67 3.19 -49.67
CA VAL A 542 -6.23 2.04 -50.38
C VAL A 542 -6.41 2.42 -51.85
N LYS A 543 -6.18 1.45 -52.73
CA LYS A 543 -6.43 1.66 -54.15
C LYS A 543 -7.92 1.61 -54.42
N LYS A 544 -8.42 2.58 -55.18
CA LYS A 544 -9.84 2.67 -55.49
C LYS A 544 -10.26 1.57 -56.45
N ARG A 663 -13.89 -5.57 -48.33
CA ARG A 663 -14.17 -4.63 -47.25
C ARG A 663 -12.90 -4.23 -46.53
N ILE A 664 -12.65 -2.92 -46.46
CA ILE A 664 -11.48 -2.37 -45.78
C ILE A 664 -11.94 -1.24 -44.86
N THR A 665 -11.50 -1.28 -43.61
CA THR A 665 -11.91 -0.28 -42.63
C THR A 665 -10.85 -0.23 -41.53
N GLY A 666 -11.19 0.43 -40.42
CA GLY A 666 -10.28 0.62 -39.30
C GLY A 666 -9.80 -0.66 -38.65
N ILE A 667 -8.96 -0.53 -37.63
CA ILE A 667 -8.30 -1.71 -37.02
C ILE A 667 -9.27 -2.24 -35.97
N ASN A 668 -10.28 -2.95 -36.43
CA ASN A 668 -11.13 -3.77 -35.57
C ASN A 668 -11.54 -5.09 -36.19
N ASP A 669 -11.38 -5.26 -37.50
CA ASP A 669 -11.95 -6.38 -38.24
C ASP A 669 -11.14 -7.65 -37.98
N PRO A 670 -11.80 -8.81 -37.91
CA PRO A 670 -11.06 -10.08 -37.78
C PRO A 670 -10.16 -10.38 -38.97
N ARG A 671 -10.48 -9.86 -40.16
CA ARG A 671 -9.58 -10.02 -41.29
C ARG A 671 -8.24 -9.36 -41.05
N LEU A 672 -8.21 -8.34 -40.18
CA LEU A 672 -6.99 -7.64 -39.82
C LEU A 672 -6.36 -8.19 -38.54
N ARG A 673 -7.18 -8.42 -37.50
CA ARG A 673 -6.66 -8.96 -36.25
C ARG A 673 -6.08 -10.35 -36.45
N ASN A 674 -6.58 -11.10 -37.43
CA ASN A 674 -6.09 -12.43 -37.73
C ASN A 674 -5.45 -12.47 -39.12
N PRO A 675 -4.43 -13.29 -39.34
CA PRO A 675 -3.75 -13.32 -40.64
C PRO A 675 -4.53 -14.07 -41.71
N SER A 676 -4.62 -13.49 -42.90
CA SER A 676 -5.26 -14.13 -44.04
C SER A 676 -4.65 -13.57 -45.32
N ASP A 677 -4.65 -14.39 -46.37
CA ASP A 677 -3.97 -14.02 -47.60
C ASP A 677 -4.77 -12.99 -48.40
N LYS A 678 -6.06 -12.84 -48.09
CA LYS A 678 -6.90 -11.92 -48.86
C LYS A 678 -6.43 -10.48 -48.71
N PHE A 679 -6.07 -10.07 -47.50
CA PHE A 679 -5.62 -8.72 -47.22
C PHE A 679 -4.27 -8.77 -46.52
N ILE A 680 -3.31 -7.98 -47.02
CA ILE A 680 -1.97 -7.91 -46.44
C ILE A 680 -1.67 -6.47 -46.10
N TYR A 681 -1.22 -6.23 -44.87
CA TYR A 681 -0.87 -4.91 -44.37
C TYR A 681 0.62 -4.85 -44.07
N ALA A 682 1.19 -3.66 -44.19
CA ALA A 682 2.62 -3.48 -43.96
C ALA A 682 2.88 -2.03 -43.59
N THR A 683 4.14 -1.74 -43.24
CA THR A 683 4.60 -0.42 -42.86
C THR A 683 6.03 -0.26 -43.34
N VAL A 684 6.74 0.74 -42.81
CA VAL A 684 8.15 0.94 -43.08
C VAL A 684 8.95 0.47 -41.87
N LYS A 685 9.97 -0.35 -42.13
CA LYS A 685 10.77 -0.92 -41.06
C LYS A 685 11.59 0.16 -40.35
N GLN A 686 11.90 -0.08 -39.09
CA GLN A 686 12.71 0.82 -38.26
C GLN A 686 12.09 2.21 -38.21
N SER A 687 10.80 2.26 -37.86
CA SER A 687 10.05 3.50 -37.79
C SER A 687 9.28 3.57 -36.47
N SER A 688 8.44 4.60 -36.35
CA SER A 688 7.66 4.80 -35.13
C SER A 688 6.50 3.82 -35.03
N VAL A 689 5.85 3.52 -36.16
CA VAL A 689 4.71 2.62 -36.15
C VAL A 689 5.14 1.22 -35.72
N ASP A 690 6.37 0.82 -36.03
CA ASP A 690 6.89 -0.45 -35.55
C ASP A 690 6.90 -0.49 -34.03
N ILE A 691 7.35 0.59 -33.40
CA ILE A 691 7.34 0.66 -31.94
C ILE A 691 5.90 0.66 -31.42
N TYR A 692 5.03 1.44 -32.06
CA TYR A 692 3.64 1.50 -31.61
C TYR A 692 2.93 0.16 -31.68
N PHE A 693 3.28 -0.68 -32.65
CA PHE A 693 2.70 -2.01 -32.73
C PHE A 693 3.51 -3.07 -31.99
N ARG A 694 4.68 -2.69 -31.51
CA ARG A 694 5.38 -3.64 -30.62
C ARG A 694 5.09 -3.22 -29.17
N ARG A 695 4.48 -2.04 -28.98
CA ARG A 695 4.08 -1.55 -27.65
C ARG A 695 2.62 -1.93 -27.39
N GLN A 696 2.33 -3.21 -27.38
CA GLN A 696 0.99 -3.65 -26.99
C GLN A 696 0.98 -5.17 -27.01
N VAL A 697 0.84 -5.79 -25.84
CA VAL A 697 0.86 -7.25 -25.75
C VAL A 697 -0.33 -7.85 -26.48
N GLU A 698 -1.52 -7.30 -26.25
CA GLU A 698 -2.78 -7.83 -26.80
C GLU A 698 -2.85 -7.77 -28.32
N LEU A 699 -1.86 -7.20 -29.02
CA LEU A 699 -1.84 -7.19 -30.48
C LEU A 699 -0.69 -8.01 -31.04
N SER A 700 -0.03 -8.82 -30.20
CA SER A 700 1.19 -9.55 -30.56
C SER A 700 1.10 -10.20 -31.95
N THR A 701 0.09 -11.04 -32.15
CA THR A 701 -0.04 -11.78 -33.41
C THR A 701 0.01 -10.82 -34.60
N MET A 702 -0.75 -9.73 -34.54
CA MET A 702 -0.73 -8.76 -35.63
C MET A 702 0.68 -8.27 -35.90
N TYR A 703 1.38 -7.86 -34.84
CA TYR A 703 2.76 -7.38 -35.04
C TYR A 703 3.54 -8.50 -35.69
N ARG A 704 3.37 -9.74 -35.21
CA ARG A 704 4.14 -10.85 -35.76
C ARG A 704 4.01 -10.90 -37.27
N HIS A 705 2.80 -10.57 -37.73
CA HIS A 705 2.43 -10.53 -39.18
C HIS A 705 3.36 -9.51 -39.85
N MET A 706 3.54 -8.36 -39.20
CA MET A 706 4.40 -7.28 -39.68
C MET A 706 5.86 -7.71 -39.66
N GLU A 707 6.23 -8.56 -38.70
CA GLU A 707 7.60 -9.07 -38.66
C GLU A 707 7.89 -10.01 -39.82
N LYS A 708 6.85 -10.54 -40.48
CA LYS A 708 7.08 -11.45 -41.59
C LYS A 708 7.72 -10.73 -42.77
N HIS A 709 7.14 -9.61 -43.19
CA HIS A 709 7.67 -8.87 -44.33
C HIS A 709 7.16 -7.44 -44.28
N ASN A 710 8.08 -6.49 -44.45
CA ASN A 710 7.74 -5.07 -44.53
C ASN A 710 8.85 -4.38 -45.31
N TYR A 711 8.55 -3.16 -45.76
CA TYR A 711 9.45 -2.42 -46.63
C TYR A 711 10.35 -1.48 -45.83
N GLU A 712 11.63 -1.43 -46.21
CA GLU A 712 12.55 -0.40 -45.74
C GLU A 712 12.62 0.66 -46.84
N SER A 713 11.56 1.44 -46.96
CA SER A 713 11.30 2.08 -48.24
C SER A 713 10.66 3.45 -48.03
N ALA A 714 10.03 3.93 -49.08
CA ALA A 714 9.58 5.31 -49.31
C ALA A 714 8.33 5.21 -50.17
N ALA A 715 8.06 6.23 -50.98
CA ALA A 715 7.03 6.16 -52.01
C ALA A 715 7.09 4.84 -52.78
N GLU A 716 8.25 4.18 -52.77
CA GLU A 716 8.35 2.80 -53.24
C GLU A 716 7.25 1.91 -52.67
N ALA A 717 6.90 2.11 -51.40
CA ALA A 717 5.78 1.37 -50.82
C ALA A 717 4.45 1.78 -51.46
N ILE A 718 4.30 3.07 -51.79
CA ILE A 718 3.11 3.52 -52.50
C ILE A 718 3.00 2.84 -53.85
N GLN A 719 4.13 2.64 -54.53
CA GLN A 719 4.12 1.91 -55.80
C GLN A 719 3.84 0.42 -55.60
N ALA A 720 4.37 -0.16 -54.52
CA ALA A 720 4.06 -1.55 -54.20
C ALA A 720 2.57 -1.74 -53.97
N VAL A 721 1.91 -0.75 -53.37
CA VAL A 721 0.45 -0.76 -53.31
C VAL A 721 -0.14 -0.57 -54.71
N ARG A 722 0.48 0.31 -55.52
CA ARG A 722 -0.02 0.58 -56.87
C ARG A 722 0.04 -0.66 -57.74
N ASP A 723 1.09 -1.45 -57.60
CA ASP A 723 1.28 -2.67 -58.39
C ASP A 723 0.41 -3.83 -57.91
N ASN A 724 -0.58 -3.57 -57.07
CA ASN A 724 -1.48 -4.57 -56.52
C ASN A 724 -0.77 -5.61 -55.67
N LYS A 725 0.50 -5.36 -55.33
CA LYS A 725 1.22 -6.28 -54.45
C LYS A 725 0.74 -6.14 -53.00
N LEU A 726 0.58 -4.91 -52.53
CA LEU A 726 0.13 -4.65 -51.18
C LEU A 726 -1.32 -4.17 -51.19
N HIS A 727 -2.08 -4.62 -50.19
CA HIS A 727 -3.51 -4.35 -50.13
C HIS A 727 -3.85 -2.97 -49.58
N ALA A 728 -3.15 -2.55 -48.53
CA ALA A 728 -3.42 -1.25 -47.91
C ALA A 728 -2.15 -0.77 -47.22
N PHE A 729 -2.13 0.52 -46.91
CA PHE A 729 -0.97 1.16 -46.31
C PHE A 729 -1.40 1.94 -45.07
N ILE A 730 -0.57 1.90 -44.02
CA ILE A 730 -0.88 2.62 -42.78
C ILE A 730 0.33 3.48 -42.43
N TRP A 731 0.11 4.79 -42.29
CA TRP A 731 1.21 5.73 -42.16
C TRP A 731 0.66 7.09 -41.74
N ASP A 732 1.53 8.10 -41.70
CA ASP A 732 1.16 9.42 -41.22
C ASP A 732 0.07 10.04 -42.09
N SER A 733 -0.66 11.01 -41.51
CA SER A 733 -1.82 11.57 -42.18
C SER A 733 -1.44 12.44 -43.38
N ALA A 734 -0.51 13.37 -43.19
CA ALA A 734 -0.23 14.34 -44.24
C ALA A 734 0.39 13.70 -45.47
N VAL A 735 1.32 12.75 -45.26
CA VAL A 735 1.99 12.10 -46.37
C VAL A 735 0.99 11.40 -47.27
N LEU A 736 0.02 10.71 -46.67
CA LEU A 736 -0.98 9.99 -47.45
C LEU A 736 -1.99 10.93 -48.07
N GLU A 737 -2.43 11.95 -47.31
CA GLU A 737 -3.47 12.85 -47.81
C GLU A 737 -2.96 13.71 -48.96
N PHE A 738 -1.68 14.03 -48.98
CA PHE A 738 -1.13 14.79 -50.10
C PHE A 738 -1.18 13.96 -51.39
N GLU A 739 -0.66 12.74 -51.33
CA GLU A 739 -0.54 11.93 -52.55
C GLU A 739 -1.90 11.44 -53.03
N ALA A 740 -2.83 11.18 -52.09
CA ALA A 740 -4.13 10.66 -52.49
C ALA A 740 -4.91 11.67 -53.32
N SER A 741 -4.99 12.90 -52.85
CA SER A 741 -5.66 13.95 -53.62
C SER A 741 -4.77 14.48 -54.74
N GLN A 742 -3.47 14.18 -54.72
CA GLN A 742 -2.55 14.73 -55.70
C GLN A 742 -2.55 13.96 -57.01
N LYS A 743 -2.20 12.67 -57.01
CA LYS A 743 -2.00 12.01 -58.29
C LYS A 743 -3.30 11.51 -58.91
N CYS A 744 -3.88 10.44 -58.34
CA CYS A 744 -5.15 9.89 -58.81
C CYS A 744 -5.53 8.62 -58.06
N ASP A 745 -6.78 8.17 -58.24
CA ASP A 745 -7.23 6.78 -58.10
C ASP A 745 -6.90 6.16 -56.74
N LEU A 746 -6.55 6.95 -55.73
CA LEU A 746 -6.25 6.43 -54.42
C LEU A 746 -7.10 7.14 -53.38
N VAL A 747 -7.49 6.41 -52.33
CA VAL A 747 -8.42 6.92 -51.33
C VAL A 747 -7.87 6.63 -49.95
N THR A 748 -8.18 7.52 -49.01
CA THR A 748 -7.86 7.33 -47.61
C THR A 748 -9.05 6.72 -46.88
N THR A 749 -8.80 5.68 -46.09
CA THR A 749 -9.84 4.89 -45.47
C THR A 749 -10.21 5.50 -44.13
N GLY A 750 -11.47 5.91 -43.99
CA GLY A 750 -11.94 6.46 -42.73
C GLY A 750 -11.20 7.74 -42.37
N GLU A 751 -10.66 7.77 -41.16
CA GLU A 751 -9.96 8.93 -40.65
C GLU A 751 -8.92 8.48 -39.65
N LEU A 752 -8.37 9.43 -38.89
CA LEU A 752 -7.30 9.15 -37.96
C LEU A 752 -7.82 8.42 -36.72
N PHE A 753 -6.92 7.68 -36.07
CA PHE A 753 -7.27 6.98 -34.85
C PHE A 753 -6.28 7.32 -33.72
N PHE A 754 -5.01 7.56 -34.08
CA PHE A 754 -3.97 7.92 -33.11
C PHE A 754 -3.32 9.21 -33.59
N ARG A 755 -3.49 10.28 -32.83
CA ARG A 755 -3.11 11.61 -33.25
C ARG A 755 -1.80 12.04 -32.58
N SER A 756 -0.96 12.73 -33.35
CA SER A 756 0.34 13.19 -32.87
C SER A 756 0.80 14.35 -33.74
N GLY A 757 1.87 15.02 -33.31
CA GLY A 757 2.38 16.18 -33.98
C GLY A 757 3.75 15.99 -34.62
N PHE A 758 4.20 17.05 -35.27
CA PHE A 758 5.54 17.13 -35.84
C PHE A 758 6.32 18.22 -35.12
N GLY A 759 7.61 17.98 -34.90
CA GLY A 759 8.41 18.92 -34.15
C GLY A 759 9.88 18.81 -34.49
N ILE A 760 10.59 19.93 -34.30
CA ILE A 760 12.04 19.95 -34.46
C ILE A 760 12.69 19.17 -33.32
N GLY A 761 13.82 18.53 -33.63
CA GLY A 761 14.58 17.78 -32.64
C GLY A 761 15.87 18.48 -32.31
N MET A 762 16.19 18.54 -31.01
CA MET A 762 17.41 19.18 -30.55
C MET A 762 18.00 18.38 -29.40
N ARG A 763 19.31 18.50 -29.19
CA ARG A 763 19.99 17.75 -28.15
C ARG A 763 19.54 18.23 -26.77
N LYS A 764 19.79 17.38 -25.77
CA LYS A 764 19.27 17.60 -24.42
C LYS A 764 19.72 18.94 -23.85
N ASP A 765 18.74 19.71 -23.35
CA ASP A 765 18.97 20.97 -22.66
C ASP A 765 19.89 21.90 -23.46
N SER A 766 19.72 21.95 -24.77
CA SER A 766 20.47 22.88 -25.58
C SER A 766 19.88 24.29 -25.44
N PRO A 767 20.72 25.32 -25.51
CA PRO A 767 20.26 26.69 -25.23
C PRO A 767 19.46 27.34 -26.36
N TRP A 768 19.03 26.59 -27.38
CA TRP A 768 18.32 27.18 -28.50
C TRP A 768 16.81 26.92 -28.48
N LYS A 769 16.33 25.99 -27.65
CA LYS A 769 14.96 25.51 -27.76
C LYS A 769 13.94 26.61 -27.51
N GLN A 770 14.18 27.44 -26.49
CA GLN A 770 13.20 28.47 -26.12
C GLN A 770 12.97 29.43 -27.27
N ASN A 771 14.04 29.89 -27.92
CA ASN A 771 13.90 30.83 -29.02
C ASN A 771 13.24 30.18 -30.23
N VAL A 772 13.55 28.90 -30.49
CA VAL A 772 12.93 28.19 -31.60
C VAL A 772 11.43 28.09 -31.38
N SER A 773 11.00 27.75 -30.16
CA SER A 773 9.58 27.66 -29.87
C SER A 773 8.90 29.02 -29.96
N LEU A 774 9.57 30.07 -29.48
CA LEU A 774 9.00 31.41 -29.59
C LEU A 774 8.88 31.85 -31.05
N SER A 775 9.76 31.36 -31.91
CA SER A 775 9.62 31.66 -33.34
C SER A 775 8.48 30.86 -33.96
N ILE A 776 8.33 29.60 -33.55
CA ILE A 776 7.27 28.76 -34.12
C ILE A 776 5.90 29.30 -33.75
N LEU A 777 5.72 29.68 -32.49
CA LEU A 777 4.42 30.24 -32.06
C LEU A 777 4.12 31.55 -32.79
N LYS A 778 5.15 32.38 -32.97
CA LYS A 778 4.96 33.62 -33.73
C LYS A 778 4.55 33.33 -35.17
N SER A 779 5.17 32.31 -35.78
CA SER A 779 4.79 31.92 -37.13
C SER A 779 3.34 31.45 -37.18
N HIS A 780 2.92 30.67 -36.18
CA HIS A 780 1.54 30.23 -36.13
C HIS A 780 0.57 31.39 -35.99
N GLU A 781 0.92 32.39 -35.18
CA GLU A 781 0.05 33.54 -34.96
C GLU A 781 0.01 34.49 -36.16
N ASN A 782 1.10 34.58 -36.93
CA ASN A 782 1.13 35.50 -38.07
C ASN A 782 0.15 35.07 -39.15
N GLY A 783 0.05 33.78 -39.43
CA GLY A 783 -0.58 33.29 -40.63
C GLY A 783 0.40 32.86 -41.71
N PHE A 784 1.70 32.97 -41.44
CA PHE A 784 2.73 32.53 -42.38
C PHE A 784 2.67 31.02 -42.59
N MET A 785 2.47 30.29 -41.52
CA MET A 785 2.34 28.84 -41.75
C MET A 785 1.05 28.64 -42.53
N GLU A 786 0.14 29.59 -42.49
CA GLU A 786 -1.10 29.46 -43.31
C GLU A 786 -0.77 29.67 -44.78
N ASP A 787 -0.03 30.74 -45.09
CA ASP A 787 0.34 31.06 -46.49
C ASP A 787 1.22 29.95 -46.97
N LEU A 788 2.17 29.53 -46.15
CA LEU A 788 3.05 28.41 -46.51
C LEU A 788 2.21 27.16 -46.71
N ASP A 789 1.23 26.92 -45.85
CA ASP A 789 0.43 25.68 -46.02
C ASP A 789 -0.27 25.66 -47.36
N LYS A 790 -0.91 26.74 -47.78
CA LYS A 790 -1.64 26.62 -49.07
C LYS A 790 -0.60 26.38 -50.16
N THR A 791 0.47 27.13 -50.09
CA THR A 791 1.42 27.03 -51.19
C THR A 791 1.73 25.57 -51.51
N TRP A 792 1.97 24.74 -50.48
CA TRP A 792 2.57 23.44 -50.73
C TRP A 792 1.61 22.25 -50.63
N VAL A 793 0.49 22.38 -49.91
CA VAL A 793 -0.44 21.27 -49.74
C VAL A 793 -1.84 21.56 -50.26
N ARG A 794 -2.28 22.83 -50.21
CA ARG A 794 -3.62 23.18 -50.68
C ARG A 794 -3.68 23.43 -52.18
N TYR A 795 -2.54 23.38 -52.88
CA TYR A 795 -2.52 23.52 -54.34
C TYR A 795 -2.63 22.13 -54.97
N GLN A 796 -3.80 21.54 -54.80
CA GLN A 796 -4.08 20.20 -55.33
C GLN A 796 -5.59 20.07 -55.51
N GLU A 797 -6.02 18.86 -55.84
CA GLU A 797 -7.43 18.55 -56.07
C GLU A 797 -8.06 19.47 -57.12
N THR B 62 61.54 -21.73 -3.68
CA THR B 62 61.29 -21.70 -2.26
C THR B 62 59.99 -20.97 -1.95
N VAL B 63 59.07 -21.66 -1.27
CA VAL B 63 57.78 -21.10 -0.88
C VAL B 63 57.50 -21.46 0.57
N ALA B 64 56.57 -20.73 1.17
CA ALA B 64 56.20 -20.93 2.57
C ALA B 64 54.73 -21.30 2.67
N VAL B 65 54.40 -22.06 3.70
CA VAL B 65 53.03 -22.45 4.01
C VAL B 65 52.74 -22.06 5.45
N VAL B 66 51.63 -21.35 5.66
CA VAL B 66 51.29 -20.80 6.97
C VAL B 66 49.91 -21.32 7.35
N PHE B 67 49.86 -22.38 8.14
CA PHE B 67 48.60 -22.85 8.68
C PHE B 67 48.15 -21.93 9.80
N SER B 68 46.92 -21.43 9.70
CA SER B 68 46.40 -20.45 10.64
C SER B 68 45.53 -21.05 11.73
N SER B 69 44.67 -22.00 11.41
CA SER B 69 43.78 -22.61 12.40
C SER B 69 43.16 -23.86 11.82
N SER B 70 42.97 -24.86 12.68
CA SER B 70 42.38 -26.13 12.29
C SER B 70 42.07 -26.97 13.53
N GLY B 71 41.66 -28.21 13.33
CA GLY B 71 41.55 -29.16 14.41
C GLY B 71 42.91 -29.75 14.72
N PRO B 72 43.00 -31.08 14.79
CA PRO B 72 44.30 -31.74 14.91
C PRO B 72 45.20 -31.38 13.74
N PRO B 73 46.37 -30.79 14.01
CA PRO B 73 47.20 -30.28 12.91
C PRO B 73 48.23 -31.28 12.40
N GLN B 74 48.28 -32.46 13.00
CA GLN B 74 49.35 -33.43 12.74
C GLN B 74 49.42 -33.84 11.28
N ALA B 75 48.26 -33.95 10.62
CA ALA B 75 48.22 -34.47 9.26
C ALA B 75 49.06 -33.64 8.30
N GLN B 76 48.68 -32.37 8.11
CA GLN B 76 49.39 -31.52 7.17
C GLN B 76 50.83 -31.26 7.61
N PHE B 77 51.06 -31.11 8.91
CA PHE B 77 52.40 -30.86 9.41
C PHE B 77 53.34 -32.00 9.06
N ARG B 78 52.88 -33.24 9.24
CA ARG B 78 53.66 -34.39 8.79
C ARG B 78 53.75 -34.45 7.28
N ALA B 79 52.70 -34.02 6.58
CA ALA B 79 52.70 -34.08 5.12
C ALA B 79 53.69 -33.11 4.50
N ARG B 80 54.09 -32.06 5.24
CA ARG B 80 54.99 -31.05 4.71
C ARG B 80 56.47 -31.41 4.86
N LEU B 81 56.81 -32.70 4.94
CA LEU B 81 58.17 -33.10 5.27
C LEU B 81 59.15 -32.80 4.12
N THR B 82 58.93 -33.42 2.98
CA THR B 82 59.90 -33.47 1.89
C THR B 82 59.28 -32.93 0.61
N PRO B 83 60.10 -32.43 -0.33
CA PRO B 83 59.54 -31.96 -1.60
C PRO B 83 59.33 -33.08 -2.61
N GLN B 84 58.81 -34.21 -2.13
CA GLN B 84 58.23 -35.21 -3.01
C GLN B 84 56.73 -34.99 -3.19
N SER B 85 56.10 -34.31 -2.25
CA SER B 85 54.75 -33.81 -2.45
C SER B 85 54.77 -32.71 -3.49
N PHE B 86 53.76 -32.72 -4.37
CA PHE B 86 53.71 -31.82 -5.52
C PHE B 86 54.95 -31.99 -6.40
N LEU B 87 55.36 -33.23 -6.62
CA LEU B 87 56.48 -33.52 -7.52
C LEU B 87 56.01 -33.65 -8.97
N ASP B 88 55.25 -32.65 -9.40
CA ASP B 88 54.83 -32.53 -10.79
C ASP B 88 54.91 -31.11 -11.30
N LEU B 89 55.36 -30.17 -10.49
CA LEU B 89 55.55 -28.79 -10.92
C LEU B 89 56.88 -28.66 -11.65
N PRO B 90 56.89 -28.09 -12.86
CA PRO B 90 58.12 -28.07 -13.65
C PRO B 90 59.20 -27.14 -13.10
N LEU B 91 59.63 -27.40 -11.87
CA LEU B 91 60.69 -26.63 -11.24
C LEU B 91 61.13 -27.36 -9.97
N GLU B 92 62.30 -27.00 -9.47
CA GLU B 92 62.80 -27.54 -8.22
C GLU B 92 62.14 -26.80 -7.06
N ILE B 93 61.42 -27.54 -6.22
CA ILE B 93 60.65 -26.97 -5.13
C ILE B 93 61.43 -27.12 -3.83
N GLN B 94 61.50 -26.04 -3.05
CA GLN B 94 62.17 -26.01 -1.75
C GLN B 94 61.18 -25.50 -0.72
N PRO B 95 60.23 -26.33 -0.30
CA PRO B 95 59.18 -25.86 0.61
C PRO B 95 59.68 -25.64 2.03
N LEU B 96 58.98 -24.75 2.72
CA LEU B 96 59.19 -24.52 4.15
C LEU B 96 57.83 -24.31 4.79
N THR B 97 57.62 -24.90 5.95
CA THR B 97 56.34 -24.79 6.65
C THR B 97 56.44 -23.79 7.80
N VAL B 98 55.29 -23.19 8.12
CA VAL B 98 55.19 -22.28 9.24
C VAL B 98 53.94 -22.63 10.04
N GLY B 99 54.08 -22.78 11.35
CA GLY B 99 52.95 -22.98 12.23
C GLY B 99 52.57 -21.69 12.94
N VAL B 100 51.29 -21.57 13.26
CA VAL B 100 50.77 -20.37 13.91
C VAL B 100 49.73 -20.75 14.95
N ASN B 101 49.89 -20.24 16.16
CA ASN B 101 48.93 -20.48 17.24
C ASN B 101 47.72 -19.58 17.04
N THR B 102 46.91 -19.43 18.11
CA THR B 102 45.77 -18.53 18.10
C THR B 102 46.16 -17.18 17.49
N THR B 103 45.39 -16.75 16.50
CA THR B 103 45.83 -15.71 15.57
C THR B 103 45.49 -14.31 16.09
N ASN B 104 46.42 -13.39 15.82
CA ASN B 104 46.30 -11.97 16.18
C ASN B 104 47.36 -11.20 15.39
N PRO B 105 47.20 -9.89 15.21
CA PRO B 105 48.13 -9.15 14.34
C PRO B 105 49.59 -9.29 14.75
N SER B 106 49.89 -9.27 16.05
CA SER B 106 51.27 -9.39 16.50
C SER B 106 51.87 -10.72 16.08
N SER B 107 51.13 -11.81 16.26
CA SER B 107 51.64 -13.13 15.91
C SER B 107 51.93 -13.22 14.41
N LEU B 108 50.97 -12.81 13.58
CA LEU B 108 51.15 -12.89 12.14
C LEU B 108 52.34 -12.04 11.69
N LEU B 109 52.40 -10.78 12.15
CA LEU B 109 53.48 -9.89 11.77
C LEU B 109 54.83 -10.50 12.14
N THR B 110 54.98 -10.91 13.41
CA THR B 110 56.26 -11.44 13.87
C THR B 110 56.65 -12.69 13.08
N GLN B 111 55.70 -13.61 12.90
CA GLN B 111 56.02 -14.88 12.25
C GLN B 111 56.46 -14.67 10.81
N ILE B 112 55.67 -13.92 10.03
CA ILE B 112 56.03 -13.80 8.61
C ILE B 112 57.24 -12.91 8.43
N CYS B 113 57.44 -11.90 9.28
CA CYS B 113 58.66 -11.10 9.19
C CYS B 113 59.89 -11.96 9.49
N GLY B 114 59.82 -12.82 10.50
CA GLY B 114 60.93 -13.71 10.77
C GLY B 114 61.20 -14.67 9.63
N LEU B 115 60.14 -15.23 9.05
CA LEU B 115 60.31 -16.15 7.92
C LEU B 115 60.96 -15.44 6.74
N LEU B 116 60.50 -14.23 6.43
CA LEU B 116 61.07 -13.46 5.33
C LEU B 116 62.54 -13.15 5.57
N GLY B 117 62.88 -12.72 6.79
CA GLY B 117 64.25 -12.39 7.09
C GLY B 117 65.16 -13.59 7.15
N ALA B 118 64.60 -14.78 7.37
CA ALA B 118 65.43 -15.96 7.56
C ALA B 118 65.62 -16.78 6.29
N ALA B 119 64.60 -16.88 5.43
CA ALA B 119 64.59 -17.94 4.43
C ALA B 119 64.68 -17.50 2.98
N HIS B 120 64.63 -16.20 2.67
CA HIS B 120 64.55 -15.71 1.29
C HIS B 120 63.33 -16.28 0.57
N VAL B 121 62.16 -16.09 1.19
CA VAL B 121 60.95 -16.73 0.69
C VAL B 121 60.43 -16.02 -0.56
N HIS B 122 60.17 -16.82 -1.59
CA HIS B 122 59.71 -16.31 -2.88
C HIS B 122 58.19 -16.31 -3.01
N GLY B 123 57.46 -16.61 -1.94
CA GLY B 123 56.01 -16.63 -1.98
C GLY B 123 55.45 -17.31 -0.77
N ILE B 124 54.22 -16.92 -0.43
CA ILE B 124 53.54 -17.42 0.76
C ILE B 124 52.15 -17.89 0.38
N VAL B 125 51.67 -18.91 1.10
CA VAL B 125 50.28 -19.35 1.02
C VAL B 125 49.72 -19.37 2.44
N PHE B 126 48.47 -18.94 2.59
CA PHE B 126 47.86 -18.73 3.89
C PHE B 126 46.51 -19.44 3.95
N GLU B 127 46.43 -20.47 4.79
CA GLU B 127 45.20 -21.24 4.99
C GLU B 127 44.67 -20.95 6.37
N ASP B 128 43.39 -20.59 6.46
CA ASP B 128 42.80 -20.02 7.67
C ASP B 128 41.46 -20.69 7.94
N ASN B 129 40.96 -20.47 9.16
CA ASN B 129 39.64 -20.93 9.58
C ASN B 129 38.57 -19.96 9.12
N VAL B 130 37.36 -20.49 8.94
CA VAL B 130 36.22 -19.71 8.47
C VAL B 130 35.71 -18.83 9.61
N ASP B 131 34.82 -17.89 9.27
CA ASP B 131 34.09 -16.99 10.17
C ASP B 131 34.95 -15.83 10.69
N THR B 132 36.21 -15.71 10.26
CA THR B 132 37.00 -14.55 10.63
C THR B 132 36.76 -13.43 9.62
N GLU B 133 36.67 -12.20 10.11
CA GLU B 133 36.18 -11.09 9.29
C GLU B 133 37.27 -10.13 8.82
N ALA B 134 38.28 -9.88 9.63
CA ALA B 134 39.24 -8.79 9.38
C ALA B 134 40.67 -9.34 9.40
N VAL B 135 40.89 -10.43 8.67
CA VAL B 135 42.23 -11.01 8.54
C VAL B 135 42.89 -10.65 7.22
N ALA B 136 42.13 -10.67 6.12
CA ALA B 136 42.74 -10.49 4.80
C ALA B 136 43.39 -9.11 4.66
N GLN B 137 42.81 -8.09 5.30
CA GLN B 137 43.32 -6.74 5.16
C GLN B 137 44.73 -6.61 5.77
N ILE B 138 44.97 -7.32 6.87
CA ILE B 138 46.31 -7.34 7.45
C ILE B 138 47.31 -7.94 6.47
N LEU B 139 46.91 -9.03 5.80
CA LEU B 139 47.75 -9.64 4.79
C LEU B 139 48.02 -8.67 3.65
N ASP B 140 47.01 -7.92 3.23
CA ASP B 140 47.19 -6.94 2.16
C ASP B 140 48.18 -5.86 2.56
N PHE B 141 48.05 -5.34 3.78
CA PHE B 141 48.97 -4.31 4.26
C PHE B 141 50.40 -4.84 4.33
N ILE B 142 50.56 -6.07 4.82
CA ILE B 142 51.89 -6.67 4.89
C ILE B 142 52.48 -6.83 3.50
N SER B 143 51.71 -7.40 2.56
CA SER B 143 52.22 -7.63 1.22
C SER B 143 52.56 -6.32 0.53
N SER B 144 51.79 -5.26 0.79
CA SER B 144 52.13 -3.95 0.26
C SER B 144 53.46 -3.46 0.82
N GLN B 145 53.69 -3.68 2.13
CA GLN B 145 54.91 -3.17 2.73
C GLN B 145 56.14 -4.00 2.37
N THR B 146 55.96 -5.25 1.95
CA THR B 146 57.10 -6.09 1.62
C THR B 146 57.23 -6.38 0.13
N HIS B 147 56.16 -6.21 -0.65
CA HIS B 147 56.12 -6.41 -2.10
C HIS B 147 56.37 -7.86 -2.51
N VAL B 148 56.49 -8.79 -1.57
CA VAL B 148 56.56 -10.21 -1.91
C VAL B 148 55.11 -10.66 -2.11
N PRO B 149 54.84 -11.56 -3.06
CA PRO B 149 53.45 -11.95 -3.31
C PRO B 149 52.83 -12.75 -2.18
N ILE B 150 51.51 -12.89 -2.21
CA ILE B 150 50.77 -13.72 -1.28
C ILE B 150 49.71 -14.47 -2.07
N LEU B 151 49.14 -15.51 -1.45
CA LEU B 151 48.03 -16.23 -2.05
C LEU B 151 47.30 -17.00 -0.95
N SER B 152 46.02 -16.71 -0.77
CA SER B 152 45.23 -17.28 0.31
C SER B 152 44.20 -18.24 -0.28
N ILE B 153 44.54 -19.52 -0.33
CA ILE B 153 43.62 -20.58 -0.72
C ILE B 153 42.99 -21.17 0.54
N SER B 154 41.89 -20.57 0.99
CA SER B 154 41.33 -20.92 2.29
C SER B 154 39.88 -20.48 2.35
N GLY B 155 39.30 -20.50 3.54
CA GLY B 155 37.91 -20.14 3.73
C GLY B 155 37.70 -18.73 4.28
N GLY B 156 38.48 -18.36 5.29
CA GLY B 156 38.28 -17.10 5.98
C GLY B 156 38.72 -15.89 5.19
N SER B 157 39.98 -15.88 4.75
CA SER B 157 40.54 -14.72 4.07
C SER B 157 40.22 -14.69 2.58
N ALA B 158 39.52 -15.70 2.06
CA ALA B 158 39.16 -15.73 0.64
C ALA B 158 37.80 -15.07 0.38
N VAL B 159 37.63 -13.85 0.87
CA VAL B 159 36.46 -13.03 0.58
C VAL B 159 36.95 -11.71 0.01
N VAL B 160 36.42 -11.35 -1.17
CA VAL B 160 37.03 -10.31 -1.99
C VAL B 160 36.90 -8.94 -1.35
N LEU B 161 37.97 -8.15 -1.46
CA LEU B 161 37.96 -6.73 -1.13
C LEU B 161 38.08 -5.95 -2.43
N THR B 162 37.19 -4.98 -2.63
CA THR B 162 37.20 -4.25 -3.90
C THR B 162 38.40 -3.32 -3.98
N PRO B 163 38.58 -2.34 -3.06
CA PRO B 163 39.76 -1.49 -3.15
C PRO B 163 40.94 -2.05 -2.36
N LYS B 164 42.09 -2.20 -3.02
CA LYS B 164 43.29 -2.71 -2.37
C LYS B 164 44.36 -1.62 -2.33
N GLU B 165 45.47 -1.94 -1.67
CA GLU B 165 46.53 -0.94 -1.69
C GLU B 165 47.28 -0.99 -3.01
N PRO B 166 47.73 0.16 -3.51
CA PRO B 166 48.17 0.23 -4.92
C PRO B 166 49.30 -0.71 -5.29
N GLY B 167 50.28 -0.93 -4.41
CA GLY B 167 51.47 -1.69 -4.75
C GLY B 167 51.48 -3.14 -4.33
N SER B 168 50.36 -3.68 -3.83
CA SER B 168 50.36 -5.02 -3.29
C SER B 168 50.22 -6.06 -4.40
N ALA B 169 50.23 -7.33 -4.00
CA ALA B 169 49.99 -8.46 -4.90
C ALA B 169 49.36 -9.56 -4.04
N PHE B 170 48.03 -9.62 -4.06
CA PHE B 170 47.29 -10.47 -3.14
C PHE B 170 46.86 -11.79 -3.78
N LEU B 171 46.18 -11.74 -4.91
CA LEU B 171 45.74 -12.94 -5.63
C LEU B 171 44.80 -13.78 -4.78
N GLN B 172 43.69 -13.16 -4.37
CA GLN B 172 42.66 -13.91 -3.66
C GLN B 172 41.97 -14.89 -4.61
N LEU B 173 41.60 -16.05 -4.08
CA LEU B 173 40.85 -17.04 -4.86
C LEU B 173 39.43 -17.04 -4.34
N GLY B 174 38.57 -16.31 -5.05
CA GLY B 174 37.16 -16.21 -4.69
C GLY B 174 36.50 -15.26 -5.66
N VAL B 175 35.17 -15.30 -5.66
CA VAL B 175 34.37 -14.51 -6.57
C VAL B 175 33.70 -13.38 -5.78
N SER B 176 33.20 -12.40 -6.52
CA SER B 176 32.55 -11.22 -5.97
C SER B 176 31.05 -11.42 -5.96
N LEU B 177 30.33 -10.34 -5.60
CA LEU B 177 28.88 -10.42 -5.55
C LEU B 177 28.27 -10.37 -6.95
N GLU B 178 28.96 -9.73 -7.90
CA GLU B 178 28.40 -9.59 -9.24
C GLU B 178 28.23 -10.94 -9.93
N GLN B 179 29.28 -11.77 -9.90
CA GLN B 179 29.23 -13.07 -10.56
C GLN B 179 28.22 -14.00 -9.88
N GLN B 180 28.22 -14.01 -8.56
CA GLN B 180 27.26 -14.84 -7.82
C GLN B 180 25.83 -14.41 -8.12
N LEU B 181 25.59 -13.09 -8.18
CA LEU B 181 24.26 -12.59 -8.49
C LEU B 181 23.85 -12.94 -9.91
N GLN B 182 24.78 -12.88 -10.86
CA GLN B 182 24.45 -13.27 -12.22
C GLN B 182 24.06 -14.74 -12.31
N VAL B 183 24.80 -15.61 -11.62
CA VAL B 183 24.43 -17.02 -11.60
C VAL B 183 23.08 -17.23 -10.91
N LEU B 184 22.84 -16.52 -9.80
CA LEU B 184 21.58 -16.65 -9.09
C LEU B 184 20.41 -16.21 -9.98
N PHE B 185 20.60 -15.15 -10.76
CA PHE B 185 19.52 -14.72 -11.65
C PHE B 185 19.36 -15.67 -12.83
N LYS B 186 20.46 -16.32 -13.26
CA LYS B 186 20.34 -17.34 -14.30
C LYS B 186 19.48 -18.50 -13.81
N VAL B 187 19.72 -18.97 -12.60
CA VAL B 187 18.90 -20.08 -12.08
C VAL B 187 17.49 -19.61 -11.77
N LEU B 188 17.34 -18.34 -11.35
CA LEU B 188 16.01 -17.80 -11.09
C LEU B 188 15.17 -17.73 -12.35
N GLU B 189 15.76 -17.34 -13.47
CA GLU B 189 15.04 -17.22 -14.73
C GLU B 189 14.74 -18.58 -15.37
N GLU B 190 15.45 -19.63 -14.98
CA GLU B 190 15.21 -20.95 -15.56
C GLU B 190 13.81 -21.46 -15.25
N TYR B 191 13.33 -21.24 -14.02
CA TYR B 191 12.07 -21.81 -13.54
C TYR B 191 10.92 -20.81 -13.56
N ASP B 192 10.94 -19.83 -14.48
CA ASP B 192 9.81 -18.96 -14.77
C ASP B 192 9.68 -17.94 -13.64
N TRP B 193 10.40 -18.14 -12.54
CA TRP B 193 10.29 -17.26 -11.38
C TRP B 193 10.59 -15.82 -11.78
N SER B 194 9.58 -14.95 -11.61
CA SER B 194 9.71 -13.57 -12.07
C SER B 194 9.29 -12.55 -11.02
N ALA B 195 8.95 -12.98 -9.80
CA ALA B 195 8.64 -12.06 -8.71
C ALA B 195 9.41 -12.50 -7.48
N PHE B 196 9.94 -11.52 -6.74
CA PHE B 196 10.71 -11.83 -5.55
C PHE B 196 10.78 -10.60 -4.67
N ALA B 197 11.13 -10.84 -3.40
CA ALA B 197 11.38 -9.79 -2.43
C ALA B 197 12.83 -9.87 -1.99
N VAL B 198 13.35 -8.74 -1.50
CA VAL B 198 14.74 -8.64 -1.06
C VAL B 198 14.75 -8.24 0.40
N ILE B 199 15.51 -8.97 1.22
CA ILE B 199 15.68 -8.65 2.63
C ILE B 199 17.17 -8.65 2.94
N THR B 200 17.69 -7.52 3.44
CA THR B 200 19.11 -7.38 3.69
C THR B 200 19.32 -6.86 5.11
N SER B 201 20.25 -7.48 5.82
CA SER B 201 20.64 -6.98 7.12
C SER B 201 21.53 -5.75 6.97
N LEU B 202 21.73 -5.04 8.09
CA LEU B 202 22.54 -3.82 8.08
C LEU B 202 24.03 -4.10 8.13
N HIS B 203 24.45 -5.33 7.79
CA HIS B 203 25.84 -5.71 7.63
C HIS B 203 26.47 -4.76 6.61
N PRO B 204 27.68 -4.24 6.88
CA PRO B 204 28.25 -3.25 5.97
C PRO B 204 28.66 -3.86 4.65
N GLY B 205 28.87 -2.99 3.65
CA GLY B 205 29.04 -3.46 2.29
C GLY B 205 27.78 -4.07 1.72
N HIS B 206 26.61 -3.52 2.09
CA HIS B 206 25.34 -3.99 1.57
C HIS B 206 24.80 -3.11 0.45
N ALA B 207 25.19 -1.82 0.42
CA ALA B 207 24.77 -0.97 -0.69
C ALA B 207 25.31 -1.48 -2.02
N LEU B 208 26.53 -2.04 -2.00
CA LEU B 208 27.08 -2.68 -3.19
C LEU B 208 26.15 -3.78 -3.69
N PHE B 209 25.67 -4.63 -2.78
CA PHE B 209 24.75 -5.70 -3.14
C PHE B 209 23.40 -5.13 -3.57
N LEU B 210 22.88 -4.15 -2.82
CA LEU B 210 21.61 -3.53 -3.15
C LEU B 210 21.59 -2.93 -4.55
N GLU B 211 22.73 -2.45 -5.02
CA GLU B 211 22.80 -1.88 -6.37
C GLU B 211 23.21 -2.89 -7.43
N GLY B 212 24.01 -3.90 -7.08
CA GLY B 212 24.32 -4.95 -8.02
C GLY B 212 23.10 -5.76 -8.41
N VAL B 213 22.21 -5.99 -7.44
CA VAL B 213 20.96 -6.69 -7.74
C VAL B 213 20.19 -5.95 -8.84
N ARG B 214 20.02 -4.63 -8.66
CA ARG B 214 19.24 -3.85 -9.61
C ARG B 214 19.96 -3.74 -10.96
N ALA B 215 21.28 -3.61 -10.95
CA ALA B 215 22.02 -3.54 -12.20
C ALA B 215 21.86 -4.83 -13.00
N VAL B 216 22.07 -5.97 -12.35
CA VAL B 216 21.96 -7.25 -13.05
C VAL B 216 20.52 -7.49 -13.51
N ALA B 217 19.54 -7.12 -12.68
CA ALA B 217 18.14 -7.25 -13.09
C ALA B 217 17.84 -6.40 -14.30
N ASP B 218 18.44 -5.22 -14.40
CA ASP B 218 18.30 -4.40 -15.59
C ASP B 218 18.94 -5.08 -16.80
N ALA B 219 20.10 -5.71 -16.59
CA ALA B 219 20.86 -6.27 -17.71
C ALA B 219 20.06 -7.30 -18.49
N SER B 220 19.28 -8.12 -17.81
CA SER B 220 18.56 -9.19 -18.48
C SER B 220 17.36 -8.64 -19.26
N HIS B 221 16.79 -9.51 -20.10
CA HIS B 221 15.68 -9.12 -20.97
C HIS B 221 14.32 -9.30 -20.29
N VAL B 222 14.19 -10.30 -19.41
CA VAL B 222 12.91 -10.60 -18.79
C VAL B 222 12.45 -9.39 -17.95
N SER B 223 11.12 -9.29 -17.78
CA SER B 223 10.53 -8.12 -17.13
C SER B 223 11.12 -7.87 -15.75
N TRP B 224 11.23 -8.92 -14.93
CA TRP B 224 11.79 -8.84 -13.58
C TRP B 224 11.02 -7.82 -12.73
N ARG B 225 9.75 -8.17 -12.47
CA ARG B 225 8.86 -7.31 -11.67
C ARG B 225 9.04 -7.66 -10.19
N LEU B 226 9.61 -6.74 -9.40
CA LEU B 226 10.01 -6.97 -8.02
C LEU B 226 9.00 -6.34 -7.07
N LEU B 227 8.80 -6.97 -5.92
CA LEU B 227 7.74 -6.56 -5.02
C LEU B 227 8.22 -5.52 -4.01
N ASP B 228 9.23 -5.87 -3.19
CA ASP B 228 9.69 -4.93 -2.18
C ASP B 228 11.10 -5.27 -1.73
N VAL B 229 11.78 -4.26 -1.21
CA VAL B 229 13.11 -4.39 -0.62
C VAL B 229 13.06 -3.86 0.81
N VAL B 230 13.66 -4.61 1.73
CA VAL B 230 13.57 -4.33 3.15
C VAL B 230 14.96 -4.41 3.76
N THR B 231 15.28 -3.43 4.60
CA THR B 231 16.56 -3.37 5.32
C THR B 231 16.29 -3.58 6.80
N LEU B 232 16.71 -4.72 7.32
CA LEU B 232 16.50 -5.07 8.72
C LEU B 232 17.72 -4.69 9.55
N GLU B 233 17.57 -4.80 10.87
CA GLU B 233 18.66 -4.58 11.83
C GLU B 233 18.51 -5.65 12.90
N LEU B 234 19.19 -6.78 12.69
CA LEU B 234 19.02 -7.96 13.53
C LEU B 234 20.39 -8.38 14.05
N GLY B 235 20.48 -8.56 15.38
CA GLY B 235 21.70 -8.95 16.03
C GLY B 235 21.40 -9.72 17.31
N PRO B 236 22.08 -9.36 18.39
CA PRO B 236 21.70 -9.88 19.71
C PRO B 236 20.24 -9.56 20.02
N GLY B 237 19.62 -10.42 20.83
CA GLY B 237 18.19 -10.42 20.96
C GLY B 237 17.56 -9.33 21.80
N GLY B 238 18.19 -8.15 21.82
CA GLY B 238 17.60 -7.00 22.47
C GLY B 238 16.68 -6.22 21.55
N PRO B 239 17.23 -5.68 20.45
CA PRO B 239 16.41 -5.00 19.43
C PRO B 239 15.88 -5.94 18.33
N ARG B 240 14.84 -6.69 18.65
CA ARG B 240 14.29 -7.70 17.74
C ARG B 240 12.77 -7.61 17.71
N ALA B 241 12.24 -6.39 17.57
CA ALA B 241 10.78 -6.20 17.49
C ALA B 241 10.34 -5.53 16.20
N ARG B 242 11.04 -4.46 15.77
CA ARG B 242 10.66 -3.76 14.55
C ARG B 242 10.81 -4.66 13.33
N THR B 243 11.92 -5.40 13.28
CA THR B 243 12.14 -6.35 12.19
C THR B 243 11.02 -7.37 12.12
N GLN B 244 10.43 -7.73 13.26
CA GLN B 244 9.32 -8.68 13.26
C GLN B 244 8.11 -8.10 12.50
N ARG B 245 7.76 -6.84 12.78
CA ARG B 245 6.65 -6.24 12.06
C ARG B 245 6.97 -6.08 10.58
N LEU B 246 8.20 -5.65 10.27
CA LEU B 246 8.57 -5.47 8.86
C LEU B 246 8.52 -6.78 8.10
N LEU B 247 8.97 -7.88 8.72
CA LEU B 247 8.91 -9.19 8.11
C LEU B 247 7.50 -9.76 8.08
N ARG B 248 6.61 -9.27 8.95
CA ARG B 248 5.26 -9.80 9.02
C ARG B 248 4.45 -9.46 7.78
N GLN B 249 4.62 -8.25 7.23
CA GLN B 249 3.70 -7.70 6.26
C GLN B 249 4.24 -7.73 4.82
N LEU B 250 5.26 -8.55 4.55
CA LEU B 250 5.76 -8.72 3.20
C LEU B 250 5.52 -10.16 2.74
N ASP B 251 5.01 -10.29 1.51
CA ASP B 251 4.69 -11.59 0.92
C ASP B 251 5.25 -11.67 -0.49
N ALA B 252 5.75 -12.85 -0.85
CA ALA B 252 6.35 -13.09 -2.16
C ALA B 252 6.60 -14.58 -2.35
N PRO B 253 6.72 -15.07 -3.59
CA PRO B 253 7.02 -16.48 -3.80
C PRO B 253 8.51 -16.80 -3.64
N VAL B 254 9.36 -15.81 -3.90
CA VAL B 254 10.81 -16.00 -3.90
C VAL B 254 11.44 -14.90 -3.05
N PHE B 255 12.45 -15.27 -2.26
CA PHE B 255 13.18 -14.31 -1.44
C PHE B 255 14.66 -14.36 -1.77
N VAL B 256 15.29 -13.20 -1.84
CA VAL B 256 16.74 -13.08 -1.97
C VAL B 256 17.23 -12.25 -0.81
N ALA B 257 18.03 -12.86 0.07
CA ALA B 257 18.42 -12.26 1.33
C ALA B 257 19.93 -12.08 1.39
N TYR B 258 20.36 -11.11 2.18
CA TYR B 258 21.79 -10.82 2.37
C TYR B 258 22.08 -10.62 3.85
N CYS B 259 22.80 -11.56 4.44
CA CYS B 259 23.21 -11.48 5.84
C CYS B 259 24.39 -12.42 6.05
N SER B 260 25.03 -12.28 7.20
CA SER B 260 26.16 -13.12 7.56
C SER B 260 25.70 -14.39 8.27
N ARG B 261 26.63 -15.32 8.48
CA ARG B 261 26.29 -16.58 9.12
C ARG B 261 25.85 -16.39 10.56
N GLU B 262 26.43 -15.41 11.26
CA GLU B 262 26.01 -15.10 12.63
C GLU B 262 24.68 -14.38 12.68
N GLU B 263 24.01 -14.20 11.55
CA GLU B 263 22.73 -13.50 11.49
C GLU B 263 21.62 -14.28 10.79
N ALA B 264 21.96 -15.29 9.97
CA ALA B 264 20.93 -16.15 9.40
C ALA B 264 20.19 -16.92 10.49
N GLU B 265 20.89 -17.27 11.57
CA GLU B 265 20.27 -17.96 12.69
C GLU B 265 19.22 -17.12 13.40
N VAL B 266 19.22 -15.80 13.17
CA VAL B 266 18.18 -14.93 13.72
C VAL B 266 17.12 -14.70 12.66
N LEU B 267 17.56 -14.46 11.42
CA LEU B 267 16.62 -14.17 10.35
C LEU B 267 15.66 -15.33 10.11
N PHE B 268 16.20 -16.54 9.93
CA PHE B 268 15.35 -17.70 9.67
C PHE B 268 14.53 -18.09 10.90
N ALA B 269 15.09 -17.89 12.10
CA ALA B 269 14.34 -18.19 13.31
C ALA B 269 13.11 -17.30 13.42
N GLU B 270 13.27 -16.01 13.11
CA GLU B 270 12.10 -15.13 13.13
C GLU B 270 11.18 -15.37 11.95
N ALA B 271 11.73 -15.86 10.83
CA ALA B 271 10.90 -16.14 9.66
C ALA B 271 10.00 -17.34 9.89
N ALA B 272 10.50 -18.36 10.61
CA ALA B 272 9.71 -19.53 10.90
C ALA B 272 8.52 -19.25 11.81
N GLN B 273 8.50 -18.08 12.45
CA GLN B 273 7.39 -17.68 13.32
C GLN B 273 6.29 -16.96 12.56
N ALA B 274 6.59 -16.40 11.39
CA ALA B 274 5.63 -15.60 10.63
C ALA B 274 5.25 -16.30 9.34
N GLY B 275 5.34 -17.63 9.33
CA GLY B 275 4.92 -18.42 8.18
C GLY B 275 5.63 -18.07 6.89
N LEU B 276 6.94 -18.36 6.82
CA LEU B 276 7.70 -18.06 5.61
C LEU B 276 8.69 -19.17 5.26
N VAL B 277 8.50 -20.38 5.79
CA VAL B 277 9.41 -21.49 5.54
C VAL B 277 8.71 -22.68 4.91
N GLY B 278 7.40 -22.64 4.73
CA GLY B 278 6.67 -23.74 4.14
C GLY B 278 7.09 -23.99 2.71
N PRO B 279 6.72 -25.15 2.16
CA PRO B 279 7.13 -25.50 0.80
C PRO B 279 6.61 -24.53 -0.26
N GLY B 280 5.68 -23.64 0.08
CA GLY B 280 5.22 -22.66 -0.89
C GLY B 280 6.30 -21.68 -1.28
N HIS B 281 7.16 -21.30 -0.35
CA HIS B 281 8.21 -20.31 -0.58
C HIS B 281 9.56 -20.97 -0.79
N VAL B 282 10.49 -20.21 -1.38
CA VAL B 282 11.82 -20.71 -1.71
C VAL B 282 12.81 -19.57 -1.52
N TRP B 283 14.01 -19.91 -1.07
CA TRP B 283 15.01 -18.93 -0.67
C TRP B 283 16.28 -19.07 -1.49
N LEU B 284 17.00 -17.95 -1.63
CA LEU B 284 18.29 -17.93 -2.32
C LEU B 284 19.19 -16.96 -1.58
N VAL B 285 20.38 -17.42 -1.19
CA VAL B 285 21.34 -16.58 -0.50
C VAL B 285 22.72 -16.75 -1.11
N PRO B 286 23.55 -15.71 -1.16
CA PRO B 286 24.92 -15.86 -1.69
C PRO B 286 25.82 -16.68 -0.79
N ASN B 287 27.09 -16.81 -1.16
CA ASN B 287 28.03 -17.67 -0.46
C ASN B 287 28.62 -17.04 0.80
N LEU B 288 28.28 -15.78 1.11
CA LEU B 288 28.80 -15.16 2.32
C LEU B 288 28.33 -15.89 3.57
N ALA B 289 27.07 -16.32 3.57
CA ALA B 289 26.54 -17.10 4.68
C ALA B 289 27.00 -18.55 4.54
N LEU B 290 26.40 -19.46 5.32
CA LEU B 290 26.68 -20.89 5.31
C LEU B 290 28.17 -21.22 5.37
N GLY B 291 28.94 -20.38 6.06
CA GLY B 291 30.39 -20.50 6.07
C GLY B 291 30.93 -21.87 6.40
N SER B 292 30.27 -22.59 7.30
CA SER B 292 30.68 -23.94 7.66
C SER B 292 29.88 -24.95 6.81
N THR B 293 30.37 -25.14 5.59
CA THR B 293 29.70 -26.03 4.65
C THR B 293 29.73 -27.48 5.10
N ASP B 294 30.67 -27.84 5.99
CA ASP B 294 30.80 -29.23 6.42
C ASP B 294 29.59 -29.67 7.23
N ALA B 295 29.21 -28.88 8.23
CA ALA B 295 28.09 -29.24 9.11
C ALA B 295 27.09 -28.09 9.15
N PRO B 296 26.06 -28.13 8.31
CA PRO B 296 25.03 -27.07 8.33
C PRO B 296 24.28 -27.08 9.65
N PRO B 297 23.80 -25.92 10.09
CA PRO B 297 23.15 -25.83 11.39
C PRO B 297 21.65 -26.10 11.30
N ALA B 298 21.00 -26.05 12.46
CA ALA B 298 19.56 -26.18 12.54
C ALA B 298 18.88 -24.87 12.14
N THR B 299 17.55 -24.89 12.16
CA THR B 299 16.63 -23.76 11.94
C THR B 299 16.76 -23.20 10.52
N PHE B 300 17.68 -23.74 9.73
CA PHE B 300 17.74 -23.39 8.32
C PHE B 300 16.59 -24.04 7.57
N PRO B 301 16.05 -23.37 6.55
CA PRO B 301 15.00 -24.00 5.75
C PRO B 301 15.54 -25.17 4.95
N VAL B 302 14.65 -26.13 4.67
CA VAL B 302 15.00 -27.29 3.87
C VAL B 302 14.88 -26.90 2.40
N GLY B 303 16.01 -26.90 1.69
CA GLY B 303 15.99 -26.56 0.28
C GLY B 303 16.14 -25.09 -0.04
N LEU B 304 17.22 -24.48 0.43
CA LEU B 304 17.58 -23.13 0.04
C LEU B 304 18.79 -23.18 -0.89
N ILE B 305 18.79 -22.33 -1.90
CA ILE B 305 19.70 -22.41 -3.02
C ILE B 305 20.82 -21.40 -2.82
N SER B 306 22.07 -21.86 -2.97
CA SER B 306 23.23 -20.98 -2.92
C SER B 306 24.20 -21.38 -4.03
N VAL B 307 25.21 -20.54 -4.27
CA VAL B 307 26.21 -20.78 -5.30
C VAL B 307 27.58 -20.79 -4.64
N VAL B 308 28.41 -21.77 -5.01
CA VAL B 308 29.75 -21.91 -4.48
C VAL B 308 30.71 -22.14 -5.63
N THR B 309 31.88 -21.51 -5.56
CA THR B 309 32.93 -21.75 -6.55
C THR B 309 33.29 -23.23 -6.59
N GLU B 310 34.00 -23.60 -7.66
CA GLU B 310 34.46 -24.98 -7.77
C GLU B 310 35.41 -25.32 -6.64
N SER B 311 35.62 -26.62 -6.43
CA SER B 311 36.49 -27.13 -5.38
C SER B 311 35.96 -26.75 -4.00
N TRP B 312 34.66 -26.96 -3.79
CA TRP B 312 34.07 -26.86 -2.46
C TRP B 312 34.15 -28.17 -1.69
N ARG B 313 34.40 -29.28 -2.38
CA ARG B 313 34.57 -30.58 -1.77
C ARG B 313 36.03 -31.00 -1.66
N LEU B 314 36.95 -30.18 -2.13
CA LEU B 314 38.36 -30.55 -2.14
C LEU B 314 38.93 -30.62 -0.73
N SER B 315 40.02 -31.37 -0.60
CA SER B 315 40.70 -31.54 0.67
C SER B 315 41.73 -30.45 0.86
N LEU B 316 42.08 -30.20 2.14
CA LEU B 316 43.07 -29.17 2.45
C LEU B 316 44.40 -29.45 1.78
N ARG B 317 44.81 -30.72 1.75
CA ARG B 317 46.02 -31.10 1.04
C ARG B 317 45.92 -30.77 -0.45
N GLN B 318 44.75 -31.04 -1.04
CA GLN B 318 44.54 -30.66 -2.44
C GLN B 318 44.62 -29.15 -2.62
N LYS B 319 44.13 -28.38 -1.65
CA LYS B 319 44.16 -26.92 -1.77
C LYS B 319 45.59 -26.39 -1.74
N VAL B 320 46.39 -26.87 -0.78
CA VAL B 320 47.78 -26.41 -0.73
C VAL B 320 48.55 -26.89 -1.96
N ARG B 321 48.21 -28.09 -2.45
CA ARG B 321 48.80 -28.55 -3.70
C ARG B 321 48.48 -27.61 -4.85
N ASP B 322 47.22 -27.17 -4.93
CA ASP B 322 46.83 -26.25 -6.00
C ASP B 322 47.56 -24.92 -5.87
N GLY B 323 47.71 -24.41 -4.65
CA GLY B 323 48.43 -23.16 -4.45
C GLY B 323 49.89 -23.22 -4.84
N VAL B 324 50.60 -24.25 -4.35
CA VAL B 324 51.99 -24.41 -4.73
C VAL B 324 52.11 -24.66 -6.22
N ALA B 325 51.12 -25.35 -6.82
CA ALA B 325 51.15 -25.61 -8.25
C ALA B 325 51.02 -24.33 -9.05
N ILE B 326 50.10 -23.44 -8.67
CA ILE B 326 49.93 -22.21 -9.45
C ILE B 326 51.17 -21.33 -9.30
N LEU B 327 51.74 -21.25 -8.09
CA LEU B 327 52.95 -20.45 -7.91
C LEU B 327 54.11 -21.00 -8.74
N ALA B 328 54.34 -22.31 -8.66
CA ALA B 328 55.44 -22.91 -9.41
C ALA B 328 55.20 -22.83 -10.91
N LEU B 329 53.94 -22.92 -11.33
CA LEU B 329 53.63 -22.79 -12.75
C LEU B 329 53.97 -21.40 -13.26
N GLY B 330 53.64 -20.36 -12.49
CA GLY B 330 54.06 -19.03 -12.88
C GLY B 330 55.56 -18.87 -12.93
N ALA B 331 56.26 -19.39 -11.91
CA ALA B 331 57.71 -19.28 -11.86
C ALA B 331 58.36 -19.95 -13.08
N HIS B 332 57.98 -21.20 -13.35
CA HIS B 332 58.51 -21.92 -14.51
C HIS B 332 58.04 -21.32 -15.83
N SER B 333 56.88 -20.65 -15.85
CA SER B 333 56.44 -19.96 -17.05
C SER B 333 57.36 -18.80 -17.39
N TYR B 334 57.85 -18.10 -16.35
CA TYR B 334 58.87 -17.10 -16.62
C TYR B 334 60.20 -17.77 -16.98
N TRP B 335 60.52 -18.89 -16.33
CA TRP B 335 61.80 -19.55 -16.58
C TRP B 335 61.94 -19.93 -18.06
N ARG B 336 60.84 -20.33 -18.70
CA ARG B 336 60.89 -20.67 -20.12
C ARG B 336 61.33 -19.50 -20.97
N GLN B 337 61.24 -18.31 -20.36
CA GLN B 337 61.65 -17.02 -20.98
C GLN B 337 63.13 -16.78 -20.70
N HIS B 338 63.68 -17.58 -19.81
CA HIS B 338 65.11 -17.55 -19.47
C HIS B 338 65.56 -16.16 -19.03
N GLY B 339 64.73 -15.49 -18.22
CA GLY B 339 65.13 -14.20 -17.71
C GLY B 339 65.79 -14.27 -16.34
N THR B 340 65.09 -14.83 -15.36
CA THR B 340 65.59 -14.88 -13.98
C THR B 340 64.65 -15.64 -13.06
N LEU B 341 65.03 -15.73 -11.78
CA LEU B 341 64.15 -16.17 -10.71
C LEU B 341 64.20 -15.09 -9.64
N PRO B 342 63.41 -14.02 -9.77
CA PRO B 342 63.63 -12.82 -8.95
C PRO B 342 63.57 -13.10 -7.46
N ALA B 343 64.49 -12.49 -6.72
CA ALA B 343 64.55 -12.64 -5.27
C ALA B 343 63.57 -11.68 -4.60
N PRO B 344 63.06 -12.04 -3.43
CA PRO B 344 62.12 -11.16 -2.71
C PRO B 344 62.79 -9.93 -2.14
N ALA B 345 62.02 -9.12 -1.41
CA ALA B 345 62.58 -7.96 -0.73
C ALA B 345 63.39 -8.41 0.50
N GLY B 346 64.09 -7.44 1.09
CA GLY B 346 65.02 -7.74 2.16
C GLY B 346 64.41 -8.20 3.47
N ASP B 347 63.73 -7.30 4.17
CA ASP B 347 63.20 -7.61 5.50
C ASP B 347 62.18 -6.53 5.86
N CYS B 348 61.75 -6.53 7.12
CA CYS B 348 60.74 -5.59 7.61
C CYS B 348 61.34 -4.38 8.28
N ARG B 349 62.56 -4.49 8.81
CA ARG B 349 63.14 -3.42 9.63
C ARG B 349 63.65 -2.24 8.83
N VAL B 350 63.75 -2.35 7.50
CA VAL B 350 64.30 -1.27 6.70
C VAL B 350 63.21 -0.39 6.07
N HIS B 351 61.96 -0.86 6.04
CA HIS B 351 60.90 -0.26 5.25
C HIS B 351 61.35 -0.02 3.82
N PRO B 352 61.83 -1.05 3.11
CA PRO B 352 62.39 -0.84 1.77
C PRO B 352 61.35 -0.95 0.67
N GLY B 353 61.81 -0.89 -0.58
CA GLY B 353 60.94 -1.04 -1.72
C GLY B 353 60.19 0.24 -2.07
N PRO B 354 60.91 1.28 -2.47
CA PRO B 354 60.25 2.56 -2.75
C PRO B 354 59.49 2.57 -4.06
N VAL B 355 60.03 1.91 -5.09
CA VAL B 355 59.45 1.91 -6.42
C VAL B 355 59.36 0.48 -6.93
N SER B 356 58.68 0.32 -8.07
CA SER B 356 58.51 -0.99 -8.67
C SER B 356 59.54 -1.21 -9.76
N PRO B 357 60.52 -2.09 -9.54
CA PRO B 357 61.53 -2.38 -10.57
C PRO B 357 60.97 -3.25 -11.69
N ALA B 358 61.85 -3.74 -12.56
CA ALA B 358 61.47 -4.66 -13.64
C ALA B 358 60.88 -5.95 -13.08
N ARG B 359 60.80 -6.07 -11.75
CA ARG B 359 60.10 -7.18 -11.12
C ARG B 359 58.62 -7.20 -11.46
N GLU B 360 58.06 -6.08 -11.93
CA GLU B 360 56.64 -5.97 -12.20
C GLU B 360 56.16 -6.99 -13.25
N ALA B 361 57.06 -7.51 -14.07
CA ALA B 361 56.67 -8.57 -15.01
C ALA B 361 56.22 -9.83 -14.27
N PHE B 362 56.97 -10.20 -13.22
CA PHE B 362 56.68 -11.43 -12.47
C PHE B 362 55.21 -11.51 -12.08
N TYR B 363 54.74 -10.50 -11.33
CA TYR B 363 53.34 -10.45 -10.93
C TYR B 363 52.42 -10.60 -12.13
N ARG B 364 52.70 -9.87 -13.21
CA ARG B 364 51.89 -9.99 -14.42
C ARG B 364 51.93 -11.42 -14.95
N HIS B 365 53.12 -12.00 -15.03
CA HIS B 365 53.24 -13.35 -15.55
C HIS B 365 52.59 -14.36 -14.62
N LEU B 366 52.20 -13.94 -13.42
CA LEU B 366 51.52 -14.80 -12.48
C LEU B 366 50.01 -14.83 -12.69
N LEU B 367 49.50 -14.29 -13.80
CA LEU B 367 48.02 -14.20 -13.95
C LEU B 367 47.40 -15.30 -14.83
N ASN B 368 47.68 -15.31 -16.14
CA ASN B 368 47.02 -16.22 -17.13
C ASN B 368 47.25 -17.72 -16.89
N VAL B 369 48.43 -18.12 -16.42
CA VAL B 369 48.85 -19.53 -16.17
C VAL B 369 47.70 -20.44 -15.68
N THR B 370 47.39 -21.49 -16.46
CA THR B 370 46.40 -22.49 -16.11
C THR B 370 47.08 -23.77 -15.59
N TRP B 371 46.25 -24.72 -15.17
CA TRP B 371 46.76 -25.97 -14.63
C TRP B 371 45.69 -27.06 -14.65
N GLU B 372 46.02 -28.21 -15.23
CA GLU B 372 45.14 -29.38 -15.26
C GLU B 372 43.77 -29.05 -15.86
N GLY B 373 43.76 -28.23 -16.90
CA GLY B 373 42.53 -27.88 -17.58
C GLY B 373 41.55 -27.10 -16.72
N ARG B 374 42.05 -26.11 -15.98
CA ARG B 374 41.22 -25.26 -15.14
C ARG B 374 41.64 -23.81 -15.35
N ASP B 375 40.74 -23.00 -15.89
CA ASP B 375 41.05 -21.60 -16.16
C ASP B 375 41.21 -20.85 -14.84
N PHE B 376 42.35 -20.19 -14.67
CA PHE B 376 42.68 -19.48 -13.45
C PHE B 376 42.99 -18.01 -13.73
N SER B 377 42.29 -17.42 -14.72
CA SER B 377 42.52 -16.04 -15.09
C SER B 377 42.19 -15.10 -13.94
N PHE B 378 43.20 -14.43 -13.41
CA PHE B 378 43.02 -13.48 -12.31
C PHE B 378 42.88 -12.07 -12.87
N SER B 379 41.84 -11.37 -12.41
CA SER B 379 41.57 -10.01 -12.87
C SER B 379 42.59 -9.05 -12.25
N PRO B 380 42.71 -7.85 -12.81
CA PRO B 380 43.52 -6.82 -12.14
C PRO B 380 43.01 -6.44 -10.75
N GLY B 381 41.82 -6.89 -10.38
CA GLY B 381 41.26 -6.63 -9.06
C GLY B 381 41.57 -7.67 -8.01
N GLY B 382 42.43 -8.64 -8.30
CA GLY B 382 42.82 -9.60 -7.28
C GLY B 382 41.84 -10.74 -7.05
N TYR B 383 40.88 -10.93 -7.94
CA TYR B 383 39.96 -12.06 -7.87
C TYR B 383 39.85 -12.70 -9.25
N LEU B 384 39.68 -14.01 -9.26
CA LEU B 384 39.70 -14.79 -10.51
C LEU B 384 38.42 -14.55 -11.30
N VAL B 385 38.56 -14.47 -12.62
CA VAL B 385 37.48 -14.12 -13.52
C VAL B 385 37.10 -15.32 -14.38
N GLN B 386 35.80 -15.50 -14.57
CA GLN B 386 35.24 -16.57 -15.38
C GLN B 386 35.69 -17.97 -14.93
N PRO B 387 35.48 -18.33 -13.65
CA PRO B 387 35.73 -19.70 -13.23
C PRO B 387 34.50 -20.58 -13.47
N THR B 388 34.55 -21.82 -13.02
CA THR B 388 33.39 -22.70 -13.00
C THR B 388 32.85 -22.75 -11.58
N MET B 389 31.54 -22.56 -11.43
CA MET B 389 30.89 -22.52 -10.13
C MET B 389 29.63 -23.35 -10.17
N VAL B 390 29.30 -23.94 -9.02
CA VAL B 390 28.20 -24.89 -8.91
C VAL B 390 27.12 -24.31 -8.00
N VAL B 391 25.94 -24.90 -8.11
CA VAL B 391 24.79 -24.53 -7.29
C VAL B 391 24.51 -25.66 -6.32
N ILE B 392 24.27 -25.30 -5.05
CA ILE B 392 24.00 -26.28 -4.00
C ILE B 392 22.72 -25.92 -3.28
N ALA B 393 22.14 -26.93 -2.64
CA ALA B 393 20.90 -26.79 -1.89
C ALA B 393 20.89 -27.84 -0.78
N LEU B 394 19.94 -27.70 0.13
CA LEU B 394 19.84 -28.56 1.30
C LEU B 394 18.69 -29.55 1.08
N ASN B 395 19.03 -30.82 0.87
CA ASN B 395 18.03 -31.85 0.66
C ASN B 395 17.37 -32.22 1.97
N ARG B 396 16.51 -33.25 1.93
CA ARG B 396 15.89 -33.72 3.17
C ARG B 396 16.82 -34.68 3.89
N HIS B 397 18.09 -34.27 4.02
CA HIS B 397 19.07 -34.94 4.86
C HIS B 397 19.96 -33.94 5.57
N ARG B 398 19.79 -32.64 5.32
CA ARG B 398 20.61 -31.58 5.89
C ARG B 398 22.08 -31.79 5.58
N LEU B 399 22.37 -32.08 4.31
CA LEU B 399 23.74 -32.07 3.78
C LEU B 399 23.67 -31.61 2.32
N TRP B 400 24.54 -30.68 1.97
CA TRP B 400 24.46 -30.04 0.66
C TRP B 400 24.75 -31.03 -0.46
N GLU B 401 24.14 -30.77 -1.62
CA GLU B 401 24.33 -31.58 -2.81
C GLU B 401 24.43 -30.69 -4.03
N MET B 402 25.20 -31.15 -5.02
CA MET B 402 25.35 -30.41 -6.26
C MET B 402 24.05 -30.42 -7.05
N VAL B 403 23.81 -29.35 -7.80
CA VAL B 403 22.61 -29.24 -8.61
C VAL B 403 22.98 -29.00 -10.06
N GLY B 404 23.81 -27.99 -10.33
CA GLY B 404 24.15 -27.68 -11.70
C GLY B 404 25.38 -26.81 -11.89
N ARG B 405 26.23 -27.18 -12.84
CA ARG B 405 27.45 -26.44 -13.12
C ARG B 405 27.15 -25.21 -13.98
N TRP B 406 28.19 -24.42 -14.24
CA TRP B 406 28.10 -23.22 -15.05
C TRP B 406 29.29 -23.17 -16.00
N GLU B 407 29.60 -24.30 -16.64
CA GLU B 407 30.74 -24.36 -17.54
C GLU B 407 30.46 -23.59 -18.82
N HIS B 408 31.33 -22.64 -19.14
CA HIS B 408 31.29 -21.87 -20.38
C HIS B 408 29.98 -21.10 -20.56
N GLY B 409 29.31 -20.78 -19.46
CA GLY B 409 28.15 -19.89 -19.51
C GLY B 409 26.84 -20.51 -19.98
N VAL B 410 26.65 -21.81 -19.73
CA VAL B 410 25.38 -22.47 -20.00
C VAL B 410 24.96 -23.22 -18.74
N LEU B 411 23.74 -23.01 -18.29
CA LEU B 411 23.28 -23.63 -17.06
C LEU B 411 22.87 -25.09 -17.30
N TYR B 412 23.43 -25.97 -16.49
CA TYR B 412 22.96 -27.34 -16.38
C TYR B 412 22.15 -27.49 -15.10
N MET B 413 21.14 -28.35 -15.13
CA MET B 413 20.35 -28.58 -13.93
C MET B 413 20.06 -30.06 -13.78
N LYS B 414 20.21 -30.57 -12.56
CA LYS B 414 19.93 -31.97 -12.28
C LYS B 414 18.44 -32.27 -12.23
N TYR B 415 17.61 -31.30 -11.86
CA TYR B 415 16.18 -31.49 -11.77
C TYR B 415 15.47 -30.69 -12.86
N PRO B 416 14.71 -31.34 -13.74
CA PRO B 416 13.89 -30.58 -14.69
C PRO B 416 12.76 -29.81 -14.03
N VAL B 417 12.28 -30.25 -12.88
CA VAL B 417 11.26 -29.54 -12.10
C VAL B 417 11.74 -29.48 -10.65
N TRP B 418 11.58 -28.32 -10.03
CA TRP B 418 12.00 -28.18 -8.64
C TRP B 418 11.16 -29.09 -7.74
N PRO B 419 11.78 -29.82 -6.81
CA PRO B 419 11.02 -30.85 -6.09
C PRO B 419 9.96 -30.31 -5.15
N ARG B 420 10.25 -29.24 -4.42
CA ARG B 420 9.38 -28.76 -3.34
C ARG B 420 9.14 -29.87 -2.31
N TYR B 421 10.23 -30.36 -1.74
CA TYR B 421 10.17 -31.47 -0.80
C TYR B 421 9.70 -30.98 0.57
N SER B 422 9.64 -31.92 1.51
CA SER B 422 9.22 -31.62 2.87
C SER B 422 9.68 -32.71 3.83
N ASP B 430 -2.01 -24.40 6.07
CA ASP B 430 -2.14 -23.62 4.84
C ASP B 430 -0.91 -23.82 3.95
N SER B 431 -1.08 -23.55 2.66
CA SER B 431 0.00 -23.70 1.70
C SER B 431 -0.34 -22.93 0.43
N ARG B 432 0.61 -22.90 -0.49
CA ARG B 432 0.44 -22.28 -1.80
C ARG B 432 1.02 -23.23 -2.84
N HIS B 433 1.22 -22.71 -4.05
CA HIS B 433 1.86 -23.47 -5.12
C HIS B 433 1.09 -24.76 -5.43
N LEU B 434 -0.13 -24.60 -5.95
CA LEU B 434 -0.95 -25.74 -6.33
C LEU B 434 -0.73 -26.11 -7.78
N THR B 435 -0.76 -27.42 -8.07
CA THR B 435 -0.52 -27.91 -9.42
C THR B 435 -1.82 -27.97 -10.23
N VAL B 436 -1.67 -27.84 -11.56
CA VAL B 436 -2.80 -27.75 -12.47
C VAL B 436 -2.59 -28.74 -13.62
N ALA B 437 -3.67 -29.06 -14.32
CA ALA B 437 -3.63 -29.95 -15.47
C ALA B 437 -4.51 -29.39 -16.58
N THR B 438 -4.07 -29.66 -17.81
CA THR B 438 -4.79 -29.23 -19.03
C THR B 438 -4.32 -30.07 -20.20
N LEU B 439 -5.09 -30.11 -21.29
CA LEU B 439 -4.71 -30.83 -22.52
C LEU B 439 -5.16 -30.00 -23.73
N GLU B 440 -4.61 -30.29 -24.91
CA GLU B 440 -4.97 -29.49 -26.10
C GLU B 440 -6.48 -29.60 -26.38
N GLU B 441 -7.09 -28.44 -26.59
CA GLU B 441 -8.48 -28.21 -27.06
C GLU B 441 -8.30 -26.98 -27.95
N ARG B 442 -8.59 -27.03 -29.25
CA ARG B 442 -7.95 -26.02 -30.17
C ARG B 442 -8.10 -24.52 -29.91
N PRO B 443 -9.21 -23.82 -29.68
CA PRO B 443 -9.04 -22.46 -29.18
C PRO B 443 -8.60 -22.28 -27.72
N PHE B 444 -9.10 -23.12 -26.81
CA PHE B 444 -8.87 -22.95 -25.34
C PHE B 444 -7.41 -23.06 -24.86
N VAL B 445 -6.65 -24.06 -25.29
CA VAL B 445 -5.27 -24.23 -24.86
C VAL B 445 -4.48 -24.82 -26.02
N ILE B 446 -3.35 -24.20 -26.35
CA ILE B 446 -2.55 -24.56 -27.51
C ILE B 446 -1.14 -24.88 -27.04
N VAL B 447 -0.64 -26.03 -27.48
CA VAL B 447 0.69 -26.52 -27.13
C VAL B 447 1.56 -26.46 -28.39
N GLU B 448 2.77 -25.91 -28.25
CA GLU B 448 3.65 -25.70 -29.39
C GLU B 448 5.07 -26.02 -28.94
N SER B 449 6.06 -25.63 -29.79
CA SER B 449 7.48 -25.84 -29.62
C SER B 449 8.16 -24.59 -29.06
N PRO B 450 9.26 -24.77 -28.32
CA PRO B 450 9.96 -23.60 -27.76
C PRO B 450 10.74 -22.81 -28.80
N ASP B 451 11.52 -21.83 -28.33
CA ASP B 451 12.26 -20.95 -29.23
C ASP B 451 13.32 -21.73 -30.01
N PRO B 452 13.64 -21.28 -31.23
CA PRO B 452 14.64 -21.99 -32.05
C PRO B 452 16.01 -22.08 -31.41
N GLY B 453 16.42 -21.02 -30.69
CA GLY B 453 17.73 -21.02 -30.07
C GLY B 453 17.72 -20.74 -28.58
N THR B 454 16.70 -20.04 -28.09
CA THR B 454 16.70 -19.62 -26.70
C THR B 454 16.20 -20.72 -25.76
N GLY B 455 14.96 -21.15 -25.95
CA GLY B 455 14.32 -22.09 -25.05
C GLY B 455 13.35 -21.45 -24.07
N GLY B 456 13.57 -20.19 -23.73
CA GLY B 456 12.61 -19.43 -22.96
C GLY B 456 11.53 -18.90 -23.86
N CYS B 457 10.31 -19.42 -23.72
CA CYS B 457 9.28 -19.19 -24.71
C CYS B 457 8.83 -17.73 -24.71
N VAL B 458 7.95 -17.41 -25.67
CA VAL B 458 7.50 -16.06 -25.98
C VAL B 458 6.92 -15.41 -24.72
N PRO B 459 7.07 -14.10 -24.54
CA PRO B 459 6.36 -13.43 -23.45
C PRO B 459 4.85 -13.61 -23.59
N ASN B 460 4.18 -13.69 -22.44
CA ASN B 460 2.76 -14.04 -22.36
C ASN B 460 2.51 -15.44 -22.96
N THR B 461 3.17 -16.41 -22.33
CA THR B 461 3.07 -17.82 -22.68
C THR B 461 3.71 -18.62 -21.55
N VAL B 462 3.03 -19.68 -21.12
CA VAL B 462 3.37 -20.38 -19.89
C VAL B 462 4.09 -21.68 -20.22
N PRO B 463 5.29 -21.91 -19.69
CA PRO B 463 5.93 -23.21 -19.89
C PRO B 463 5.10 -24.34 -19.29
N CYS B 464 5.04 -25.46 -20.02
CA CYS B 464 4.18 -26.58 -19.63
C CYS B 464 4.86 -27.86 -20.11
N ARG B 465 5.62 -28.50 -19.22
CA ARG B 465 6.32 -29.74 -19.54
C ARG B 465 5.38 -30.92 -19.30
N ARG B 466 4.99 -31.59 -20.38
CA ARG B 466 4.05 -32.70 -20.26
C ARG B 466 4.74 -33.90 -19.59
N GLN B 467 3.98 -34.63 -18.80
CA GLN B 467 4.48 -35.87 -18.21
C GLN B 467 4.18 -37.02 -19.16
N SER B 468 5.23 -37.61 -19.74
CA SER B 468 5.10 -38.76 -20.62
C SER B 468 5.67 -40.01 -19.95
N ASN B 469 5.46 -40.12 -18.64
CA ASN B 469 5.93 -41.27 -17.87
C ASN B 469 4.99 -42.46 -18.08
N HIS B 470 4.96 -42.95 -19.33
CA HIS B 470 4.12 -44.09 -19.67
C HIS B 470 4.55 -45.36 -18.96
N THR B 471 5.82 -45.44 -18.54
CA THR B 471 6.30 -46.62 -17.83
C THR B 471 7.38 -46.19 -16.84
N PHE B 472 7.25 -46.66 -15.60
CA PHE B 472 8.26 -46.43 -14.57
C PHE B 472 8.66 -47.73 -13.87
N SER B 473 7.96 -48.83 -14.14
CA SER B 473 8.33 -50.12 -13.56
C SER B 473 9.67 -50.61 -14.10
N SER B 474 9.91 -50.44 -15.40
CA SER B 474 11.17 -50.83 -16.02
C SER B 474 11.65 -49.73 -16.97
N GLY B 475 11.36 -48.48 -16.63
CA GLY B 475 11.79 -47.35 -17.43
C GLY B 475 12.45 -46.28 -16.58
N ASP B 476 13.61 -45.80 -17.01
CA ASP B 476 14.40 -44.89 -16.19
C ASP B 476 13.74 -43.53 -16.06
N VAL B 477 13.61 -42.81 -17.17
CA VAL B 477 12.99 -41.48 -17.16
C VAL B 477 12.62 -41.11 -18.58
N ALA B 478 11.46 -40.49 -18.73
CA ALA B 478 11.01 -39.97 -20.02
C ALA B 478 11.43 -38.51 -20.14
N PRO B 479 12.12 -38.12 -21.23
CA PRO B 479 12.60 -36.74 -21.34
C PRO B 479 11.48 -35.73 -21.45
N TYR B 480 11.28 -34.92 -20.41
CA TYR B 480 10.23 -33.91 -20.40
C TYR B 480 10.69 -32.70 -21.20
N THR B 481 10.35 -32.69 -22.49
CA THR B 481 10.68 -31.57 -23.35
C THR B 481 9.88 -30.35 -22.95
N LYS B 482 10.54 -29.20 -22.92
CA LYS B 482 9.92 -27.95 -22.47
C LYS B 482 9.08 -27.37 -23.60
N LEU B 483 7.77 -27.63 -23.56
CA LEU B 483 6.84 -26.98 -24.46
C LEU B 483 6.25 -25.74 -23.76
N CYS B 484 5.57 -24.89 -24.51
CA CYS B 484 4.93 -23.73 -23.89
C CYS B 484 3.51 -23.60 -24.40
N CYS B 485 2.57 -23.44 -23.47
CA CYS B 485 1.14 -23.36 -23.74
C CYS B 485 0.68 -21.91 -23.76
N LYS B 486 -0.34 -21.66 -24.58
CA LYS B 486 -0.96 -20.34 -24.65
C LYS B 486 -2.41 -20.48 -25.07
N GLY B 487 -3.22 -19.51 -24.72
CA GLY B 487 -4.60 -19.55 -25.18
C GLY B 487 -5.53 -18.79 -24.24
N PHE B 488 -6.75 -19.32 -24.12
CA PHE B 488 -7.84 -18.69 -23.39
C PHE B 488 -7.87 -19.14 -21.92
N CYS B 489 -7.92 -20.45 -21.70
CA CYS B 489 -7.93 -20.96 -20.32
C CYS B 489 -6.65 -20.59 -19.60
N ILE B 490 -5.52 -20.58 -20.30
CA ILE B 490 -4.26 -20.16 -19.69
C ILE B 490 -4.31 -18.68 -19.32
N ASP B 491 -4.98 -17.86 -20.15
CA ASP B 491 -5.15 -16.46 -19.81
C ASP B 491 -5.97 -16.30 -18.54
N ILE B 492 -7.07 -17.06 -18.42
CA ILE B 492 -7.87 -17.05 -17.21
C ILE B 492 -7.03 -17.48 -16.01
N LEU B 493 -6.18 -18.48 -16.21
CA LEU B 493 -5.29 -18.93 -15.14
C LEU B 493 -4.32 -17.83 -14.72
N LYS B 494 -3.79 -17.08 -15.69
CA LYS B 494 -2.91 -15.96 -15.36
C LYS B 494 -3.63 -14.92 -14.52
N LYS B 495 -4.86 -14.58 -14.92
CA LYS B 495 -5.63 -13.60 -14.15
C LYS B 495 -5.90 -14.11 -12.74
N LEU B 496 -6.24 -15.39 -12.61
CA LEU B 496 -6.48 -15.96 -11.29
C LEU B 496 -5.23 -15.94 -10.43
N ALA B 497 -4.08 -16.25 -11.03
CA ALA B 497 -2.82 -16.22 -10.30
C ALA B 497 -2.52 -14.80 -9.81
N ARG B 498 -2.78 -13.81 -10.65
CA ARG B 498 -2.56 -12.42 -10.23
C ARG B 498 -3.51 -12.02 -9.11
N VAL B 499 -4.78 -12.45 -9.18
CA VAL B 499 -5.79 -11.98 -8.24
C VAL B 499 -5.70 -12.71 -6.91
N VAL B 500 -5.89 -14.04 -6.92
CA VAL B 500 -5.95 -14.79 -5.67
C VAL B 500 -4.57 -15.19 -5.15
N LYS B 501 -3.50 -14.80 -5.85
CA LYS B 501 -2.12 -14.86 -5.34
C LYS B 501 -1.70 -16.29 -5.00
N PHE B 502 -1.61 -17.12 -6.05
CA PHE B 502 -1.03 -18.44 -5.87
C PHE B 502 0.05 -18.71 -6.92
N SER B 503 0.59 -19.93 -6.92
CA SER B 503 1.60 -20.35 -7.88
C SER B 503 1.19 -21.68 -8.45
N TYR B 504 1.62 -21.96 -9.69
CA TYR B 504 1.14 -23.11 -10.43
C TYR B 504 2.26 -23.74 -11.25
N ASP B 505 1.95 -24.89 -11.84
CA ASP B 505 2.79 -25.52 -12.85
C ASP B 505 1.96 -26.49 -13.68
N LEU B 506 1.73 -26.15 -14.94
CA LEU B 506 0.93 -27.02 -15.80
C LEU B 506 1.71 -28.28 -16.15
N TYR B 507 0.95 -29.35 -16.41
CA TYR B 507 1.52 -30.58 -16.95
C TYR B 507 0.40 -31.33 -17.65
N LEU B 508 0.57 -31.63 -18.93
CA LEU B 508 -0.46 -32.30 -19.69
C LEU B 508 -0.63 -33.73 -19.19
N VAL B 509 -1.82 -34.29 -19.41
CA VAL B 509 -2.18 -35.61 -18.93
C VAL B 509 -2.19 -36.57 -20.11
N THR B 510 -1.85 -37.83 -19.84
CA THR B 510 -1.67 -38.83 -20.89
C THR B 510 -2.40 -40.13 -20.56
N ASN B 511 -3.57 -40.03 -19.91
CA ASN B 511 -4.45 -41.18 -19.68
C ASN B 511 -5.88 -40.76 -20.00
N GLY B 512 -6.27 -40.88 -21.27
CA GLY B 512 -7.60 -40.49 -21.69
C GLY B 512 -7.72 -39.00 -21.96
N LYS B 513 -8.83 -38.62 -22.58
CA LYS B 513 -9.02 -37.23 -22.99
C LYS B 513 -9.53 -36.38 -21.83
N HIS B 514 -10.76 -36.65 -21.38
CA HIS B 514 -11.35 -35.91 -20.26
C HIS B 514 -11.72 -36.82 -19.11
N GLY B 515 -12.44 -37.90 -19.39
CA GLY B 515 -12.68 -38.91 -18.37
C GLY B 515 -13.96 -39.71 -18.59
N LYS B 516 -13.83 -41.04 -18.52
CA LYS B 516 -14.98 -41.93 -18.58
C LYS B 516 -14.53 -43.24 -17.93
N ARG B 517 -14.96 -43.47 -16.70
CA ARG B 517 -14.41 -44.58 -15.91
C ARG B 517 -14.63 -45.91 -16.61
N VAL B 518 -13.56 -46.70 -16.70
CA VAL B 518 -13.66 -48.05 -17.29
C VAL B 518 -13.89 -49.00 -16.13
N ARG B 519 -15.16 -49.15 -15.76
CA ARG B 519 -15.61 -50.04 -14.70
C ARG B 519 -14.89 -49.75 -13.37
N GLY B 520 -15.11 -48.53 -12.88
CA GLY B 520 -14.74 -48.17 -11.53
C GLY B 520 -13.51 -47.30 -11.38
N VAL B 521 -12.66 -47.19 -12.39
CA VAL B 521 -11.45 -46.38 -12.30
C VAL B 521 -11.54 -45.26 -13.34
N TRP B 522 -11.36 -44.02 -12.90
CA TRP B 522 -11.48 -42.88 -13.79
C TRP B 522 -10.21 -42.69 -14.60
N ASN B 523 -10.24 -41.71 -15.51
CA ASN B 523 -9.12 -41.42 -16.37
C ASN B 523 -9.10 -39.94 -16.69
N GLY B 524 -7.96 -39.46 -17.16
CA GLY B 524 -7.87 -38.08 -17.60
C GLY B 524 -7.87 -37.07 -16.47
N MET B 525 -8.47 -35.93 -16.79
CA MET B 525 -8.46 -34.77 -15.91
C MET B 525 -9.18 -35.07 -14.59
N ILE B 526 -10.41 -35.58 -14.68
CA ILE B 526 -11.16 -35.91 -13.48
C ILE B 526 -10.48 -37.05 -12.71
N GLY B 527 -9.87 -37.98 -13.43
CA GLY B 527 -9.13 -39.04 -12.75
C GLY B 527 -7.97 -38.50 -11.95
N GLU B 528 -7.22 -37.56 -12.53
CA GLU B 528 -6.11 -36.94 -11.80
C GLU B 528 -6.60 -36.20 -10.57
N VAL B 529 -7.70 -35.46 -10.71
CA VAL B 529 -8.20 -34.71 -9.55
C VAL B 529 -8.70 -35.65 -8.46
N TYR B 530 -9.39 -36.73 -8.84
CA TYR B 530 -9.99 -37.60 -7.84
C TYR B 530 -8.93 -38.33 -7.01
N TYR B 531 -7.88 -38.82 -7.65
CA TYR B 531 -6.83 -39.55 -6.95
C TYR B 531 -5.77 -38.63 -6.35
N LYS B 532 -6.08 -37.34 -6.20
CA LYS B 532 -5.27 -36.37 -5.48
C LYS B 532 -3.87 -36.20 -6.06
N ARG B 533 -3.70 -36.45 -7.35
CA ARG B 533 -2.42 -36.18 -8.01
C ARG B 533 -2.32 -34.75 -8.51
N ALA B 534 -3.37 -33.95 -8.38
CA ALA B 534 -3.38 -32.56 -8.81
C ALA B 534 -4.45 -31.81 -8.04
N ASP B 535 -4.12 -30.59 -7.61
CA ASP B 535 -5.05 -29.81 -6.80
C ASP B 535 -6.18 -29.22 -7.63
N MET B 536 -5.87 -28.76 -8.85
CA MET B 536 -6.87 -28.15 -9.73
C MET B 536 -6.80 -28.80 -11.10
N ALA B 537 -7.65 -28.31 -12.00
CA ALA B 537 -7.72 -28.80 -13.36
C ALA B 537 -8.50 -27.81 -14.20
N ILE B 538 -7.88 -27.30 -15.26
CA ILE B 538 -8.50 -26.27 -16.10
C ILE B 538 -8.39 -26.69 -17.56
N GLY B 539 -9.34 -26.23 -18.37
CA GLY B 539 -9.39 -26.57 -19.77
C GLY B 539 -10.79 -26.58 -20.34
N SER B 540 -11.09 -27.57 -21.18
CA SER B 540 -12.43 -27.73 -21.76
C SER B 540 -13.12 -28.86 -21.01
N LEU B 541 -13.76 -28.51 -19.89
CA LEU B 541 -14.35 -29.49 -18.98
C LEU B 541 -15.81 -29.17 -18.78
N THR B 542 -16.68 -30.15 -19.03
CA THR B 542 -18.12 -29.98 -18.98
C THR B 542 -18.68 -30.36 -17.62
N ILE B 543 -19.79 -29.73 -17.25
CA ILE B 543 -20.47 -29.98 -15.97
C ILE B 543 -21.62 -30.96 -16.21
N ASN B 544 -21.69 -31.98 -15.38
CA ASN B 544 -22.75 -32.98 -15.44
C ASN B 544 -23.20 -33.30 -14.03
N GLU B 545 -23.99 -34.36 -13.90
CA GLU B 545 -24.25 -34.97 -12.60
C GLU B 545 -23.50 -36.29 -12.44
N GLU B 546 -22.87 -36.78 -13.49
CA GLU B 546 -22.09 -38.02 -13.41
C GLU B 546 -20.81 -37.81 -12.61
N ARG B 547 -20.08 -36.73 -12.90
CA ARG B 547 -18.80 -36.49 -12.25
C ARG B 547 -18.85 -35.38 -11.21
N SER B 548 -19.92 -34.59 -11.16
CA SER B 548 -19.98 -33.54 -10.14
C SER B 548 -20.25 -34.10 -8.75
N GLU B 549 -20.48 -35.40 -8.64
CA GLU B 549 -20.59 -36.08 -7.37
C GLU B 549 -19.23 -36.49 -6.80
N ILE B 550 -18.17 -36.38 -7.58
CA ILE B 550 -16.86 -36.88 -7.21
C ILE B 550 -15.85 -35.76 -7.00
N VAL B 551 -15.93 -34.70 -7.82
CA VAL B 551 -15.05 -33.54 -7.66
C VAL B 551 -15.91 -32.32 -7.43
N ASP B 552 -15.27 -31.17 -7.26
CA ASP B 552 -15.97 -29.92 -6.96
C ASP B 552 -15.69 -28.92 -8.07
N PHE B 553 -16.75 -28.31 -8.59
CA PHE B 553 -16.66 -27.44 -9.75
C PHE B 553 -16.79 -25.98 -9.34
N SER B 554 -16.42 -25.09 -10.27
CA SER B 554 -16.54 -23.66 -10.10
C SER B 554 -17.77 -23.15 -10.85
N VAL B 555 -18.15 -21.92 -10.54
CA VAL B 555 -19.24 -21.28 -11.31
C VAL B 555 -18.81 -21.17 -12.76
N PRO B 556 -19.62 -21.62 -13.72
CA PRO B 556 -19.17 -21.69 -15.11
C PRO B 556 -18.80 -20.33 -15.67
N PHE B 557 -17.75 -20.32 -16.50
CA PHE B 557 -17.28 -19.11 -17.14
C PHE B 557 -17.39 -19.18 -18.66
N VAL B 558 -17.84 -20.30 -19.21
CA VAL B 558 -18.13 -20.43 -20.64
C VAL B 558 -19.44 -21.16 -20.79
N GLU B 559 -20.35 -20.62 -21.61
CA GLU B 559 -21.62 -21.26 -21.88
C GLU B 559 -21.46 -22.28 -23.02
N THR B 560 -21.95 -23.50 -22.80
CA THR B 560 -21.82 -24.56 -23.78
C THR B 560 -23.04 -25.47 -23.72
N GLY B 561 -23.12 -26.39 -24.67
CA GLY B 561 -24.22 -27.33 -24.74
C GLY B 561 -23.93 -28.46 -25.72
N ILE B 562 -24.92 -28.82 -26.52
CA ILE B 562 -24.74 -29.78 -27.60
C ILE B 562 -25.32 -29.17 -28.88
N SER B 563 -24.59 -29.34 -29.98
CA SER B 563 -24.99 -28.76 -31.25
C SER B 563 -24.74 -29.76 -32.38
N VAL B 564 -25.42 -29.52 -33.50
CA VAL B 564 -25.40 -30.40 -34.66
C VAL B 564 -25.06 -29.55 -35.88
N MET B 565 -23.82 -29.65 -36.35
CA MET B 565 -23.38 -28.95 -37.55
C MET B 565 -23.70 -29.78 -38.78
N VAL B 566 -24.28 -29.15 -39.78
CA VAL B 566 -24.66 -29.83 -41.01
C VAL B 566 -23.66 -29.48 -42.10
N ALA B 567 -23.77 -30.19 -43.25
CA ALA B 567 -22.73 -30.13 -44.26
C ALA B 567 -22.64 -28.75 -44.91
N ARG B 568 -23.71 -28.29 -45.53
CA ARG B 568 -23.69 -27.03 -46.28
C ARG B 568 -25.14 -26.59 -46.49
N SER B 569 -25.32 -25.57 -47.33
CA SER B 569 -26.64 -25.04 -47.63
C SER B 569 -26.94 -25.18 -49.12
N ASP B 689 -32.45 -25.26 -42.73
CA ASP B 689 -32.05 -26.46 -42.01
C ASP B 689 -32.71 -27.70 -42.60
N THR B 690 -32.16 -28.88 -42.27
CA THR B 690 -32.69 -30.15 -42.73
C THR B 690 -33.22 -31.02 -41.62
N VAL B 691 -32.70 -30.89 -40.40
CA VAL B 691 -33.13 -31.67 -39.25
C VAL B 691 -33.54 -30.70 -38.15
N SER B 692 -34.40 -31.16 -37.24
CA SER B 692 -34.94 -30.33 -36.18
C SER B 692 -34.31 -30.62 -34.82
N GLY B 693 -33.16 -31.28 -34.79
CA GLY B 693 -32.46 -31.54 -33.54
C GLY B 693 -32.49 -32.99 -33.12
N LEU B 694 -32.73 -33.23 -31.83
CA LEU B 694 -32.73 -34.57 -31.25
C LEU B 694 -34.15 -35.15 -31.16
N SER B 695 -35.13 -34.49 -31.77
CA SER B 695 -36.51 -34.97 -31.75
C SER B 695 -37.00 -35.46 -33.10
N ASP B 696 -36.29 -35.15 -34.19
CA ASP B 696 -36.73 -35.55 -35.52
C ASP B 696 -36.71 -37.07 -35.63
N LYS B 697 -37.61 -37.59 -36.47
CA LYS B 697 -37.74 -39.04 -36.61
C LYS B 697 -36.50 -39.67 -37.21
N LYS B 698 -35.72 -38.91 -37.99
CA LYS B 698 -34.52 -39.45 -38.60
C LYS B 698 -33.50 -39.88 -37.54
N PHE B 699 -33.21 -39.00 -36.59
CA PHE B 699 -32.24 -39.32 -35.56
C PHE B 699 -32.80 -40.32 -34.56
N GLN B 700 -34.04 -40.11 -34.11
CA GLN B 700 -34.63 -41.01 -33.13
C GLN B 700 -34.85 -42.41 -33.70
N ARG B 701 -35.32 -42.50 -34.94
CA ARG B 701 -35.61 -43.78 -35.57
C ARG B 701 -34.69 -43.99 -36.78
N PRO B 702 -33.60 -44.75 -36.62
CA PRO B 702 -32.70 -45.03 -37.76
C PRO B 702 -33.16 -46.23 -38.61
N GLN B 703 -34.18 -46.00 -39.43
CA GLN B 703 -34.71 -47.04 -40.30
C GLN B 703 -35.07 -46.53 -41.68
N ASP B 704 -34.45 -45.44 -42.13
CA ASP B 704 -34.83 -44.82 -43.40
C ASP B 704 -34.10 -45.47 -44.57
N GLN B 705 -34.77 -45.44 -45.74
CA GLN B 705 -34.12 -45.90 -46.96
C GLN B 705 -32.92 -45.03 -47.30
N TYR B 706 -33.05 -43.71 -47.15
CA TYR B 706 -31.91 -42.80 -47.17
C TYR B 706 -31.55 -42.50 -45.73
N PRO B 707 -30.62 -43.27 -45.15
CA PRO B 707 -30.37 -43.21 -43.70
C PRO B 707 -29.37 -42.13 -43.33
N PRO B 708 -29.81 -40.91 -43.01
CA PRO B 708 -28.84 -39.89 -42.57
C PRO B 708 -28.09 -40.39 -41.35
N PHE B 709 -26.79 -40.62 -41.51
CA PHE B 709 -26.06 -41.51 -40.61
C PHE B 709 -24.85 -40.83 -39.98
N ARG B 710 -24.37 -41.45 -38.90
CA ARG B 710 -23.04 -41.23 -38.34
C ARG B 710 -22.83 -39.76 -37.92
N PHE B 711 -23.59 -39.37 -36.91
CA PHE B 711 -23.18 -38.21 -36.12
C PHE B 711 -21.82 -38.51 -35.51
N GLY B 712 -20.94 -37.49 -35.51
CA GLY B 712 -19.56 -37.73 -35.16
C GLY B 712 -19.34 -38.33 -33.78
N THR B 713 -19.60 -37.56 -32.74
CA THR B 713 -19.65 -38.06 -31.35
C THR B 713 -18.44 -38.92 -31.03
N VAL B 714 -17.28 -38.27 -30.96
CA VAL B 714 -16.02 -38.95 -30.67
C VAL B 714 -16.17 -39.74 -29.38
N PRO B 715 -15.67 -40.99 -29.33
CA PRO B 715 -15.91 -41.88 -28.20
C PRO B 715 -15.33 -41.45 -26.85
N ASN B 716 -15.98 -41.94 -25.79
CA ASN B 716 -15.63 -41.72 -24.35
C ASN B 716 -15.57 -40.23 -24.00
N GLY B 717 -16.50 -39.45 -24.57
CA GLY B 717 -16.63 -38.00 -24.31
C GLY B 717 -17.75 -37.76 -23.30
N SER B 718 -18.22 -36.52 -23.19
CA SER B 718 -19.33 -36.22 -22.31
C SER B 718 -20.68 -36.35 -22.99
N THR B 719 -20.79 -35.86 -24.23
CA THR B 719 -22.06 -35.96 -24.96
C THR B 719 -22.44 -37.42 -25.21
N GLU B 720 -21.44 -38.28 -25.38
CA GLU B 720 -21.72 -39.70 -25.53
C GLU B 720 -22.42 -40.27 -24.31
N ARG B 721 -22.07 -39.76 -23.12
CA ARG B 721 -22.78 -40.20 -21.91
C ARG B 721 -24.25 -39.82 -21.97
N ASN B 722 -24.55 -38.60 -22.41
CA ASN B 722 -25.93 -38.17 -22.55
C ASN B 722 -26.68 -39.07 -23.52
N ILE B 723 -26.06 -39.35 -24.68
CA ILE B 723 -26.72 -40.16 -25.70
C ILE B 723 -26.96 -41.57 -25.18
N ARG B 724 -25.95 -42.18 -24.56
CA ARG B 724 -26.08 -43.54 -24.07
C ARG B 724 -27.02 -43.65 -22.88
N SER B 725 -27.22 -42.55 -22.13
CA SER B 725 -28.12 -42.59 -21.00
C SER B 725 -29.57 -42.39 -21.41
N ASN B 726 -29.85 -41.39 -22.25
CA ASN B 726 -31.24 -41.08 -22.58
C ASN B 726 -31.78 -41.98 -23.70
N TYR B 727 -31.21 -41.89 -24.89
CA TYR B 727 -31.73 -42.59 -26.07
C TYR B 727 -30.77 -43.72 -26.44
N ARG B 728 -31.17 -44.95 -26.14
CA ARG B 728 -30.33 -46.10 -26.47
C ARG B 728 -30.32 -46.41 -27.97
N ASP B 729 -31.34 -45.96 -28.70
CA ASP B 729 -31.42 -46.27 -30.13
C ASP B 729 -30.32 -45.56 -30.92
N MET B 730 -30.12 -44.27 -30.66
CA MET B 730 -29.08 -43.51 -31.36
C MET B 730 -27.71 -44.08 -31.06
N HIS B 731 -27.44 -44.39 -29.79
CA HIS B 731 -26.16 -44.98 -29.42
C HIS B 731 -25.99 -46.34 -30.06
N THR B 732 -27.09 -47.10 -30.20
CA THR B 732 -27.02 -48.40 -30.86
C THR B 732 -26.62 -48.25 -32.33
N HIS B 733 -27.27 -47.34 -33.04
CA HIS B 733 -27.00 -47.21 -34.48
C HIS B 733 -25.64 -46.56 -34.74
N MET B 734 -25.32 -45.49 -34.00
CA MET B 734 -24.17 -44.65 -34.33
C MET B 734 -22.88 -45.36 -33.96
N VAL B 735 -22.41 -46.19 -34.88
CA VAL B 735 -21.10 -46.84 -34.76
C VAL B 735 -20.12 -46.38 -35.82
N LYS B 736 -20.59 -45.71 -36.88
CA LYS B 736 -19.70 -45.18 -37.90
C LYS B 736 -19.17 -43.80 -37.49
N PHE B 737 -18.60 -43.72 -36.29
CA PHE B 737 -18.14 -42.46 -35.74
C PHE B 737 -16.77 -42.10 -36.29
N ASN B 738 -16.19 -41.04 -35.73
CA ASN B 738 -14.83 -40.63 -36.05
C ASN B 738 -13.91 -40.99 -34.89
N GLN B 739 -12.71 -41.46 -35.22
CA GLN B 739 -11.72 -41.85 -34.21
C GLN B 739 -10.80 -40.71 -33.83
N ARG B 740 -11.02 -39.51 -34.37
CA ARG B 740 -10.17 -38.36 -34.07
C ARG B 740 -11.05 -37.17 -33.75
N SER B 741 -10.40 -36.05 -33.43
CA SER B 741 -11.10 -34.87 -32.94
C SER B 741 -11.86 -34.17 -34.07
N VAL B 742 -12.39 -32.98 -33.78
CA VAL B 742 -13.22 -32.26 -34.73
C VAL B 742 -12.45 -31.98 -36.02
N GLU B 743 -11.12 -31.90 -35.93
CA GLU B 743 -10.31 -31.60 -37.11
C GLU B 743 -10.49 -32.66 -38.19
N ASP B 744 -10.50 -33.94 -37.80
CA ASP B 744 -10.70 -35.01 -38.78
C ASP B 744 -12.16 -35.14 -39.17
N ALA B 745 -13.06 -34.91 -38.22
CA ALA B 745 -14.49 -35.04 -38.50
C ALA B 745 -14.95 -34.01 -39.53
N LEU B 746 -14.47 -32.76 -39.41
CA LEU B 746 -14.92 -31.73 -40.33
C LEU B 746 -14.43 -32.01 -41.75
N THR B 747 -13.20 -32.50 -41.90
CA THR B 747 -12.70 -32.79 -43.25
C THR B 747 -13.35 -34.05 -43.81
N SER B 748 -13.70 -35.01 -42.95
CA SER B 748 -14.47 -36.16 -43.40
C SER B 748 -15.83 -35.73 -43.91
N LEU B 749 -16.49 -34.81 -43.20
CA LEU B 749 -17.76 -34.26 -43.67
C LEU B 749 -17.59 -33.50 -44.97
N LYS B 750 -16.53 -32.70 -45.07
CA LYS B 750 -16.28 -31.95 -46.30
C LYS B 750 -15.99 -32.86 -47.48
N MET B 751 -15.45 -34.05 -47.25
CA MET B 751 -15.21 -35.01 -48.31
C MET B 751 -16.43 -35.86 -48.63
N GLY B 752 -17.44 -35.87 -47.76
CA GLY B 752 -18.66 -36.60 -48.01
C GLY B 752 -18.85 -37.88 -47.22
N LYS B 753 -18.05 -38.12 -46.19
CA LYS B 753 -18.20 -39.33 -45.37
C LYS B 753 -19.54 -39.31 -44.65
N LEU B 754 -19.75 -38.31 -43.79
CA LEU B 754 -20.98 -38.16 -43.03
C LEU B 754 -21.44 -36.72 -43.09
N ASP B 755 -22.76 -36.53 -43.12
CA ASP B 755 -23.36 -35.23 -43.40
C ASP B 755 -23.76 -34.46 -42.13
N ALA B 756 -23.63 -35.05 -40.95
CA ALA B 756 -24.05 -34.37 -39.73
C ALA B 756 -23.06 -34.68 -38.61
N PHE B 757 -22.63 -33.64 -37.90
CA PHE B 757 -21.69 -33.75 -36.79
C PHE B 757 -22.39 -33.30 -35.52
N ILE B 758 -22.35 -34.14 -34.49
CA ILE B 758 -22.99 -33.83 -33.20
C ILE B 758 -21.88 -33.74 -32.16
N TYR B 759 -21.74 -32.56 -31.55
CA TYR B 759 -20.62 -32.33 -30.65
C TYR B 759 -20.98 -31.18 -29.70
N ASP B 760 -19.97 -30.63 -29.03
CA ASP B 760 -20.18 -29.50 -28.14
C ASP B 760 -20.62 -28.27 -28.92
N ALA B 761 -20.89 -27.19 -28.19
CA ALA B 761 -21.41 -25.96 -28.79
C ALA B 761 -20.32 -24.96 -29.13
N ALA B 762 -19.48 -24.60 -28.16
CA ALA B 762 -18.49 -23.55 -28.38
C ALA B 762 -17.47 -23.95 -29.45
N VAL B 763 -16.97 -25.19 -29.40
CA VAL B 763 -15.97 -25.62 -30.36
C VAL B 763 -16.53 -25.65 -31.77
N LEU B 764 -17.75 -26.16 -31.93
CA LEU B 764 -18.38 -26.17 -33.26
C LEU B 764 -18.64 -24.77 -33.76
N ASN B 765 -19.11 -23.88 -32.88
CA ASN B 765 -19.35 -22.49 -33.29
C ASN B 765 -18.06 -21.83 -33.75
N TYR B 766 -16.97 -22.04 -33.02
CA TYR B 766 -15.69 -21.47 -33.42
C TYR B 766 -15.23 -22.06 -34.75
N MET B 767 -15.30 -23.39 -34.89
CA MET B 767 -14.83 -24.03 -36.12
C MET B 767 -15.66 -23.60 -37.32
N ALA B 768 -16.94 -23.28 -37.11
CA ALA B 768 -17.77 -22.72 -38.16
C ALA B 768 -17.50 -21.23 -38.38
N GLY B 769 -16.89 -20.56 -37.41
CA GLY B 769 -16.51 -19.16 -37.58
C GLY B 769 -15.23 -18.99 -38.37
N LYS B 770 -14.27 -19.89 -38.18
CA LYS B 770 -12.96 -19.81 -38.85
C LYS B 770 -12.93 -20.89 -39.93
N ASP B 771 -13.32 -20.51 -41.14
CA ASP B 771 -13.37 -21.45 -42.25
C ASP B 771 -13.43 -20.66 -43.55
N GLU B 772 -12.79 -21.20 -44.60
CA GLU B 772 -12.93 -20.62 -45.93
C GLU B 772 -14.34 -20.87 -46.44
N GLY B 773 -14.95 -19.81 -46.98
CA GLY B 773 -16.40 -19.73 -46.97
C GLY B 773 -16.85 -19.80 -45.52
N CYS B 774 -17.77 -20.73 -45.27
CA CYS B 774 -18.05 -21.26 -43.95
C CYS B 774 -19.07 -22.38 -44.12
N LYS B 775 -19.05 -23.33 -43.20
CA LYS B 775 -20.13 -24.30 -43.14
C LYS B 775 -21.02 -23.92 -41.97
N LEU B 776 -22.31 -24.19 -42.11
CA LEU B 776 -23.30 -23.67 -41.19
C LEU B 776 -23.85 -24.77 -40.32
N VAL B 777 -24.05 -24.43 -39.05
CA VAL B 777 -24.72 -25.31 -38.10
C VAL B 777 -26.23 -25.10 -38.22
N THR B 778 -27.00 -26.05 -37.70
CA THR B 778 -28.43 -25.83 -37.55
C THR B 778 -28.67 -24.61 -36.68
N ILE B 779 -29.93 -24.16 -36.61
CA ILE B 779 -30.24 -22.82 -36.12
C ILE B 779 -29.56 -22.59 -34.77
N GLY B 780 -28.62 -21.64 -34.76
CA GLY B 780 -27.67 -21.56 -33.66
C GLY B 780 -28.32 -21.17 -32.34
N SER B 781 -29.21 -20.18 -32.38
CA SER B 781 -29.92 -19.77 -31.18
C SER B 781 -30.75 -20.93 -30.61
N GLY B 782 -31.22 -21.82 -31.47
CA GLY B 782 -31.90 -23.03 -31.07
C GLY B 782 -31.03 -24.28 -31.10
N LYS B 783 -29.75 -24.17 -31.43
CA LYS B 783 -28.84 -25.31 -31.46
C LYS B 783 -28.12 -25.52 -30.14
N VAL B 784 -28.70 -25.07 -29.04
CA VAL B 784 -28.13 -25.27 -27.71
C VAL B 784 -29.02 -26.29 -26.99
N PHE B 785 -28.60 -27.55 -27.04
CA PHE B 785 -29.36 -28.66 -26.48
C PHE B 785 -28.66 -29.18 -25.23
N ALA B 786 -29.41 -29.32 -24.15
CA ALA B 786 -28.87 -29.75 -22.85
C ALA B 786 -27.75 -28.80 -22.40
N THR B 787 -28.14 -27.55 -22.17
CA THR B 787 -27.16 -26.50 -21.89
C THR B 787 -26.42 -26.79 -20.58
N THR B 788 -25.11 -26.56 -20.61
CA THR B 788 -24.21 -26.71 -19.46
C THR B 788 -23.18 -25.59 -19.55
N GLY B 789 -22.06 -25.76 -18.83
CA GLY B 789 -20.98 -24.80 -18.91
C GLY B 789 -19.64 -25.47 -18.64
N TYR B 790 -18.59 -24.74 -18.97
CA TYR B 790 -17.24 -25.16 -18.61
C TYR B 790 -16.98 -24.81 -17.15
N GLY B 791 -15.86 -25.31 -16.62
CA GLY B 791 -15.55 -25.02 -15.24
C GLY B 791 -14.23 -25.65 -14.82
N ILE B 792 -13.78 -25.25 -13.63
CA ILE B 792 -12.56 -25.75 -13.03
C ILE B 792 -12.90 -26.84 -12.03
N ALA B 793 -12.19 -27.97 -12.12
CA ALA B 793 -12.43 -29.11 -11.26
C ALA B 793 -11.38 -29.14 -10.16
N MET B 794 -11.83 -29.24 -8.91
CA MET B 794 -10.95 -29.28 -7.76
C MET B 794 -11.34 -30.42 -6.84
N GLN B 795 -10.44 -30.73 -5.91
CA GLN B 795 -10.68 -31.80 -4.95
C GLN B 795 -11.93 -31.53 -4.11
N LYS B 796 -12.45 -32.57 -3.46
CA LYS B 796 -13.73 -32.46 -2.76
C LYS B 796 -13.58 -31.57 -1.53
N ASP B 797 -14.27 -30.43 -1.54
CA ASP B 797 -14.37 -29.53 -0.39
C ASP B 797 -13.00 -29.03 0.05
N SER B 798 -12.33 -28.33 -0.87
CA SER B 798 -11.11 -27.60 -0.55
C SER B 798 -11.43 -26.12 -0.37
N HIS B 799 -10.62 -25.45 0.45
CA HIS B 799 -10.88 -24.06 0.78
C HIS B 799 -10.64 -23.11 -0.39
N TRP B 800 -10.05 -23.58 -1.49
CA TRP B 800 -9.88 -22.72 -2.65
C TRP B 800 -11.21 -22.41 -3.32
N LYS B 801 -12.20 -23.30 -3.20
CA LYS B 801 -13.47 -23.12 -3.89
C LYS B 801 -14.15 -21.82 -3.49
N ARG B 802 -14.03 -21.45 -2.21
CA ARG B 802 -14.62 -20.20 -1.75
C ARG B 802 -14.01 -19.00 -2.46
N ALA B 803 -12.70 -19.04 -2.72
CA ALA B 803 -12.02 -17.86 -3.26
C ALA B 803 -12.20 -17.75 -4.77
N ILE B 804 -11.68 -18.71 -5.52
CA ILE B 804 -11.57 -18.55 -6.98
C ILE B 804 -12.96 -18.40 -7.60
N ASP B 805 -13.96 -19.12 -7.08
CA ASP B 805 -15.33 -18.92 -7.51
C ASP B 805 -15.65 -17.43 -7.57
N LEU B 806 -15.52 -16.76 -6.43
CA LEU B 806 -15.82 -15.34 -6.36
C LEU B 806 -15.00 -14.60 -7.40
N ALA B 807 -13.71 -14.91 -7.48
CA ALA B 807 -12.83 -14.25 -8.45
C ALA B 807 -13.41 -14.35 -9.84
N LEU B 808 -13.81 -15.55 -10.26
CA LEU B 808 -14.34 -15.72 -11.60
C LEU B 808 -15.54 -14.82 -11.82
N LEU B 809 -16.44 -14.76 -10.84
CA LEU B 809 -17.62 -13.91 -10.98
C LEU B 809 -17.20 -12.46 -11.23
N GLN B 810 -16.20 -11.99 -10.48
CA GLN B 810 -15.73 -10.62 -10.64
C GLN B 810 -15.41 -10.35 -12.11
N PHE B 811 -14.74 -11.29 -12.78
CA PHE B 811 -14.38 -11.10 -14.17
C PHE B 811 -15.63 -10.85 -15.02
N LEU B 812 -16.63 -11.72 -14.87
CA LEU B 812 -17.85 -11.57 -15.66
C LEU B 812 -18.61 -10.30 -15.31
N GLY B 813 -18.27 -9.65 -14.20
CA GLY B 813 -18.89 -8.38 -13.86
C GLY B 813 -18.16 -7.21 -14.45
N ASP B 814 -16.86 -7.35 -14.68
CA ASP B 814 -16.03 -6.23 -15.11
C ASP B 814 -15.73 -6.25 -16.60
N GLY B 815 -16.18 -7.26 -17.33
CA GLY B 815 -15.93 -7.32 -18.76
C GLY B 815 -14.52 -7.68 -19.15
N GLU B 816 -13.68 -8.12 -18.21
CA GLU B 816 -12.34 -8.55 -18.58
C GLU B 816 -12.37 -9.90 -19.28
N THR B 817 -13.43 -10.68 -19.06
CA THR B 817 -13.67 -11.86 -19.89
C THR B 817 -14.23 -11.47 -21.25
N GLN B 818 -14.92 -10.32 -21.32
CA GLN B 818 -15.49 -9.88 -22.58
C GLN B 818 -14.42 -9.59 -23.61
N LYS B 819 -13.33 -8.93 -23.19
CA LYS B 819 -12.25 -8.61 -24.12
C LYS B 819 -11.55 -9.88 -24.61
N LEU B 820 -11.46 -10.90 -23.75
CA LEU B 820 -10.86 -12.16 -24.16
C LEU B 820 -11.68 -12.83 -25.25
N GLU B 821 -13.00 -12.62 -25.25
CA GLU B 821 -13.83 -13.12 -26.34
C GLU B 821 -13.43 -12.47 -27.66
N THR B 822 -13.24 -11.15 -27.65
CA THR B 822 -12.82 -10.45 -28.87
C THR B 822 -11.44 -10.90 -29.32
N VAL B 823 -10.51 -11.06 -28.39
CA VAL B 823 -9.12 -11.37 -28.75
C VAL B 823 -8.96 -12.81 -29.23
N TRP B 824 -9.57 -13.78 -28.53
CA TRP B 824 -9.26 -15.18 -28.74
C TRP B 824 -10.34 -15.96 -29.48
N LEU B 825 -11.58 -15.49 -29.51
CA LEU B 825 -12.70 -16.22 -30.12
C LEU B 825 -13.42 -15.30 -31.10
N SER B 826 -12.94 -15.28 -32.35
CA SER B 826 -13.58 -14.48 -33.38
C SER B 826 -13.34 -15.15 -34.73
N GLY B 827 -14.22 -14.84 -35.68
CA GLY B 827 -14.16 -15.40 -37.01
C GLY B 827 -14.62 -14.39 -38.03
N ILE B 828 -14.50 -14.77 -39.30
CA ILE B 828 -14.96 -13.92 -40.39
C ILE B 828 -16.47 -14.05 -40.59
N CYS B 829 -16.91 -15.28 -40.88
CA CYS B 829 -18.29 -15.63 -41.23
C CYS B 829 -19.20 -15.66 -40.02
N LYS C 25 7.16 -0.80 62.82
CA LYS C 25 5.94 -0.06 63.05
C LYS C 25 4.79 -1.00 63.45
N ILE C 26 3.63 -0.42 63.71
CA ILE C 26 2.43 -1.20 64.03
C ILE C 26 1.45 -1.10 62.88
N VAL C 27 1.54 -2.04 61.94
CA VAL C 27 0.66 -2.03 60.78
C VAL C 27 -0.76 -2.38 61.21
N ASN C 28 -1.73 -1.61 60.74
CA ASN C 28 -3.13 -1.80 61.11
C ASN C 28 -3.97 -2.05 59.86
N ILE C 29 -4.88 -3.00 59.96
CA ILE C 29 -5.84 -3.30 58.90
C ILE C 29 -7.25 -3.17 59.48
N GLY C 30 -8.22 -2.99 58.58
CA GLY C 30 -9.61 -2.85 58.96
C GLY C 30 -10.48 -3.89 58.28
N ALA C 31 -11.76 -3.85 58.63
CA ALA C 31 -12.74 -4.78 58.07
C ALA C 31 -14.14 -4.31 58.46
N VAL C 32 -15.10 -4.64 57.60
CA VAL C 32 -16.51 -4.41 57.86
C VAL C 32 -17.22 -5.76 57.73
N LEU C 33 -17.78 -6.25 58.84
CA LEU C 33 -18.40 -7.56 58.87
C LEU C 33 -19.80 -7.48 59.48
N SER C 34 -20.44 -8.63 59.71
CA SER C 34 -21.85 -8.63 60.05
C SER C 34 -22.26 -9.55 61.20
N THR C 35 -21.39 -10.42 61.70
CA THR C 35 -21.83 -11.46 62.63
C THR C 35 -21.80 -11.02 64.09
N ARG C 36 -21.12 -9.91 64.40
CA ARG C 36 -20.89 -9.44 65.77
C ARG C 36 -19.98 -10.41 66.53
N LYS C 37 -19.61 -11.50 65.87
CA LYS C 37 -18.60 -12.44 66.36
C LYS C 37 -17.55 -12.75 65.32
N HIS C 38 -17.83 -12.53 64.04
CA HIS C 38 -16.83 -12.72 63.00
C HIS C 38 -15.66 -11.74 63.17
N GLU C 39 -15.90 -10.61 63.83
CA GLU C 39 -14.80 -9.70 64.15
C GLU C 39 -13.80 -10.37 65.09
N GLN C 40 -14.29 -11.14 66.06
CA GLN C 40 -13.41 -11.91 66.92
C GLN C 40 -12.64 -12.96 66.12
N MET C 41 -13.30 -13.58 65.12
CA MET C 41 -12.60 -14.53 64.27
C MET C 41 -11.51 -13.85 63.45
N PHE C 42 -11.77 -12.64 62.96
CA PHE C 42 -10.75 -11.89 62.23
C PHE C 42 -9.58 -11.51 63.14
N ARG C 43 -9.88 -11.10 64.37
CA ARG C 43 -8.81 -10.79 65.32
C ARG C 43 -7.98 -12.03 65.64
N GLU C 44 -8.63 -13.17 65.84
CA GLU C 44 -7.90 -14.42 66.06
C GLU C 44 -7.06 -14.78 64.84
N ALA C 45 -7.60 -14.55 63.64
CA ALA C 45 -6.85 -14.83 62.43
C ALA C 45 -5.61 -13.96 62.32
N VAL C 46 -5.73 -12.67 62.64
CA VAL C 46 -4.57 -11.79 62.55
C VAL C 46 -3.55 -12.14 63.63
N ASN C 47 -4.01 -12.54 64.82
CA ASN C 47 -3.09 -12.98 65.86
C ASN C 47 -2.35 -14.24 65.44
N GLN C 48 -3.06 -15.19 64.82
CA GLN C 48 -2.43 -16.40 64.33
C GLN C 48 -1.47 -16.12 63.18
N ALA C 49 -1.80 -15.13 62.35
CA ALA C 49 -0.88 -14.72 61.29
C ALA C 49 0.40 -14.14 61.87
N ASN C 50 0.27 -13.30 62.90
CA ASN C 50 1.46 -12.77 63.56
C ASN C 50 2.25 -13.88 64.25
N LYS C 51 1.56 -14.91 64.76
CA LYS C 51 2.24 -16.03 65.38
C LYS C 51 2.93 -16.93 64.37
N ARG C 52 2.41 -17.01 63.15
CA ARG C 52 2.99 -17.84 62.10
C ARG C 52 3.93 -17.05 61.21
N HIS C 53 3.46 -15.94 60.65
CA HIS C 53 4.27 -15.08 59.81
C HIS C 53 5.07 -14.09 60.67
N GLY C 54 6.12 -13.55 60.07
CA GLY C 54 6.91 -12.52 60.72
C GLY C 54 8.13 -13.04 61.45
N SER C 55 9.26 -12.35 61.27
CA SER C 55 10.50 -12.67 61.95
C SER C 55 10.83 -11.65 63.05
N TRP C 56 9.81 -11.19 63.76
CA TRP C 56 9.96 -10.19 64.82
C TRP C 56 10.51 -8.87 64.27
N LYS C 57 9.93 -8.43 63.17
CA LYS C 57 10.26 -7.13 62.59
C LYS C 57 9.03 -6.25 62.39
N ILE C 58 7.91 -6.81 61.96
CA ILE C 58 6.67 -6.07 61.76
C ILE C 58 5.54 -6.83 62.44
N GLN C 59 4.66 -6.09 63.12
CA GLN C 59 3.48 -6.66 63.76
C GLN C 59 2.24 -6.01 63.17
N LEU C 60 1.12 -6.75 63.24
CA LEU C 60 -0.17 -6.21 62.69
C LEU C 60 -1.24 -6.17 63.79
N ASN C 61 -1.96 -5.05 63.88
CA ASN C 61 -3.07 -4.83 64.85
C ASN C 61 -4.34 -4.56 64.04
N ALA C 62 -5.43 -5.30 64.27
CA ALA C 62 -6.65 -5.12 63.47
C ALA C 62 -7.79 -4.46 64.27
N THR C 63 -8.88 -4.07 63.59
CA THR C 63 -10.03 -3.41 64.18
C THR C 63 -11.14 -3.38 63.13
N SER C 64 -12.38 -3.59 63.58
CA SER C 64 -13.49 -3.80 62.65
C SER C 64 -14.76 -3.17 63.20
N VAL C 65 -15.72 -2.97 62.30
CA VAL C 65 -17.03 -2.40 62.64
C VAL C 65 -18.11 -3.29 62.04
N THR C 66 -19.24 -3.37 62.74
CA THR C 66 -20.42 -4.07 62.25
C THR C 66 -21.29 -3.10 61.44
N HIS C 67 -22.02 -3.64 60.47
CA HIS C 67 -22.72 -2.80 59.51
C HIS C 67 -23.92 -2.11 60.15
N LYS C 68 -24.60 -1.33 59.33
CA LYS C 68 -25.67 -0.45 59.79
C LYS C 68 -26.60 -0.19 58.61
N PRO C 69 -27.87 0.17 58.88
CA PRO C 69 -28.93 0.29 57.87
C PRO C 69 -28.85 1.32 56.74
N ASN C 70 -28.47 2.56 57.06
CA ASN C 70 -28.37 3.61 56.06
C ASN C 70 -27.04 3.52 55.33
N ALA C 71 -27.08 3.50 53.99
CA ALA C 71 -25.83 3.49 53.22
C ALA C 71 -25.03 4.77 53.46
N ILE C 72 -25.71 5.91 53.55
CA ILE C 72 -25.04 7.17 53.82
C ILE C 72 -24.36 7.13 55.19
N GLN C 73 -25.10 6.66 56.21
CA GLN C 73 -24.51 6.51 57.54
C GLN C 73 -23.37 5.51 57.52
N MET C 74 -23.51 4.46 56.71
CA MET C 74 -22.44 3.47 56.59
C MET C 74 -21.17 4.12 56.05
N ALA C 75 -21.29 4.92 55.00
CA ALA C 75 -20.13 5.58 54.43
C ALA C 75 -19.51 6.57 55.40
N LEU C 76 -20.35 7.33 56.12
CA LEU C 76 -19.84 8.28 57.09
C LEU C 76 -19.05 7.58 58.19
N SER C 77 -19.64 6.54 58.78
CA SER C 77 -18.94 5.77 59.81
C SER C 77 -17.70 5.10 59.25
N VAL C 78 -17.73 4.68 57.98
CA VAL C 78 -16.58 4.03 57.38
C VAL C 78 -15.40 4.99 57.29
N CYS C 79 -15.63 6.23 56.83
CA CYS C 79 -14.47 7.10 56.72
C CYS C 79 -14.06 7.60 58.10
N GLU C 80 -15.00 7.70 59.04
CA GLU C 80 -14.63 8.03 60.41
C GLU C 80 -13.71 6.98 61.01
N ASP C 81 -14.02 5.70 60.78
CA ASP C 81 -13.13 4.63 61.24
C ASP C 81 -11.81 4.64 60.48
N LEU C 82 -11.84 4.96 59.19
CA LEU C 82 -10.61 5.15 58.44
C LEU C 82 -9.75 6.24 59.06
N ILE C 83 -10.39 7.30 59.57
CA ILE C 83 -9.70 8.32 60.33
C ILE C 83 -9.18 7.77 61.65
N SER C 84 -9.92 6.84 62.26
CA SER C 84 -9.60 6.29 63.58
C SER C 84 -8.34 5.45 63.61
N SER C 85 -7.58 5.34 62.51
CA SER C 85 -6.34 4.59 62.47
C SER C 85 -5.65 4.89 61.15
N GLN C 86 -4.48 4.28 60.95
CA GLN C 86 -3.80 4.31 59.66
C GLN C 86 -4.10 3.01 58.92
N VAL C 87 -5.33 2.95 58.40
CA VAL C 87 -5.81 1.73 57.77
C VAL C 87 -5.01 1.44 56.50
N TYR C 88 -4.54 0.19 56.38
CA TYR C 88 -3.81 -0.23 55.20
C TYR C 88 -4.67 -0.97 54.20
N ALA C 89 -5.80 -1.52 54.61
CA ALA C 89 -6.72 -2.24 53.73
C ALA C 89 -8.01 -2.49 54.49
N ILE C 90 -9.07 -2.80 53.75
CA ILE C 90 -10.38 -3.10 54.32
C ILE C 90 -10.86 -4.41 53.75
N LEU C 91 -11.59 -5.17 54.57
CA LEU C 91 -12.17 -6.45 54.16
C LEU C 91 -13.67 -6.40 54.45
N VAL C 92 -14.49 -6.51 53.41
CA VAL C 92 -15.93 -6.28 53.52
C VAL C 92 -16.67 -7.51 53.02
N SER C 93 -17.77 -7.84 53.70
CA SER C 93 -18.65 -8.94 53.29
C SER C 93 -20.10 -8.48 53.33
N HIS C 94 -21.04 -9.42 53.12
CA HIS C 94 -22.44 -9.09 52.97
C HIS C 94 -23.20 -9.35 54.26
N PRO C 95 -24.19 -8.52 54.59
CA PRO C 95 -25.04 -8.79 55.75
C PRO C 95 -26.09 -9.83 55.41
N PRO C 96 -26.90 -10.27 56.38
CA PRO C 96 -27.99 -11.20 56.07
C PRO C 96 -29.09 -10.61 55.21
N THR C 97 -28.97 -9.35 54.79
CA THR C 97 -29.96 -8.75 53.89
C THR C 97 -29.71 -9.24 52.46
N PRO C 98 -30.69 -9.86 51.80
CA PRO C 98 -30.46 -10.37 50.44
C PRO C 98 -30.24 -9.29 49.39
N ASN C 99 -30.31 -8.00 49.74
CA ASN C 99 -30.02 -6.93 48.80
C ASN C 99 -28.51 -6.85 48.57
N ASP C 100 -27.98 -7.77 47.76
CA ASP C 100 -26.54 -7.92 47.64
C ASP C 100 -25.89 -6.84 46.77
N HIS C 101 -26.68 -6.02 46.08
CA HIS C 101 -26.11 -5.04 45.17
C HIS C 101 -25.42 -3.90 45.90
N PHE C 102 -26.18 -3.15 46.69
CA PHE C 102 -25.72 -1.84 47.18
C PHE C 102 -24.73 -1.93 48.33
N THR C 103 -24.78 -3.00 49.13
CA THR C 103 -24.06 -2.97 50.41
C THR C 103 -22.55 -2.79 50.28
N PRO C 104 -21.82 -3.52 49.42
CA PRO C 104 -20.37 -3.34 49.35
C PRO C 104 -19.92 -2.15 48.54
N THR C 105 -20.82 -1.29 48.09
CA THR C 105 -20.47 -0.14 47.26
C THR C 105 -19.95 1.05 48.07
N PRO C 106 -20.63 1.49 49.15
CA PRO C 106 -20.16 2.70 49.84
C PRO C 106 -18.75 2.59 50.39
N VAL C 107 -18.37 1.42 50.90
CA VAL C 107 -17.01 1.26 51.42
C VAL C 107 -16.00 1.37 50.28
N SER C 108 -16.32 0.81 49.11
CA SER C 108 -15.42 0.92 47.97
C SER C 108 -15.31 2.35 47.48
N TYR C 109 -16.42 3.09 47.46
CA TYR C 109 -16.37 4.49 47.05
C TYR C 109 -15.54 5.32 48.01
N THR C 110 -15.76 5.14 49.31
CA THR C 110 -15.05 5.94 50.30
C THR C 110 -13.57 5.58 50.39
N ALA C 111 -13.21 4.31 50.23
CA ALA C 111 -11.81 3.91 50.26
C ALA C 111 -11.11 4.04 48.92
N GLY C 112 -11.86 4.26 47.84
CA GLY C 112 -11.25 4.49 46.54
C GLY C 112 -10.80 5.91 46.30
N PHE C 113 -11.24 6.84 47.15
CA PHE C 113 -10.80 8.23 47.05
C PHE C 113 -9.29 8.32 47.27
N TYR C 114 -8.78 7.61 48.26
CA TYR C 114 -7.36 7.63 48.61
C TYR C 114 -6.61 6.42 48.08
N ARG C 115 -7.21 5.67 47.16
CA ARG C 115 -6.63 4.42 46.64
C ARG C 115 -6.36 3.42 47.76
N ILE C 116 -7.15 3.46 48.82
CA ILE C 116 -7.00 2.49 49.91
C ILE C 116 -7.65 1.20 49.42
N PRO C 117 -6.88 0.12 49.28
CA PRO C 117 -7.44 -1.11 48.71
C PRO C 117 -8.53 -1.70 49.60
N VAL C 118 -9.53 -2.29 48.96
CA VAL C 118 -10.63 -2.96 49.64
C VAL C 118 -10.81 -4.33 49.01
N LEU C 119 -11.15 -5.31 49.83
CA LEU C 119 -11.33 -6.69 49.39
C LEU C 119 -12.71 -7.16 49.83
N GLY C 120 -13.56 -7.47 48.86
CA GLY C 120 -14.85 -8.08 49.12
C GLY C 120 -14.75 -9.59 49.01
N LEU C 121 -15.54 -10.27 49.82
CA LEU C 121 -15.50 -11.74 49.85
C LEU C 121 -16.82 -12.38 49.42
N THR C 122 -17.96 -11.82 49.82
CA THR C 122 -19.24 -12.46 49.56
C THR C 122 -20.15 -11.57 48.73
N THR C 123 -19.61 -10.95 47.68
CA THR C 123 -20.41 -10.23 46.69
C THR C 123 -19.95 -10.68 45.32
N ARG C 124 -20.88 -11.18 44.50
CA ARG C 124 -20.53 -11.76 43.21
C ARG C 124 -21.19 -11.03 42.05
N MET C 125 -21.55 -9.76 42.24
CA MET C 125 -22.05 -8.97 41.12
C MET C 125 -20.91 -8.68 40.14
N SER C 126 -21.28 -8.19 38.96
CA SER C 126 -20.33 -7.95 37.89
C SER C 126 -19.93 -6.49 37.73
N ILE C 127 -20.70 -5.55 38.29
CA ILE C 127 -20.37 -4.14 38.15
C ILE C 127 -19.08 -3.78 38.86
N TYR C 128 -18.72 -4.51 39.91
CA TYR C 128 -17.51 -4.22 40.69
C TYR C 128 -16.23 -4.60 39.96
N SER C 129 -16.32 -5.18 38.77
CA SER C 129 -15.13 -5.54 38.00
C SER C 129 -14.69 -4.43 37.04
N ASP C 130 -15.42 -3.32 36.99
CA ASP C 130 -15.06 -2.19 36.14
C ASP C 130 -14.09 -1.31 36.91
N LYS C 131 -12.79 -1.41 36.57
CA LYS C 131 -11.75 -0.70 37.29
C LYS C 131 -11.79 0.80 37.09
N SER C 132 -12.66 1.32 36.23
CA SER C 132 -12.80 2.76 36.05
C SER C 132 -13.75 3.38 37.06
N ILE C 133 -14.75 2.64 37.52
CA ILE C 133 -15.68 3.18 38.51
C ILE C 133 -15.14 2.98 39.92
N HIS C 134 -14.92 1.74 40.31
CA HIS C 134 -14.32 1.40 41.60
C HIS C 134 -12.82 1.31 41.38
N LEU C 135 -12.11 2.37 41.78
CA LEU C 135 -10.70 2.51 41.40
C LEU C 135 -9.80 1.48 42.07
N SER C 136 -10.21 0.97 43.23
CA SER C 136 -9.44 -0.05 43.94
C SER C 136 -10.40 -1.08 44.50
N PHE C 137 -10.30 -2.31 44.02
CA PHE C 137 -11.19 -3.38 44.44
C PHE C 137 -10.61 -4.72 43.99
N LEU C 138 -10.60 -5.69 44.90
CA LEU C 138 -10.15 -7.04 44.59
C LEU C 138 -11.16 -8.03 45.16
N ARG C 139 -11.67 -8.91 44.30
CA ARG C 139 -12.69 -9.88 44.68
C ARG C 139 -12.06 -11.27 44.76
N THR C 140 -12.27 -11.93 45.90
CA THR C 140 -11.71 -13.25 46.16
C THR C 140 -12.66 -14.38 45.79
N VAL C 141 -13.57 -14.13 44.85
CA VAL C 141 -14.52 -15.15 44.38
C VAL C 141 -14.90 -14.80 42.95
N PRO C 142 -14.85 -15.76 42.02
CA PRO C 142 -15.10 -15.42 40.62
C PRO C 142 -16.50 -14.90 40.43
N PRO C 143 -16.70 -13.92 39.54
CA PRO C 143 -18.02 -13.31 39.38
C PRO C 143 -18.96 -14.22 38.58
N TYR C 144 -20.22 -13.77 38.51
CA TYR C 144 -21.24 -14.55 37.81
C TYR C 144 -20.92 -14.71 36.33
N SER C 145 -20.21 -13.75 35.74
CA SER C 145 -19.91 -13.81 34.31
C SER C 145 -19.02 -15.00 33.97
N HIS C 146 -18.00 -15.27 34.80
CA HIS C 146 -17.04 -16.31 34.50
C HIS C 146 -17.68 -17.68 34.34
N GLN C 147 -18.88 -17.86 34.92
CA GLN C 147 -19.62 -19.11 34.72
C GLN C 147 -19.66 -19.50 33.25
N SER C 148 -19.83 -18.51 32.37
CA SER C 148 -19.93 -18.76 30.93
C SER C 148 -18.85 -19.73 30.47
N SER C 149 -17.61 -19.54 30.95
CA SER C 149 -16.51 -20.36 30.50
C SER C 149 -16.82 -21.85 30.64
N VAL C 150 -17.30 -22.27 31.81
CA VAL C 150 -17.51 -23.69 32.04
C VAL C 150 -18.53 -24.23 31.05
N TRP C 151 -19.55 -23.42 30.72
CA TRP C 151 -20.52 -23.82 29.71
C TRP C 151 -19.79 -24.24 28.45
N PHE C 152 -18.96 -23.34 27.92
CA PHE C 152 -18.13 -23.62 26.76
C PHE C 152 -17.49 -25.00 26.89
N GLU C 153 -16.85 -25.25 28.03
CA GLU C 153 -16.19 -26.53 28.26
C GLU C 153 -17.14 -27.68 27.98
N MET C 154 -18.24 -27.76 28.73
CA MET C 154 -19.16 -28.88 28.52
C MET C 154 -19.77 -28.80 27.13
N MET C 155 -19.93 -27.59 26.59
CA MET C 155 -20.46 -27.45 25.24
C MET C 155 -19.56 -28.17 24.24
N ARG C 156 -18.25 -28.10 24.44
CA ARG C 156 -17.35 -28.80 23.52
C ARG C 156 -17.30 -30.29 23.82
N VAL C 157 -17.61 -30.68 25.06
CA VAL C 157 -17.46 -32.08 25.44
C VAL C 157 -18.52 -32.94 24.78
N TYR C 158 -19.77 -32.45 24.76
CA TYR C 158 -20.89 -33.22 24.25
C TYR C 158 -21.15 -32.95 22.77
N SER C 159 -20.24 -32.26 22.09
CA SER C 159 -20.31 -32.04 20.64
C SER C 159 -21.62 -31.33 20.25
N TRP C 160 -21.98 -30.31 21.02
CA TRP C 160 -23.17 -29.52 20.73
C TRP C 160 -22.75 -28.21 20.06
N ASN C 161 -23.37 -27.92 18.91
CA ASN C 161 -22.96 -26.78 18.10
C ASN C 161 -24.08 -25.77 17.85
N HIS C 162 -25.30 -26.05 18.27
CA HIS C 162 -26.44 -25.18 18.00
C HIS C 162 -27.08 -24.79 19.32
N ILE C 163 -27.10 -23.49 19.62
CA ILE C 163 -27.47 -22.98 20.93
C ILE C 163 -28.49 -21.86 20.75
N ILE C 164 -29.53 -21.87 21.57
CA ILE C 164 -30.42 -20.74 21.74
C ILE C 164 -30.02 -20.05 23.04
N LEU C 165 -29.47 -18.85 22.92
CA LEU C 165 -28.93 -18.13 24.07
C LEU C 165 -30.01 -17.17 24.58
N LEU C 166 -30.48 -17.41 25.80
CA LEU C 166 -31.59 -16.67 26.39
C LEU C 166 -31.06 -15.95 27.64
N VAL C 167 -30.59 -14.72 27.45
CA VAL C 167 -30.00 -13.93 28.51
C VAL C 167 -30.93 -12.75 28.83
N SER C 168 -30.93 -12.32 30.08
CA SER C 168 -31.76 -11.21 30.51
C SER C 168 -31.12 -9.89 30.09
N ASP C 169 -31.82 -8.79 30.34
CA ASP C 169 -31.37 -7.46 29.94
C ASP C 169 -30.43 -6.84 30.96
N ASP C 170 -30.33 -7.39 32.16
CA ASP C 170 -29.49 -6.83 33.21
C ASP C 170 -28.02 -6.74 32.78
N HIS C 171 -27.24 -5.89 33.46
CA HIS C 171 -25.85 -5.70 33.09
C HIS C 171 -25.06 -7.01 33.20
N GLU C 172 -25.39 -7.83 34.21
CA GLU C 172 -24.74 -9.13 34.33
C GLU C 172 -25.05 -10.01 33.13
N GLY C 173 -26.28 -9.98 32.65
CA GLY C 173 -26.63 -10.74 31.46
C GLY C 173 -25.84 -10.30 30.25
N ARG C 174 -25.69 -8.99 30.08
CA ARG C 174 -24.91 -8.48 28.95
C ARG C 174 -23.43 -8.84 29.08
N ALA C 175 -22.88 -8.81 30.30
CA ALA C 175 -21.48 -9.23 30.47
C ALA C 175 -21.30 -10.71 30.15
N ALA C 176 -22.23 -11.54 30.60
CA ALA C 176 -22.16 -12.97 30.27
C ALA C 176 -22.28 -13.18 28.76
N GLN C 177 -23.18 -12.44 28.11
CA GLN C 177 -23.31 -12.53 26.66
C GLN C 177 -22.01 -12.13 25.98
N LYS C 178 -21.38 -11.04 26.45
CA LYS C 178 -20.12 -10.60 25.87
C LYS C 178 -19.05 -11.68 25.97
N ARG C 179 -18.86 -12.23 27.17
CA ARG C 179 -17.82 -13.23 27.36
C ARG C 179 -18.09 -14.48 26.52
N LEU C 180 -19.34 -14.95 26.54
CA LEU C 180 -19.66 -16.17 25.80
C LEU C 180 -19.55 -15.97 24.29
N GLU C 181 -19.97 -14.80 23.79
CA GLU C 181 -19.88 -14.55 22.36
C GLU C 181 -18.42 -14.44 21.92
N THR C 182 -17.57 -13.83 22.76
CA THR C 182 -16.15 -13.80 22.42
C THR C 182 -15.57 -15.21 22.37
N LEU C 183 -15.88 -16.03 23.37
CA LEU C 183 -15.36 -17.39 23.42
C LEU C 183 -15.85 -18.21 22.23
N LEU C 184 -17.10 -18.01 21.83
CA LEU C 184 -17.64 -18.79 20.72
C LEU C 184 -17.12 -18.30 19.38
N GLU C 185 -17.02 -16.98 19.20
CA GLU C 185 -16.48 -16.44 17.96
C GLU C 185 -14.98 -16.71 17.83
N GLU C 186 -14.31 -17.11 18.91
CA GLU C 186 -12.94 -17.60 18.78
C GLU C 186 -12.86 -18.73 17.75
N ARG C 187 -13.90 -19.56 17.68
CA ARG C 187 -13.99 -20.61 16.66
C ARG C 187 -14.96 -20.25 15.54
N GLU C 188 -15.37 -18.99 15.44
CA GLU C 188 -16.36 -18.54 14.46
C GLU C 188 -17.68 -19.29 14.59
N SER C 189 -18.06 -19.65 15.81
CA SER C 189 -19.27 -20.43 16.02
C SER C 189 -20.52 -19.62 15.72
N LYS C 190 -20.60 -18.39 16.22
CA LYS C 190 -21.73 -17.51 15.99
C LYS C 190 -23.03 -18.17 16.47
N ALA C 191 -23.13 -18.30 17.79
CA ALA C 191 -24.30 -18.89 18.43
C ALA C 191 -25.59 -18.33 17.83
N GLU C 192 -26.60 -19.19 17.74
CA GLU C 192 -27.83 -18.84 17.05
C GLU C 192 -28.60 -17.75 17.79
N LYS C 193 -29.78 -17.39 17.27
CA LYS C 193 -30.53 -16.22 17.72
C LYS C 193 -30.50 -16.07 19.23
N VAL C 194 -30.09 -14.88 19.68
CA VAL C 194 -30.01 -14.54 21.09
C VAL C 194 -31.24 -13.73 21.46
N LEU C 195 -31.91 -14.13 22.53
CA LEU C 195 -33.18 -13.54 22.93
C LEU C 195 -32.98 -12.74 24.22
N GLN C 196 -33.43 -11.49 24.20
CA GLN C 196 -33.24 -10.57 25.32
C GLN C 196 -34.60 -10.16 25.86
N PHE C 197 -34.82 -10.40 27.15
CA PHE C 197 -36.04 -10.01 27.84
C PHE C 197 -35.72 -9.08 28.99
N ASP C 198 -36.64 -8.16 29.26
CA ASP C 198 -36.46 -7.24 30.37
C ASP C 198 -36.57 -7.98 31.70
N PRO C 199 -35.84 -7.54 32.72
CA PRO C 199 -35.94 -8.19 34.04
C PRO C 199 -37.18 -7.74 34.81
N GLY C 200 -37.95 -8.70 35.30
CA GLY C 200 -39.14 -8.39 36.08
C GLY C 200 -40.31 -7.89 35.27
N THR C 201 -40.84 -8.74 34.40
CA THR C 201 -42.01 -8.40 33.60
C THR C 201 -42.82 -9.67 33.35
N LYS C 202 -44.14 -9.58 33.52
CA LYS C 202 -45.00 -10.74 33.43
C LYS C 202 -45.40 -11.02 31.98
N ASN C 203 -45.86 -12.25 31.75
CA ASN C 203 -46.32 -12.73 30.45
C ASN C 203 -45.27 -12.47 29.36
N VAL C 204 -44.14 -13.17 29.50
CA VAL C 204 -43.00 -13.03 28.60
C VAL C 204 -43.05 -14.15 27.56
N THR C 205 -44.25 -14.68 27.32
CA THR C 205 -44.40 -15.85 26.44
C THR C 205 -43.87 -15.59 25.04
N ALA C 206 -43.99 -14.34 24.56
CA ALA C 206 -43.71 -14.04 23.15
C ALA C 206 -42.29 -14.44 22.76
N LEU C 207 -41.32 -14.26 23.66
CA LEU C 207 -39.94 -14.60 23.33
C LEU C 207 -39.79 -16.09 23.07
N LEU C 208 -40.34 -16.92 23.95
CA LEU C 208 -40.29 -18.36 23.74
C LEU C 208 -41.17 -18.80 22.58
N MET C 209 -42.25 -18.07 22.28
CA MET C 209 -43.04 -18.37 21.10
C MET C 209 -42.22 -18.16 19.83
N GLU C 210 -41.41 -17.11 19.79
CA GLU C 210 -40.49 -16.92 18.67
C GLU C 210 -39.37 -17.94 18.67
N ALA C 211 -38.92 -18.38 19.85
CA ALA C 211 -37.78 -19.29 19.93
C ALA C 211 -38.15 -20.71 19.55
N LYS C 212 -39.39 -21.13 19.85
CA LYS C 212 -39.78 -22.52 19.66
C LYS C 212 -39.72 -22.92 18.19
N GLU C 213 -39.97 -21.97 17.29
CA GLU C 213 -39.94 -22.29 15.86
C GLU C 213 -38.53 -22.59 15.39
N LEU C 214 -37.52 -22.22 16.17
CA LEU C 214 -36.14 -22.38 15.74
C LEU C 214 -35.72 -23.84 15.77
N GLU C 215 -34.56 -24.11 15.17
CA GLU C 215 -34.05 -25.47 15.00
C GLU C 215 -33.27 -25.97 16.22
N ALA C 216 -32.53 -25.09 16.89
CA ALA C 216 -31.63 -25.52 17.96
C ALA C 216 -32.42 -26.02 19.16
N ARG C 217 -31.86 -27.04 19.83
CA ARG C 217 -32.50 -27.69 20.97
C ARG C 217 -31.58 -27.67 22.18
N VAL C 218 -30.81 -26.60 22.34
CA VAL C 218 -29.95 -26.39 23.51
C VAL C 218 -30.09 -24.92 23.90
N ILE C 219 -30.72 -24.66 25.04
CA ILE C 219 -30.99 -23.30 25.48
C ILE C 219 -30.35 -23.06 26.84
N ILE C 220 -29.78 -21.88 27.01
CA ILE C 220 -29.10 -21.47 28.23
C ILE C 220 -29.89 -20.32 28.87
N LEU C 221 -29.52 -19.96 30.09
CA LEU C 221 -30.22 -18.89 30.79
C LEU C 221 -29.28 -18.20 31.76
N SER C 222 -29.52 -16.91 31.96
CA SER C 222 -28.84 -16.14 33.00
C SER C 222 -29.75 -14.97 33.36
N ALA C 223 -30.48 -15.09 34.46
CA ALA C 223 -31.45 -14.07 34.85
C ALA C 223 -31.47 -13.98 36.38
N SER C 224 -32.40 -13.19 36.89
CA SER C 224 -32.56 -13.03 38.32
C SER C 224 -33.14 -14.29 38.94
N GLU C 225 -33.13 -14.33 40.28
CA GLU C 225 -33.66 -15.49 40.99
C GLU C 225 -35.16 -15.65 40.75
N ASP C 226 -35.91 -14.54 40.77
CA ASP C 226 -37.36 -14.61 40.64
C ASP C 226 -37.80 -14.89 39.21
N ASP C 227 -37.14 -14.27 38.22
CA ASP C 227 -37.60 -14.38 36.83
C ASP C 227 -37.42 -15.79 36.29
N ALA C 228 -36.50 -16.57 36.86
CA ALA C 228 -36.34 -17.95 36.45
C ALA C 228 -37.63 -18.73 36.67
N ALA C 229 -38.35 -18.44 37.75
CA ALA C 229 -39.64 -19.08 37.97
C ALA C 229 -40.63 -18.71 36.87
N THR C 230 -40.63 -17.44 36.45
CA THR C 230 -41.54 -17.01 35.39
C THR C 230 -41.25 -17.75 34.09
N VAL C 231 -39.96 -17.83 33.70
CA VAL C 231 -39.64 -18.52 32.46
C VAL C 231 -39.92 -20.00 32.57
N TYR C 232 -39.72 -20.60 33.76
CA TYR C 232 -40.03 -22.01 33.94
C TYR C 232 -41.52 -22.28 33.79
N ARG C 233 -42.35 -21.42 34.38
CA ARG C 233 -43.81 -21.58 34.24
C ARG C 233 -44.23 -21.43 32.78
N ALA C 234 -43.67 -20.43 32.09
CA ALA C 234 -44.01 -20.25 30.67
C ALA C 234 -43.58 -21.45 29.84
N ALA C 235 -42.39 -21.99 30.09
CA ALA C 235 -41.91 -23.14 29.35
C ALA C 235 -42.78 -24.37 29.61
N ALA C 236 -43.14 -24.59 30.88
CA ALA C 236 -44.02 -25.70 31.22
C ALA C 236 -45.37 -25.55 30.54
N MET C 237 -45.86 -24.32 30.39
CA MET C 237 -47.09 -24.08 29.65
C MET C 237 -46.91 -24.45 28.18
N LEU C 238 -45.80 -24.02 27.58
CA LEU C 238 -45.56 -24.23 26.14
C LEU C 238 -44.99 -25.61 25.82
N ASN C 239 -44.88 -26.49 26.81
CA ASN C 239 -44.37 -27.87 26.68
C ASN C 239 -43.02 -27.94 25.99
N MET C 240 -42.27 -26.83 25.96
CA MET C 240 -40.91 -26.85 25.46
C MET C 240 -39.97 -27.63 26.36
N THR C 241 -40.41 -27.99 27.57
CA THR C 241 -39.63 -28.77 28.51
C THR C 241 -39.63 -30.26 28.19
N GLY C 242 -40.26 -30.68 27.09
CA GLY C 242 -40.40 -32.07 26.78
C GLY C 242 -39.08 -32.76 26.44
N SER C 243 -39.20 -34.00 26.00
CA SER C 243 -38.03 -34.82 25.71
C SER C 243 -37.24 -34.23 24.55
N GLY C 244 -35.94 -34.43 24.58
CA GLY C 244 -35.03 -33.86 23.58
C GLY C 244 -34.46 -32.51 23.96
N TYR C 245 -35.33 -31.60 24.40
CA TYR C 245 -34.87 -30.29 24.87
C TYR C 245 -33.99 -30.45 26.10
N VAL C 246 -32.87 -29.75 26.13
CA VAL C 246 -31.93 -29.81 27.25
C VAL C 246 -31.69 -28.39 27.75
N TRP C 247 -31.72 -28.24 29.07
CA TRP C 247 -31.48 -26.97 29.72
C TRP C 247 -30.16 -27.01 30.50
N LEU C 248 -29.62 -25.82 30.76
CA LEU C 248 -28.48 -25.66 31.66
C LEU C 248 -28.38 -24.20 32.08
N VAL C 249 -28.31 -23.95 33.39
CA VAL C 249 -28.44 -22.60 33.93
C VAL C 249 -27.27 -22.28 34.84
N GLY C 250 -27.31 -21.09 35.45
CA GLY C 250 -26.29 -20.63 36.37
C GLY C 250 -26.64 -20.90 37.82
N GLU C 251 -25.75 -20.45 38.70
CA GLU C 251 -25.90 -20.70 40.13
C GLU C 251 -27.12 -19.98 40.70
N ARG C 252 -27.34 -18.73 40.30
CA ARG C 252 -28.37 -17.90 40.89
C ARG C 252 -29.77 -18.31 40.41
N GLU C 253 -29.84 -19.21 39.44
CA GLU C 253 -31.10 -19.56 38.82
C GLU C 253 -31.77 -20.77 39.44
N ILE C 254 -31.04 -21.58 40.22
CA ILE C 254 -31.62 -22.82 40.73
C ILE C 254 -32.30 -22.60 42.08
N SER C 255 -31.63 -21.90 42.99
CA SER C 255 -32.09 -21.80 44.37
C SER C 255 -33.09 -20.65 44.54
N GLY C 256 -34.03 -20.85 45.46
CA GLY C 256 -35.00 -19.81 45.79
C GLY C 256 -36.40 -20.11 45.30
N ASN C 257 -37.06 -19.10 44.72
CA ASN C 257 -38.40 -19.29 44.18
C ASN C 257 -38.38 -20.25 42.99
N ALA C 258 -37.28 -20.29 42.25
CA ALA C 258 -37.22 -21.05 41.01
C ALA C 258 -37.12 -22.56 41.24
N LEU C 259 -36.59 -22.98 42.39
CA LEU C 259 -36.39 -24.41 42.62
C LEU C 259 -37.70 -25.18 42.69
N ARG C 260 -38.82 -24.49 42.93
CA ARG C 260 -40.12 -25.16 42.99
C ARG C 260 -40.65 -25.45 41.59
N TYR C 261 -40.67 -24.43 40.73
CA TYR C 261 -41.24 -24.52 39.40
C TYR C 261 -40.24 -24.98 38.34
N ALA C 262 -39.04 -25.38 38.75
CA ALA C 262 -37.99 -25.74 37.82
C ALA C 262 -38.33 -27.02 37.05
N PRO C 263 -37.90 -27.12 35.79
CA PRO C 263 -38.07 -28.37 35.04
C PRO C 263 -37.13 -29.44 35.56
N ASP C 264 -37.63 -30.67 35.59
CA ASP C 264 -36.85 -31.78 36.13
C ASP C 264 -35.67 -32.11 35.22
N GLY C 265 -34.52 -32.36 35.84
CA GLY C 265 -33.34 -32.79 35.12
C GLY C 265 -32.69 -31.75 34.26
N ILE C 266 -32.15 -30.70 34.87
CA ILE C 266 -31.43 -29.65 34.15
C ILE C 266 -30.02 -29.56 34.72
N LEU C 267 -29.04 -29.38 33.84
CA LEU C 267 -27.67 -29.22 34.29
C LEU C 267 -27.47 -27.86 34.95
N GLY C 268 -26.46 -27.78 35.80
CA GLY C 268 -26.18 -26.55 36.51
C GLY C 268 -24.79 -26.59 37.10
N LEU C 269 -24.54 -25.66 38.02
CA LEU C 269 -23.24 -25.61 38.68
C LEU C 269 -23.34 -24.77 39.94
N GLN C 270 -22.37 -24.96 40.83
CA GLN C 270 -22.24 -24.20 42.06
C GLN C 270 -20.76 -24.12 42.42
N LEU C 271 -20.42 -23.15 43.26
CA LEU C 271 -19.05 -22.98 43.74
C LEU C 271 -18.89 -23.69 45.07
N ILE C 272 -17.70 -24.24 45.30
CA ILE C 272 -17.53 -25.15 46.46
C ILE C 272 -17.78 -24.44 47.80
N ASN C 273 -17.16 -23.30 48.00
CA ASN C 273 -17.17 -22.68 49.32
C ASN C 273 -17.98 -21.40 49.37
N GLY C 274 -19.06 -21.33 48.59
CA GLY C 274 -19.93 -20.17 48.60
C GLY C 274 -20.58 -19.92 49.95
N LYS C 275 -20.50 -18.67 50.41
CA LYS C 275 -21.16 -18.20 51.62
C LYS C 275 -20.65 -18.87 52.89
N ASN C 276 -19.44 -19.44 52.88
CA ASN C 276 -18.91 -20.02 54.10
C ASN C 276 -18.32 -18.97 55.04
N GLU C 277 -17.71 -17.91 54.50
CA GLU C 277 -17.36 -16.68 55.20
C GLU C 277 -16.19 -16.84 56.16
N SER C 278 -15.74 -18.06 56.43
CA SER C 278 -14.67 -18.28 57.41
C SER C 278 -13.35 -18.66 56.76
N ALA C 279 -13.36 -19.53 55.76
CA ALA C 279 -12.13 -19.84 55.03
C ALA C 279 -11.62 -18.62 54.27
N HIS C 280 -12.54 -17.82 53.71
CA HIS C 280 -12.15 -16.67 52.92
C HIS C 280 -11.51 -15.59 53.78
N ILE C 281 -11.97 -15.44 55.02
CA ILE C 281 -11.37 -14.48 55.94
C ILE C 281 -9.91 -14.84 56.19
N SER C 282 -9.65 -16.10 56.49
CA SER C 282 -8.27 -16.54 56.72
C SER C 282 -7.44 -16.39 55.46
N ASP C 283 -8.02 -16.71 54.30
CA ASP C 283 -7.31 -16.56 53.03
C ASP C 283 -6.87 -15.11 52.83
N ALA C 284 -7.81 -14.17 52.96
CA ALA C 284 -7.50 -12.76 52.73
C ALA C 284 -6.51 -12.23 53.76
N VAL C 285 -6.66 -12.61 55.03
CA VAL C 285 -5.73 -12.16 56.05
C VAL C 285 -4.33 -12.67 55.74
N GLY C 286 -4.23 -13.94 55.34
CA GLY C 286 -2.92 -14.49 55.01
C GLY C 286 -2.27 -13.79 53.84
N VAL C 287 -3.03 -13.54 52.78
CA VAL C 287 -2.43 -12.92 51.59
C VAL C 287 -2.00 -11.48 51.89
N VAL C 288 -2.82 -10.72 52.62
CA VAL C 288 -2.44 -9.34 52.91
C VAL C 288 -1.25 -9.32 53.87
N ALA C 289 -1.20 -10.24 54.85
CA ALA C 289 -0.07 -10.29 55.76
C ALA C 289 1.20 -10.73 55.05
N GLN C 290 1.07 -11.50 53.96
CA GLN C 290 2.23 -11.78 53.12
C GLN C 290 2.66 -10.55 52.34
N ALA C 291 1.69 -9.74 51.90
CA ALA C 291 2.02 -8.59 51.06
C ALA C 291 2.66 -7.45 51.86
N VAL C 292 2.36 -7.37 53.17
CA VAL C 292 2.85 -6.22 53.94
C VAL C 292 4.37 -6.16 53.97
N HIS C 293 5.05 -7.31 54.04
CA HIS C 293 6.51 -7.30 54.12
C HIS C 293 7.13 -6.81 52.81
N GLU C 294 6.67 -7.34 51.69
CA GLU C 294 7.16 -6.92 50.39
C GLU C 294 6.83 -5.46 50.11
N LEU C 295 5.78 -4.93 50.74
CA LEU C 295 5.53 -3.49 50.63
C LEU C 295 6.51 -2.69 51.49
N LEU C 296 6.64 -3.07 52.76
CA LEU C 296 7.44 -2.28 53.70
C LEU C 296 8.92 -2.31 53.38
N GLU C 297 9.39 -3.29 52.60
CA GLU C 297 10.79 -3.37 52.25
C GLU C 297 11.17 -2.48 51.05
N LYS C 298 10.26 -1.62 50.58
CA LYS C 298 10.42 -0.92 49.32
C LYS C 298 10.74 0.57 49.50
N GLU C 299 11.19 0.97 50.69
CA GLU C 299 11.69 2.33 50.94
C GLU C 299 10.64 3.41 50.67
N ASN C 300 9.39 3.01 50.55
CA ASN C 300 8.26 3.92 50.33
C ASN C 300 7.29 3.87 51.50
N ILE C 301 7.83 3.93 52.72
CA ILE C 301 7.12 3.60 53.94
C ILE C 301 6.03 4.61 54.27
N THR C 302 5.81 5.61 53.41
CA THR C 302 4.82 6.64 53.65
C THR C 302 3.48 6.05 54.08
N ASP C 303 2.82 6.72 55.05
CA ASP C 303 1.67 6.26 55.79
C ASP C 303 0.36 6.77 55.17
N PRO C 304 -0.74 6.03 55.36
CA PRO C 304 -2.03 6.47 54.83
C PRO C 304 -2.55 7.68 55.62
N PRO C 305 -3.54 8.40 55.07
CA PRO C 305 -4.04 9.60 55.75
C PRO C 305 -4.86 9.24 56.98
N ARG C 306 -4.50 9.84 58.12
CA ARG C 306 -5.27 9.69 59.35
C ARG C 306 -6.18 10.91 59.50
N GLY C 307 -7.45 10.73 59.14
CA GLY C 307 -8.40 11.82 59.17
C GLY C 307 -9.28 11.89 57.94
N CYS C 308 -10.58 12.08 58.13
CA CYS C 308 -11.52 12.21 57.03
C CYS C 308 -11.72 13.66 56.60
N VAL C 309 -10.99 14.60 57.22
CA VAL C 309 -11.12 16.02 56.90
C VAL C 309 -9.73 16.63 56.82
N GLY C 310 -9.53 17.54 55.86
CA GLY C 310 -8.31 18.28 55.71
C GLY C 310 -7.26 17.60 54.84
N ASN C 311 -7.28 16.27 54.76
CA ASN C 311 -6.31 15.53 53.96
C ASN C 311 -6.91 15.23 52.58
N THR C 312 -6.99 16.29 51.77
CA THR C 312 -7.54 16.20 50.42
C THR C 312 -6.41 15.84 49.46
N ASN C 313 -6.04 14.57 49.47
CA ASN C 313 -5.05 14.02 48.56
C ASN C 313 -5.13 12.50 48.64
N ILE C 314 -4.55 11.84 47.66
CA ILE C 314 -4.55 10.38 47.60
C ILE C 314 -3.28 9.86 48.26
N TRP C 315 -3.32 8.58 48.62
CA TRP C 315 -2.13 7.91 49.16
C TRP C 315 -1.04 7.88 48.09
N LYS C 316 0.20 8.11 48.52
CA LYS C 316 1.33 8.20 47.60
C LYS C 316 1.90 6.85 47.21
N THR C 317 1.50 5.78 47.88
CA THR C 317 1.99 4.44 47.55
C THR C 317 0.88 3.41 47.35
N GLY C 318 -0.39 3.82 47.40
CA GLY C 318 -1.48 2.90 47.15
C GLY C 318 -1.44 2.20 45.80
N PRO C 319 -1.11 2.91 44.71
CA PRO C 319 -0.92 2.20 43.43
C PRO C 319 0.10 1.08 43.51
N LEU C 320 1.24 1.30 44.17
CA LEU C 320 2.23 0.24 44.29
C LEU C 320 1.75 -0.89 45.19
N PHE C 321 1.03 -0.56 46.27
CA PHE C 321 0.49 -1.60 47.14
C PHE C 321 -0.50 -2.48 46.39
N LYS C 322 -1.35 -1.88 45.57
CA LYS C 322 -2.27 -2.68 44.75
C LYS C 322 -1.50 -3.48 43.71
N ARG C 323 -0.46 -2.89 43.11
CA ARG C 323 0.30 -3.58 42.08
C ARG C 323 1.04 -4.79 42.63
N VAL C 324 1.49 -4.74 43.89
CA VAL C 324 2.14 -5.89 44.50
C VAL C 324 1.12 -6.87 45.06
N LEU C 325 -0.04 -6.39 45.51
CA LEU C 325 -1.07 -7.28 46.01
C LEU C 325 -1.67 -8.13 44.89
N MET C 326 -1.83 -7.55 43.71
CA MET C 326 -2.45 -8.27 42.60
C MET C 326 -1.62 -9.48 42.19
N SER C 327 -0.30 -9.34 42.17
CA SER C 327 0.60 -10.43 41.78
C SER C 327 1.13 -11.19 42.99
N SER C 328 0.36 -11.29 44.07
CA SER C 328 0.78 -12.01 45.27
C SER C 328 0.22 -13.42 45.20
N LYS C 329 1.09 -14.40 44.95
CA LYS C 329 0.69 -15.80 44.87
C LYS C 329 0.81 -16.45 46.23
N TYR C 330 -0.30 -16.92 46.77
CA TYR C 330 -0.32 -17.59 48.06
C TYR C 330 -0.13 -19.10 47.87
N ALA C 331 0.41 -19.75 48.89
CA ALA C 331 0.86 -21.13 48.75
C ALA C 331 -0.30 -22.11 48.85
N ASP C 332 -0.95 -22.19 50.02
CA ASP C 332 -2.07 -23.12 50.18
C ASP C 332 -2.99 -22.56 51.27
N GLY C 333 -4.24 -22.34 50.90
CA GLY C 333 -5.26 -21.91 51.84
C GLY C 333 -6.26 -23.00 52.11
N VAL C 334 -7.28 -22.65 52.89
CA VAL C 334 -8.37 -23.60 53.13
C VAL C 334 -9.08 -23.93 51.83
N THR C 335 -9.09 -23.00 50.88
CA THR C 335 -9.71 -23.20 49.57
C THR C 335 -8.67 -23.41 48.47
N GLY C 336 -7.56 -24.07 48.78
CA GLY C 336 -6.57 -24.41 47.77
C GLY C 336 -5.76 -23.20 47.32
N ARG C 337 -5.12 -23.39 46.15
CA ARG C 337 -4.29 -22.34 45.57
C ARG C 337 -5.10 -21.09 45.29
N VAL C 338 -4.50 -19.94 45.59
CA VAL C 338 -5.17 -18.64 45.45
C VAL C 338 -4.30 -17.73 44.59
N GLU C 339 -4.93 -17.09 43.59
CA GLU C 339 -4.23 -16.22 42.68
C GLU C 339 -5.20 -15.15 42.19
N PHE C 340 -4.70 -14.26 41.34
CA PHE C 340 -5.49 -13.15 40.82
C PHE C 340 -5.25 -12.99 39.33
N ASN C 341 -6.03 -12.11 38.70
CA ASN C 341 -5.92 -11.83 37.28
C ASN C 341 -5.83 -10.32 37.07
N GLU C 342 -5.39 -9.93 35.88
CA GLU C 342 -5.18 -8.52 35.57
C GLU C 342 -6.44 -7.67 35.74
N ASP C 343 -7.61 -8.28 35.62
CA ASP C 343 -8.85 -7.54 35.88
C ASP C 343 -9.11 -7.36 37.38
N GLY C 344 -8.34 -8.05 38.23
CA GLY C 344 -8.53 -7.98 39.66
C GLY C 344 -9.45 -9.04 40.23
N ASP C 345 -9.96 -9.95 39.41
CA ASP C 345 -10.88 -10.99 39.85
C ASP C 345 -10.11 -12.28 40.13
N ARG C 346 -10.67 -13.09 41.02
CA ARG C 346 -10.03 -14.34 41.40
C ARG C 346 -10.07 -15.33 40.22
N LYS C 347 -8.91 -15.90 39.91
CA LYS C 347 -8.80 -16.87 38.84
C LYS C 347 -8.60 -18.28 39.41
N PHE C 348 -8.88 -19.28 38.56
CA PHE C 348 -8.67 -20.69 38.88
C PHE C 348 -9.49 -21.11 40.11
N ALA C 349 -10.81 -21.02 39.94
CA ALA C 349 -11.76 -21.63 40.85
C ALA C 349 -12.48 -22.75 40.12
N ASN C 350 -12.93 -23.75 40.88
CA ASN C 350 -13.55 -24.92 40.29
C ASN C 350 -14.92 -25.16 40.87
N TYR C 351 -15.87 -25.54 40.00
CA TYR C 351 -17.27 -25.62 40.32
C TYR C 351 -17.70 -27.08 40.54
N SER C 352 -19.00 -27.27 40.76
CA SER C 352 -19.58 -28.59 40.96
C SER C 352 -20.87 -28.67 40.17
N ILE C 353 -20.91 -29.56 39.18
CA ILE C 353 -22.09 -29.70 38.33
C ILE C 353 -23.22 -30.31 39.14
N MET C 354 -24.42 -29.72 39.04
CA MET C 354 -25.58 -30.19 39.76
C MET C 354 -26.67 -30.62 38.78
N ASN C 355 -27.51 -31.54 39.23
CA ASN C 355 -28.58 -32.08 38.39
C ASN C 355 -29.78 -32.39 39.28
N LEU C 356 -30.98 -32.18 38.75
CA LEU C 356 -32.20 -32.27 39.53
C LEU C 356 -32.89 -33.59 39.18
N GLN C 357 -32.68 -34.61 40.02
CA GLN C 357 -33.36 -35.89 39.88
C GLN C 357 -34.34 -36.07 41.03
N ASN C 358 -35.63 -36.22 40.71
CA ASN C 358 -36.68 -36.47 41.70
C ASN C 358 -36.66 -35.43 42.82
N ARG C 359 -36.53 -34.16 42.42
CA ARG C 359 -36.46 -33.00 43.32
C ARG C 359 -35.22 -33.01 44.21
N LYS C 360 -34.28 -33.91 43.97
CA LYS C 360 -33.07 -34.05 44.79
C LYS C 360 -31.85 -33.74 43.92
N LEU C 361 -31.11 -32.69 44.29
CA LEU C 361 -29.88 -32.35 43.60
C LEU C 361 -28.80 -33.40 43.87
N VAL C 362 -28.03 -33.73 42.84
CA VAL C 362 -26.93 -34.68 42.98
C VAL C 362 -25.82 -34.29 42.00
N GLN C 363 -24.58 -34.30 42.48
CA GLN C 363 -23.45 -33.97 41.63
C GLN C 363 -23.21 -35.07 40.60
N VAL C 364 -22.93 -34.66 39.36
CA VAL C 364 -22.60 -35.58 38.29
C VAL C 364 -21.24 -35.31 37.68
N GLY C 365 -20.56 -34.24 38.10
CA GLY C 365 -19.25 -33.92 37.55
C GLY C 365 -18.62 -32.79 38.33
N ILE C 366 -17.31 -32.68 38.20
CA ILE C 366 -16.51 -31.70 38.92
C ILE C 366 -15.69 -30.90 37.92
N TYR C 367 -15.72 -29.57 38.05
CA TYR C 367 -14.99 -28.70 37.09
C TYR C 367 -13.62 -28.22 37.60
N ASN C 368 -12.56 -28.86 37.11
CA ASN C 368 -11.14 -28.46 37.37
C ASN C 368 -10.81 -27.26 36.46
N GLY C 369 -9.78 -26.47 36.82
CA GLY C 369 -9.24 -25.28 36.12
C GLY C 369 -9.72 -25.09 34.69
N THR C 370 -9.57 -26.10 33.83
CA THR C 370 -10.08 -26.01 32.46
C THR C 370 -11.08 -27.10 32.14
N HIS C 371 -10.74 -28.37 32.38
CA HIS C 371 -11.60 -29.48 31.99
C HIS C 371 -12.65 -29.76 33.05
N VAL C 372 -13.64 -30.57 32.67
CA VAL C 372 -14.68 -31.05 33.58
C VAL C 372 -14.64 -32.57 33.56
N ILE C 373 -14.55 -33.17 34.75
CA ILE C 373 -14.37 -34.62 34.89
C ILE C 373 -15.66 -35.20 35.47
N PRO C 374 -16.26 -36.20 34.83
CA PRO C 374 -17.40 -36.89 35.43
C PRO C 374 -16.96 -37.72 36.63
N ASN C 375 -17.94 -38.13 37.44
CA ASN C 375 -17.63 -38.86 38.67
C ASN C 375 -18.73 -39.88 38.93
N ASP C 376 -18.51 -41.11 38.47
CA ASP C 376 -19.22 -42.33 38.87
C ASP C 376 -20.73 -42.19 38.90
N ARG C 377 -21.31 -41.30 38.10
CA ARG C 377 -22.75 -41.11 38.10
C ARG C 377 -23.23 -40.89 36.66
N LYS C 378 -24.53 -41.08 36.46
CA LYS C 378 -25.17 -40.93 35.16
C LYS C 378 -26.19 -39.80 35.21
N ILE C 379 -26.36 -39.14 34.08
CA ILE C 379 -27.23 -37.97 33.99
C ILE C 379 -28.65 -38.42 33.65
N ILE C 380 -29.62 -37.62 34.07
CA ILE C 380 -31.03 -37.86 33.79
C ILE C 380 -31.55 -36.63 33.05
N TRP C 381 -31.67 -36.74 31.72
CA TRP C 381 -32.18 -35.65 30.92
C TRP C 381 -33.70 -35.51 31.13
N PRO C 382 -34.28 -34.37 30.79
CA PRO C 382 -35.68 -34.11 31.17
C PRO C 382 -36.67 -35.13 30.62
N GLY C 383 -36.33 -35.85 29.56
CA GLY C 383 -37.21 -36.88 29.04
C GLY C 383 -36.91 -38.25 29.58
N GLY C 384 -36.02 -38.33 30.57
CA GLY C 384 -35.64 -39.61 31.13
C GLY C 384 -34.73 -40.43 30.27
N GLU C 385 -34.13 -39.86 29.23
CA GLU C 385 -33.28 -40.60 28.33
C GLU C 385 -32.03 -41.11 29.04
N THR C 386 -31.31 -42.00 28.36
CA THR C 386 -30.09 -42.57 28.91
C THR C 386 -28.92 -42.48 27.93
N GLU C 387 -29.15 -42.07 26.69
CA GLU C 387 -28.09 -41.79 25.73
C GLU C 387 -28.00 -40.28 25.52
N LYS C 388 -26.83 -39.84 25.07
CA LYS C 388 -26.57 -38.41 24.87
C LYS C 388 -27.57 -37.83 23.88
N PRO C 389 -28.54 -37.02 24.33
CA PRO C 389 -29.55 -36.49 23.40
C PRO C 389 -28.82 -35.66 22.36
N ARG C 390 -29.07 -35.95 21.07
CA ARG C 390 -28.42 -35.16 20.00
C ARG C 390 -29.16 -33.83 19.89
N GLY C 391 -28.44 -32.76 19.62
CA GLY C 391 -29.09 -31.44 19.48
C GLY C 391 -29.40 -31.09 18.02
N TYR C 392 -30.24 -30.07 17.82
CA TYR C 392 -30.58 -29.60 16.46
C TYR C 392 -31.42 -30.65 15.73
N GLN C 393 -32.62 -30.92 16.23
CA GLN C 393 -33.43 -31.89 15.46
C GLN C 393 -33.72 -31.26 14.11
N MET C 394 -33.33 -31.96 13.04
CA MET C 394 -33.42 -31.60 11.63
C MET C 394 -34.87 -31.47 11.15
N SER C 395 -35.24 -30.27 10.69
CA SER C 395 -36.60 -29.95 10.30
C SER C 395 -36.74 -30.02 8.78
N THR C 396 -37.92 -30.44 8.32
CA THR C 396 -38.15 -30.70 6.90
C THR C 396 -39.39 -29.99 6.35
N ARG C 397 -39.77 -28.85 6.93
CA ARG C 397 -40.83 -28.02 6.37
C ARG C 397 -40.28 -26.62 6.18
N LEU C 398 -40.26 -26.14 4.92
CA LEU C 398 -39.55 -24.93 4.55
C LEU C 398 -40.52 -23.84 4.12
N LYS C 399 -40.17 -22.60 4.44
CA LYS C 399 -40.85 -21.42 3.90
C LYS C 399 -40.05 -20.88 2.72
N ILE C 400 -40.77 -20.37 1.72
CA ILE C 400 -40.15 -19.93 0.49
C ILE C 400 -40.77 -18.61 0.07
N VAL C 401 -39.92 -17.68 -0.36
CA VAL C 401 -40.37 -16.38 -0.83
C VAL C 401 -40.33 -16.36 -2.36
N THR C 402 -41.11 -15.46 -2.96
CA THR C 402 -41.22 -15.33 -4.41
C THR C 402 -41.76 -13.92 -4.69
N ILE C 403 -41.72 -13.53 -5.96
CA ILE C 403 -42.19 -12.21 -6.39
C ILE C 403 -42.96 -12.37 -7.69
N HIS C 404 -43.97 -11.53 -7.87
CA HIS C 404 -44.79 -11.58 -9.08
C HIS C 404 -43.95 -11.16 -10.29
N GLN C 405 -43.81 -12.06 -11.26
CA GLN C 405 -43.06 -11.78 -12.47
C GLN C 405 -43.78 -12.45 -13.64
N GLU C 406 -43.85 -11.76 -14.77
CA GLU C 406 -44.74 -12.11 -15.87
C GLU C 406 -44.57 -13.54 -16.37
N PRO C 407 -43.41 -13.94 -16.91
CA PRO C 407 -43.33 -15.24 -17.58
C PRO C 407 -43.06 -16.42 -16.65
N PHE C 408 -42.76 -16.18 -15.38
CA PHE C 408 -42.35 -17.22 -14.46
C PHE C 408 -43.37 -17.51 -13.37
N VAL C 409 -43.84 -16.49 -12.67
CA VAL C 409 -44.69 -16.66 -11.49
C VAL C 409 -45.94 -15.81 -11.71
N TYR C 410 -47.00 -16.44 -12.23
CA TYR C 410 -48.32 -15.82 -12.28
C TYR C 410 -49.00 -15.92 -10.92
N VAL C 411 -49.61 -14.81 -10.50
CA VAL C 411 -50.46 -14.77 -9.32
C VAL C 411 -51.86 -14.35 -9.76
N LYS C 412 -52.87 -14.97 -9.18
CA LYS C 412 -54.26 -14.71 -9.55
C LYS C 412 -55.12 -14.75 -8.30
N PRO C 413 -56.26 -14.05 -8.31
CA PRO C 413 -57.21 -14.18 -7.19
C PRO C 413 -57.71 -15.61 -7.07
N THR C 414 -57.87 -16.05 -5.82
CA THR C 414 -58.44 -17.36 -5.57
C THR C 414 -59.91 -17.38 -5.95
N LEU C 415 -60.44 -18.58 -6.17
CA LEU C 415 -61.84 -18.72 -6.51
C LEU C 415 -62.72 -18.31 -5.32
N SER C 416 -64.01 -18.14 -5.59
CA SER C 416 -64.94 -17.67 -4.56
C SER C 416 -65.03 -18.67 -3.41
N ASP C 417 -65.01 -19.96 -3.70
CA ASP C 417 -65.13 -20.98 -2.67
C ASP C 417 -63.95 -20.92 -1.69
N GLY C 418 -62.75 -20.71 -2.21
CA GLY C 418 -61.56 -20.71 -1.39
C GLY C 418 -60.38 -21.36 -2.07
N THR C 419 -60.65 -22.28 -2.99
CA THR C 419 -59.62 -22.82 -3.86
C THR C 419 -59.36 -21.83 -4.98
N CYS C 420 -58.63 -22.24 -6.01
CA CYS C 420 -58.44 -21.41 -7.19
C CYS C 420 -58.91 -22.17 -8.42
N LYS C 421 -59.12 -21.43 -9.51
CA LYS C 421 -59.87 -21.92 -10.65
C LYS C 421 -59.27 -23.19 -11.24
N GLU C 422 -60.13 -24.17 -11.49
CA GLU C 422 -59.71 -25.40 -12.16
C GLU C 422 -59.48 -25.14 -13.63
N GLU C 423 -58.22 -25.19 -14.06
CA GLU C 423 -57.85 -24.90 -15.44
C GLU C 423 -57.23 -26.14 -16.06
N PHE C 424 -56.91 -26.03 -17.36
CA PHE C 424 -56.33 -27.15 -18.10
C PHE C 424 -55.34 -26.60 -19.10
N THR C 425 -54.36 -27.43 -19.45
CA THR C 425 -53.44 -27.09 -20.52
C THR C 425 -54.10 -27.31 -21.87
N VAL C 426 -53.57 -26.64 -22.90
CA VAL C 426 -54.14 -26.74 -24.23
C VAL C 426 -54.00 -28.16 -24.78
N ASN C 427 -53.00 -28.90 -24.31
CA ASN C 427 -52.73 -30.25 -24.79
C ASN C 427 -53.42 -31.32 -23.94
N GLY C 428 -54.38 -30.94 -23.10
CA GLY C 428 -55.06 -31.90 -22.26
C GLY C 428 -54.24 -32.35 -21.08
N ASP C 429 -53.93 -31.42 -20.17
CA ASP C 429 -53.16 -31.73 -18.97
C ASP C 429 -53.52 -30.70 -17.91
N PRO C 430 -53.54 -31.09 -16.64
CA PRO C 430 -53.84 -30.11 -15.59
C PRO C 430 -52.74 -29.09 -15.43
N VAL C 431 -53.12 -27.90 -14.97
CA VAL C 431 -52.17 -26.83 -14.69
C VAL C 431 -52.01 -26.82 -13.17
N LYS C 432 -50.87 -27.32 -12.70
CA LYS C 432 -50.62 -27.39 -11.27
C LYS C 432 -50.45 -25.99 -10.70
N LYS C 433 -51.15 -25.72 -9.61
CA LYS C 433 -51.09 -24.43 -8.93
C LYS C 433 -50.90 -24.65 -7.44
N VAL C 434 -50.62 -23.57 -6.72
CA VAL C 434 -50.47 -23.62 -5.27
C VAL C 434 -51.15 -22.41 -4.66
N ILE C 435 -51.37 -22.47 -3.35
CA ILE C 435 -51.96 -21.37 -2.60
C ILE C 435 -50.83 -20.54 -2.02
N CYS C 436 -50.76 -19.27 -2.39
CA CYS C 436 -49.68 -18.38 -2.00
C CYS C 436 -50.26 -17.20 -1.22
N THR C 437 -49.86 -17.11 0.06
CA THR C 437 -50.23 -15.94 0.88
C THR C 437 -49.30 -14.79 0.54
N GLY C 438 -49.31 -13.74 1.36
CA GLY C 438 -48.32 -12.69 1.21
C GLY C 438 -48.83 -11.27 1.30
N PRO C 439 -48.63 -10.50 0.24
CA PRO C 439 -48.61 -9.04 0.35
C PRO C 439 -49.97 -8.40 0.59
N ASN C 440 -49.97 -7.06 0.62
CA ASN C 440 -51.20 -6.32 0.88
C ASN C 440 -52.22 -6.49 -0.24
N ASP C 441 -51.76 -6.88 -1.43
CA ASP C 441 -52.54 -6.98 -2.67
C ASP C 441 -53.00 -5.61 -3.17
N THR C 442 -52.72 -4.54 -2.42
CA THR C 442 -52.92 -3.16 -2.85
C THR C 442 -51.62 -2.43 -2.54
N SER C 443 -50.80 -2.22 -3.57
CA SER C 443 -49.41 -1.79 -3.34
C SER C 443 -49.29 -0.47 -2.61
N PRO C 444 -49.84 0.65 -3.12
CA PRO C 444 -49.53 1.96 -2.49
C PRO C 444 -50.04 2.10 -1.06
N GLY C 445 -51.34 1.96 -0.85
CA GLY C 445 -51.90 2.19 0.47
C GLY C 445 -52.70 1.06 1.06
N SER C 446 -52.14 0.40 2.08
CA SER C 446 -52.85 -0.54 2.93
C SER C 446 -52.01 -0.82 4.17
N PRO C 447 -52.55 -0.62 5.38
CA PRO C 447 -51.77 -0.98 6.57
C PRO C 447 -51.48 -2.46 6.67
N ARG C 448 -52.50 -3.31 6.50
CA ARG C 448 -52.31 -4.76 6.54
C ARG C 448 -53.51 -5.44 5.90
N HIS C 449 -53.28 -6.14 4.79
CA HIS C 449 -54.31 -7.02 4.22
C HIS C 449 -53.59 -8.17 3.53
N THR C 450 -53.37 -9.25 4.29
CA THR C 450 -52.65 -10.43 3.80
C THR C 450 -53.67 -11.52 3.46
N VAL C 451 -54.33 -11.36 2.32
CA VAL C 451 -55.34 -12.30 1.86
C VAL C 451 -54.69 -13.24 0.85
N PRO C 452 -54.84 -14.55 1.00
CA PRO C 452 -54.16 -15.49 0.09
C PRO C 452 -54.67 -15.40 -1.34
N GLN C 453 -53.78 -15.75 -2.27
CA GLN C 453 -54.10 -15.86 -3.70
C GLN C 453 -53.62 -17.20 -4.22
N CYS C 454 -53.67 -17.43 -5.53
CA CYS C 454 -53.23 -18.69 -6.11
C CYS C 454 -52.15 -18.42 -7.14
N CYS C 455 -51.05 -19.17 -7.07
CA CYS C 455 -49.88 -18.94 -7.91
C CYS C 455 -49.61 -20.16 -8.78
N TYR C 456 -48.97 -19.90 -9.93
CA TYR C 456 -48.67 -20.96 -10.88
C TYR C 456 -47.66 -20.44 -11.90
N GLY C 457 -46.89 -21.35 -12.48
CA GLY C 457 -46.05 -21.00 -13.61
C GLY C 457 -44.73 -21.76 -13.59
N PHE C 458 -43.76 -21.17 -14.31
CA PHE C 458 -42.42 -21.72 -14.48
C PHE C 458 -41.81 -22.17 -13.16
N CYS C 459 -41.58 -21.21 -12.26
CA CYS C 459 -40.88 -21.51 -11.01
C CYS C 459 -41.72 -22.39 -10.11
N ILE C 460 -43.04 -22.32 -10.20
CA ILE C 460 -43.88 -23.18 -9.36
C ILE C 460 -43.78 -24.63 -9.80
N ASP C 461 -43.79 -24.89 -11.11
CA ASP C 461 -43.58 -26.25 -11.59
C ASP C 461 -42.19 -26.76 -11.20
N LEU C 462 -41.18 -25.90 -11.32
CA LEU C 462 -39.84 -26.28 -10.85
C LEU C 462 -39.86 -26.62 -9.36
N LEU C 463 -40.59 -25.84 -8.56
CA LEU C 463 -40.66 -26.07 -7.13
C LEU C 463 -41.34 -27.39 -6.80
N ILE C 464 -42.42 -27.72 -7.52
CA ILE C 464 -43.09 -29.00 -7.29
C ILE C 464 -42.16 -30.15 -7.62
N LYS C 465 -41.47 -30.08 -8.76
CA LYS C 465 -40.55 -31.14 -9.13
C LYS C 465 -39.42 -31.26 -8.11
N LEU C 466 -38.91 -30.12 -7.62
CA LEU C 466 -37.85 -30.14 -6.63
C LEU C 466 -38.32 -30.77 -5.32
N ALA C 467 -39.55 -30.43 -4.89
CA ALA C 467 -40.05 -30.93 -3.62
C ALA C 467 -40.36 -32.42 -3.68
N ARG C 468 -40.72 -32.92 -4.87
CA ARG C 468 -41.07 -34.33 -4.98
C ARG C 468 -39.89 -35.23 -4.61
N THR C 469 -38.69 -34.90 -5.09
CA THR C 469 -37.58 -35.85 -4.99
C THR C 469 -36.89 -35.79 -3.64
N MET C 470 -37.11 -34.73 -2.87
CA MET C 470 -36.38 -34.52 -1.62
C MET C 470 -37.26 -34.57 -0.39
N ASN C 471 -38.57 -34.72 -0.56
CA ASN C 471 -39.54 -34.96 0.51
C ASN C 471 -39.69 -33.78 1.48
N PHE C 472 -39.28 -32.57 1.11
CA PHE C 472 -39.62 -31.48 2.00
C PHE C 472 -41.03 -30.97 1.66
N THR C 473 -41.59 -30.19 2.59
CA THR C 473 -42.94 -29.65 2.44
C THR C 473 -42.84 -28.14 2.46
N TYR C 474 -43.35 -27.49 1.42
CA TYR C 474 -43.17 -26.06 1.24
C TYR C 474 -44.35 -25.28 1.81
N GLU C 475 -44.10 -24.01 2.08
CA GLU C 475 -45.16 -23.05 2.44
C GLU C 475 -44.83 -21.74 1.73
N VAL C 476 -45.37 -21.57 0.53
CA VAL C 476 -45.01 -20.43 -0.31
C VAL C 476 -45.72 -19.18 0.18
N HIS C 477 -44.94 -18.11 0.40
CA HIS C 477 -45.47 -16.81 0.77
C HIS C 477 -44.71 -15.75 0.01
N LEU C 478 -45.43 -14.74 -0.49
CA LEU C 478 -44.82 -13.76 -1.37
C LEU C 478 -43.99 -12.75 -0.58
N VAL C 479 -43.39 -11.80 -1.31
CA VAL C 479 -42.50 -10.81 -0.74
C VAL C 479 -43.32 -9.70 -0.10
N ALA C 480 -42.70 -8.94 0.80
CA ALA C 480 -43.38 -7.82 1.45
C ALA C 480 -43.13 -6.51 0.70
N ASP C 481 -41.86 -6.14 0.54
CA ASP C 481 -41.53 -4.86 -0.08
C ASP C 481 -41.91 -4.83 -1.55
N GLY C 482 -41.70 -5.93 -2.27
CA GLY C 482 -41.91 -5.96 -3.70
C GLY C 482 -40.69 -5.61 -4.53
N LYS C 483 -39.54 -5.39 -3.91
CA LYS C 483 -38.30 -5.11 -4.61
C LYS C 483 -37.43 -6.37 -4.62
N PHE C 484 -36.70 -6.57 -5.71
CA PHE C 484 -35.88 -7.77 -5.86
C PHE C 484 -34.84 -7.87 -4.74
N GLY C 485 -34.22 -6.75 -4.39
CA GLY C 485 -33.31 -6.73 -3.27
C GLY C 485 -32.00 -6.03 -3.55
N THR C 486 -31.60 -5.11 -2.67
CA THR C 486 -30.34 -4.41 -2.78
C THR C 486 -29.74 -4.21 -1.41
N GLN C 487 -28.58 -3.58 -1.37
CA GLN C 487 -27.94 -3.16 -0.14
C GLN C 487 -28.13 -1.65 0.02
N GLU C 488 -28.51 -1.23 1.22
CA GLU C 488 -28.77 0.18 1.49
C GLU C 488 -28.07 0.58 2.77
N ARG C 489 -27.61 1.83 2.81
CA ARG C 489 -27.04 2.41 4.02
C ARG C 489 -28.13 3.19 4.73
N VAL C 490 -28.54 2.71 5.89
CA VAL C 490 -29.54 3.40 6.70
C VAL C 490 -28.91 4.67 7.26
N ASN C 491 -29.68 5.76 7.23
CA ASN C 491 -29.16 7.05 7.66
C ASN C 491 -28.69 6.99 9.10
N ASN C 492 -27.67 7.79 9.42
CA ASN C 492 -27.06 7.84 10.75
C ASN C 492 -26.37 6.53 11.12
N SER C 493 -25.84 5.81 10.13
CA SER C 493 -25.10 4.59 10.37
C SER C 493 -24.35 4.20 9.11
N ASN C 494 -23.19 3.57 9.31
CA ASN C 494 -22.42 3.00 8.22
C ASN C 494 -22.61 1.49 8.07
N LYS C 495 -23.15 0.84 9.09
CA LYS C 495 -23.46 -0.59 9.01
C LYS C 495 -24.53 -0.82 7.95
N LYS C 496 -24.14 -1.44 6.84
CA LYS C 496 -25.05 -1.63 5.72
C LYS C 496 -26.14 -2.65 6.07
N GLU C 497 -27.34 -2.43 5.53
CA GLU C 497 -28.47 -3.32 5.74
C GLU C 497 -29.07 -3.73 4.40
N TRP C 498 -29.51 -4.97 4.33
CA TRP C 498 -30.07 -5.53 3.10
C TRP C 498 -31.56 -5.27 3.05
N ASN C 499 -32.02 -4.66 1.96
CA ASN C 499 -33.42 -4.30 1.80
C ASN C 499 -34.05 -5.09 0.65
N GLY C 500 -35.28 -5.55 0.88
CA GLY C 500 -36.01 -6.30 -0.13
C GLY C 500 -36.01 -7.79 0.12
N MET C 501 -36.16 -8.57 -0.95
CA MET C 501 -36.18 -10.02 -0.83
C MET C 501 -34.91 -10.57 -0.20
N MET C 502 -33.79 -9.87 -0.36
CA MET C 502 -32.54 -10.29 0.24
C MET C 502 -32.51 -10.14 1.75
N GLY C 503 -33.40 -9.33 2.33
CA GLY C 503 -33.45 -9.18 3.76
C GLY C 503 -34.29 -10.27 4.41
N GLU C 504 -35.46 -10.55 3.81
CA GLU C 504 -36.34 -11.59 4.33
C GLU C 504 -35.64 -12.93 4.42
N LEU C 505 -34.70 -13.20 3.52
CA LEU C 505 -33.87 -14.40 3.60
C LEU C 505 -32.81 -14.29 4.70
N LEU C 506 -32.16 -13.13 4.80
CA LEU C 506 -31.02 -13.01 5.72
C LEU C 506 -31.46 -13.01 7.17
N SER C 507 -32.56 -12.32 7.49
CA SER C 507 -33.03 -12.26 8.87
C SER C 507 -33.46 -13.64 9.36
N GLY C 508 -34.23 -14.36 8.56
CA GLY C 508 -34.72 -15.66 8.97
C GLY C 508 -36.19 -15.86 8.65
N GLN C 509 -36.80 -14.90 7.96
CA GLN C 509 -38.19 -15.01 7.56
C GLN C 509 -38.41 -15.99 6.41
N ALA C 510 -37.34 -16.53 5.84
CA ALA C 510 -37.46 -17.49 4.74
C ALA C 510 -36.31 -18.47 4.83
N ASP C 511 -36.36 -19.50 3.98
CA ASP C 511 -35.32 -20.52 3.95
C ASP C 511 -34.81 -20.81 2.54
N MET C 512 -35.38 -20.19 1.51
CA MET C 512 -35.02 -20.46 0.13
C MET C 512 -35.67 -19.40 -0.74
N ILE C 513 -35.18 -19.26 -1.96
CA ILE C 513 -35.77 -18.34 -2.94
C ILE C 513 -35.90 -19.11 -4.25
N VAL C 514 -37.14 -19.37 -4.67
CA VAL C 514 -37.41 -19.93 -5.99
C VAL C 514 -38.03 -18.79 -6.80
N ALA C 515 -37.15 -18.07 -7.51
CA ALA C 515 -37.55 -16.89 -8.26
C ALA C 515 -36.45 -16.59 -9.26
N PRO C 516 -36.74 -15.76 -10.27
CA PRO C 516 -35.68 -15.38 -11.22
C PRO C 516 -34.66 -14.45 -10.58
N LEU C 517 -33.74 -15.01 -9.81
CA LEU C 517 -32.71 -14.25 -9.12
C LEU C 517 -31.42 -14.25 -9.91
N THR C 518 -30.85 -13.07 -10.11
CA THR C 518 -29.59 -12.94 -10.82
C THR C 518 -28.41 -13.32 -9.94
N ILE C 519 -27.36 -13.81 -10.58
CA ILE C 519 -26.13 -14.20 -9.88
C ILE C 519 -25.05 -13.19 -10.21
N ASN C 520 -24.51 -12.55 -9.18
CA ASN C 520 -23.43 -11.59 -9.36
C ASN C 520 -22.59 -11.52 -8.09
N ASN C 521 -21.54 -10.70 -8.13
CA ASN C 521 -20.55 -10.63 -7.05
C ASN C 521 -21.19 -10.16 -5.75
N GLU C 522 -22.05 -9.14 -5.82
CA GLU C 522 -22.56 -8.49 -4.62
C GLU C 522 -23.36 -9.43 -3.73
N ARG C 523 -23.86 -10.53 -4.29
CA ARG C 523 -24.65 -11.49 -3.51
C ARG C 523 -23.82 -12.70 -3.08
N ALA C 524 -22.87 -13.12 -3.90
CA ALA C 524 -22.14 -14.37 -3.67
C ALA C 524 -21.33 -14.36 -2.38
N GLN C 525 -21.06 -13.19 -1.81
CA GLN C 525 -20.32 -13.15 -0.55
C GLN C 525 -21.21 -13.54 0.63
N TYR C 526 -22.52 -13.34 0.53
CA TYR C 526 -23.44 -13.59 1.64
C TYR C 526 -24.44 -14.69 1.35
N ILE C 527 -24.41 -15.28 0.14
CA ILE C 527 -25.37 -16.29 -0.26
C ILE C 527 -24.61 -17.39 -1.00
N GLU C 528 -25.12 -18.62 -0.90
CA GLU C 528 -24.55 -19.75 -1.63
C GLU C 528 -25.61 -20.21 -2.63
N PHE C 529 -25.34 -19.95 -3.92
CA PHE C 529 -26.30 -20.18 -4.98
C PHE C 529 -26.28 -21.64 -5.41
N SER C 530 -26.94 -21.92 -6.53
CA SER C 530 -26.94 -23.23 -7.17
C SER C 530 -26.66 -23.02 -8.64
N LYS C 531 -26.20 -24.08 -9.32
CA LYS C 531 -25.82 -23.99 -10.72
C LYS C 531 -26.98 -23.46 -11.55
N PRO C 532 -26.71 -22.57 -12.52
CA PRO C 532 -27.80 -21.89 -13.22
C PRO C 532 -28.71 -22.87 -13.95
N PHE C 533 -30.01 -22.57 -13.92
CA PHE C 533 -31.00 -23.36 -14.64
C PHE C 533 -31.51 -22.67 -15.90
N LYS C 534 -31.20 -21.39 -16.09
CA LYS C 534 -31.52 -20.70 -17.33
C LYS C 534 -30.60 -19.50 -17.49
N TYR C 535 -29.94 -19.40 -18.63
CA TYR C 535 -29.06 -18.28 -18.92
C TYR C 535 -29.81 -17.19 -19.67
N GLN C 536 -29.39 -15.95 -19.47
CA GLN C 536 -29.99 -14.80 -20.12
C GLN C 536 -29.05 -13.61 -19.99
N GLY C 537 -29.41 -12.52 -20.66
CA GLY C 537 -28.60 -11.31 -20.63
C GLY C 537 -29.37 -10.06 -20.31
N LEU C 538 -29.23 -9.04 -21.15
CA LEU C 538 -29.92 -7.76 -20.95
C LEU C 538 -30.20 -7.15 -22.32
N THR C 539 -31.41 -6.61 -22.48
CA THR C 539 -31.82 -5.93 -23.70
C THR C 539 -32.59 -4.66 -23.32
N ILE C 540 -33.07 -3.94 -24.34
CA ILE C 540 -33.72 -2.65 -24.19
C ILE C 540 -35.03 -2.66 -24.96
N LEU C 541 -36.04 -1.98 -24.42
CA LEU C 541 -37.39 -1.98 -24.98
C LEU C 541 -37.70 -0.67 -25.67
N VAL C 542 -38.24 -0.76 -26.90
CA VAL C 542 -38.68 0.39 -27.67
C VAL C 542 -40.04 0.05 -28.28
N LYS C 543 -40.80 1.10 -28.63
CA LYS C 543 -42.11 0.92 -29.25
C LYS C 543 -41.95 0.82 -30.76
N LYS C 544 -42.54 -0.22 -31.35
CA LYS C 544 -42.47 -0.43 -32.79
C LYS C 544 -43.64 -1.28 -33.29
N ARG C 663 -31.10 4.59 -32.82
CA ARG C 663 -30.12 3.52 -32.60
C ARG C 663 -29.61 3.55 -31.16
N ILE C 664 -30.21 2.73 -30.31
CA ILE C 664 -29.85 2.66 -28.90
C ILE C 664 -28.82 1.54 -28.77
N THR C 665 -27.55 1.91 -28.90
CA THR C 665 -26.46 0.94 -28.85
C THR C 665 -26.13 0.59 -27.40
N GLY C 666 -25.18 -0.33 -27.23
CA GLY C 666 -24.79 -0.78 -25.91
C GLY C 666 -23.52 -0.14 -25.40
N ILE C 667 -22.63 0.26 -26.31
CA ILE C 667 -21.36 0.87 -25.93
C ILE C 667 -21.64 2.26 -25.35
N ASN C 668 -22.15 3.15 -26.20
CA ASN C 668 -22.55 4.49 -25.76
C ASN C 668 -23.37 5.17 -26.83
N ASP C 669 -24.58 5.63 -26.48
CA ASP C 669 -25.32 6.43 -27.43
C ASP C 669 -25.26 7.88 -27.00
N PRO C 670 -25.02 8.82 -27.93
CA PRO C 670 -24.96 10.24 -27.53
C PRO C 670 -26.24 10.72 -26.88
N ARG C 671 -27.39 10.23 -27.31
CA ARG C 671 -28.63 10.53 -26.59
C ARG C 671 -28.61 9.95 -25.19
N LEU C 672 -27.98 8.78 -25.02
CA LEU C 672 -27.82 8.17 -23.71
C LEU C 672 -26.61 8.71 -22.96
N ARG C 673 -25.48 8.92 -23.65
CA ARG C 673 -24.30 9.48 -23.00
C ARG C 673 -24.54 10.92 -22.56
N ASN C 674 -25.08 11.74 -23.47
CA ASN C 674 -25.45 13.11 -23.12
C ASN C 674 -26.96 13.16 -22.90
N PRO C 675 -27.44 13.43 -21.69
CA PRO C 675 -28.89 13.41 -21.43
C PRO C 675 -29.62 14.45 -22.27
N SER C 676 -30.83 14.07 -22.69
CA SER C 676 -31.69 14.91 -23.50
C SER C 676 -32.97 15.23 -22.73
N ASP C 677 -33.91 15.89 -23.41
CA ASP C 677 -35.16 16.34 -22.80
C ASP C 677 -36.28 15.32 -22.93
N LYS C 678 -36.43 14.69 -24.10
CA LYS C 678 -37.56 13.78 -24.33
C LYS C 678 -37.28 12.40 -23.76
N PHE C 679 -36.23 11.75 -24.22
CA PHE C 679 -35.96 10.37 -23.86
C PHE C 679 -35.46 10.26 -22.42
N ILE C 680 -36.01 9.30 -21.69
CA ILE C 680 -35.62 9.04 -20.30
C ILE C 680 -35.05 7.62 -20.24
N TYR C 681 -33.85 7.50 -19.65
CA TYR C 681 -33.16 6.23 -19.51
C TYR C 681 -33.11 5.89 -18.02
N ALA C 682 -34.11 5.15 -17.55
CA ALA C 682 -34.21 4.79 -16.15
C ALA C 682 -34.98 3.49 -16.02
N THR C 683 -34.83 2.83 -14.86
CA THR C 683 -35.47 1.56 -14.61
C THR C 683 -36.17 1.58 -13.25
N VAL C 684 -36.85 0.48 -12.95
CA VAL C 684 -37.47 0.26 -11.65
C VAL C 684 -36.39 0.18 -10.58
N LYS C 685 -36.62 0.90 -9.48
CA LYS C 685 -35.62 1.05 -8.44
C LYS C 685 -35.35 -0.27 -7.72
N GLN C 686 -34.23 -0.29 -6.99
CA GLN C 686 -33.84 -1.42 -6.14
C GLN C 686 -33.69 -2.71 -6.95
N SER C 687 -33.36 -2.58 -8.23
CA SER C 687 -33.07 -3.72 -9.07
C SER C 687 -31.56 -3.98 -9.09
N SER C 688 -31.11 -4.88 -9.96
CA SER C 688 -29.69 -5.14 -10.09
C SER C 688 -29.02 -4.15 -11.03
N VAL C 689 -29.72 -3.76 -12.10
CA VAL C 689 -29.17 -2.81 -13.06
C VAL C 689 -28.94 -1.46 -12.40
N ASP C 690 -29.71 -1.14 -11.35
CA ASP C 690 -29.48 0.10 -10.61
C ASP C 690 -28.07 0.14 -10.03
N ILE C 691 -27.68 -0.91 -9.30
CA ILE C 691 -26.35 -0.96 -8.72
C ILE C 691 -25.30 -1.08 -9.82
N TYR C 692 -25.60 -1.86 -10.86
CA TYR C 692 -24.65 -2.01 -11.97
C TYR C 692 -24.31 -0.66 -12.58
N PHE C 693 -25.32 0.20 -12.77
CA PHE C 693 -25.05 1.54 -13.30
C PHE C 693 -24.41 2.43 -12.25
N ARG C 694 -24.76 2.25 -10.97
CA ARG C 694 -24.12 3.00 -9.90
C ARG C 694 -22.66 2.59 -9.70
N ARG C 695 -22.20 1.57 -10.42
CA ARG C 695 -20.81 1.15 -10.40
C ARG C 695 -19.99 1.72 -11.56
N GLN C 696 -20.57 2.57 -12.40
CA GLN C 696 -19.94 3.03 -13.65
C GLN C 696 -19.46 4.47 -13.51
N VAL C 697 -19.03 5.04 -14.65
CA VAL C 697 -18.41 6.37 -14.67
C VAL C 697 -19.21 7.36 -15.53
N GLU C 698 -19.36 7.07 -16.82
CA GLU C 698 -20.23 7.86 -17.69
C GLU C 698 -21.67 7.35 -17.65
N LEU C 699 -21.82 6.03 -17.63
CA LEU C 699 -23.10 5.45 -17.25
C LEU C 699 -23.49 5.90 -15.86
N SER C 700 -22.52 6.35 -15.05
CA SER C 700 -22.86 7.01 -13.79
C SER C 700 -23.57 8.33 -14.03
N THR C 701 -23.15 9.11 -15.04
CA THR C 701 -23.89 10.32 -15.39
C THR C 701 -25.29 9.96 -15.88
N MET C 702 -25.40 8.90 -16.67
CA MET C 702 -26.72 8.43 -17.07
C MET C 702 -27.57 8.01 -15.86
N TYR C 703 -26.95 7.38 -14.87
CA TYR C 703 -27.67 6.99 -13.66
C TYR C 703 -28.08 8.20 -12.83
N ARG C 704 -27.25 9.25 -12.82
CA ARG C 704 -27.63 10.49 -12.17
C ARG C 704 -28.84 11.11 -12.85
N HIS C 705 -28.88 11.05 -14.19
CA HIS C 705 -30.10 11.43 -14.90
C HIS C 705 -31.27 10.54 -14.51
N MET C 706 -31.01 9.24 -14.35
CA MET C 706 -32.07 8.28 -14.09
C MET C 706 -32.67 8.46 -12.70
N GLU C 707 -31.87 8.92 -11.74
CA GLU C 707 -32.23 8.91 -10.32
C GLU C 707 -33.58 9.55 -10.06
N LYS C 708 -33.92 10.58 -10.84
CA LYS C 708 -35.22 11.22 -10.72
C LYS C 708 -36.37 10.36 -11.23
N HIS C 709 -36.07 9.24 -11.90
CA HIS C 709 -37.10 8.35 -12.44
C HIS C 709 -36.81 6.92 -11.99
N ASN C 710 -37.77 6.33 -11.29
CA ASN C 710 -37.62 4.93 -10.86
C ASN C 710 -38.97 4.32 -10.53
N TYR C 711 -39.35 3.27 -11.25
CA TYR C 711 -40.64 2.62 -11.07
C TYR C 711 -40.56 1.66 -9.88
N GLU C 712 -41.60 0.85 -9.69
CA GLU C 712 -41.62 -0.14 -8.62
C GLU C 712 -41.96 -1.53 -9.13
N SER C 713 -42.25 -1.69 -10.42
CA SER C 713 -42.56 -2.99 -10.98
C SER C 713 -42.31 -2.98 -12.48
N ALA C 714 -42.17 -4.17 -13.05
CA ALA C 714 -42.10 -4.28 -14.50
C ALA C 714 -43.43 -3.97 -15.15
N ALA C 715 -44.54 -4.22 -14.44
CA ALA C 715 -45.86 -3.93 -15.00
C ALA C 715 -46.02 -2.45 -15.29
N GLU C 716 -45.60 -1.60 -14.35
CA GLU C 716 -45.66 -0.16 -14.57
C GLU C 716 -44.76 0.27 -15.72
N ALA C 717 -43.59 -0.36 -15.85
CA ALA C 717 -42.69 -0.03 -16.94
C ALA C 717 -43.32 -0.35 -18.29
N ILE C 718 -43.90 -1.55 -18.42
CA ILE C 718 -44.55 -1.93 -19.67
C ILE C 718 -45.74 -1.03 -19.97
N GLN C 719 -46.53 -0.70 -18.93
CA GLN C 719 -47.69 0.15 -19.13
C GLN C 719 -47.28 1.55 -19.60
N ALA C 720 -46.27 2.14 -18.96
CA ALA C 720 -45.84 3.48 -19.31
C ALA C 720 -45.01 3.53 -20.59
N VAL C 721 -44.47 2.39 -21.05
CA VAL C 721 -43.75 2.36 -22.31
C VAL C 721 -44.62 1.91 -23.48
N ARG C 722 -45.82 1.39 -23.21
CA ARG C 722 -46.72 1.04 -24.30
C ARG C 722 -47.54 2.25 -24.75
N ASP C 723 -47.89 3.13 -23.82
CA ASP C 723 -48.64 4.35 -24.13
C ASP C 723 -47.75 5.54 -24.41
N ASN C 724 -46.51 5.30 -24.85
CA ASN C 724 -45.55 6.32 -25.25
C ASN C 724 -45.18 7.28 -24.12
N LYS C 725 -45.56 6.98 -22.88
CA LYS C 725 -45.19 7.83 -21.76
C LYS C 725 -43.72 7.67 -21.40
N LEU C 726 -43.22 6.44 -21.44
CA LEU C 726 -41.82 6.15 -21.14
C LEU C 726 -41.04 5.89 -22.43
N HIS C 727 -39.75 6.20 -22.39
CA HIS C 727 -38.90 6.12 -23.58
C HIS C 727 -38.06 4.84 -23.62
N ALA C 728 -37.23 4.63 -22.59
CA ALA C 728 -36.26 3.54 -22.60
C ALA C 728 -36.36 2.72 -21.33
N PHE C 729 -36.20 1.41 -21.46
CA PHE C 729 -36.22 0.47 -20.36
C PHE C 729 -35.23 -0.65 -20.66
N ILE C 730 -34.35 -0.92 -19.71
CA ILE C 730 -33.20 -1.81 -19.92
C ILE C 730 -33.27 -2.96 -18.93
N TRP C 731 -33.78 -4.11 -19.37
CA TRP C 731 -33.96 -5.25 -18.48
C TRP C 731 -33.71 -6.56 -19.19
N ASP C 732 -34.01 -7.65 -18.47
CA ASP C 732 -33.57 -9.01 -18.80
C ASP C 732 -34.00 -9.48 -20.19
N SER C 733 -33.32 -10.52 -20.69
CA SER C 733 -33.56 -11.02 -22.03
C SER C 733 -34.88 -11.79 -22.13
N ALA C 734 -35.06 -12.79 -21.27
CA ALA C 734 -36.24 -13.65 -21.38
C ALA C 734 -37.52 -12.87 -21.14
N VAL C 735 -37.53 -11.98 -20.13
CA VAL C 735 -38.73 -11.23 -19.80
C VAL C 735 -39.18 -10.38 -20.98
N LEU C 736 -38.25 -9.61 -21.54
CA LEU C 736 -38.60 -8.71 -22.64
C LEU C 736 -38.93 -9.49 -23.91
N GLU C 737 -38.20 -10.58 -24.16
CA GLU C 737 -38.49 -11.40 -25.35
C GLU C 737 -39.91 -11.96 -25.27
N PHE C 738 -40.28 -12.51 -24.11
CA PHE C 738 -41.63 -13.05 -23.95
C PHE C 738 -42.67 -11.96 -24.08
N GLU C 739 -42.48 -10.84 -23.40
CA GLU C 739 -43.49 -9.79 -23.40
C GLU C 739 -43.67 -9.19 -24.79
N ALA C 740 -42.59 -9.10 -25.57
CA ALA C 740 -42.69 -8.64 -26.95
C ALA C 740 -43.29 -9.69 -27.87
N SER C 741 -43.09 -10.98 -27.55
CA SER C 741 -43.78 -12.03 -28.30
C SER C 741 -45.28 -12.02 -28.03
N GLN C 742 -45.70 -11.57 -26.84
CA GLN C 742 -47.13 -11.47 -26.51
C GLN C 742 -47.68 -10.08 -26.83
N LYS C 743 -47.15 -9.05 -26.19
CA LYS C 743 -47.64 -7.68 -26.37
C LYS C 743 -46.99 -7.11 -27.63
N CYS C 744 -47.69 -7.28 -28.74
CA CYS C 744 -47.16 -6.88 -30.04
C CYS C 744 -47.01 -5.36 -30.12
N ASP C 745 -46.37 -4.91 -31.21
CA ASP C 745 -46.05 -3.52 -31.52
C ASP C 745 -44.97 -2.97 -30.60
N LEU C 746 -44.27 -3.82 -29.85
CA LEU C 746 -43.10 -3.42 -29.07
C LEU C 746 -41.94 -4.34 -29.44
N VAL C 747 -40.75 -3.75 -29.58
CA VAL C 747 -39.57 -4.48 -30.04
C VAL C 747 -38.44 -4.22 -29.05
N THR C 748 -37.38 -5.01 -29.18
CA THR C 748 -36.19 -4.89 -28.36
C THR C 748 -34.99 -4.55 -29.22
N THR C 749 -34.09 -3.75 -28.66
CA THR C 749 -32.91 -3.25 -29.37
C THR C 749 -31.66 -3.95 -28.86
N GLY C 750 -30.87 -4.46 -29.80
CA GLY C 750 -29.62 -5.11 -29.47
C GLY C 750 -29.82 -6.55 -29.03
N GLU C 751 -28.73 -7.30 -29.08
CA GLU C 751 -28.70 -8.67 -28.58
C GLU C 751 -28.36 -8.65 -27.09
N LEU C 752 -28.03 -9.81 -26.54
CA LEU C 752 -27.59 -9.86 -25.15
C LEU C 752 -26.20 -9.23 -25.06
N PHE C 753 -26.15 -7.97 -24.61
CA PHE C 753 -24.89 -7.25 -24.44
C PHE C 753 -24.32 -7.45 -23.03
N PHE C 754 -24.68 -8.56 -22.39
CA PHE C 754 -24.24 -8.94 -21.05
C PHE C 754 -24.69 -10.38 -20.84
N ARG C 755 -23.98 -11.08 -19.95
CA ARG C 755 -24.31 -12.47 -19.66
C ARG C 755 -24.45 -12.67 -18.17
N SER C 756 -25.46 -13.43 -17.77
CA SER C 756 -25.72 -13.75 -16.37
C SER C 756 -26.47 -15.07 -16.30
N GLY C 757 -27.01 -15.39 -15.14
CA GLY C 757 -27.79 -16.60 -14.96
C GLY C 757 -28.69 -16.50 -13.77
N PHE C 758 -29.76 -17.30 -13.81
CA PHE C 758 -30.68 -17.42 -12.70
C PHE C 758 -30.29 -18.60 -11.83
N GLY C 759 -30.65 -18.52 -10.55
CA GLY C 759 -30.31 -19.59 -9.63
C GLY C 759 -31.04 -19.53 -8.30
N ILE C 760 -31.19 -20.70 -7.67
CA ILE C 760 -31.83 -20.76 -6.36
C ILE C 760 -30.87 -20.20 -5.31
N GLY C 761 -31.43 -19.41 -4.39
CA GLY C 761 -30.63 -18.78 -3.37
C GLY C 761 -30.94 -19.25 -1.97
N MET C 762 -29.92 -19.68 -1.23
CA MET C 762 -30.07 -20.19 0.12
C MET C 762 -29.01 -19.58 1.02
N ARG C 763 -29.27 -19.62 2.32
CA ARG C 763 -28.29 -19.15 3.29
C ARG C 763 -27.04 -20.02 3.25
N LYS C 764 -25.90 -19.42 3.59
CA LYS C 764 -24.62 -20.10 3.48
C LYS C 764 -24.53 -21.28 4.45
N ASP C 765 -23.90 -22.36 3.98
CA ASP C 765 -23.66 -23.56 4.77
C ASP C 765 -24.97 -24.16 5.29
N SER C 766 -26.00 -24.18 4.43
CA SER C 766 -27.24 -24.88 4.69
C SER C 766 -27.15 -26.30 4.13
N PRO C 767 -27.74 -27.28 4.82
CA PRO C 767 -27.56 -28.68 4.39
C PRO C 767 -28.12 -28.99 3.02
N TRP C 768 -29.18 -28.30 2.58
CA TRP C 768 -29.86 -28.66 1.35
C TRP C 768 -29.10 -28.31 0.09
N LYS C 769 -28.00 -27.57 0.19
CA LYS C 769 -27.36 -26.97 -0.98
C LYS C 769 -26.87 -28.00 -1.99
N GLN C 770 -25.88 -28.81 -1.58
CA GLN C 770 -25.26 -29.84 -2.44
C GLN C 770 -26.31 -30.70 -3.15
N ASN C 771 -27.26 -31.24 -2.41
CA ASN C 771 -28.31 -32.09 -3.02
C ASN C 771 -29.07 -31.30 -4.09
N VAL C 772 -29.48 -30.07 -3.77
CA VAL C 772 -30.26 -29.24 -4.73
C VAL C 772 -29.43 -29.03 -6.00
N SER C 773 -28.19 -28.58 -5.86
CA SER C 773 -27.37 -28.29 -7.04
C SER C 773 -27.22 -29.52 -7.92
N LEU C 774 -27.42 -30.72 -7.37
CA LEU C 774 -27.41 -31.91 -8.20
C LEU C 774 -28.65 -31.96 -9.08
N SER C 775 -29.83 -31.77 -8.49
CA SER C 775 -31.08 -32.04 -9.20
C SER C 775 -31.18 -31.20 -10.46
N ILE C 776 -30.92 -29.89 -10.34
CA ILE C 776 -30.92 -29.01 -11.50
C ILE C 776 -30.13 -29.63 -12.64
N LEU C 777 -28.88 -30.02 -12.36
CA LEU C 777 -28.04 -30.58 -13.41
C LEU C 777 -28.68 -31.81 -14.02
N LYS C 778 -29.20 -32.70 -13.17
CA LYS C 778 -29.87 -33.90 -13.67
C LYS C 778 -30.98 -33.53 -14.64
N SER C 779 -31.77 -32.50 -14.29
CA SER C 779 -32.84 -32.07 -15.15
C SER C 779 -32.31 -31.67 -16.52
N HIS C 780 -31.20 -30.90 -16.54
CA HIS C 780 -30.65 -30.45 -17.80
C HIS C 780 -30.19 -31.62 -18.67
N GLU C 781 -29.86 -32.76 -18.04
CA GLU C 781 -29.45 -33.93 -18.81
C GLU C 781 -30.63 -34.78 -19.25
N ASN C 782 -31.79 -34.63 -18.61
CA ASN C 782 -32.93 -35.46 -18.97
C ASN C 782 -33.67 -34.88 -20.18
N GLY C 783 -34.10 -33.63 -20.07
CA GLY C 783 -34.93 -33.01 -21.09
C GLY C 783 -36.13 -32.33 -20.46
N PHE C 784 -36.17 -32.38 -19.12
CA PHE C 784 -37.27 -31.76 -18.38
C PHE C 784 -37.36 -30.27 -18.66
N MET C 785 -36.21 -29.59 -18.62
CA MET C 785 -36.20 -28.15 -18.85
C MET C 785 -36.67 -27.81 -20.26
N GLU C 786 -36.31 -28.64 -21.24
CA GLU C 786 -36.74 -28.40 -22.62
C GLU C 786 -38.26 -28.45 -22.72
N ASP C 787 -38.89 -29.47 -22.12
CA ASP C 787 -40.34 -29.56 -22.13
C ASP C 787 -40.97 -28.38 -21.40
N LEU C 788 -40.40 -27.99 -20.26
CA LEU C 788 -40.96 -26.89 -19.50
C LEU C 788 -40.89 -25.58 -20.26
N ASP C 789 -39.77 -25.34 -20.97
CA ASP C 789 -39.68 -24.16 -21.83
C ASP C 789 -40.69 -24.24 -22.97
N LYS C 790 -40.78 -25.39 -23.64
CA LYS C 790 -41.74 -25.55 -24.73
C LYS C 790 -43.16 -25.30 -24.24
N THR C 791 -43.42 -25.53 -22.95
CA THR C 791 -44.74 -25.24 -22.40
C THR C 791 -44.91 -23.74 -22.13
N TRP C 792 -43.98 -23.13 -21.42
CA TRP C 792 -44.22 -21.79 -20.88
C TRP C 792 -43.57 -20.66 -21.66
N VAL C 793 -42.31 -20.79 -22.08
CA VAL C 793 -41.56 -19.61 -22.47
C VAL C 793 -41.92 -19.11 -23.87
N ARG C 794 -42.40 -19.99 -24.75
CA ARG C 794 -42.72 -19.59 -26.12
C ARG C 794 -43.79 -20.54 -26.65
N TYR C 795 -45.04 -20.06 -26.68
CA TYR C 795 -46.18 -20.87 -27.11
C TYR C 795 -46.28 -20.91 -28.64
N GLN C 796 -45.19 -21.32 -29.27
CA GLN C 796 -45.10 -21.47 -30.72
C GLN C 796 -45.51 -20.19 -31.45
N GLU C 797 -44.75 -19.13 -31.18
CA GLU C 797 -45.02 -17.84 -31.81
C GLU C 797 -44.18 -17.65 -33.06
N THR D 62 -37.19 26.32 44.45
CA THR D 62 -35.86 26.85 44.74
C THR D 62 -34.78 25.97 44.13
N VAL D 63 -33.56 26.51 44.01
CA VAL D 63 -32.42 25.81 43.45
C VAL D 63 -31.23 26.02 44.37
N ALA D 64 -30.19 25.20 44.18
CA ALA D 64 -29.00 25.24 45.00
C ALA D 64 -27.76 25.38 44.12
N VAL D 65 -26.72 25.99 44.70
CA VAL D 65 -25.45 26.23 44.02
C VAL D 65 -24.32 25.92 44.99
N VAL D 66 -23.30 25.23 44.50
CA VAL D 66 -22.14 24.86 45.32
C VAL D 66 -20.87 25.10 44.52
N PHE D 67 -19.84 25.64 45.19
CA PHE D 67 -18.54 25.93 44.61
C PHE D 67 -17.49 24.98 45.18
N SER D 68 -16.27 25.08 44.66
CA SER D 68 -15.19 24.21 45.15
C SER D 68 -13.84 24.73 44.68
N SER D 69 -12.88 24.80 45.61
CA SER D 69 -11.44 24.74 45.34
C SER D 69 -10.99 25.68 44.22
N SER D 70 -11.11 26.97 44.48
CA SER D 70 -10.51 27.99 43.64
C SER D 70 -10.10 29.17 44.52
N GLY D 71 -9.71 30.27 43.90
CA GLY D 71 -9.58 31.52 44.62
C GLY D 71 -10.92 31.85 45.24
N PRO D 72 -10.92 32.10 46.55
CA PRO D 72 -12.20 32.15 47.29
C PRO D 72 -13.19 33.10 46.65
N PRO D 73 -14.28 32.58 46.09
CA PRO D 73 -15.23 33.41 45.33
C PRO D 73 -16.35 33.97 46.20
N GLN D 74 -15.98 34.73 47.21
CA GLN D 74 -16.99 35.39 48.05
C GLN D 74 -17.78 36.41 47.25
N ALA D 75 -17.06 37.26 46.50
CA ALA D 75 -17.74 38.22 45.63
C ALA D 75 -18.54 37.51 44.55
N GLN D 76 -17.99 36.43 43.98
CA GLN D 76 -18.74 35.65 43.01
C GLN D 76 -19.94 34.97 43.65
N PHE D 77 -19.81 34.53 44.91
CA PHE D 77 -20.96 33.94 45.61
C PHE D 77 -22.07 34.97 45.77
N ARG D 78 -21.70 36.21 46.16
CA ARG D 78 -22.70 37.26 46.28
C ARG D 78 -23.31 37.61 44.93
N ALA D 79 -22.50 37.60 43.86
CA ALA D 79 -23.01 37.88 42.53
C ALA D 79 -24.02 36.81 42.09
N ARG D 80 -23.73 35.55 42.40
CA ARG D 80 -24.68 34.48 42.10
C ARG D 80 -25.95 34.60 42.94
N LEU D 81 -25.81 35.01 44.21
CA LEU D 81 -26.97 35.09 45.10
C LEU D 81 -27.88 36.25 44.72
N THR D 82 -27.31 37.36 44.25
CA THR D 82 -28.03 38.62 44.03
C THR D 82 -29.29 38.48 43.18
N PRO D 83 -29.20 37.97 41.93
CA PRO D 83 -30.38 38.06 41.05
C PRO D 83 -31.48 37.09 41.42
N GLN D 84 -32.17 37.36 42.53
CA GLN D 84 -33.32 36.53 42.90
C GLN D 84 -34.45 36.64 41.89
N SER D 85 -34.48 37.73 41.12
CA SER D 85 -35.53 37.96 40.12
C SER D 85 -34.93 38.47 38.82
N PHE D 86 -33.90 37.78 38.31
CA PHE D 86 -33.25 38.25 37.08
C PHE D 86 -34.19 38.22 35.88
N LEU D 87 -35.32 37.51 35.99
CA LEU D 87 -36.46 37.58 35.07
C LEU D 87 -36.19 36.99 33.70
N ASP D 88 -34.99 36.47 33.44
CA ASP D 88 -34.70 35.85 32.16
C ASP D 88 -35.22 34.42 32.07
N LEU D 89 -35.73 33.87 33.18
CA LEU D 89 -36.26 32.51 33.22
C LEU D 89 -37.74 32.53 33.53
N PRO D 90 -38.56 31.74 32.83
CA PRO D 90 -40.01 31.75 33.12
C PRO D 90 -40.35 31.08 34.44
N LEU D 91 -39.75 31.56 35.52
CA LEU D 91 -40.00 31.06 36.87
C LEU D 91 -39.41 32.06 37.85
N GLU D 92 -39.75 31.86 39.13
CA GLU D 92 -39.27 32.74 40.20
C GLU D 92 -38.81 31.92 41.39
N ILE D 93 -38.09 30.83 41.13
CA ILE D 93 -37.56 30.01 42.22
C ILE D 93 -36.41 30.76 42.88
N GLN D 94 -36.48 30.88 44.21
CA GLN D 94 -35.48 31.64 44.95
C GLN D 94 -34.14 30.92 44.94
N PRO D 95 -33.05 31.59 44.55
CA PRO D 95 -31.74 30.95 44.57
C PRO D 95 -31.01 31.12 45.89
N LEU D 96 -30.21 30.10 46.22
CA LEU D 96 -29.37 30.12 47.40
C LEU D 96 -28.05 29.45 47.07
N THR D 97 -27.07 29.60 47.96
CA THR D 97 -25.74 29.07 47.69
C THR D 97 -25.13 28.51 48.96
N VAL D 98 -24.28 27.51 48.79
CA VAL D 98 -23.43 26.94 49.83
C VAL D 98 -22.02 26.87 49.28
N GLY D 99 -21.07 26.46 50.13
CA GLY D 99 -19.71 26.27 49.69
C GLY D 99 -18.89 25.45 50.65
N VAL D 100 -18.22 24.43 50.15
CA VAL D 100 -17.40 23.55 50.98
C VAL D 100 -15.95 24.04 50.94
N ASN D 101 -15.30 24.02 52.10
CA ASN D 101 -13.92 24.49 52.17
C ASN D 101 -12.98 23.53 51.43
N THR D 102 -13.01 22.26 51.81
CA THR D 102 -12.23 21.22 51.15
C THR D 102 -13.16 20.19 50.53
N THR D 103 -12.61 19.43 49.59
CA THR D 103 -13.34 18.36 48.91
C THR D 103 -12.96 17.02 49.53
N ASN D 104 -13.97 16.30 50.03
CA ASN D 104 -13.77 15.04 50.70
C ASN D 104 -15.10 14.29 50.78
N PRO D 105 -15.10 12.98 51.00
CA PRO D 105 -16.40 12.27 51.10
C PRO D 105 -17.27 12.76 52.23
N SER D 106 -16.76 12.75 53.47
CA SER D 106 -17.58 13.15 54.61
C SER D 106 -18.02 14.61 54.51
N SER D 107 -17.09 15.49 54.11
CA SER D 107 -17.44 16.90 54.00
C SER D 107 -18.59 17.10 53.02
N LEU D 108 -18.45 16.56 51.82
CA LEU D 108 -19.47 16.75 50.79
C LEU D 108 -20.80 16.14 51.23
N LEU D 109 -20.77 14.93 51.78
CA LEU D 109 -21.98 14.28 52.23
C LEU D 109 -22.70 15.12 53.29
N THR D 110 -21.96 15.56 54.30
CA THR D 110 -22.56 16.35 55.37
C THR D 110 -23.18 17.64 54.84
N GLN D 111 -22.43 18.39 54.03
CA GLN D 111 -22.94 19.67 53.56
C GLN D 111 -24.20 19.48 52.71
N ILE D 112 -24.16 18.55 51.74
CA ILE D 112 -25.33 18.39 50.87
C ILE D 112 -26.52 17.87 51.65
N CYS D 113 -26.31 16.87 52.52
CA CYS D 113 -27.43 16.31 53.27
C CYS D 113 -28.07 17.36 54.16
N GLY D 114 -27.26 18.10 54.92
CA GLY D 114 -27.82 19.16 55.75
C GLY D 114 -28.56 20.20 54.92
N LEU D 115 -27.96 20.62 53.81
CA LEU D 115 -28.55 21.68 53.00
C LEU D 115 -29.93 21.26 52.48
N LEU D 116 -30.02 20.10 51.83
CA LEU D 116 -31.29 19.74 51.22
C LEU D 116 -32.31 19.28 52.26
N GLY D 117 -31.84 18.73 53.38
CA GLY D 117 -32.77 18.32 54.42
C GLY D 117 -33.34 19.48 55.23
N ALA D 118 -32.63 20.60 55.29
CA ALA D 118 -33.12 21.77 56.00
C ALA D 118 -33.57 22.89 55.07
N ALA D 119 -33.52 22.69 53.75
CA ALA D 119 -33.84 23.74 52.81
C ALA D 119 -35.04 23.46 51.90
N HIS D 120 -35.42 22.20 51.71
CA HIS D 120 -36.52 21.81 50.85
C HIS D 120 -36.30 22.34 49.42
N VAL D 121 -35.25 21.81 48.81
CA VAL D 121 -34.82 22.23 47.48
C VAL D 121 -35.31 21.21 46.45
N HIS D 122 -35.54 21.69 45.23
CA HIS D 122 -35.98 20.86 44.12
C HIS D 122 -34.84 20.44 43.19
N GLY D 123 -33.88 21.32 42.97
CA GLY D 123 -32.75 21.00 42.12
C GLY D 123 -31.48 21.66 42.64
N ILE D 124 -30.35 21.01 42.36
CA ILE D 124 -29.05 21.48 42.82
C ILE D 124 -28.07 21.41 41.64
N VAL D 125 -27.25 22.44 41.51
CA VAL D 125 -26.27 22.54 40.44
C VAL D 125 -24.87 22.55 41.04
N PHE D 126 -24.00 21.71 40.51
CA PHE D 126 -22.64 21.56 41.00
C PHE D 126 -21.69 22.49 40.25
N GLU D 127 -20.53 22.74 40.86
CA GLU D 127 -19.44 23.46 40.22
C GLU D 127 -18.14 22.87 40.72
N ASP D 128 -17.29 22.45 39.79
CA ASP D 128 -16.14 21.62 40.11
C ASP D 128 -14.96 22.41 40.65
N ASN D 129 -13.78 21.79 40.62
CA ASN D 129 -12.67 22.11 41.50
C ASN D 129 -11.33 21.94 40.80
N VAL D 130 -10.28 21.69 41.59
CA VAL D 130 -8.89 21.62 41.14
C VAL D 130 -8.67 20.51 40.12
N ASP D 131 -9.77 19.86 39.70
CA ASP D 131 -9.76 18.76 38.73
C ASP D 131 -9.06 17.53 39.28
N THR D 132 -9.62 16.98 40.36
CA THR D 132 -9.26 15.66 40.86
C THR D 132 -10.34 14.66 40.47
N GLU D 133 -9.94 13.40 40.31
CA GLU D 133 -10.85 12.35 39.92
C GLU D 133 -11.62 11.81 41.13
N ALA D 134 -12.48 10.83 40.86
CA ALA D 134 -13.26 10.14 41.89
C ALA D 134 -14.13 11.10 42.68
N VAL D 135 -14.64 12.17 42.04
CA VAL D 135 -15.60 13.05 42.68
C VAL D 135 -17.01 12.86 42.16
N ALA D 136 -17.18 12.50 40.89
CA ALA D 136 -18.52 12.33 40.34
C ALA D 136 -19.24 11.14 40.96
N GLN D 137 -18.47 10.14 41.42
CA GLN D 137 -19.07 8.93 41.98
C GLN D 137 -19.91 9.23 43.23
N ILE D 138 -19.39 10.10 44.10
CA ILE D 138 -20.12 10.45 45.32
C ILE D 138 -21.43 11.16 44.98
N LEU D 139 -21.39 12.04 43.98
CA LEU D 139 -22.61 12.72 43.54
C LEU D 139 -23.62 11.76 42.94
N ASP D 140 -23.17 10.79 42.13
CA ASP D 140 -24.09 9.77 41.64
C ASP D 140 -24.68 8.96 42.80
N PHE D 141 -23.87 8.67 43.81
CA PHE D 141 -24.34 7.98 45.01
C PHE D 141 -25.44 8.77 45.69
N ILE D 142 -25.22 10.08 45.88
CA ILE D 142 -26.20 10.93 46.55
C ILE D 142 -27.49 10.98 45.74
N SER D 143 -27.37 11.14 44.42
CA SER D 143 -28.57 11.20 43.58
C SER D 143 -29.33 9.89 43.61
N SER D 144 -28.62 8.76 43.59
CA SER D 144 -29.29 7.46 43.61
C SER D 144 -30.00 7.23 44.93
N GLN D 145 -29.42 7.70 46.04
CA GLN D 145 -30.05 7.49 47.34
C GLN D 145 -31.23 8.42 47.55
N THR D 146 -30.99 9.73 47.48
CA THR D 146 -32.01 10.70 47.88
C THR D 146 -32.99 11.05 46.77
N HIS D 147 -32.79 10.53 45.55
CA HIS D 147 -33.68 10.79 44.42
C HIS D 147 -33.81 12.28 44.13
N VAL D 148 -32.71 13.02 44.24
CA VAL D 148 -32.67 14.44 43.99
C VAL D 148 -31.77 14.69 42.78
N PRO D 149 -32.28 15.25 41.69
CA PRO D 149 -31.43 15.47 40.51
C PRO D 149 -30.42 16.57 40.74
N ILE D 150 -29.20 16.33 40.26
CA ILE D 150 -28.13 17.32 40.36
C ILE D 150 -27.61 17.62 38.96
N LEU D 151 -26.63 18.50 38.84
CA LEU D 151 -26.11 18.87 37.52
C LEU D 151 -24.72 19.45 37.68
N SER D 152 -23.76 18.91 36.93
CA SER D 152 -22.40 19.40 36.90
C SER D 152 -22.18 20.28 35.67
N ILE D 153 -21.25 21.23 35.81
CA ILE D 153 -21.04 22.25 34.79
C ILE D 153 -19.59 22.37 34.35
N SER D 154 -18.65 21.96 35.20
CA SER D 154 -17.24 22.28 34.95
C SER D 154 -16.35 21.19 35.52
N GLY D 155 -15.04 21.38 35.32
CA GLY D 155 -14.00 20.63 35.98
C GLY D 155 -13.96 19.13 35.73
N GLY D 156 -13.25 18.42 36.60
CA GLY D 156 -13.06 16.99 36.41
C GLY D 156 -14.31 16.17 36.67
N SER D 157 -15.25 16.72 37.45
CA SER D 157 -16.51 16.03 37.69
C SER D 157 -17.33 15.88 36.41
N ALA D 158 -17.08 16.74 35.42
CA ALA D 158 -17.79 16.68 34.14
C ALA D 158 -17.03 15.80 33.14
N VAL D 159 -16.72 14.59 33.60
CA VAL D 159 -16.12 13.54 32.77
C VAL D 159 -17.06 12.35 32.80
N VAL D 160 -17.36 11.79 31.63
CA VAL D 160 -18.48 10.88 31.49
C VAL D 160 -18.24 9.62 32.32
N LEU D 161 -19.18 9.34 33.24
CA LEU D 161 -19.20 8.09 34.01
C LEU D 161 -20.20 7.19 33.32
N THR D 162 -19.71 6.20 32.57
CA THR D 162 -20.54 5.49 31.61
C THR D 162 -21.62 4.63 32.30
N PRO D 163 -21.27 3.61 33.11
CA PRO D 163 -22.35 2.78 33.69
C PRO D 163 -22.85 3.33 35.02
N LYS D 164 -23.63 4.40 34.95
CA LYS D 164 -24.13 5.04 36.17
C LYS D 164 -25.16 4.14 36.86
N GLU D 165 -25.47 4.50 38.10
CA GLU D 165 -26.41 3.72 38.89
C GLU D 165 -27.79 3.75 38.23
N PRO D 166 -28.59 2.69 38.39
CA PRO D 166 -29.83 2.56 37.61
C PRO D 166 -30.85 3.67 37.86
N GLY D 167 -31.25 3.86 39.11
CA GLY D 167 -32.31 4.78 39.44
C GLY D 167 -31.90 6.22 39.68
N SER D 168 -30.70 6.60 39.30
CA SER D 168 -30.18 7.93 39.60
C SER D 168 -30.42 8.89 38.44
N ALA D 169 -30.13 10.17 38.71
CA ALA D 169 -30.24 11.24 37.70
C ALA D 169 -29.06 12.18 37.94
N PHE D 170 -28.02 12.04 37.12
CA PHE D 170 -26.79 12.80 37.28
C PHE D 170 -26.71 14.00 36.34
N LEU D 171 -26.83 13.77 35.04
CA LEU D 171 -26.90 14.83 34.03
C LEU D 171 -25.65 15.71 34.07
N GLN D 172 -24.52 15.08 33.76
CA GLN D 172 -23.25 15.78 33.64
C GLN D 172 -23.02 16.14 32.18
N LEU D 173 -22.62 17.39 31.93
CA LEU D 173 -22.44 17.87 30.56
C LEU D 173 -21.02 17.57 30.10
N GLY D 174 -20.90 16.67 29.15
CA GLY D 174 -19.62 16.27 28.59
C GLY D 174 -19.86 15.51 27.30
N VAL D 175 -18.82 14.82 26.83
CA VAL D 175 -18.92 14.04 25.61
C VAL D 175 -18.24 12.70 25.83
N SER D 176 -18.87 11.63 25.32
CA SER D 176 -18.31 10.29 25.45
C SER D 176 -17.00 10.18 24.67
N LEU D 177 -16.29 9.08 24.90
CA LEU D 177 -14.99 8.92 24.28
C LEU D 177 -15.10 8.62 22.79
N GLU D 178 -16.02 7.74 22.40
CA GLU D 178 -16.17 7.42 20.98
C GLU D 178 -16.68 8.61 20.19
N GLN D 179 -17.65 9.33 20.75
CA GLN D 179 -18.17 10.53 20.08
C GLN D 179 -17.08 11.59 19.95
N GLN D 180 -16.20 11.68 20.95
CA GLN D 180 -15.08 12.61 20.91
C GLN D 180 -13.97 12.15 19.97
N LEU D 181 -13.90 10.86 19.67
CA LEU D 181 -12.96 10.32 18.70
C LEU D 181 -13.46 10.46 17.27
N GLN D 182 -14.78 10.56 17.09
CA GLN D 182 -15.34 10.75 15.75
C GLN D 182 -14.81 12.02 15.11
N VAL D 183 -14.73 13.12 15.87
CA VAL D 183 -14.25 14.38 15.30
C VAL D 183 -12.78 14.27 14.93
N LEU D 184 -11.99 13.52 15.72
CA LEU D 184 -10.60 13.30 15.36
C LEU D 184 -10.47 12.53 14.05
N PHE D 185 -11.30 11.51 13.85
CA PHE D 185 -11.21 10.79 12.59
C PHE D 185 -11.81 11.60 11.45
N LYS D 186 -12.63 12.60 11.79
CA LYS D 186 -13.10 13.55 10.78
C LYS D 186 -11.98 14.46 10.32
N VAL D 187 -11.21 15.01 11.26
CA VAL D 187 -10.12 15.92 10.89
C VAL D 187 -9.00 15.16 10.19
N LEU D 188 -8.83 13.87 10.52
CA LEU D 188 -7.87 13.06 9.78
C LEU D 188 -8.30 12.89 8.32
N GLU D 189 -9.60 12.79 8.08
CA GLU D 189 -10.09 12.55 6.73
C GLU D 189 -9.86 13.76 5.82
N GLU D 190 -10.02 14.98 6.36
CA GLU D 190 -9.96 16.17 5.51
C GLU D 190 -8.54 16.43 5.01
N TYR D 191 -7.54 16.06 5.80
CA TYR D 191 -6.16 16.24 5.40
C TYR D 191 -5.52 14.96 4.87
N ASP D 192 -6.22 13.84 4.99
CA ASP D 192 -5.81 12.56 4.38
C ASP D 192 -4.40 12.14 4.84
N TRP D 193 -4.27 11.96 6.15
CA TRP D 193 -2.98 11.51 6.70
C TRP D 193 -2.91 9.99 6.75
N SER D 194 -3.81 9.36 7.50
CA SER D 194 -3.96 7.89 7.55
C SER D 194 -2.64 7.20 7.88
N ALA D 195 -2.15 7.46 9.10
CA ALA D 195 -0.94 6.80 9.60
C ALA D 195 -1.22 5.93 10.82
N PHE D 196 -1.94 6.46 11.82
CA PHE D 196 -2.54 5.66 12.89
C PHE D 196 -1.48 4.93 13.72
N ALA D 197 -0.67 5.72 14.41
CA ALA D 197 0.23 5.20 15.44
C ALA D 197 -0.41 5.48 16.80
N VAL D 198 -0.92 4.43 17.44
CA VAL D 198 -1.71 4.56 18.66
C VAL D 198 -0.82 4.29 19.87
N ILE D 199 -0.89 5.18 20.85
CA ILE D 199 -0.16 5.03 22.12
C ILE D 199 -1.15 5.26 23.25
N THR D 200 -1.26 4.29 24.15
CA THR D 200 -2.17 4.42 25.28
C THR D 200 -1.48 3.93 26.55
N SER D 201 -1.53 4.74 27.59
CA SER D 201 -0.89 4.39 28.85
C SER D 201 -1.73 3.36 29.60
N LEU D 202 -1.15 2.87 30.70
CA LEU D 202 -1.87 1.92 31.57
C LEU D 202 -2.73 2.73 32.51
N HIS D 203 -3.94 3.06 32.04
CA HIS D 203 -4.93 3.84 32.75
C HIS D 203 -6.18 3.00 32.87
N PRO D 204 -7.01 3.19 33.91
CA PRO D 204 -8.17 2.32 34.11
C PRO D 204 -9.15 2.33 32.94
N GLY D 205 -9.12 3.37 32.11
CA GLY D 205 -9.99 3.48 30.98
C GLY D 205 -9.39 3.20 29.61
N HIS D 206 -8.18 2.66 29.55
CA HIS D 206 -7.53 2.48 28.25
C HIS D 206 -8.15 1.34 27.45
N ALA D 207 -8.69 0.33 28.14
CA ALA D 207 -9.35 -0.77 27.44
C ALA D 207 -10.56 -0.28 26.64
N LEU D 208 -11.21 0.79 27.11
CA LEU D 208 -12.33 1.38 26.37
C LEU D 208 -11.86 2.19 25.18
N PHE D 209 -10.77 2.96 25.33
CA PHE D 209 -10.25 3.74 24.21
C PHE D 209 -9.77 2.84 23.08
N LEU D 210 -9.04 1.78 23.44
CA LEU D 210 -8.50 0.87 22.43
C LEU D 210 -9.61 0.13 21.69
N GLU D 211 -10.77 -0.04 22.30
CA GLU D 211 -11.91 -0.66 21.62
C GLU D 211 -12.70 0.35 20.80
N GLY D 212 -12.84 1.57 21.32
CA GLY D 212 -13.58 2.59 20.58
C GLY D 212 -12.89 3.00 19.30
N VAL D 213 -11.55 3.09 19.32
CA VAL D 213 -10.84 3.44 18.10
C VAL D 213 -11.05 2.36 17.03
N ARG D 214 -10.95 1.09 17.42
CA ARG D 214 -11.17 0.01 16.48
C ARG D 214 -12.62 -0.08 16.02
N ALA D 215 -13.57 0.33 16.86
CA ALA D 215 -14.97 0.36 16.46
C ALA D 215 -15.22 1.42 15.41
N VAL D 216 -14.71 2.64 15.63
CA VAL D 216 -14.87 3.70 14.64
C VAL D 216 -14.05 3.43 13.39
N ALA D 217 -13.01 2.59 13.49
CA ALA D 217 -12.23 2.25 12.31
C ALA D 217 -13.07 1.56 11.23
N ASP D 218 -14.11 0.84 11.64
CA ASP D 218 -14.95 0.10 10.71
C ASP D 218 -16.25 0.84 10.37
N ALA D 219 -16.38 2.09 10.80
CA ALA D 219 -17.57 2.89 10.53
C ALA D 219 -17.24 4.09 9.65
N SER D 220 -16.31 3.92 8.71
CA SER D 220 -15.91 5.00 7.82
C SER D 220 -15.48 4.41 6.49
N HIS D 221 -15.34 5.28 5.49
CA HIS D 221 -15.12 4.82 4.11
C HIS D 221 -13.70 4.30 3.92
N VAL D 222 -12.70 5.16 4.14
CA VAL D 222 -11.31 4.84 3.79
C VAL D 222 -10.81 3.70 4.67
N SER D 223 -9.74 3.03 4.22
CA SER D 223 -9.28 1.80 4.87
C SER D 223 -8.75 2.05 6.28
N TRP D 224 -8.13 3.21 6.53
CA TRP D 224 -7.52 3.53 7.82
C TRP D 224 -6.46 2.49 8.19
N ARG D 225 -5.40 2.47 7.39
CA ARG D 225 -4.30 1.54 7.61
C ARG D 225 -3.61 1.81 8.94
N LEU D 226 -3.85 0.94 9.93
CA LEU D 226 -3.25 1.08 11.24
C LEU D 226 -1.83 0.52 11.24
N LEU D 227 -0.94 1.17 11.99
CA LEU D 227 0.47 0.84 11.96
C LEU D 227 0.92 0.09 13.21
N ASP D 228 0.72 0.67 14.39
CA ASP D 228 1.26 0.08 15.62
C ASP D 228 0.55 0.69 16.82
N VAL D 229 0.15 -0.17 17.76
CA VAL D 229 -0.51 0.25 18.99
C VAL D 229 0.37 -0.20 20.16
N VAL D 230 0.76 0.75 21.01
CA VAL D 230 1.72 0.50 22.08
C VAL D 230 1.13 0.97 23.41
N THR D 231 1.26 0.12 24.43
CA THR D 231 0.93 0.45 25.81
C THR D 231 2.21 0.45 26.62
N LEU D 232 2.51 1.57 27.26
CA LEU D 232 3.74 1.71 28.03
C LEU D 232 3.41 2.25 29.42
N GLU D 233 4.16 1.78 30.42
CA GLU D 233 3.98 2.22 31.79
C GLU D 233 4.54 3.63 31.93
N LEU D 234 3.66 4.62 31.97
CA LEU D 234 4.04 6.03 32.06
C LEU D 234 3.65 6.64 33.39
N GLY D 235 3.78 5.88 34.47
CA GLY D 235 3.44 6.35 35.80
C GLY D 235 4.58 7.09 36.45
N PRO D 236 4.43 7.40 37.75
CA PRO D 236 5.51 8.09 38.46
C PRO D 236 6.76 7.25 38.62
N GLY D 237 6.62 5.97 38.94
CA GLY D 237 7.76 5.08 39.15
C GLY D 237 7.77 3.97 38.11
N GLY D 238 8.92 3.79 37.47
CA GLY D 238 9.09 2.77 36.48
C GLY D 238 10.41 2.87 35.74
N PRO D 239 10.72 1.87 34.91
CA PRO D 239 11.98 1.88 34.14
C PRO D 239 11.87 2.79 32.92
N ARG D 240 12.62 3.89 32.94
CA ARG D 240 12.57 4.84 31.83
C ARG D 240 13.23 4.28 30.59
N ALA D 241 14.22 3.40 30.76
CA ALA D 241 14.99 2.91 29.62
C ALA D 241 14.15 2.06 28.67
N ARG D 242 13.26 1.22 29.23
CA ARG D 242 12.43 0.36 28.38
C ARG D 242 11.50 1.19 27.51
N THR D 243 10.84 2.19 28.09
CA THR D 243 9.98 3.07 27.30
C THR D 243 10.79 3.92 26.34
N GLN D 244 12.01 4.32 26.70
CA GLN D 244 12.89 5.01 25.77
C GLN D 244 13.16 4.15 24.54
N ARG D 245 13.48 2.89 24.75
CA ARG D 245 13.73 1.97 23.64
C ARG D 245 12.49 1.79 22.79
N LEU D 246 11.33 1.64 23.44
CA LEU D 246 10.08 1.42 22.70
C LEU D 246 9.73 2.64 21.85
N LEU D 247 9.90 3.84 22.41
CA LEU D 247 9.53 5.04 21.67
C LEU D 247 10.54 5.37 20.58
N ARG D 248 11.82 5.08 20.79
CA ARG D 248 12.82 5.37 19.78
C ARG D 248 12.67 4.49 18.54
N GLN D 249 11.92 3.40 18.65
CA GLN D 249 11.73 2.44 17.56
C GLN D 249 10.30 2.56 17.07
N LEU D 250 10.09 3.50 16.15
CA LEU D 250 8.78 3.78 15.55
C LEU D 250 8.99 4.67 14.33
N ASP D 251 8.03 4.61 13.40
CA ASP D 251 8.04 5.50 12.25
C ASP D 251 6.61 5.59 11.72
N ALA D 252 5.96 6.73 11.95
CA ALA D 252 4.61 6.97 11.48
C ALA D 252 4.30 8.46 11.55
N PRO D 253 3.82 9.07 10.46
CA PRO D 253 3.64 10.53 10.43
C PRO D 253 2.45 11.04 11.22
N VAL D 254 1.70 10.19 11.92
CA VAL D 254 0.59 10.63 12.76
C VAL D 254 0.56 9.78 14.02
N PHE D 255 0.43 10.43 15.18
CA PHE D 255 0.33 9.75 16.46
C PHE D 255 -0.94 10.19 17.18
N VAL D 256 -1.62 9.20 17.78
CA VAL D 256 -2.78 9.45 18.62
C VAL D 256 -2.51 8.78 19.96
N ALA D 257 -2.55 9.57 21.04
CA ALA D 257 -2.19 9.09 22.36
C ALA D 257 -3.29 9.40 23.36
N TYR D 258 -3.48 8.49 24.31
CA TYR D 258 -4.50 8.63 25.35
C TYR D 258 -3.85 8.44 26.71
N CYS D 259 -3.67 9.52 27.45
CA CYS D 259 -3.02 9.48 28.76
C CYS D 259 -3.65 10.54 29.66
N SER D 260 -3.12 10.66 30.87
CA SER D 260 -3.50 11.70 31.80
C SER D 260 -2.45 12.81 31.81
N ARG D 261 -2.76 13.89 32.54
CA ARG D 261 -1.95 15.10 32.45
C ARG D 261 -0.49 14.85 32.84
N GLU D 262 -0.26 14.25 34.01
CA GLU D 262 1.09 13.94 34.43
C GLU D 262 1.73 12.93 33.48
N GLU D 263 0.97 11.90 33.10
CA GLU D 263 1.47 10.94 32.12
C GLU D 263 1.72 11.61 30.78
N ALA D 264 0.88 12.57 30.39
CA ALA D 264 1.12 13.30 29.15
C ALA D 264 2.43 14.08 29.21
N GLU D 265 2.70 14.73 30.33
CA GLU D 265 3.95 15.47 30.46
C GLU D 265 5.15 14.54 30.39
N VAL D 266 5.08 13.41 31.08
CA VAL D 266 6.19 12.44 31.05
C VAL D 266 6.40 11.92 29.63
N LEU D 267 5.31 11.54 28.97
CA LEU D 267 5.40 10.99 27.62
C LEU D 267 5.98 12.01 26.65
N PHE D 268 5.52 13.27 26.74
CA PHE D 268 6.01 14.27 25.80
C PHE D 268 7.46 14.65 26.07
N ALA D 269 7.88 14.69 27.33
CA ALA D 269 9.29 14.90 27.63
C ALA D 269 10.15 13.78 27.04
N GLU D 270 9.71 12.52 27.23
CA GLU D 270 10.48 11.41 26.69
C GLU D 270 10.50 11.45 25.16
N ALA D 271 9.38 11.79 24.53
CA ALA D 271 9.32 11.88 23.07
C ALA D 271 10.24 12.98 22.55
N ALA D 272 10.25 14.13 23.22
CA ALA D 272 11.18 15.19 22.85
C ALA D 272 12.63 14.75 23.00
N GLN D 273 12.90 13.91 24.00
CA GLN D 273 14.23 13.32 24.10
C GLN D 273 14.54 12.44 22.89
N ALA D 274 13.63 11.55 22.55
CA ALA D 274 13.85 10.58 21.47
C ALA D 274 13.26 11.05 20.13
N GLY D 275 13.55 12.29 19.75
CA GLY D 275 13.28 12.82 18.43
C GLY D 275 11.97 12.46 17.75
N LEU D 276 10.83 12.83 18.35
CA LEU D 276 9.53 12.60 17.75
C LEU D 276 8.63 13.82 17.88
N VAL D 277 9.22 15.01 18.00
CA VAL D 277 8.48 16.24 18.26
C VAL D 277 8.79 17.33 17.24
N GLY D 278 9.70 17.10 16.31
CA GLY D 278 10.03 18.08 15.31
C GLY D 278 8.90 18.38 14.36
N PRO D 279 9.20 19.04 13.24
CA PRO D 279 8.16 19.45 12.30
C PRO D 279 7.58 18.32 11.47
N GLY D 280 8.04 17.08 11.65
CA GLY D 280 7.60 15.98 10.81
C GLY D 280 6.33 15.29 11.26
N HIS D 281 6.17 15.11 12.58
CA HIS D 281 5.09 14.28 13.12
C HIS D 281 3.97 15.14 13.67
N VAL D 282 2.85 14.49 13.99
CA VAL D 282 1.63 15.17 14.43
C VAL D 282 1.04 14.37 15.58
N TRP D 283 0.51 15.08 16.59
CA TRP D 283 -0.06 14.46 17.77
C TRP D 283 -1.52 14.86 17.93
N LEU D 284 -2.32 13.94 18.46
CA LEU D 284 -3.73 14.15 18.77
C LEU D 284 -4.05 13.53 20.11
N VAL D 285 -4.76 14.26 20.96
CA VAL D 285 -5.07 13.78 22.30
C VAL D 285 -6.52 14.10 22.65
N PRO D 286 -7.19 13.25 23.42
CA PRO D 286 -8.54 13.58 23.89
C PRO D 286 -8.50 14.63 24.98
N ASN D 287 -9.70 15.14 25.32
CA ASN D 287 -9.80 16.23 26.29
C ASN D 287 -9.48 15.81 27.71
N LEU D 288 -9.34 14.51 27.99
CA LEU D 288 -8.94 14.08 29.31
C LEU D 288 -7.57 14.63 29.69
N ALA D 289 -6.69 14.67 28.68
CA ALA D 289 -5.36 15.31 28.84
C ALA D 289 -5.58 16.81 28.66
N LEU D 290 -4.49 17.58 28.55
CA LEU D 290 -4.46 19.05 28.28
C LEU D 290 -4.71 19.91 29.53
N GLY D 291 -5.05 19.28 30.66
CA GLY D 291 -5.23 19.98 31.94
C GLY D 291 -6.23 21.11 31.96
N SER D 292 -5.75 22.25 32.48
CA SER D 292 -6.42 23.51 32.81
C SER D 292 -7.08 24.14 31.59
N THR D 293 -6.38 24.11 30.44
CA THR D 293 -6.67 24.82 29.19
C THR D 293 -6.29 26.30 29.31
N ASP D 294 -5.80 26.74 30.47
CA ASP D 294 -5.35 28.12 30.65
C ASP D 294 -3.94 28.19 31.19
N ALA D 295 -3.19 27.08 31.17
CA ALA D 295 -1.80 27.07 31.59
C ALA D 295 -1.07 25.92 30.91
N PRO D 296 -0.78 26.04 29.61
CA PRO D 296 -0.06 24.97 28.91
C PRO D 296 1.38 24.89 29.39
N PRO D 297 1.81 23.74 29.90
CA PRO D 297 3.16 23.63 30.45
C PRO D 297 4.22 23.44 29.36
N ALA D 298 5.47 23.22 29.79
CA ALA D 298 6.55 22.96 28.86
C ALA D 298 6.39 21.57 28.24
N THR D 299 7.31 21.25 27.32
CA THR D 299 7.43 19.98 26.61
C THR D 299 6.15 19.59 25.87
N PHE D 300 5.19 20.50 25.82
CA PHE D 300 3.99 20.27 25.02
C PHE D 300 4.29 20.67 23.57
N PRO D 301 4.24 19.75 22.62
CA PRO D 301 4.59 20.10 21.23
C PRO D 301 3.63 21.15 20.67
N VAL D 302 4.19 22.11 19.94
CA VAL D 302 3.35 23.06 19.24
C VAL D 302 2.64 22.36 18.09
N GLY D 303 1.33 22.57 17.99
CA GLY D 303 0.51 21.86 17.03
C GLY D 303 -0.28 20.71 17.63
N LEU D 304 -0.22 20.52 18.95
CA LEU D 304 -1.06 19.55 19.61
C LEU D 304 -2.53 19.88 19.36
N ILE D 305 -3.30 18.88 18.96
CA ILE D 305 -4.68 19.07 18.54
C ILE D 305 -5.60 18.40 19.56
N SER D 306 -6.73 19.03 19.85
CA SER D 306 -7.74 18.43 20.69
C SER D 306 -9.10 18.94 20.25
N VAL D 307 -10.15 18.34 20.81
CA VAL D 307 -11.53 18.73 20.52
C VAL D 307 -12.22 18.99 21.85
N VAL D 308 -12.50 20.26 22.13
CA VAL D 308 -13.20 20.62 23.36
C VAL D 308 -14.64 20.96 22.98
N THR D 309 -15.54 20.93 23.95
CA THR D 309 -16.93 21.22 23.66
C THR D 309 -17.17 22.72 23.61
N GLU D 310 -18.39 23.10 23.23
CA GLU D 310 -18.79 24.49 23.27
C GLU D 310 -18.71 25.01 24.70
N SER D 311 -18.44 26.31 24.84
CA SER D 311 -18.23 26.95 26.14
C SER D 311 -16.95 26.45 26.80
N TRP D 312 -15.84 26.48 26.06
CA TRP D 312 -14.52 26.28 26.62
C TRP D 312 -13.85 27.59 26.99
N ARG D 313 -14.56 28.71 26.85
CA ARG D 313 -14.01 30.01 27.19
C ARG D 313 -14.96 30.88 28.02
N LEU D 314 -16.13 30.39 28.40
CA LEU D 314 -17.08 31.19 29.17
C LEU D 314 -16.55 31.37 30.60
N SER D 315 -17.33 32.10 31.40
CA SER D 315 -17.03 32.34 32.79
C SER D 315 -17.81 31.38 33.68
N LEU D 316 -17.34 31.23 34.92
CA LEU D 316 -18.01 30.33 35.86
C LEU D 316 -19.44 30.79 36.13
N ARG D 317 -19.63 32.10 36.35
CA ARG D 317 -20.96 32.63 36.60
C ARG D 317 -21.88 32.39 35.41
N GLN D 318 -21.35 32.53 34.20
CA GLN D 318 -22.15 32.26 33.01
C GLN D 318 -22.61 30.81 32.95
N LYS D 319 -21.72 29.88 33.31
CA LYS D 319 -22.09 28.47 33.29
C LYS D 319 -23.11 28.14 34.37
N VAL D 320 -22.98 28.74 35.57
CA VAL D 320 -24.01 28.56 36.58
C VAL D 320 -25.34 29.13 36.09
N ARG D 321 -25.30 30.27 35.39
CA ARG D 321 -26.50 30.85 34.82
C ARG D 321 -27.13 29.91 33.80
N ASP D 322 -26.30 29.26 32.98
CA ASP D 322 -26.83 28.28 32.03
C ASP D 322 -27.50 27.11 32.75
N GLY D 323 -26.88 26.65 33.84
CA GLY D 323 -27.49 25.57 34.61
C GLY D 323 -28.83 25.96 35.21
N VAL D 324 -28.91 27.15 35.80
CA VAL D 324 -30.19 27.59 36.35
C VAL D 324 -31.22 27.77 35.25
N ALA D 325 -30.77 28.22 34.06
CA ALA D 325 -31.69 28.35 32.93
C ALA D 325 -32.24 26.99 32.51
N ILE D 326 -31.39 25.97 32.48
CA ILE D 326 -31.85 24.63 32.11
C ILE D 326 -32.85 24.12 33.13
N LEU D 327 -32.56 24.30 34.42
CA LEU D 327 -33.50 23.85 35.45
C LEU D 327 -34.83 24.57 35.34
N ALA D 328 -34.79 25.89 35.15
CA ALA D 328 -36.02 26.68 35.06
C ALA D 328 -36.85 26.27 33.84
N LEU D 329 -36.18 26.07 32.70
CA LEU D 329 -36.90 25.66 31.50
C LEU D 329 -37.52 24.28 31.67
N GLY D 330 -36.80 23.35 32.31
CA GLY D 330 -37.38 22.04 32.57
C GLY D 330 -38.61 22.12 33.44
N ALA D 331 -38.53 22.89 34.53
CA ALA D 331 -39.69 23.04 35.42
C ALA D 331 -40.86 23.70 34.71
N HIS D 332 -40.58 24.75 33.93
CA HIS D 332 -41.64 25.45 33.21
C HIS D 332 -42.31 24.53 32.20
N SER D 333 -41.51 23.77 31.45
CA SER D 333 -42.08 22.84 30.48
C SER D 333 -42.88 21.74 31.18
N TYR D 334 -42.49 21.37 32.39
CA TYR D 334 -43.34 20.47 33.19
C TYR D 334 -44.67 21.13 33.52
N TRP D 335 -44.64 22.42 33.81
CA TRP D 335 -45.93 23.05 34.19
C TRP D 335 -46.90 23.07 33.02
N ARG D 336 -46.38 23.26 31.80
CA ARG D 336 -47.29 23.30 30.65
C ARG D 336 -47.96 21.96 30.37
N GLN D 337 -47.71 20.94 31.17
CA GLN D 337 -48.37 19.64 31.02
C GLN D 337 -49.24 19.29 32.21
N HIS D 338 -48.69 19.37 33.43
CA HIS D 338 -49.43 19.06 34.65
C HIS D 338 -49.67 20.27 35.52
N GLY D 339 -48.68 21.12 35.72
CA GLY D 339 -48.87 22.42 36.33
C GLY D 339 -48.36 22.63 37.75
N THR D 340 -47.37 21.85 38.20
CA THR D 340 -46.82 22.07 39.53
C THR D 340 -45.42 21.48 39.61
N LEU D 341 -44.55 22.15 40.34
CA LEU D 341 -43.23 21.61 40.61
C LEU D 341 -43.33 20.56 41.70
N PRO D 342 -42.83 19.34 41.48
CA PRO D 342 -42.97 18.27 42.47
C PRO D 342 -42.30 18.63 43.79
N ALA D 343 -42.88 18.10 44.87
CA ALA D 343 -42.37 18.31 46.20
C ALA D 343 -41.04 17.59 46.40
N PRO D 344 -40.18 18.09 47.27
CA PRO D 344 -38.88 17.47 47.49
C PRO D 344 -38.99 16.18 48.29
N ALA D 345 -37.90 15.41 48.26
CA ALA D 345 -37.74 14.20 49.08
C ALA D 345 -36.27 14.16 49.49
N GLY D 346 -35.97 14.71 50.67
CA GLY D 346 -34.60 14.84 51.10
C GLY D 346 -34.31 14.21 52.46
N ASP D 347 -34.99 13.10 52.76
CA ASP D 347 -34.75 12.42 54.02
C ASP D 347 -33.43 11.67 53.99
N CYS D 348 -32.32 12.41 54.07
CA CYS D 348 -30.99 11.81 54.03
C CYS D 348 -30.79 10.85 55.19
N ARG D 349 -31.22 11.26 56.39
CA ARG D 349 -31.05 10.40 57.56
C ARG D 349 -31.97 9.18 57.51
N VAL D 350 -33.18 9.34 56.98
CA VAL D 350 -34.14 8.24 56.94
C VAL D 350 -33.93 7.33 55.73
N HIS D 351 -33.43 7.87 54.62
CA HIS D 351 -33.14 7.10 53.41
C HIS D 351 -34.29 6.21 52.94
N PRO D 352 -35.48 6.78 52.71
CA PRO D 352 -36.60 5.97 52.22
C PRO D 352 -36.65 5.93 50.70
N GLY D 353 -37.67 5.29 50.14
CA GLY D 353 -37.98 5.46 48.75
C GLY D 353 -37.79 4.24 47.87
N PRO D 354 -38.89 3.55 47.56
CA PRO D 354 -38.90 2.68 46.38
C PRO D 354 -39.09 3.51 45.12
N VAL D 355 -39.31 2.86 43.98
CA VAL D 355 -39.52 3.59 42.73
C VAL D 355 -40.68 4.57 42.88
N SER D 356 -40.45 5.80 42.43
CA SER D 356 -41.44 6.88 42.56
C SER D 356 -41.84 7.39 41.18
N PRO D 357 -43.11 7.23 40.78
CA PRO D 357 -43.49 7.64 39.42
C PRO D 357 -43.52 9.15 39.20
N ALA D 358 -43.75 9.95 40.25
CA ALA D 358 -43.87 11.39 40.07
C ALA D 358 -42.53 12.02 39.68
N ARG D 359 -41.51 11.81 40.52
CA ARG D 359 -40.17 12.28 40.17
C ARG D 359 -39.65 11.60 38.92
N GLU D 360 -40.08 10.36 38.65
CA GLU D 360 -39.71 9.70 37.41
C GLU D 360 -40.24 10.46 36.20
N ALA D 361 -41.51 10.87 36.25
CA ALA D 361 -42.07 11.67 35.17
C ALA D 361 -41.36 13.01 35.04
N PHE D 362 -41.04 13.65 36.18
CA PHE D 362 -40.33 14.92 36.13
C PHE D 362 -38.96 14.76 35.47
N TYR D 363 -38.22 13.70 35.83
CA TYR D 363 -36.91 13.48 35.25
C TYR D 363 -37.02 13.17 33.76
N ARG D 364 -38.02 12.35 33.40
CA ARG D 364 -38.20 11.98 31.98
C ARG D 364 -38.47 13.25 31.20
N HIS D 365 -39.20 14.16 31.80
CA HIS D 365 -39.47 15.44 31.17
C HIS D 365 -38.25 16.37 31.18
N LEU D 366 -37.29 16.14 32.07
CA LEU D 366 -36.16 17.04 32.21
C LEU D 366 -35.05 16.77 31.20
N LEU D 367 -35.13 15.69 30.42
CA LEU D 367 -34.04 15.34 29.53
C LEU D 367 -33.80 16.41 28.48
N ASN D 368 -34.78 16.67 27.62
CA ASN D 368 -34.57 17.54 26.48
C ASN D 368 -34.76 19.00 26.86
N VAL D 369 -33.96 19.88 26.23
CA VAL D 369 -34.07 21.33 26.45
C VAL D 369 -33.27 22.07 25.39
N THR D 370 -33.77 23.24 24.99
CA THR D 370 -33.09 24.14 24.08
C THR D 370 -33.02 25.53 24.72
N TRP D 371 -32.07 26.34 24.25
CA TRP D 371 -31.91 27.70 24.77
C TRP D 371 -31.22 28.54 23.70
N GLU D 372 -32.01 29.29 22.94
CA GLU D 372 -31.55 30.33 22.01
C GLU D 372 -30.27 29.92 21.27
N GLY D 373 -30.37 28.81 20.54
CA GLY D 373 -29.27 28.36 19.71
C GLY D 373 -28.49 27.19 20.28
N ARG D 374 -28.34 27.15 21.60
CA ARG D 374 -27.62 26.07 22.25
C ARG D 374 -28.63 25.02 22.74
N ASP D 375 -28.57 23.82 22.17
CA ASP D 375 -29.48 22.75 22.53
C ASP D 375 -28.74 21.75 23.41
N PHE D 376 -29.30 21.45 24.58
CA PHE D 376 -28.68 20.54 25.54
C PHE D 376 -29.60 19.33 25.66
N SER D 377 -29.43 18.37 24.77
CA SER D 377 -30.26 17.17 24.72
C SER D 377 -29.49 16.03 25.37
N PHE D 378 -29.98 15.56 26.51
CA PHE D 378 -29.30 14.52 27.27
C PHE D 378 -29.78 13.14 26.84
N SER D 379 -28.83 12.24 26.67
CA SER D 379 -29.05 10.83 26.39
C SER D 379 -29.51 10.11 27.65
N PRO D 380 -30.11 8.91 27.51
CA PRO D 380 -30.39 8.09 28.70
C PRO D 380 -29.21 8.01 29.64
N GLY D 381 -28.05 7.61 29.12
CA GLY D 381 -26.81 7.83 29.84
C GLY D 381 -26.58 9.32 29.99
N GLY D 382 -26.17 9.77 31.17
CA GLY D 382 -26.25 11.18 31.47
C GLY D 382 -25.20 12.06 30.82
N TYR D 383 -24.95 11.82 29.54
CA TYR D 383 -24.09 12.68 28.73
C TYR D 383 -24.91 13.21 27.56
N LEU D 384 -24.75 14.50 27.27
CA LEU D 384 -25.55 15.11 26.20
C LEU D 384 -25.14 14.56 24.84
N VAL D 385 -26.11 14.46 23.95
CA VAL D 385 -25.90 13.97 22.60
C VAL D 385 -26.08 15.13 21.63
N GLN D 386 -25.37 15.06 20.50
CA GLN D 386 -25.36 16.08 19.46
C GLN D 386 -24.97 17.45 19.99
N PRO D 387 -23.73 17.63 20.49
CA PRO D 387 -23.27 18.98 20.80
C PRO D 387 -22.49 19.58 19.65
N THR D 388 -22.11 20.86 19.76
CA THR D 388 -21.32 21.55 18.74
C THR D 388 -19.89 21.64 19.24
N MET D 389 -19.12 20.59 19.00
CA MET D 389 -17.72 20.55 19.41
C MET D 389 -16.87 21.52 18.57
N VAL D 390 -15.79 21.99 19.17
CA VAL D 390 -14.85 22.88 18.52
C VAL D 390 -13.45 22.31 18.66
N VAL D 391 -12.72 22.24 17.54
CA VAL D 391 -11.34 21.80 17.57
C VAL D 391 -10.44 22.95 17.98
N ILE D 392 -9.42 22.65 18.79
CA ILE D 392 -8.44 23.62 19.23
C ILE D 392 -7.04 23.05 19.02
N ALA D 393 -6.07 23.96 18.92
CA ALA D 393 -4.69 23.59 18.69
C ALA D 393 -3.79 24.65 19.31
N LEU D 394 -2.54 24.27 19.57
CA LEU D 394 -1.57 25.15 20.20
C LEU D 394 -0.94 26.03 19.13
N ASN D 395 -1.22 27.34 19.19
CA ASN D 395 -0.62 28.27 18.24
C ASN D 395 0.88 28.35 18.45
N ARG D 396 1.55 29.04 17.51
CA ARG D 396 3.01 29.13 17.53
C ARG D 396 3.55 29.93 18.70
N HIS D 397 2.71 30.46 19.57
CA HIS D 397 3.15 31.24 20.73
C HIS D 397 2.65 30.64 22.03
N ARG D 398 2.42 29.32 22.05
CA ARG D 398 1.97 28.58 23.23
C ARG D 398 0.69 29.21 23.80
N LEU D 399 -0.35 29.16 22.98
CA LEU D 399 -1.65 29.74 23.35
C LEU D 399 -2.72 29.00 22.56
N TRP D 400 -3.66 28.37 23.26
CA TRP D 400 -4.71 27.61 22.61
C TRP D 400 -5.52 28.50 21.67
N GLU D 401 -5.88 27.95 20.51
CA GLU D 401 -6.64 28.72 19.53
C GLU D 401 -7.55 27.77 18.75
N MET D 402 -8.74 28.28 18.40
CA MET D 402 -9.69 27.50 17.62
C MET D 402 -9.18 27.30 16.20
N VAL D 403 -9.44 26.11 15.66
CA VAL D 403 -9.06 25.76 14.29
C VAL D 403 -10.26 25.36 13.45
N GLY D 404 -11.12 24.48 13.99
CA GLY D 404 -12.25 24.01 13.23
C GLY D 404 -13.51 23.77 14.04
N ARG D 405 -14.64 24.26 13.55
CA ARG D 405 -15.92 24.04 14.20
C ARG D 405 -16.50 22.68 13.80
N TRP D 406 -17.64 22.34 14.40
CA TRP D 406 -18.35 21.11 14.05
C TRP D 406 -19.81 21.33 14.46
N GLU D 407 -20.68 21.46 13.47
CA GLU D 407 -22.12 21.64 13.71
C GLU D 407 -22.88 20.77 12.72
N HIS D 408 -23.65 19.81 13.27
CA HIS D 408 -24.49 18.92 12.48
C HIS D 408 -23.67 18.10 11.48
N GLY D 409 -22.69 17.39 12.00
CA GLY D 409 -22.00 16.35 11.25
C GLY D 409 -21.20 16.81 10.06
N VAL D 410 -20.78 18.08 10.03
CA VAL D 410 -19.93 18.59 8.97
C VAL D 410 -18.78 19.36 9.61
N LEU D 411 -17.55 19.05 9.20
CA LEU D 411 -16.38 19.70 9.77
C LEU D 411 -15.94 20.88 8.92
N TYR D 412 -15.37 21.89 9.59
CA TYR D 412 -14.79 23.05 8.95
C TYR D 412 -13.35 23.20 9.42
N MET D 413 -12.56 24.00 8.69
CA MET D 413 -11.16 24.20 9.02
C MET D 413 -10.78 25.65 8.77
N LYS D 414 -9.96 26.21 9.65
CA LYS D 414 -9.48 27.57 9.47
C LYS D 414 -8.49 27.65 8.30
N TYR D 415 -7.70 26.59 8.09
CA TYR D 415 -6.69 26.59 7.04
C TYR D 415 -6.99 25.51 6.01
N PRO D 416 -6.72 25.77 4.73
CA PRO D 416 -6.81 24.71 3.72
C PRO D 416 -5.65 23.72 3.76
N VAL D 417 -4.67 24.05 4.55
CA VAL D 417 -3.52 23.13 4.68
C VAL D 417 -3.16 23.05 6.16
N TRP D 418 -2.40 22.03 6.56
CA TRP D 418 -2.05 22.05 8.01
C TRP D 418 -0.79 22.89 8.12
N PRO D 419 -0.81 24.06 8.76
CA PRO D 419 0.35 24.92 8.82
C PRO D 419 1.38 24.12 9.59
N ARG D 420 2.62 23.99 9.14
CA ARG D 420 3.50 23.09 9.88
C ARG D 420 4.70 23.86 10.41
N TYR D 421 4.98 23.82 11.71
CA TYR D 421 6.11 24.59 12.30
C TYR D 421 7.40 23.85 12.39
N SER D 422 8.36 24.60 12.97
CA SER D 422 9.80 24.24 13.11
C SER D 422 10.43 24.75 14.41
N ALA D 423 11.64 24.26 14.73
CA ALA D 423 12.39 24.54 15.99
C ALA D 423 12.71 26.03 16.17
N SER D 424 13.03 26.70 15.06
CA SER D 424 13.32 28.16 15.06
C SER D 424 12.03 28.95 14.79
N LEU D 425 10.91 28.24 14.60
CA LEU D 425 9.53 28.75 14.39
C LEU D 425 9.27 29.38 13.01
N GLN D 426 10.13 29.16 12.02
CA GLN D 426 9.85 29.68 10.64
C GLN D 426 9.10 28.56 9.92
N PRO D 427 7.87 28.76 9.38
CA PRO D 427 7.08 27.61 8.94
C PRO D 427 7.55 27.06 7.60
N VAL D 428 7.56 25.74 7.39
CA VAL D 428 8.05 25.19 6.10
C VAL D 428 6.93 24.55 5.29
N VAL D 429 7.08 24.48 3.96
CA VAL D 429 6.17 23.82 3.02
C VAL D 429 6.83 22.56 2.48
N ASP D 430 6.08 21.47 2.46
CA ASP D 430 6.61 20.20 1.99
C ASP D 430 7.01 20.29 0.53
N SER D 431 8.09 19.60 0.18
CA SER D 431 8.59 19.64 -1.19
C SER D 431 7.57 19.06 -2.16
N ARG D 432 6.94 17.95 -1.79
CA ARG D 432 5.95 17.30 -2.66
C ARG D 432 4.57 17.89 -2.37
N HIS D 433 4.44 19.18 -2.64
CA HIS D 433 3.19 19.89 -2.42
C HIS D 433 3.21 21.16 -3.26
N LEU D 434 2.02 21.58 -3.69
CA LEU D 434 1.88 22.77 -4.52
C LEU D 434 0.43 23.23 -4.49
N THR D 435 0.19 24.41 -5.04
CA THR D 435 -1.14 25.03 -5.07
C THR D 435 -1.54 25.23 -6.52
N VAL D 436 -2.71 24.70 -6.90
CA VAL D 436 -3.17 24.75 -8.28
C VAL D 436 -4.35 25.71 -8.37
N ALA D 437 -4.35 26.53 -9.43
CA ALA D 437 -5.43 27.47 -9.71
C ALA D 437 -6.13 27.07 -11.00
N THR D 438 -7.39 27.50 -11.12
CA THR D 438 -8.25 27.21 -12.26
C THR D 438 -9.52 28.05 -12.11
N LEU D 439 -10.40 27.93 -13.10
CA LEU D 439 -11.74 28.49 -12.97
C LEU D 439 -12.67 27.79 -13.96
N GLU D 440 -13.90 28.28 -14.04
CA GLU D 440 -15.00 27.52 -14.59
C GLU D 440 -15.05 27.62 -16.12
N GLU D 441 -15.07 26.46 -16.77
CA GLU D 441 -15.37 26.33 -18.20
C GLU D 441 -16.07 25.00 -18.38
N ARG D 442 -17.30 25.04 -18.90
CA ARG D 442 -18.21 23.89 -18.75
C ARG D 442 -17.63 22.58 -19.26
N PRO D 443 -17.06 22.49 -20.47
CA PRO D 443 -16.56 21.18 -20.92
C PRO D 443 -15.41 20.65 -20.08
N PHE D 444 -14.64 21.50 -19.43
CA PHE D 444 -13.39 21.11 -18.79
C PHE D 444 -13.40 21.24 -17.28
N VAL D 445 -13.96 22.33 -16.75
CA VAL D 445 -13.99 22.55 -15.30
C VAL D 445 -15.42 22.84 -14.89
N ILE D 446 -15.98 22.01 -14.01
CA ILE D 446 -17.35 22.16 -13.53
C ILE D 446 -17.33 22.25 -12.02
N VAL D 447 -18.05 23.22 -11.48
CA VAL D 447 -18.16 23.46 -10.04
C VAL D 447 -19.53 23.00 -9.57
N GLU D 448 -19.56 22.23 -8.50
CA GLU D 448 -20.81 21.75 -7.92
C GLU D 448 -20.78 21.97 -6.42
N SER D 449 -21.87 22.52 -5.88
CA SER D 449 -21.98 22.65 -4.44
C SER D 449 -22.16 21.27 -3.82
N PRO D 450 -21.57 21.01 -2.65
CA PRO D 450 -21.73 19.70 -2.02
C PRO D 450 -23.18 19.45 -1.63
N ASP D 451 -23.64 18.23 -1.89
CA ASP D 451 -25.02 17.85 -1.64
C ASP D 451 -25.26 17.71 -0.14
N PRO D 452 -26.51 17.77 0.29
CA PRO D 452 -26.83 17.58 1.71
C PRO D 452 -26.84 16.14 2.17
N GLY D 453 -26.28 15.21 1.40
CA GLY D 453 -26.29 13.82 1.80
C GLY D 453 -25.45 13.54 3.03
N THR D 454 -24.13 13.71 2.91
CA THR D 454 -23.24 13.38 4.03
C THR D 454 -22.11 14.37 4.24
N GLY D 455 -22.26 15.63 3.82
CA GLY D 455 -21.22 16.62 4.03
C GLY D 455 -20.11 16.57 3.00
N GLY D 456 -19.45 15.42 2.88
CA GLY D 456 -18.42 15.26 1.87
C GLY D 456 -19.01 15.22 0.48
N CYS D 457 -18.15 15.44 -0.51
CA CYS D 457 -18.60 15.48 -1.89
C CYS D 457 -18.63 14.08 -2.49
N VAL D 458 -19.41 13.94 -3.55
CA VAL D 458 -19.57 12.65 -4.25
C VAL D 458 -18.21 12.16 -4.71
N PRO D 459 -17.90 10.85 -4.62
CA PRO D 459 -16.59 10.37 -5.07
C PRO D 459 -16.30 10.70 -6.53
N ASN D 460 -15.04 10.60 -6.91
CA ASN D 460 -14.56 11.04 -8.22
C ASN D 460 -14.79 12.54 -8.43
N THR D 461 -14.63 13.31 -7.36
CA THR D 461 -14.68 14.77 -7.37
C THR D 461 -13.64 15.27 -6.39
N VAL D 462 -13.20 16.52 -6.55
CA VAL D 462 -12.16 17.03 -5.65
C VAL D 462 -12.63 18.29 -4.96
N PRO D 463 -12.32 18.43 -3.68
CA PRO D 463 -12.73 19.64 -2.95
C PRO D 463 -12.01 20.89 -3.47
N CYS D 464 -12.79 21.91 -3.76
CA CYS D 464 -12.20 23.17 -4.28
C CYS D 464 -12.94 24.34 -3.64
N ARG D 465 -12.24 25.46 -3.52
CA ARG D 465 -12.72 26.65 -2.83
C ARG D 465 -12.47 27.88 -3.69
N ARG D 466 -13.47 28.75 -3.79
CA ARG D 466 -13.33 30.01 -4.50
C ARG D 466 -12.89 31.09 -3.51
N GLN D 467 -11.58 31.19 -3.33
CA GLN D 467 -10.99 32.17 -2.41
C GLN D 467 -11.31 33.59 -2.86
N SER D 468 -11.04 34.56 -2.02
CA SER D 468 -11.28 35.97 -2.36
C SER D 468 -10.27 36.88 -1.65
N ALA D 478 -11.48 35.70 4.08
CA ALA D 478 -11.04 34.56 4.89
C ALA D 478 -12.12 33.47 4.93
N PRO D 479 -13.36 33.89 5.16
CA PRO D 479 -14.46 32.91 5.17
C PRO D 479 -14.58 32.23 3.81
N TYR D 480 -14.89 30.93 3.85
CA TYR D 480 -14.93 30.13 2.64
C TYR D 480 -16.10 29.17 2.68
N THR D 481 -16.59 28.81 1.49
CA THR D 481 -17.55 27.72 1.32
C THR D 481 -16.93 26.71 0.38
N LYS D 482 -16.86 25.46 0.83
CA LYS D 482 -16.13 24.43 0.10
C LYS D 482 -17.01 23.81 -0.97
N LEU D 483 -16.85 24.24 -2.21
CA LEU D 483 -17.49 23.57 -3.33
C LEU D 483 -16.65 22.35 -3.69
N CYS D 484 -17.03 21.63 -4.74
CA CYS D 484 -16.13 20.65 -5.29
C CYS D 484 -16.14 20.73 -6.81
N CYS D 485 -14.96 20.49 -7.41
CA CYS D 485 -14.78 20.64 -8.88
C CYS D 485 -14.68 19.28 -9.59
N LYS D 486 -15.34 19.16 -10.75
CA LYS D 486 -15.36 17.94 -11.58
C LYS D 486 -15.19 18.34 -13.04
N GLY D 487 -14.52 17.50 -13.81
CA GLY D 487 -14.29 17.81 -15.22
C GLY D 487 -13.18 17.00 -15.88
N PHE D 488 -12.74 17.54 -17.01
CA PHE D 488 -11.71 16.91 -17.84
C PHE D 488 -10.32 17.16 -17.28
N CYS D 489 -9.92 18.43 -17.19
CA CYS D 489 -8.60 18.75 -16.65
C CYS D 489 -8.47 18.29 -15.20
N ILE D 490 -9.59 18.18 -14.48
CA ILE D 490 -9.53 17.66 -13.12
C ILE D 490 -9.17 16.18 -13.13
N ASP D 491 -9.73 15.41 -14.07
CA ASP D 491 -9.32 14.00 -14.21
C ASP D 491 -7.85 13.91 -14.60
N ILE D 492 -7.40 14.79 -15.51
CA ILE D 492 -5.98 14.82 -15.86
C ILE D 492 -5.13 15.09 -14.64
N LEU D 493 -5.58 16.03 -13.79
CA LEU D 493 -4.84 16.36 -12.57
C LEU D 493 -4.80 15.18 -11.60
N LYS D 494 -5.91 14.46 -11.47
CA LYS D 494 -5.92 13.28 -10.61
C LYS D 494 -4.92 12.24 -11.10
N LYS D 495 -4.92 11.97 -12.40
CA LYS D 495 -3.96 11.01 -12.95
C LYS D 495 -2.52 11.49 -12.74
N LEU D 496 -2.27 12.79 -12.94
CA LEU D 496 -0.94 13.33 -12.73
C LEU D 496 -0.49 13.17 -11.28
N ALA D 497 -1.39 13.45 -10.33
CA ALA D 497 -1.07 13.25 -8.92
C ALA D 497 -0.81 11.80 -8.61
N ARG D 498 -1.49 10.89 -9.31
CA ARG D 498 -1.26 9.47 -9.11
C ARG D 498 0.06 8.98 -9.71
N VAL D 499 0.56 9.60 -10.77
CA VAL D 499 1.77 9.13 -11.44
C VAL D 499 3.03 9.85 -10.96
N VAL D 500 2.99 11.17 -10.74
CA VAL D 500 4.18 11.94 -10.39
C VAL D 500 4.41 11.96 -8.88
N LYS D 501 3.52 11.34 -8.10
CA LYS D 501 3.71 11.16 -6.66
C LYS D 501 3.78 12.50 -5.93
N PHE D 502 2.83 13.38 -6.20
CA PHE D 502 2.76 14.64 -5.48
C PHE D 502 1.36 14.90 -4.96
N SER D 503 1.20 15.96 -4.15
CA SER D 503 -0.06 16.30 -3.52
C SER D 503 -0.39 17.75 -3.84
N TYR D 504 -1.69 18.07 -3.81
CA TYR D 504 -2.15 19.33 -4.36
C TYR D 504 -3.34 19.84 -3.56
N ASP D 505 -3.58 21.14 -3.70
CA ASP D 505 -4.84 21.77 -3.30
C ASP D 505 -5.27 22.73 -4.41
N LEU D 506 -6.56 22.69 -4.74
CA LEU D 506 -7.10 23.35 -5.91
C LEU D 506 -8.00 24.50 -5.47
N TYR D 507 -7.75 25.70 -6.01
CA TYR D 507 -8.55 26.86 -5.64
C TYR D 507 -8.84 27.71 -6.87
N LEU D 508 -10.07 28.21 -6.97
CA LEU D 508 -10.49 28.98 -8.13
C LEU D 508 -9.98 30.42 -8.04
N VAL D 509 -10.07 31.12 -9.17
CA VAL D 509 -9.60 32.50 -9.27
C VAL D 509 -10.78 33.45 -9.13
N THR D 510 -10.50 34.71 -8.81
CA THR D 510 -11.51 35.73 -8.58
C THR D 510 -11.58 36.76 -9.69
N ASN D 511 -10.43 37.22 -10.18
CA ASN D 511 -10.38 38.32 -11.14
C ASN D 511 -10.70 37.83 -12.55
N GLY D 512 -10.36 38.65 -13.56
CA GLY D 512 -10.61 38.32 -14.95
C GLY D 512 -10.27 36.89 -15.31
N LYS D 513 -10.99 36.35 -16.30
CA LYS D 513 -11.01 34.90 -16.53
C LYS D 513 -9.63 34.30 -16.77
N HIS D 514 -8.98 34.66 -17.88
CA HIS D 514 -7.80 33.93 -18.32
C HIS D 514 -6.53 34.76 -18.20
N GLY D 515 -6.47 35.93 -18.82
CA GLY D 515 -5.28 36.74 -18.71
C GLY D 515 -5.37 37.97 -19.59
N LYS D 516 -4.56 38.95 -19.25
CA LYS D 516 -4.44 40.20 -19.98
C LYS D 516 -3.25 40.96 -19.38
N ARG D 517 -2.90 42.09 -19.99
CA ARG D 517 -1.84 42.94 -19.47
C ARG D 517 -2.30 44.39 -19.58
N VAL D 518 -2.94 44.88 -18.52
CA VAL D 518 -3.31 46.30 -18.43
C VAL D 518 -2.13 47.00 -17.76
N ARG D 519 -1.12 47.30 -18.57
CA ARG D 519 0.13 47.93 -18.12
C ARG D 519 0.76 47.14 -16.98
N GLY D 520 1.05 45.87 -17.26
CA GLY D 520 1.75 45.01 -16.33
C GLY D 520 0.91 44.41 -15.22
N VAL D 521 -0.37 44.78 -15.11
CA VAL D 521 -1.25 44.22 -14.08
C VAL D 521 -1.94 43.01 -14.71
N TRP D 522 -1.30 41.85 -14.57
CA TRP D 522 -1.84 40.61 -15.12
C TRP D 522 -2.83 40.00 -14.14
N ASN D 523 -4.08 39.85 -14.56
CA ASN D 523 -5.10 39.21 -13.74
C ASN D 523 -5.17 37.73 -14.12
N GLY D 524 -6.14 37.02 -13.56
CA GLY D 524 -6.38 35.64 -13.95
C GLY D 524 -5.32 34.67 -13.44
N MET D 525 -5.40 33.46 -13.99
CA MET D 525 -4.47 32.40 -13.61
C MET D 525 -3.04 32.74 -14.04
N ILE D 526 -2.89 33.37 -15.21
CA ILE D 526 -1.56 33.76 -15.66
C ILE D 526 -0.94 34.73 -14.67
N GLY D 527 -1.71 35.70 -14.19
CA GLY D 527 -1.23 36.60 -13.16
C GLY D 527 -0.92 35.90 -11.85
N GLU D 528 -1.81 34.99 -11.45
CA GLU D 528 -1.59 34.24 -10.21
C GLU D 528 -0.32 33.40 -10.26
N VAL D 529 0.08 32.96 -11.45
CA VAL D 529 1.33 32.22 -11.59
C VAL D 529 2.53 33.15 -11.72
N TYR D 530 2.38 34.28 -12.40
CA TYR D 530 3.51 35.18 -12.64
C TYR D 530 3.98 35.90 -11.39
N TYR D 531 3.08 36.11 -10.42
CA TYR D 531 3.41 36.81 -9.19
C TYR D 531 3.75 35.86 -8.05
N LYS D 532 3.96 34.57 -8.36
CA LYS D 532 4.44 33.58 -7.41
C LYS D 532 3.47 33.42 -6.22
N ARG D 533 2.21 33.18 -6.56
CA ARG D 533 1.23 32.73 -5.58
C ARG D 533 0.71 31.34 -5.87
N ALA D 534 1.19 30.71 -6.95
CA ALA D 534 0.80 29.35 -7.31
C ALA D 534 1.95 28.72 -8.08
N ASP D 535 1.84 27.41 -8.30
CA ASP D 535 2.88 26.68 -9.02
C ASP D 535 2.42 26.13 -10.36
N MET D 536 1.12 25.95 -10.56
CA MET D 536 0.57 25.56 -11.85
C MET D 536 -0.72 26.32 -12.09
N ALA D 537 -1.29 26.14 -13.28
CA ALA D 537 -2.60 26.68 -13.60
C ALA D 537 -3.19 25.80 -14.69
N ILE D 538 -4.15 24.96 -14.33
CA ILE D 538 -4.70 23.95 -15.23
C ILE D 538 -6.09 24.39 -15.67
N GLY D 539 -6.47 23.98 -16.88
CA GLY D 539 -7.77 24.34 -17.42
C GLY D 539 -7.71 24.81 -18.85
N SER D 540 -8.71 25.60 -19.26
CA SER D 540 -8.77 26.12 -20.63
C SER D 540 -7.81 27.31 -20.75
N LEU D 541 -6.57 26.99 -21.06
CA LEU D 541 -5.49 27.97 -21.17
C LEU D 541 -4.70 27.69 -22.44
N THR D 542 -4.93 28.48 -23.48
CA THR D 542 -4.27 28.28 -24.76
C THR D 542 -2.81 28.76 -24.70
N ILE D 543 -2.11 28.60 -25.81
CA ILE D 543 -0.70 28.96 -25.93
C ILE D 543 -0.57 30.04 -26.99
N ASN D 544 0.21 31.07 -26.69
CA ASN D 544 0.55 32.10 -27.66
C ASN D 544 1.87 32.73 -27.26
N GLU D 545 2.44 33.50 -28.18
CA GLU D 545 3.80 34.01 -27.99
C GLU D 545 3.91 34.91 -26.79
N GLU D 546 2.92 35.79 -26.57
CA GLU D 546 3.04 36.79 -25.52
C GLU D 546 2.96 36.16 -24.13
N ARG D 547 2.15 35.11 -23.97
CA ARG D 547 2.07 34.45 -22.68
C ARG D 547 3.36 33.69 -22.36
N SER D 548 3.84 32.87 -23.31
CA SER D 548 4.99 32.01 -23.06
C SER D 548 6.27 32.77 -22.79
N GLU D 549 6.23 34.11 -22.83
CA GLU D 549 7.41 34.91 -22.51
C GLU D 549 7.72 34.87 -21.02
N ILE D 550 6.70 34.79 -20.16
CA ILE D 550 6.87 34.96 -18.73
C ILE D 550 6.44 33.73 -17.96
N VAL D 551 5.66 32.86 -18.59
CA VAL D 551 5.20 31.62 -17.97
C VAL D 551 5.54 30.46 -18.89
N ASP D 552 6.11 29.41 -18.32
CA ASP D 552 6.52 28.24 -19.08
C ASP D 552 5.28 27.44 -19.49
N PHE D 553 5.48 26.34 -20.20
CA PHE D 553 4.35 25.53 -20.67
C PHE D 553 4.84 24.11 -20.92
N SER D 554 3.94 23.15 -20.72
CA SER D 554 4.23 21.76 -21.03
C SER D 554 3.79 21.48 -22.47
N VAL D 555 3.80 20.20 -22.86
CA VAL D 555 3.33 19.80 -24.18
C VAL D 555 1.80 19.94 -24.20
N PRO D 556 1.18 20.16 -25.35
CA PRO D 556 -0.27 20.26 -25.39
C PRO D 556 -0.95 18.89 -25.32
N PHE D 557 -2.19 18.92 -24.82
CA PHE D 557 -3.00 17.70 -24.75
C PHE D 557 -4.37 17.85 -25.41
N VAL D 558 -4.83 19.06 -25.68
CA VAL D 558 -6.05 19.30 -26.44
C VAL D 558 -5.79 20.46 -27.39
N GLU D 559 -5.93 20.22 -28.69
CA GLU D 559 -5.56 21.20 -29.71
C GLU D 559 -6.78 22.01 -30.12
N THR D 560 -6.61 23.33 -30.16
CA THR D 560 -7.69 24.26 -30.49
C THR D 560 -7.25 25.26 -31.56
N GLY D 561 -8.07 26.30 -31.76
CA GLY D 561 -7.74 27.37 -32.67
C GLY D 561 -8.79 28.45 -32.64
N ILE D 562 -9.06 29.05 -33.80
CA ILE D 562 -10.16 30.00 -33.94
C ILE D 562 -11.18 29.40 -34.89
N SER D 563 -12.46 29.65 -34.60
CA SER D 563 -13.53 29.06 -35.40
C SER D 563 -14.72 30.00 -35.40
N VAL D 564 -15.55 29.83 -36.43
CA VAL D 564 -16.73 30.66 -36.68
C VAL D 564 -17.96 29.77 -36.63
N MET D 565 -18.91 30.12 -35.77
CA MET D 565 -20.21 29.47 -35.70
C MET D 565 -21.27 30.40 -36.28
N VAL D 566 -22.16 29.84 -37.09
CA VAL D 566 -23.16 30.60 -37.82
C VAL D 566 -24.52 29.90 -37.65
N ALA D 567 -25.52 30.43 -38.34
CA ALA D 567 -26.89 29.91 -38.24
C ALA D 567 -27.15 28.91 -39.36
N ARG D 568 -27.76 27.79 -39.01
CA ARG D 568 -28.08 26.74 -39.97
C ARG D 568 -29.42 27.01 -40.66
N THR D 690 -21.86 30.61 -46.16
CA THR D 690 -22.15 32.04 -46.11
C THR D 690 -20.87 32.85 -45.95
N VAL D 691 -19.75 32.15 -45.76
CA VAL D 691 -18.45 32.79 -45.60
C VAL D 691 -17.39 31.77 -45.97
N SER D 692 -16.29 32.23 -46.55
CA SER D 692 -15.21 31.39 -47.02
C SER D 692 -13.91 31.65 -46.25
N GLY D 693 -14.03 31.91 -44.96
CA GLY D 693 -12.89 32.08 -44.08
C GLY D 693 -12.81 33.48 -43.51
N LEU D 694 -11.75 33.69 -42.71
CA LEU D 694 -11.51 35.00 -42.13
C LEU D 694 -11.20 36.04 -43.22
N SER D 695 -10.37 35.67 -44.19
CA SER D 695 -9.99 36.58 -45.26
C SER D 695 -11.12 36.87 -46.22
N ASP D 696 -12.32 36.36 -45.98
CA ASP D 696 -13.46 36.70 -46.82
C ASP D 696 -13.76 38.20 -46.71
N LYS D 697 -14.18 38.79 -47.83
CA LYS D 697 -14.40 40.23 -47.87
C LYS D 697 -15.48 40.67 -46.90
N LYS D 698 -16.38 39.77 -46.51
CA LYS D 698 -17.38 40.11 -45.50
C LYS D 698 -16.72 40.45 -44.17
N PHE D 699 -15.57 39.85 -43.88
CA PHE D 699 -14.79 40.18 -42.70
C PHE D 699 -13.57 41.04 -43.01
N GLN D 700 -13.03 40.93 -44.24
CA GLN D 700 -11.90 41.76 -44.63
C GLN D 700 -12.33 43.20 -44.95
N ARG D 701 -13.53 43.37 -45.48
CA ARG D 701 -14.03 44.71 -45.86
C ARG D 701 -15.35 44.99 -45.15
N PRO D 702 -15.32 45.65 -43.99
CA PRO D 702 -16.56 46.08 -43.31
C PRO D 702 -17.17 47.33 -43.92
N GLN D 703 -17.41 47.30 -45.22
CA GLN D 703 -17.95 48.43 -45.97
C GLN D 703 -19.10 48.00 -46.87
N ASP D 704 -19.97 47.13 -46.35
CA ASP D 704 -21.17 46.71 -47.06
C ASP D 704 -22.37 47.48 -46.52
N GLN D 705 -23.24 47.92 -47.44
CA GLN D 705 -24.22 48.94 -47.10
C GLN D 705 -25.41 48.38 -46.36
N TYR D 706 -26.19 47.51 -47.01
CA TYR D 706 -27.43 47.10 -46.38
C TYR D 706 -27.14 46.17 -45.21
N PRO D 707 -26.54 45.01 -45.40
CA PRO D 707 -26.18 44.20 -44.25
C PRO D 707 -24.77 44.49 -43.77
N PRO D 708 -24.61 44.82 -42.47
CA PRO D 708 -23.30 44.89 -41.85
C PRO D 708 -23.29 43.59 -41.02
N PHE D 709 -22.34 42.68 -41.25
CA PHE D 709 -22.31 41.43 -40.51
C PHE D 709 -21.99 41.69 -39.04
N ARG D 710 -22.27 40.69 -38.19
CA ARG D 710 -22.08 40.83 -36.75
C ARG D 710 -21.19 39.71 -36.23
N PHE D 711 -20.47 40.01 -35.15
CA PHE D 711 -19.37 39.19 -34.67
C PHE D 711 -19.57 38.80 -33.20
N GLY D 712 -18.63 38.00 -32.69
CA GLY D 712 -18.69 37.52 -31.32
C GLY D 712 -17.64 38.18 -30.44
N THR D 713 -16.51 37.49 -30.23
CA THR D 713 -15.34 38.06 -29.56
C THR D 713 -15.69 38.48 -28.13
N VAL D 714 -15.92 37.45 -27.31
CA VAL D 714 -15.93 37.62 -25.85
C VAL D 714 -14.63 38.32 -25.47
N PRO D 715 -14.69 39.55 -24.96
CA PRO D 715 -13.46 40.34 -24.82
C PRO D 715 -12.60 39.91 -23.65
N ASN D 716 -11.44 40.55 -23.50
CA ASN D 716 -10.50 40.23 -22.43
C ASN D 716 -10.14 38.75 -22.45
N GLY D 717 -10.02 38.20 -23.66
CA GLY D 717 -9.84 36.77 -23.81
C GLY D 717 -8.64 36.37 -24.64
N SER D 718 -8.68 35.15 -25.18
CA SER D 718 -7.53 34.62 -25.90
C SER D 718 -7.48 35.11 -27.34
N THR D 719 -8.62 35.03 -28.05
CA THR D 719 -8.61 35.32 -29.48
C THR D 719 -8.55 36.81 -29.77
N GLU D 720 -9.17 37.63 -28.92
CA GLU D 720 -9.29 39.07 -29.16
C GLU D 720 -7.92 39.72 -29.36
N ARG D 721 -6.92 39.26 -28.60
CA ARG D 721 -5.56 39.79 -28.76
C ARG D 721 -5.07 39.59 -30.19
N ASN D 722 -5.16 38.35 -30.69
CA ASN D 722 -4.70 38.06 -32.06
C ASN D 722 -5.52 38.83 -33.09
N ILE D 723 -6.85 38.86 -32.90
CA ILE D 723 -7.74 39.50 -33.87
C ILE D 723 -7.39 40.99 -33.99
N ARG D 724 -7.20 41.65 -32.85
CA ARG D 724 -6.80 43.05 -32.85
C ARG D 724 -5.43 43.25 -33.49
N SER D 725 -4.43 42.49 -33.01
CA SER D 725 -3.06 42.75 -33.40
C SER D 725 -2.80 42.40 -34.87
N ASN D 726 -3.64 41.59 -35.49
CA ASN D 726 -3.42 41.23 -36.89
C ASN D 726 -4.43 41.86 -37.85
N TYR D 727 -5.51 42.47 -37.35
CA TYR D 727 -6.51 43.07 -38.22
C TYR D 727 -7.10 44.28 -37.49
N ARG D 728 -6.64 45.48 -37.85
CA ARG D 728 -7.08 46.68 -37.15
C ARG D 728 -8.53 47.04 -37.45
N ASP D 729 -8.93 46.99 -38.73
CA ASP D 729 -10.27 47.39 -39.13
C ASP D 729 -11.35 46.50 -38.51
N MET D 730 -11.11 45.19 -38.44
CA MET D 730 -12.07 44.31 -37.77
C MET D 730 -12.23 44.68 -36.31
N HIS D 731 -11.12 45.02 -35.64
CA HIS D 731 -11.18 45.46 -34.25
C HIS D 731 -11.99 46.75 -34.12
N THR D 732 -11.78 47.69 -35.05
CA THR D 732 -12.53 48.94 -35.02
C THR D 732 -14.03 48.70 -35.19
N HIS D 733 -14.40 47.82 -36.12
CA HIS D 733 -15.81 47.59 -36.40
C HIS D 733 -16.45 46.64 -35.41
N MET D 734 -15.65 45.95 -34.59
CA MET D 734 -16.15 44.87 -33.74
C MET D 734 -16.65 45.34 -32.38
N VAL D 735 -16.72 46.65 -32.14
CA VAL D 735 -17.17 47.14 -30.84
C VAL D 735 -18.61 46.71 -30.56
N LYS D 736 -19.49 46.84 -31.56
CA LYS D 736 -20.89 46.47 -31.39
C LYS D 736 -21.07 44.97 -31.51
N PHE D 737 -20.54 44.21 -30.55
CA PHE D 737 -20.65 42.77 -30.54
C PHE D 737 -21.12 42.31 -29.17
N ASN D 738 -21.99 41.31 -29.16
CA ASN D 738 -22.48 40.75 -27.90
C ASN D 738 -21.32 40.18 -27.10
N GLN D 739 -21.24 40.56 -25.83
CA GLN D 739 -20.09 40.16 -25.02
C GLN D 739 -20.53 40.01 -23.56
N ARG D 740 -20.94 38.81 -23.20
CA ARG D 740 -21.05 38.43 -21.80
C ARG D 740 -20.45 37.07 -21.50
N SER D 741 -20.64 36.10 -22.39
CA SER D 741 -20.19 34.72 -22.17
C SER D 741 -20.38 33.91 -23.44
N VAL D 742 -20.14 32.59 -23.34
CA VAL D 742 -20.43 31.68 -24.44
C VAL D 742 -21.86 31.18 -24.26
N GLU D 743 -22.58 31.79 -23.33
CA GLU D 743 -23.98 31.43 -23.04
C GLU D 743 -24.95 32.35 -23.77
N ASP D 744 -24.81 33.67 -23.60
CA ASP D 744 -25.74 34.59 -24.24
C ASP D 744 -25.56 34.63 -25.75
N ALA D 745 -24.36 34.33 -26.24
CA ALA D 745 -24.12 34.37 -27.68
C ALA D 745 -24.97 33.33 -28.41
N LEU D 746 -25.13 32.15 -27.82
CA LEU D 746 -25.99 31.13 -28.42
C LEU D 746 -27.43 31.61 -28.53
N THR D 747 -27.94 32.23 -27.47
CA THR D 747 -29.31 32.73 -27.49
C THR D 747 -29.47 33.84 -28.54
N SER D 748 -28.50 34.75 -28.61
CA SER D 748 -28.58 35.83 -29.59
C SER D 748 -28.53 35.30 -31.01
N LEU D 749 -27.67 34.31 -31.25
CA LEU D 749 -27.61 33.68 -32.58
C LEU D 749 -28.93 32.99 -32.92
N LYS D 750 -29.52 32.29 -31.96
CA LYS D 750 -30.81 31.65 -32.21
C LYS D 750 -31.94 32.64 -32.40
N MET D 751 -31.80 33.85 -31.85
CA MET D 751 -32.83 34.88 -31.99
C MET D 751 -32.74 35.61 -33.32
N GLY D 752 -31.54 36.09 -33.67
CA GLY D 752 -31.36 36.78 -34.94
C GLY D 752 -30.77 38.16 -34.80
N LYS D 753 -30.22 38.45 -33.62
CA LYS D 753 -29.54 39.75 -33.36
C LYS D 753 -28.04 39.67 -33.68
N LEU D 754 -27.53 38.48 -34.08
CA LEU D 754 -26.10 38.32 -34.42
C LEU D 754 -26.02 37.48 -35.71
N ASP D 755 -24.96 37.67 -36.51
CA ASP D 755 -24.84 36.92 -37.79
C ASP D 755 -23.66 35.94 -37.79
N ALA D 756 -22.69 36.09 -36.87
CA ALA D 756 -21.50 35.25 -36.86
C ALA D 756 -20.81 35.32 -35.50
N PHE D 757 -20.29 34.18 -35.04
CA PHE D 757 -19.63 34.06 -33.76
C PHE D 757 -18.21 33.56 -33.98
N ILE D 758 -17.24 34.22 -33.34
CA ILE D 758 -15.82 33.86 -33.47
C ILE D 758 -15.30 33.52 -32.09
N TYR D 759 -14.74 32.33 -31.93
CA TYR D 759 -14.28 31.90 -30.61
C TYR D 759 -13.32 30.73 -30.76
N ASP D 760 -12.98 30.12 -29.61
CA ASP D 760 -12.11 28.96 -29.59
C ASP D 760 -12.78 27.77 -30.29
N ALA D 761 -11.97 26.78 -30.64
CA ALA D 761 -12.46 25.63 -31.40
C ALA D 761 -13.02 24.55 -30.49
N ALA D 762 -12.24 24.12 -29.50
CA ALA D 762 -12.64 22.99 -28.66
C ALA D 762 -13.95 23.23 -27.94
N VAL D 763 -14.22 24.48 -27.56
CA VAL D 763 -15.48 24.77 -26.88
C VAL D 763 -16.60 24.97 -27.88
N LEU D 764 -16.33 25.62 -29.03
CA LEU D 764 -17.38 25.90 -29.98
C LEU D 764 -17.93 24.62 -30.62
N ASN D 765 -17.04 23.77 -31.13
CA ASN D 765 -17.52 22.57 -31.80
C ASN D 765 -18.20 21.60 -30.83
N TYR D 766 -17.87 21.69 -29.54
CA TYR D 766 -18.60 20.91 -28.54
C TYR D 766 -19.98 21.52 -28.26
N MET D 767 -20.05 22.86 -28.23
CA MET D 767 -21.33 23.52 -27.99
C MET D 767 -22.37 23.17 -29.05
N ALA D 768 -21.91 22.86 -30.26
CA ALA D 768 -22.79 22.40 -31.32
C ALA D 768 -23.02 20.90 -31.30
N GLY D 769 -22.64 20.22 -30.22
CA GLY D 769 -22.87 18.80 -30.09
C GLY D 769 -24.29 18.49 -29.64
N LYS D 770 -24.67 18.99 -28.48
CA LYS D 770 -26.02 18.82 -27.93
C LYS D 770 -26.67 20.20 -27.87
N ASP D 771 -27.40 20.54 -28.92
CA ASP D 771 -28.01 21.85 -29.07
C ASP D 771 -29.50 21.69 -29.36
N GLU D 772 -30.25 22.76 -29.09
CA GLU D 772 -31.68 22.77 -29.40
C GLU D 772 -31.88 22.82 -30.90
N GLY D 773 -32.06 21.65 -31.52
CA GLY D 773 -32.01 21.55 -32.96
C GLY D 773 -30.58 21.28 -33.41
N CYS D 774 -30.17 21.86 -34.53
CA CYS D 774 -28.78 21.71 -34.99
C CYS D 774 -28.36 23.01 -35.67
N LYS D 775 -27.74 23.89 -34.91
CA LYS D 775 -26.96 24.99 -35.49
C LYS D 775 -25.53 24.51 -35.71
N LEU D 776 -24.90 25.05 -36.74
CA LEU D 776 -23.64 24.48 -37.19
C LEU D 776 -22.63 25.58 -37.48
N VAL D 777 -21.40 25.15 -37.72
CA VAL D 777 -20.29 26.04 -38.03
C VAL D 777 -19.94 25.85 -39.50
N THR D 778 -18.96 26.62 -39.96
CA THR D 778 -18.52 26.54 -41.35
C THR D 778 -17.79 25.22 -41.56
N ILE D 779 -17.10 25.09 -42.70
CA ILE D 779 -16.67 23.82 -43.28
C ILE D 779 -16.22 22.81 -42.24
N GLY D 780 -15.50 23.26 -41.21
CA GLY D 780 -15.22 22.40 -40.09
C GLY D 780 -13.82 22.53 -39.53
N SER D 781 -13.20 21.40 -39.18
CA SER D 781 -11.82 21.40 -38.71
C SER D 781 -10.87 21.87 -39.80
N GLY D 782 -11.31 21.88 -41.06
CA GLY D 782 -10.54 22.55 -42.10
C GLY D 782 -10.52 24.05 -41.93
N LYS D 783 -11.48 24.61 -41.19
CA LYS D 783 -11.49 26.01 -40.83
C LYS D 783 -11.06 26.12 -39.37
N VAL D 784 -9.74 26.07 -39.15
CA VAL D 784 -9.15 26.38 -37.86
C VAL D 784 -8.00 27.35 -38.10
N PHE D 785 -7.99 28.46 -37.37
CA PHE D 785 -7.02 29.52 -37.57
C PHE D 785 -6.11 29.61 -36.36
N ALA D 786 -4.80 29.77 -36.61
CA ALA D 786 -3.79 29.83 -35.56
C ALA D 786 -3.88 28.60 -34.66
N THR D 787 -3.63 27.44 -35.26
CA THR D 787 -3.82 26.17 -34.57
C THR D 787 -2.81 26.02 -33.44
N THR D 788 -3.30 26.10 -32.21
CA THR D 788 -2.49 25.83 -31.01
C THR D 788 -3.21 24.81 -30.14
N GLY D 789 -2.72 24.62 -28.91
CA GLY D 789 -3.35 23.69 -28.00
C GLY D 789 -3.41 24.25 -26.60
N TYR D 790 -4.10 23.52 -25.73
CA TYR D 790 -4.09 23.86 -24.31
C TYR D 790 -2.77 23.40 -23.69
N GLY D 791 -2.47 23.95 -22.52
CA GLY D 791 -1.22 23.63 -21.86
C GLY D 791 -1.30 23.84 -20.37
N ILE D 792 -0.44 23.15 -19.64
CA ILE D 792 -0.33 23.33 -18.19
C ILE D 792 0.69 24.44 -17.94
N ALA D 793 0.21 25.59 -17.48
CA ALA D 793 1.11 26.68 -17.15
C ALA D 793 1.91 26.35 -15.89
N MET D 794 3.17 26.81 -15.87
CA MET D 794 4.04 26.51 -14.75
C MET D 794 4.96 27.71 -14.50
N GLN D 795 5.54 27.72 -13.30
CA GLN D 795 6.54 28.72 -12.96
C GLN D 795 7.84 28.43 -13.71
N LYS D 796 8.54 29.51 -14.08
CA LYS D 796 9.77 29.36 -14.85
C LYS D 796 10.82 28.59 -14.06
N ASP D 797 11.58 27.76 -14.79
CA ASP D 797 12.69 26.99 -14.22
C ASP D 797 12.22 26.12 -13.05
N SER D 798 11.13 25.47 -13.36
CA SER D 798 10.46 24.70 -12.33
C SER D 798 10.92 23.28 -12.57
N HIS D 799 11.33 22.59 -11.52
CA HIS D 799 11.84 21.22 -11.66
C HIS D 799 10.76 20.24 -12.10
N TRP D 800 9.48 20.51 -11.88
CA TRP D 800 8.44 19.59 -12.38
C TRP D 800 8.34 19.63 -13.91
N LYS D 801 8.35 20.81 -14.49
CA LYS D 801 8.09 20.92 -15.93
C LYS D 801 8.57 19.67 -16.66
N ARG D 802 9.85 19.32 -16.48
CA ARG D 802 10.37 18.10 -17.08
C ARG D 802 9.72 16.87 -16.45
N ALA D 803 9.38 16.95 -15.17
CA ALA D 803 8.76 15.81 -14.50
C ALA D 803 7.43 15.44 -15.14
N ILE D 804 6.60 16.43 -15.47
CA ILE D 804 5.23 16.17 -15.89
C ILE D 804 5.01 16.34 -17.39
N ASP D 805 6.02 16.79 -18.14
CA ASP D 805 5.89 16.72 -19.60
C ASP D 805 5.93 15.27 -20.08
N LEU D 806 6.84 14.48 -19.50
CA LEU D 806 6.97 13.08 -19.90
C LEU D 806 5.70 12.29 -19.58
N ALA D 807 5.08 12.55 -18.42
CA ALA D 807 3.86 11.86 -18.07
C ALA D 807 2.73 12.19 -19.02
N LEU D 808 2.62 13.46 -19.43
CA LEU D 808 1.60 13.84 -20.39
C LEU D 808 1.83 13.17 -21.74
N LEU D 809 3.10 13.10 -22.17
CA LEU D 809 3.39 12.39 -23.42
C LEU D 809 3.03 10.92 -23.32
N GLN D 810 3.35 10.29 -22.18
CA GLN D 810 3.01 8.88 -21.97
C GLN D 810 1.50 8.67 -22.03
N PHE D 811 0.74 9.56 -21.40
CA PHE D 811 -0.71 9.45 -21.41
C PHE D 811 -1.26 9.60 -22.83
N LEU D 812 -0.74 10.59 -23.57
CA LEU D 812 -1.18 10.78 -24.95
C LEU D 812 -0.86 9.57 -25.81
N GLY D 813 0.24 8.88 -25.53
CA GLY D 813 0.66 7.75 -26.34
C GLY D 813 -0.29 6.56 -26.37
N ASP D 814 -0.79 6.14 -25.21
CA ASP D 814 -1.50 4.87 -25.13
C ASP D 814 -3.01 5.00 -25.27
N GLY D 815 -3.54 6.20 -25.47
CA GLY D 815 -4.93 6.35 -25.85
C GLY D 815 -5.93 6.57 -24.74
N GLU D 816 -5.48 6.70 -23.49
CA GLU D 816 -6.42 7.00 -22.41
C GLU D 816 -7.10 8.35 -22.62
N THR D 817 -6.37 9.29 -23.25
CA THR D 817 -6.95 10.59 -23.55
C THR D 817 -8.15 10.45 -24.48
N GLN D 818 -8.12 9.49 -25.39
CA GLN D 818 -9.27 9.26 -26.26
C GLN D 818 -10.47 8.76 -25.47
N LYS D 819 -10.24 7.92 -24.46
CA LYS D 819 -11.33 7.48 -23.60
C LYS D 819 -11.91 8.67 -22.83
N LEU D 820 -11.06 9.54 -22.31
CA LEU D 820 -11.56 10.75 -21.64
C LEU D 820 -12.34 11.63 -22.62
N GLU D 821 -11.88 11.70 -23.87
CA GLU D 821 -12.57 12.48 -24.89
C GLU D 821 -13.96 11.94 -25.16
N THR D 822 -14.08 10.62 -25.31
CA THR D 822 -15.39 10.02 -25.57
C THR D 822 -16.28 9.98 -24.33
N VAL D 823 -15.70 10.17 -23.14
CA VAL D 823 -16.52 10.26 -21.94
C VAL D 823 -17.00 11.70 -21.68
N TRP D 824 -16.22 12.71 -22.05
CA TRP D 824 -16.52 14.08 -21.70
C TRP D 824 -16.76 15.02 -22.88
N LEU D 825 -16.53 14.58 -24.11
CA LEU D 825 -16.58 15.50 -25.26
C LEU D 825 -17.37 14.89 -26.41
N SER D 826 -18.54 14.32 -26.12
CA SER D 826 -19.38 13.71 -27.14
C SER D 826 -20.74 14.39 -27.18
N GLY D 827 -21.31 14.47 -28.38
CA GLY D 827 -22.59 15.11 -28.57
C GLY D 827 -23.46 14.32 -29.54
N ILE D 828 -24.71 14.76 -29.66
CA ILE D 828 -25.71 14.06 -30.47
C ILE D 828 -25.62 14.46 -31.93
N CYS D 829 -25.78 15.75 -32.21
CA CYS D 829 -25.78 16.23 -33.59
C CYS D 829 -24.36 16.49 -34.09
#